data_3BG1
#
_entry.id   3BG1
#
_cell.length_a   181.367
_cell.length_b   216.786
_cell.length_c   192.578
_cell.angle_alpha   90.00
_cell.angle_beta   90.00
_cell.angle_gamma   90.00
#
_symmetry.space_group_name_H-M   'C 2 2 21'
#
loop_
_entity.id
_entity.type
_entity.pdbx_description
1 polymer 'Protein SEC13 homolog'
2 polymer 'Nucleoporin NUP145'
#
loop_
_entity_poly.entity_id
_entity_poly.type
_entity_poly.pdbx_seq_one_letter_code
_entity_poly.pdbx_strand_id
1 'polypeptide(L)'
;MVSVINTVDTSHEDMIHDAQMDYYGTRLATCSSDRSVKIFDVRNGGQILIADLRGHEGPVWQVAWAHPMYGNILASCSYD
RKVIIWREENGTWEKSHEHAGHDSSVNSVCWAPHDYGLILACGSSDGAISLLTYTGEGQWEVKKINNAHTIGCNAVSWAP
AVVPGSLIDHPSGQKPNYIKRFASGGCDNLIKLWKEEEDGQWKEEQKLEAHSDWVRDVAWAPSIGLPTSTIASCSQDGRV
FIWTCDDASSNTWSPKLLHKFNDVVWHVSWSITANILAVSGGDNKVTLWKESVDGQWVCISDVNKGQGSVSASVTE
;
A,D,E,H
2 'polypeptide(L)'
;MGSSHHHHHHSGDPFSECNDEIDNAKLIMKERRFTASYTFAKFSTGSMLLTKDIVGKSGVSIKRLPTELQRKFLFDDVYL
DKEIEKVTIEARKSNPYPQISESSLLFKDALDYMEKTSSDYNLWKLSSILFDPVSYPYKTDNDQVKMALLKKERHCRLTS
WIVSQIGPEIEEKIRNSSNEIEQIFLYLLLNDVVRASKLAIESKNGHLSVLISYLGSNDPRIRDLAELQLQKWSTGGCSI
DKNISKIYKLLSGSPFEGLFSLKELESEFSWLCLLNLTLCYGQIDEYSLESLVQSHLDKFSLPYDDPIGVIFQLYAANEN
TEKLYKEVRQRTNALDVQFCWYLIQTLRFNGTRVFSKETSDEATFAFAAQLEFAQLHGHSLFVSCFLNDDKAAEDTIKRL
VMREITLLRASTNDHILNRLKIPSQLIFNAQALKDRYEGNYL
;
B,C,F,G
#
# COMPACT_ATOMS: atom_id res chain seq x y z
N ASP A 14 24.11 -8.50 -13.12
CA ASP A 14 23.13 -7.37 -13.26
C ASP A 14 21.89 -7.57 -12.38
N MET A 15 20.95 -8.39 -12.84
CA MET A 15 19.73 -8.65 -12.09
C MET A 15 19.56 -10.12 -11.70
N ILE A 16 19.38 -10.35 -10.40
CA ILE A 16 19.19 -11.67 -9.84
C ILE A 16 17.74 -12.05 -10.06
N HIS A 17 17.42 -13.33 -9.86
CA HIS A 17 16.04 -13.76 -9.99
C HIS A 17 15.58 -14.24 -8.63
N ASP A 18 16.02 -15.43 -8.23
CA ASP A 18 15.64 -15.98 -6.94
C ASP A 18 16.90 -16.25 -6.15
N ALA A 19 16.80 -16.17 -4.82
CA ALA A 19 17.93 -16.46 -3.95
C ALA A 19 17.37 -16.94 -2.61
N GLN A 20 17.78 -18.14 -2.19
CA GLN A 20 17.24 -18.68 -0.95
C GLN A 20 18.29 -19.08 0.08
N MET A 21 18.01 -18.68 1.31
CA MET A 21 18.89 -18.97 2.42
C MET A 21 18.92 -20.47 2.69
N ASP A 22 20.03 -20.95 3.21
CA ASP A 22 20.23 -22.36 3.54
C ASP A 22 19.48 -22.68 4.85
N TYR A 23 19.23 -23.96 5.14
CA TYR A 23 18.59 -24.38 6.39
C TYR A 23 19.64 -23.93 7.40
N TYR A 24 19.34 -23.92 8.69
CA TYR A 24 20.35 -23.51 9.67
C TYR A 24 20.92 -22.13 9.32
N GLY A 25 20.23 -21.36 8.48
CA GLY A 25 20.73 -20.04 8.10
C GLY A 25 22.24 -19.79 8.01
N THR A 26 22.96 -20.59 7.22
CA THR A 26 24.41 -20.40 7.09
C THR A 26 24.83 -19.91 5.71
N ARG A 27 24.31 -20.52 4.65
CA ARG A 27 24.66 -20.08 3.32
C ARG A 27 23.53 -19.26 2.66
N LEU A 28 23.71 -18.90 1.41
CA LEU A 28 22.71 -18.12 0.70
C LEU A 28 22.91 -18.27 -0.79
N ALA A 29 22.36 -19.31 -1.41
CA ALA A 29 22.54 -19.48 -2.84
C ALA A 29 21.81 -18.42 -3.65
N THR A 30 22.35 -18.11 -4.81
CA THR A 30 21.76 -17.12 -5.70
C THR A 30 21.96 -17.47 -7.15
N CYS A 31 21.15 -16.86 -8.01
CA CYS A 31 21.25 -17.09 -9.44
C CYS A 31 20.65 -15.89 -10.13
N SER A 32 21.28 -15.48 -11.23
CA SER A 32 20.80 -14.34 -12.02
C SER A 32 20.78 -14.74 -13.48
N SER A 33 20.24 -13.87 -14.32
CA SER A 33 20.13 -14.13 -15.75
C SER A 33 21.46 -14.32 -16.50
N ASP A 34 22.58 -14.26 -15.78
CA ASP A 34 23.88 -14.43 -16.43
C ASP A 34 24.30 -15.91 -16.38
N ARG A 35 23.34 -16.78 -16.07
CA ARG A 35 23.56 -18.22 -15.98
C ARG A 35 24.53 -18.64 -14.86
N SER A 36 24.64 -17.82 -13.81
CA SER A 36 25.56 -18.13 -12.71
C SER A 36 24.89 -18.37 -11.37
N VAL A 37 25.13 -19.57 -10.82
CA VAL A 37 24.58 -19.98 -9.52
C VAL A 37 25.61 -19.76 -8.39
N LYS A 38 25.59 -18.57 -7.78
CA LYS A 38 26.53 -18.18 -6.71
C LYS A 38 26.09 -18.53 -5.28
N ILE A 39 26.97 -19.18 -4.53
CA ILE A 39 26.65 -19.53 -3.15
C ILE A 39 27.44 -18.69 -2.15
N PHE A 40 26.75 -17.75 -1.55
CA PHE A 40 27.36 -16.92 -0.57
C PHE A 40 27.17 -17.45 0.80
N ASP A 41 27.94 -16.88 1.66
CA ASP A 41 27.92 -17.29 3.01
C ASP A 41 27.71 -16.03 3.89
N VAL A 42 26.76 -16.13 4.85
CA VAL A 42 26.38 -15.02 5.73
C VAL A 42 26.61 -15.25 7.21
N ARG A 43 27.86 -15.11 7.65
CA ARG A 43 28.10 -15.29 9.06
C ARG A 43 28.26 -13.92 9.70
N ASN A 44 27.27 -13.54 10.50
CA ASN A 44 27.24 -12.25 11.21
C ASN A 44 26.58 -11.15 10.42
N GLY A 45 26.00 -11.49 9.27
CA GLY A 45 25.33 -10.48 8.47
C GLY A 45 26.15 -10.07 7.27
N GLY A 46 27.40 -10.54 7.22
CA GLY A 46 28.25 -10.19 6.11
C GLY A 46 28.27 -11.23 4.99
N GLN A 47 28.01 -10.77 3.76
CA GLN A 47 27.99 -11.65 2.59
C GLN A 47 29.43 -11.97 2.11
N ILE A 48 29.68 -13.22 1.73
CA ILE A 48 31.01 -13.68 1.27
C ILE A 48 30.90 -14.83 0.28
N LEU A 49 31.08 -14.58 -1.00
CA LEU A 49 30.98 -15.66 -2.00
C LEU A 49 31.79 -16.91 -1.63
N ILE A 50 31.44 -18.05 -2.22
CA ILE A 50 32.15 -19.30 -1.95
C ILE A 50 32.31 -20.16 -3.19
N ALA A 51 31.53 -19.87 -4.23
CA ALA A 51 31.66 -20.63 -5.47
C ALA A 51 30.68 -20.09 -6.46
N ASP A 52 31.04 -20.14 -7.73
CA ASP A 52 30.17 -19.65 -8.79
C ASP A 52 29.90 -20.83 -9.71
N LEU A 53 28.92 -21.65 -9.35
CA LEU A 53 28.58 -22.81 -10.15
C LEU A 53 27.94 -22.36 -11.46
N ARG A 54 28.71 -22.45 -12.54
CA ARG A 54 28.26 -22.06 -13.87
C ARG A 54 27.92 -23.35 -14.61
N GLY A 55 26.90 -23.33 -15.44
CA GLY A 55 26.59 -24.54 -16.17
C GLY A 55 25.28 -24.55 -16.93
N HIS A 56 24.59 -23.42 -16.97
CA HIS A 56 23.33 -23.35 -17.67
C HIS A 56 23.46 -22.53 -18.95
N GLU A 57 22.90 -23.07 -20.02
CA GLU A 57 22.93 -22.39 -21.32
C GLU A 57 22.01 -21.17 -21.31
N GLY A 58 21.15 -21.08 -20.31
CA GLY A 58 20.22 -19.95 -20.21
C GLY A 58 20.11 -19.45 -18.79
N PRO A 59 19.51 -18.28 -18.57
CA PRO A 59 19.37 -17.73 -17.22
C PRO A 59 18.77 -18.73 -16.23
N VAL A 60 19.21 -18.69 -14.98
CA VAL A 60 18.67 -19.60 -13.96
C VAL A 60 17.43 -18.93 -13.38
N TRP A 61 16.41 -19.73 -13.12
CA TRP A 61 15.17 -19.17 -12.61
C TRP A 61 15.04 -19.22 -11.09
N GLN A 62 14.62 -20.35 -10.53
CA GLN A 62 14.48 -20.45 -9.09
C GLN A 62 15.56 -21.37 -8.58
N VAL A 63 15.71 -21.45 -7.26
CA VAL A 63 16.73 -22.30 -6.67
C VAL A 63 16.32 -22.79 -5.29
N ALA A 64 16.63 -24.05 -4.98
CA ALA A 64 16.24 -24.60 -3.68
C ALA A 64 17.25 -25.51 -2.98
N TRP A 65 17.36 -25.33 -1.67
CA TRP A 65 18.26 -26.10 -0.83
C TRP A 65 17.60 -27.35 -0.29
N ALA A 66 18.23 -28.51 -0.45
CA ALA A 66 17.67 -29.75 0.09
C ALA A 66 17.87 -29.75 1.60
N HIS A 67 17.24 -30.71 2.29
CA HIS A 67 17.33 -30.81 3.74
C HIS A 67 18.65 -31.39 4.25
N PRO A 68 19.36 -30.64 5.11
CA PRO A 68 20.66 -31.11 5.64
C PRO A 68 20.77 -32.59 6.00
N MET A 69 19.63 -33.26 6.13
CA MET A 69 19.61 -34.67 6.44
C MET A 69 20.24 -35.49 5.32
N TYR A 70 20.39 -34.89 4.15
CA TYR A 70 20.98 -35.57 2.98
C TYR A 70 22.29 -34.92 2.61
N GLY A 71 22.98 -34.40 3.61
CA GLY A 71 24.24 -33.76 3.35
C GLY A 71 23.96 -32.34 2.96
N ASN A 72 24.69 -31.83 1.98
CA ASN A 72 24.50 -30.46 1.57
C ASN A 72 24.25 -30.40 0.09
N ILE A 73 22.97 -30.30 -0.26
CA ILE A 73 22.57 -30.26 -1.64
C ILE A 73 21.80 -29.01 -2.02
N LEU A 74 21.92 -28.63 -3.28
CA LEU A 74 21.28 -27.45 -3.79
C LEU A 74 20.98 -27.69 -5.24
N ALA A 75 19.74 -27.45 -5.66
CA ALA A 75 19.37 -27.66 -7.04
C ALA A 75 18.94 -26.32 -7.64
N SER A 76 19.18 -26.17 -8.95
CA SER A 76 18.81 -24.93 -9.66
C SER A 76 18.28 -25.35 -11.02
N CYS A 77 17.16 -24.76 -11.42
CA CYS A 77 16.59 -25.07 -12.73
C CYS A 77 16.94 -23.88 -13.61
N SER A 78 16.56 -23.94 -14.88
CA SER A 78 16.87 -22.84 -15.79
C SER A 78 16.11 -22.84 -17.10
N TYR A 79 16.34 -21.80 -17.90
CA TYR A 79 15.70 -21.64 -19.20
C TYR A 79 16.38 -22.57 -20.19
N ASP A 80 17.45 -23.21 -19.75
CA ASP A 80 18.19 -24.13 -20.61
C ASP A 80 17.52 -25.49 -20.68
N ARG A 81 16.32 -25.59 -20.11
CA ARG A 81 15.55 -26.83 -20.12
C ARG A 81 16.19 -27.92 -19.26
N LYS A 82 17.32 -27.60 -18.63
CA LYS A 82 18.01 -28.57 -17.78
C LYS A 82 17.97 -28.13 -16.32
N VAL A 83 18.06 -29.10 -15.41
CA VAL A 83 18.06 -28.80 -13.98
C VAL A 83 19.31 -29.43 -13.39
N ILE A 84 19.97 -28.73 -12.48
CA ILE A 84 21.18 -29.26 -11.88
C ILE A 84 21.13 -29.41 -10.38
N ILE A 85 21.76 -30.48 -9.91
CA ILE A 85 21.82 -30.77 -8.50
C ILE A 85 23.28 -30.80 -8.10
N TRP A 86 23.68 -29.86 -7.25
CA TRP A 86 25.05 -29.78 -6.80
C TRP A 86 25.26 -30.27 -5.37
N ARG A 87 26.00 -31.36 -5.23
CA ARG A 87 26.30 -31.94 -3.92
C ARG A 87 27.50 -31.20 -3.32
N GLU A 88 28.01 -31.70 -2.21
CA GLU A 88 29.16 -31.08 -1.58
C GLU A 88 29.89 -32.11 -0.75
N GLU A 89 31.18 -32.27 -1.01
CA GLU A 89 32.00 -33.24 -0.28
C GLU A 89 33.32 -32.61 0.18
N ASN A 90 33.31 -31.92 1.31
CA ASN A 90 34.51 -31.30 1.83
C ASN A 90 34.89 -30.00 1.13
N GLY A 91 33.93 -29.30 0.56
CA GLY A 91 34.21 -28.06 -0.14
C GLY A 91 34.10 -28.37 -1.62
N THR A 92 33.99 -29.67 -1.91
CA THR A 92 33.87 -30.17 -3.26
C THR A 92 32.48 -29.90 -3.81
N TRP A 93 32.22 -28.68 -4.28
CA TRP A 93 30.91 -28.41 -4.84
C TRP A 93 30.83 -28.85 -6.29
N GLU A 94 30.64 -30.14 -6.52
CA GLU A 94 30.50 -30.68 -7.88
C GLU A 94 29.06 -31.09 -8.05
N LYS A 95 28.62 -31.26 -9.29
CA LYS A 95 27.25 -31.68 -9.51
C LYS A 95 27.23 -33.20 -9.56
N SER A 96 26.40 -33.84 -8.73
CA SER A 96 26.35 -35.30 -8.70
C SER A 96 25.33 -35.85 -9.69
N HIS A 97 24.42 -35.00 -10.13
CA HIS A 97 23.41 -35.42 -11.09
C HIS A 97 22.86 -34.24 -11.87
N GLU A 98 22.38 -34.53 -13.08
CA GLU A 98 21.77 -33.53 -13.95
C GLU A 98 20.53 -34.17 -14.57
N HIS A 99 19.58 -33.34 -14.98
CA HIS A 99 18.35 -33.87 -15.58
C HIS A 99 17.68 -32.92 -16.55
N ALA A 100 17.66 -33.34 -17.81
CA ALA A 100 17.07 -32.56 -18.88
C ALA A 100 15.87 -33.29 -19.46
N GLY A 101 14.92 -33.65 -18.61
CA GLY A 101 13.74 -34.37 -19.05
C GLY A 101 12.62 -33.55 -19.68
N HIS A 102 12.77 -32.23 -19.74
CA HIS A 102 11.73 -31.37 -20.34
C HIS A 102 12.24 -30.65 -21.56
N ASP A 103 11.34 -30.38 -22.50
CA ASP A 103 11.69 -29.74 -23.76
C ASP A 103 11.78 -28.22 -23.70
N SER A 104 10.99 -27.59 -22.84
CA SER A 104 11.03 -26.13 -22.71
C SER A 104 11.63 -25.75 -21.37
N SER A 105 11.92 -24.46 -21.19
CA SER A 105 12.52 -23.96 -19.95
C SER A 105 11.83 -24.51 -18.72
N VAL A 106 12.53 -24.46 -17.61
CA VAL A 106 11.99 -24.96 -16.35
C VAL A 106 11.83 -23.86 -15.31
N ASN A 107 10.66 -23.25 -15.29
CA ASN A 107 10.35 -22.17 -14.36
C ASN A 107 10.52 -22.38 -12.86
N SER A 108 10.41 -23.60 -12.36
CA SER A 108 10.57 -23.75 -10.92
C SER A 108 10.90 -25.12 -10.38
N VAL A 109 11.43 -25.11 -9.16
CA VAL A 109 11.80 -26.33 -8.50
C VAL A 109 11.43 -26.19 -7.05
N CYS A 110 11.39 -27.31 -6.35
CA CYS A 110 11.04 -27.32 -4.94
C CYS A 110 11.31 -28.72 -4.40
N TRP A 111 11.59 -28.82 -3.11
CA TRP A 111 11.85 -30.13 -2.54
C TRP A 111 10.67 -30.59 -1.72
N ALA A 112 10.44 -31.89 -1.71
CA ALA A 112 9.34 -32.45 -0.96
C ALA A 112 9.76 -32.49 0.49
N PRO A 113 8.81 -32.30 1.42
CA PRO A 113 9.12 -32.32 2.86
C PRO A 113 10.06 -33.48 3.16
N HIS A 114 11.14 -33.19 3.87
CA HIS A 114 12.17 -34.19 4.17
C HIS A 114 11.76 -35.62 4.56
N ASP A 115 10.52 -35.83 5.01
CA ASP A 115 10.11 -37.17 5.39
C ASP A 115 9.81 -38.09 4.21
N TYR A 116 9.19 -37.56 3.16
CA TYR A 116 8.86 -38.35 1.97
C TYR A 116 10.13 -38.97 1.41
N GLY A 117 11.26 -38.32 1.68
CA GLY A 117 12.54 -38.79 1.19
C GLY A 117 13.25 -37.59 0.60
N LEU A 118 13.89 -37.77 -0.55
CA LEU A 118 14.58 -36.66 -1.19
C LEU A 118 13.99 -36.50 -2.59
N ILE A 119 12.77 -36.00 -2.66
CA ILE A 119 12.10 -35.85 -3.92
C ILE A 119 12.11 -34.41 -4.39
N LEU A 120 12.35 -34.21 -5.68
CA LEU A 120 12.40 -32.88 -6.22
C LEU A 120 11.36 -32.66 -7.32
N ALA A 121 10.61 -31.59 -7.20
CA ALA A 121 9.58 -31.32 -8.19
C ALA A 121 9.97 -30.17 -9.09
N CYS A 122 9.82 -30.38 -10.39
CA CYS A 122 10.15 -29.35 -11.38
C CYS A 122 9.04 -29.13 -12.39
N GLY A 123 8.62 -27.89 -12.55
CA GLY A 123 7.59 -27.58 -13.52
C GLY A 123 8.22 -26.85 -14.70
N SER A 124 8.05 -27.38 -15.90
CA SER A 124 8.64 -26.75 -17.08
C SER A 124 7.69 -25.75 -17.71
N SER A 125 8.07 -25.25 -18.89
CA SER A 125 7.28 -24.30 -19.62
C SER A 125 6.59 -25.02 -20.77
N ASP A 126 6.93 -26.29 -20.97
CA ASP A 126 6.30 -27.04 -22.03
C ASP A 126 4.95 -27.56 -21.51
N GLY A 127 4.70 -27.33 -20.23
CA GLY A 127 3.46 -27.76 -19.62
C GLY A 127 3.57 -29.10 -18.93
N ALA A 128 4.77 -29.47 -18.50
CA ALA A 128 5.00 -30.74 -17.82
C ALA A 128 5.47 -30.59 -16.37
N ILE A 129 5.83 -31.70 -15.75
CA ILE A 129 6.29 -31.68 -14.36
C ILE A 129 7.07 -32.93 -14.05
N SER A 130 8.38 -32.81 -13.85
CA SER A 130 9.16 -34.00 -13.51
C SER A 130 9.30 -34.11 -11.99
N LEU A 131 9.59 -35.32 -11.52
CA LEU A 131 9.74 -35.56 -10.10
C LEU A 131 10.88 -36.51 -9.84
N LEU A 132 12.05 -35.95 -9.54
CA LEU A 132 13.23 -36.74 -9.28
C LEU A 132 13.25 -37.30 -7.87
N THR A 133 13.17 -38.62 -7.77
CA THR A 133 13.22 -39.27 -6.47
C THR A 133 14.66 -39.75 -6.45
N TYR A 134 15.22 -39.95 -5.27
CA TYR A 134 16.59 -40.41 -5.16
C TYR A 134 16.63 -41.86 -4.72
N THR A 135 17.63 -42.60 -5.17
CA THR A 135 17.77 -44.02 -4.78
C THR A 135 19.06 -44.20 -3.99
N GLY A 136 19.47 -45.44 -3.80
CA GLY A 136 20.69 -45.71 -3.06
C GLY A 136 21.91 -44.92 -3.53
N GLU A 137 22.28 -45.05 -4.81
CA GLU A 137 23.46 -44.36 -5.33
C GLU A 137 23.19 -43.17 -6.24
N GLY A 138 24.07 -42.94 -7.21
CA GLY A 138 23.89 -41.82 -8.10
C GLY A 138 22.80 -42.08 -9.12
N GLN A 139 21.68 -42.64 -8.65
CA GLN A 139 20.57 -42.97 -9.54
C GLN A 139 19.33 -42.16 -9.19
N TRP A 140 18.59 -41.78 -10.22
CA TRP A 140 17.39 -40.98 -10.04
C TRP A 140 16.27 -41.34 -11.00
N GLU A 141 15.18 -41.88 -10.45
CA GLU A 141 14.03 -42.24 -11.27
C GLU A 141 13.25 -40.97 -11.49
N VAL A 142 12.51 -40.89 -12.58
CA VAL A 142 11.81 -39.66 -12.85
C VAL A 142 10.35 -39.78 -13.24
N LYS A 143 9.46 -40.04 -12.29
CA LYS A 143 8.04 -40.11 -12.65
C LYS A 143 7.59 -38.72 -13.16
N LYS A 144 7.24 -38.63 -14.46
CA LYS A 144 6.84 -37.37 -15.11
C LYS A 144 5.35 -37.18 -15.40
N ILE A 145 4.91 -35.92 -15.44
CA ILE A 145 3.51 -35.54 -15.70
C ILE A 145 3.37 -34.65 -16.92
N ASN A 146 2.97 -35.21 -18.06
CA ASN A 146 2.81 -34.43 -19.27
C ASN A 146 1.50 -33.63 -19.31
N ASN A 147 1.52 -32.53 -20.06
CA ASN A 147 0.36 -31.66 -20.20
C ASN A 147 -0.36 -31.37 -18.88
N ALA A 148 0.40 -30.99 -17.87
CA ALA A 148 -0.14 -30.67 -16.55
C ALA A 148 -0.89 -29.34 -16.59
N HIS A 149 -0.32 -28.38 -17.31
CA HIS A 149 -0.93 -27.07 -17.48
C HIS A 149 -0.97 -26.83 -18.99
N THR A 150 -1.88 -25.98 -19.46
CA THR A 150 -2.02 -25.78 -20.90
C THR A 150 -0.86 -25.14 -21.64
N ILE A 151 -0.40 -23.98 -21.18
CA ILE A 151 0.65 -23.28 -21.89
C ILE A 151 2.04 -23.34 -21.25
N GLY A 152 2.11 -24.04 -20.13
CA GLY A 152 3.35 -24.18 -19.40
C GLY A 152 3.06 -24.08 -17.91
N CYS A 153 4.11 -24.17 -17.10
CA CYS A 153 3.97 -24.09 -15.65
C CYS A 153 4.99 -23.09 -15.08
N ASN A 154 4.60 -22.35 -14.04
CA ASN A 154 5.50 -21.37 -13.43
C ASN A 154 5.83 -21.67 -11.98
N ALA A 155 4.84 -22.13 -11.23
CA ALA A 155 5.01 -22.43 -9.83
C ALA A 155 4.80 -23.88 -9.46
N VAL A 156 5.53 -24.28 -8.44
CA VAL A 156 5.48 -25.63 -7.91
C VAL A 156 5.77 -25.54 -6.41
N SER A 157 4.80 -25.88 -5.57
CA SER A 157 4.99 -25.82 -4.13
C SER A 157 4.56 -27.13 -3.46
N TRP A 158 5.27 -27.57 -2.43
CA TRP A 158 4.90 -28.80 -1.78
C TRP A 158 3.94 -28.61 -0.64
N ALA A 159 2.98 -29.52 -0.50
CA ALA A 159 2.03 -29.46 0.60
C ALA A 159 2.80 -29.97 1.81
N PRO A 160 2.64 -29.29 2.94
CA PRO A 160 3.31 -29.66 4.19
C PRO A 160 3.12 -31.10 4.55
N ALA A 161 4.25 -31.64 4.96
CA ALA A 161 4.24 -33.03 5.34
C ALA A 161 3.31 -33.26 6.53
N VAL A 162 2.23 -33.98 6.29
CA VAL A 162 1.23 -34.28 7.33
C VAL A 162 1.17 -35.79 7.59
N VAL A 163 1.37 -36.20 8.85
CA VAL A 163 1.32 -37.61 9.24
C VAL A 163 -0.14 -38.10 9.32
N PRO A 164 -0.43 -39.30 8.76
CA PRO A 164 -1.80 -39.84 8.80
C PRO A 164 -2.24 -40.22 10.21
N PRO A 171 -0.07 -48.22 15.32
CA PRO A 171 0.00 -49.56 15.89
C PRO A 171 0.74 -50.59 15.01
N SER A 172 2.02 -50.31 14.73
CA SER A 172 2.87 -51.19 13.90
C SER A 172 4.24 -50.52 13.67
N GLY A 173 5.20 -51.29 13.16
CA GLY A 173 6.52 -50.74 12.91
C GLY A 173 6.59 -50.17 11.51
N GLN A 174 6.10 -48.93 11.32
CA GLN A 174 6.08 -48.29 10.00
C GLN A 174 6.19 -46.76 10.00
N LYS A 175 6.85 -46.22 8.97
CA LYS A 175 6.92 -44.78 8.79
C LYS A 175 5.73 -44.59 7.85
N PRO A 176 4.69 -43.87 8.30
CA PRO A 176 3.45 -43.62 7.55
C PRO A 176 3.52 -43.29 6.06
N ASN A 177 2.43 -43.58 5.37
CA ASN A 177 2.32 -43.28 3.94
C ASN A 177 1.59 -41.96 3.92
N TYR A 178 2.26 -40.91 3.48
CA TYR A 178 1.67 -39.58 3.47
C TYR A 178 0.77 -39.31 2.27
N ILE A 179 -0.09 -38.30 2.40
CA ILE A 179 -1.01 -37.93 1.34
C ILE A 179 -0.21 -37.36 0.15
N LYS A 180 1.07 -37.10 0.37
CA LYS A 180 1.97 -36.56 -0.66
C LYS A 180 1.38 -35.67 -1.74
N ARG A 181 0.86 -34.52 -1.33
CA ARG A 181 0.28 -33.57 -2.27
C ARG A 181 1.25 -32.39 -2.52
N PHE A 182 1.01 -31.64 -3.60
CA PHE A 182 1.82 -30.49 -3.96
C PHE A 182 1.06 -29.66 -4.99
N ALA A 183 0.76 -28.39 -4.69
CA ALA A 183 0.03 -27.58 -5.66
C ALA A 183 0.89 -27.10 -6.84
N SER A 184 0.34 -26.23 -7.68
CA SER A 184 1.11 -25.71 -8.82
C SER A 184 0.32 -24.84 -9.82
N GLY A 185 0.73 -23.58 -9.95
CA GLY A 185 0.06 -22.66 -10.87
C GLY A 185 0.73 -22.71 -12.23
N GLY A 186 0.11 -22.05 -13.21
CA GLY A 186 0.67 -22.05 -14.56
C GLY A 186 0.10 -20.98 -15.48
N CYS A 187 0.38 -21.11 -16.78
CA CYS A 187 -0.08 -20.13 -17.77
C CYS A 187 -1.53 -20.26 -18.19
N ASP A 188 -2.22 -21.28 -17.71
CA ASP A 188 -3.62 -21.45 -18.06
C ASP A 188 -4.54 -20.74 -17.08
N ASN A 189 -3.98 -20.23 -15.98
CA ASN A 189 -4.71 -19.51 -14.91
C ASN A 189 -5.17 -20.45 -13.80
N LEU A 190 -5.02 -21.74 -14.05
CA LEU A 190 -5.43 -22.73 -13.08
C LEU A 190 -4.34 -23.12 -12.12
N ILE A 191 -4.71 -23.26 -10.86
CA ILE A 191 -3.76 -23.66 -9.87
C ILE A 191 -4.12 -25.10 -9.53
N LYS A 192 -3.60 -26.05 -10.29
CA LYS A 192 -3.92 -27.44 -10.02
C LYS A 192 -3.20 -28.08 -8.82
N LEU A 193 -3.93 -28.74 -7.93
CA LEU A 193 -3.35 -29.44 -6.76
C LEU A 193 -3.00 -30.83 -7.29
N TRP A 194 -2.15 -31.60 -6.61
CA TRP A 194 -1.79 -32.95 -7.13
C TRP A 194 -1.62 -33.98 -6.02
N LYS A 195 -1.54 -35.29 -6.35
CA LYS A 195 -1.44 -36.29 -5.26
C LYS A 195 -0.82 -37.57 -5.75
N GLU A 196 0.00 -38.20 -4.91
CA GLU A 196 0.66 -39.43 -5.30
C GLU A 196 -0.28 -40.62 -5.05
N GLU A 197 -0.91 -41.10 -6.12
CA GLU A 197 -1.84 -42.22 -6.04
C GLU A 197 -1.13 -43.43 -5.46
N GLU A 198 -1.81 -44.14 -4.55
CA GLU A 198 -1.23 -45.32 -3.89
C GLU A 198 -0.44 -46.27 -4.81
N ASP A 199 -0.82 -46.32 -6.08
CA ASP A 199 -0.13 -47.21 -7.02
C ASP A 199 1.22 -46.70 -7.48
N GLY A 200 1.35 -45.40 -7.68
CA GLY A 200 2.62 -44.89 -8.13
C GLY A 200 2.59 -43.61 -8.94
N GLN A 201 1.49 -43.25 -9.58
CA GLN A 201 1.53 -41.98 -10.32
C GLN A 201 0.63 -40.89 -9.74
N TRP A 202 1.08 -39.67 -10.00
CA TRP A 202 0.35 -38.51 -9.52
C TRP A 202 -0.83 -38.22 -10.43
N LYS A 203 -1.89 -37.66 -9.85
CA LYS A 203 -3.09 -37.29 -10.58
C LYS A 203 -3.57 -35.94 -10.06
N GLU A 204 -4.26 -35.17 -10.91
CA GLU A 204 -4.72 -33.86 -10.47
C GLU A 204 -5.97 -33.88 -9.61
N GLU A 205 -5.77 -33.98 -8.31
CA GLU A 205 -6.86 -34.01 -7.36
C GLU A 205 -7.88 -32.88 -7.59
N GLN A 206 -7.44 -31.68 -7.99
CA GLN A 206 -8.38 -30.58 -8.25
C GLN A 206 -7.79 -29.39 -8.99
N LYS A 207 -8.65 -28.58 -9.61
CA LYS A 207 -8.23 -27.39 -10.34
C LYS A 207 -8.72 -26.19 -9.53
N LEU A 208 -8.09 -25.03 -9.71
CA LEU A 208 -8.50 -23.81 -9.01
C LEU A 208 -8.42 -22.65 -9.99
N GLU A 209 -9.57 -22.28 -10.54
CA GLU A 209 -9.61 -21.20 -11.52
C GLU A 209 -10.20 -19.92 -10.96
N ALA A 210 -9.35 -19.07 -10.44
CA ALA A 210 -9.86 -17.81 -9.91
C ALA A 210 -9.12 -16.65 -10.57
N HIS A 211 -7.99 -16.95 -11.19
CA HIS A 211 -7.17 -15.94 -11.81
C HIS A 211 -7.54 -15.71 -13.27
N SER A 212 -7.56 -14.44 -13.66
CA SER A 212 -7.89 -14.03 -15.02
C SER A 212 -6.72 -14.09 -16.02
N ASP A 213 -5.50 -14.34 -15.54
CA ASP A 213 -4.33 -14.43 -16.42
C ASP A 213 -3.32 -15.39 -15.78
N TRP A 214 -2.15 -15.52 -16.38
CA TRP A 214 -1.08 -16.40 -15.88
C TRP A 214 -0.93 -16.40 -14.37
N VAL A 215 -0.83 -17.58 -13.78
CA VAL A 215 -0.61 -17.66 -12.33
C VAL A 215 0.91 -17.54 -12.25
N ARG A 216 1.42 -16.67 -11.40
CA ARG A 216 2.86 -16.52 -11.31
C ARG A 216 3.52 -17.45 -10.33
N ASP A 217 3.11 -17.39 -9.07
CA ASP A 217 3.70 -18.23 -8.04
C ASP A 217 2.56 -18.78 -7.17
N VAL A 218 2.82 -19.93 -6.54
CA VAL A 218 1.84 -20.59 -5.68
C VAL A 218 2.57 -21.13 -4.46
N ALA A 219 2.28 -20.59 -3.26
CA ALA A 219 2.99 -21.11 -2.10
C ALA A 219 2.14 -21.76 -1.03
N TRP A 220 2.43 -23.03 -0.78
CA TRP A 220 1.74 -23.86 0.19
C TRP A 220 2.14 -23.51 1.64
N ALA A 221 1.48 -22.52 2.26
CA ALA A 221 1.80 -22.13 3.65
C ALA A 221 2.06 -23.35 4.57
N PRO A 222 3.07 -23.27 5.45
CA PRO A 222 3.36 -24.40 6.35
C PRO A 222 2.36 -24.46 7.47
N SER A 223 1.95 -25.67 7.84
CA SER A 223 0.96 -25.82 8.88
C SER A 223 1.60 -25.68 10.24
N ILE A 224 1.14 -24.69 10.99
CA ILE A 224 1.63 -24.48 12.35
C ILE A 224 0.93 -25.58 13.16
N GLY A 225 1.12 -26.83 12.74
CA GLY A 225 0.48 -27.96 13.41
C GLY A 225 -1.02 -27.94 13.16
N LEU A 226 -1.52 -26.74 12.87
CA LEU A 226 -2.92 -26.45 12.59
C LEU A 226 -3.41 -27.16 11.33
N PRO A 227 -4.60 -27.80 11.39
CA PRO A 227 -5.16 -28.52 10.24
C PRO A 227 -5.76 -27.68 9.10
N THR A 228 -6.01 -26.39 9.34
CA THR A 228 -6.61 -25.49 8.34
C THR A 228 -5.67 -25.09 7.20
N SER A 229 -5.07 -26.07 6.54
CA SER A 229 -4.13 -25.79 5.46
C SER A 229 -4.55 -24.69 4.45
N THR A 230 -3.60 -23.77 4.18
CA THR A 230 -3.80 -22.65 3.26
C THR A 230 -2.84 -22.71 2.08
N ILE A 231 -3.02 -21.81 1.13
CA ILE A 231 -2.17 -21.73 -0.07
C ILE A 231 -2.35 -20.37 -0.69
N ALA A 232 -1.24 -19.73 -1.08
CA ALA A 232 -1.32 -18.40 -1.69
C ALA A 232 -0.90 -18.38 -3.16
N SER A 233 -1.49 -17.47 -3.93
CA SER A 233 -1.17 -17.36 -5.34
C SER A 233 -1.24 -15.92 -5.84
N CYS A 234 -0.41 -15.60 -6.84
CA CYS A 234 -0.38 -14.25 -7.40
C CYS A 234 -0.22 -14.39 -8.91
N SER A 235 -0.90 -13.53 -9.66
CA SER A 235 -0.85 -13.63 -11.13
C SER A 235 -0.85 -12.31 -11.92
N GLN A 236 -0.61 -12.41 -13.23
CA GLN A 236 -0.59 -11.23 -14.08
C GLN A 236 -1.74 -10.25 -13.80
N ASP A 237 -2.91 -10.75 -13.45
CA ASP A 237 -4.04 -9.85 -13.17
C ASP A 237 -3.73 -8.91 -12.01
N GLY A 238 -2.76 -9.30 -11.18
CA GLY A 238 -2.40 -8.47 -10.05
C GLY A 238 -3.27 -8.66 -8.81
N ARG A 239 -3.69 -9.90 -8.59
CA ARG A 239 -4.51 -10.22 -7.42
C ARG A 239 -3.76 -11.29 -6.65
N VAL A 240 -3.98 -11.33 -5.35
CA VAL A 240 -3.34 -12.36 -4.54
C VAL A 240 -4.45 -13.06 -3.77
N PHE A 241 -4.56 -14.37 -3.98
CA PHE A 241 -5.60 -15.14 -3.31
C PHE A 241 -5.05 -16.08 -2.28
N ILE A 242 -5.78 -16.22 -1.20
CA ILE A 242 -5.31 -17.12 -0.22
C ILE A 242 -6.37 -18.18 -0.14
N TRP A 243 -6.17 -19.23 -0.94
CA TRP A 243 -7.11 -20.32 -1.00
C TRP A 243 -7.13 -21.13 0.29
N THR A 244 -8.32 -21.45 0.79
CA THR A 244 -8.39 -22.22 2.03
C THR A 244 -9.25 -23.46 2.03
N CYS A 245 -8.86 -24.36 2.92
CA CYS A 245 -9.54 -25.63 3.09
C CYS A 245 -10.04 -25.61 4.53
N ASP A 246 -11.37 -25.68 4.71
CA ASP A 246 -11.97 -25.61 6.06
C ASP A 246 -11.73 -26.79 6.98
N ASP A 247 -11.42 -27.95 6.40
CA ASP A 247 -11.23 -29.16 7.20
C ASP A 247 -10.42 -30.20 6.42
N ALA A 248 -9.86 -31.17 7.13
CA ALA A 248 -9.11 -32.23 6.47
C ALA A 248 -10.13 -33.04 5.67
N SER A 249 -9.70 -33.63 4.56
CA SER A 249 -10.52 -34.48 3.69
C SER A 249 -11.80 -33.95 2.98
N SER A 250 -12.04 -32.64 2.97
CA SER A 250 -13.20 -32.13 2.24
C SER A 250 -12.66 -31.31 1.06
N ASN A 251 -12.81 -31.85 -0.16
CA ASN A 251 -12.32 -31.20 -1.38
C ASN A 251 -12.82 -29.78 -1.64
N THR A 252 -12.74 -28.96 -0.61
CA THR A 252 -13.24 -27.60 -0.69
C THR A 252 -12.21 -26.49 -0.65
N TRP A 253 -11.85 -25.91 -1.79
CA TRP A 253 -10.91 -24.81 -1.66
C TRP A 253 -11.60 -23.50 -2.00
N SER A 254 -11.91 -22.72 -0.97
CA SER A 254 -12.58 -21.43 -1.12
C SER A 254 -11.58 -20.27 -1.12
N PRO A 255 -11.33 -19.71 -2.29
CA PRO A 255 -10.41 -18.59 -2.45
C PRO A 255 -10.95 -17.34 -1.80
N LYS A 256 -10.04 -16.48 -1.35
CA LYS A 256 -10.38 -15.21 -0.71
C LYS A 256 -9.37 -14.21 -1.23
N LEU A 257 -9.82 -13.02 -1.63
CA LEU A 257 -8.91 -12.01 -2.17
C LEU A 257 -8.09 -11.21 -1.17
N LEU A 258 -6.77 -11.27 -1.34
CA LEU A 258 -5.87 -10.54 -0.47
C LEU A 258 -5.86 -9.08 -0.89
N HIS A 259 -5.53 -8.86 -2.16
CA HIS A 259 -5.50 -7.50 -2.68
C HIS A 259 -5.19 -7.52 -4.17
N LYS A 260 -5.44 -6.41 -4.84
CA LYS A 260 -5.15 -6.32 -6.26
C LYS A 260 -4.40 -5.03 -6.50
N PHE A 261 -3.29 -5.13 -7.22
CA PHE A 261 -2.49 -3.98 -7.55
C PHE A 261 -2.66 -3.80 -9.04
N ASN A 262 -2.50 -2.58 -9.55
CA ASN A 262 -2.67 -2.39 -10.99
C ASN A 262 -1.55 -3.07 -11.79
N ASP A 263 -0.53 -3.57 -11.11
CA ASP A 263 0.59 -4.25 -11.78
C ASP A 263 0.75 -5.69 -11.28
N VAL A 264 1.38 -6.52 -12.12
CA VAL A 264 1.63 -7.94 -11.83
C VAL A 264 2.34 -8.19 -10.51
N VAL A 265 2.11 -9.37 -9.94
CA VAL A 265 2.78 -9.78 -8.69
C VAL A 265 3.65 -10.94 -9.09
N TRP A 266 4.94 -10.85 -8.76
CA TRP A 266 5.91 -11.86 -9.17
C TRP A 266 6.17 -13.02 -8.23
N HIS A 267 6.16 -12.75 -6.94
CA HIS A 267 6.43 -13.81 -5.98
C HIS A 267 5.64 -13.68 -4.69
N VAL A 268 5.51 -14.81 -4.02
CA VAL A 268 4.76 -14.85 -2.79
C VAL A 268 5.40 -15.85 -1.83
N SER A 269 5.68 -15.43 -0.61
CA SER A 269 6.22 -16.39 0.33
C SER A 269 5.64 -16.29 1.73
N TRP A 270 5.64 -17.41 2.41
CA TRP A 270 5.09 -17.50 3.75
C TRP A 270 6.11 -17.39 4.85
N SER A 271 5.83 -16.51 5.80
CA SER A 271 6.70 -16.38 6.94
C SER A 271 6.19 -17.54 7.85
N ILE A 272 7.13 -18.22 8.49
CA ILE A 272 6.94 -19.45 9.24
C ILE A 272 6.03 -19.64 10.42
N THR A 273 6.01 -18.65 11.29
CA THR A 273 5.25 -18.70 12.52
C THR A 273 3.90 -18.05 12.43
N ALA A 274 3.91 -16.81 11.99
CA ALA A 274 2.67 -16.03 11.92
C ALA A 274 1.86 -16.31 10.70
N ASN A 275 2.53 -16.77 9.67
CA ASN A 275 1.90 -17.05 8.42
C ASN A 275 1.75 -15.69 7.74
N ILE A 276 2.81 -14.89 7.84
CA ILE A 276 2.83 -13.59 7.18
C ILE A 276 3.20 -13.73 5.73
N LEU A 277 2.45 -13.06 4.88
CA LEU A 277 2.74 -13.21 3.49
C LEU A 277 3.61 -12.07 2.99
N ALA A 278 4.70 -12.44 2.34
CA ALA A 278 5.58 -11.46 1.75
C ALA A 278 5.10 -11.36 0.32
N VAL A 279 4.54 -10.22 -0.04
CA VAL A 279 4.05 -10.07 -1.40
C VAL A 279 5.00 -9.27 -2.28
N SER A 280 5.70 -9.98 -3.16
CA SER A 280 6.64 -9.33 -4.06
C SER A 280 6.03 -9.11 -5.43
N GLY A 281 5.90 -7.85 -5.81
CA GLY A 281 5.35 -7.56 -7.12
C GLY A 281 4.69 -6.20 -7.16
N GLY A 282 4.44 -5.72 -8.38
CA GLY A 282 3.80 -4.44 -8.56
C GLY A 282 4.72 -3.30 -8.93
N ASP A 283 5.15 -2.55 -7.93
CA ASP A 283 6.02 -1.39 -8.12
C ASP A 283 7.44 -1.55 -7.55
N ASN A 284 8.08 -2.68 -7.83
CA ASN A 284 9.43 -2.93 -7.32
C ASN A 284 9.43 -2.97 -5.79
N LYS A 285 8.23 -2.84 -5.22
CA LYS A 285 8.02 -2.87 -3.78
C LYS A 285 7.54 -4.22 -3.30
N VAL A 286 7.83 -4.51 -2.05
CA VAL A 286 7.43 -5.75 -1.47
C VAL A 286 6.64 -5.42 -0.24
N THR A 287 5.55 -6.16 -0.04
CA THR A 287 4.64 -5.94 1.09
C THR A 287 4.49 -7.12 2.04
N LEU A 288 4.11 -6.82 3.25
CA LEU A 288 3.91 -7.89 4.20
C LEU A 288 2.45 -7.91 4.59
N TRP A 289 1.90 -9.10 4.79
CA TRP A 289 0.51 -9.19 5.20
C TRP A 289 0.30 -10.22 6.26
N LYS A 290 -0.59 -9.84 7.14
CA LYS A 290 -1.01 -10.70 8.21
C LYS A 290 -2.53 -10.63 8.25
N GLU A 291 -3.16 -11.80 8.38
CA GLU A 291 -4.61 -11.89 8.42
C GLU A 291 -5.05 -11.44 9.80
N SER A 292 -5.92 -10.42 9.85
CA SER A 292 -6.39 -9.89 11.13
C SER A 292 -7.34 -10.81 11.92
N VAL A 293 -7.53 -10.48 13.19
CA VAL A 293 -8.40 -11.25 14.08
C VAL A 293 -9.81 -11.22 13.49
N ASP A 294 -9.94 -10.44 12.42
CA ASP A 294 -11.21 -10.26 11.75
C ASP A 294 -11.36 -11.12 10.49
N GLY A 295 -10.27 -11.64 9.95
CA GLY A 295 -10.38 -12.45 8.75
C GLY A 295 -9.91 -11.75 7.49
N GLN A 296 -9.98 -10.41 7.47
CA GLN A 296 -9.55 -9.58 6.35
C GLN A 296 -8.02 -9.51 6.41
N TRP A 297 -7.30 -9.53 5.27
CA TRP A 297 -5.85 -9.46 5.34
C TRP A 297 -5.40 -8.00 5.22
N VAL A 298 -4.36 -7.66 5.98
CA VAL A 298 -3.80 -6.31 5.97
C VAL A 298 -2.34 -6.27 5.70
N CYS A 299 -1.93 -5.09 5.27
CA CYS A 299 -0.55 -4.80 4.95
C CYS A 299 0.10 -4.32 6.24
N ILE A 300 1.09 -5.04 6.76
CA ILE A 300 1.74 -4.58 7.99
C ILE A 300 2.77 -3.52 7.77
N SER A 301 3.39 -3.53 6.60
CA SER A 301 4.40 -2.52 6.35
C SER A 301 4.91 -2.61 4.93
N ASP A 302 5.72 -1.62 4.57
CA ASP A 302 6.33 -1.52 3.26
C ASP A 302 7.83 -1.76 3.41
N VAL A 303 8.39 -2.73 2.68
CA VAL A 303 9.81 -3.02 2.78
C VAL A 303 10.61 -2.05 1.90
N ASN A 304 11.90 -1.92 2.21
CA ASN A 304 12.83 -1.06 1.49
C ASN A 304 12.77 0.41 1.95
N ASP B 20 24.07 -8.58 -29.90
CA ASP B 20 23.98 -10.02 -30.29
C ASP B 20 23.60 -10.92 -29.10
N GLU B 21 23.74 -10.38 -27.88
CA GLU B 21 23.41 -11.12 -26.65
C GLU B 21 22.24 -10.50 -25.89
N ILE B 22 21.90 -9.26 -26.26
CA ILE B 22 20.81 -8.53 -25.63
C ILE B 22 19.42 -8.91 -26.16
N ASP B 23 19.35 -9.46 -27.38
CA ASP B 23 18.08 -9.85 -27.99
C ASP B 23 17.39 -11.06 -27.33
N ASN B 24 18.18 -11.92 -26.66
CA ASN B 24 17.60 -13.08 -25.96
C ASN B 24 17.08 -12.57 -24.63
N ALA B 25 17.86 -11.71 -23.98
CA ALA B 25 17.43 -11.14 -22.73
C ALA B 25 16.10 -10.45 -23.03
N LYS B 26 16.02 -9.82 -24.20
CA LYS B 26 14.77 -9.15 -24.60
C LYS B 26 13.70 -10.15 -24.98
N LEU B 27 14.09 -11.14 -25.80
CA LEU B 27 13.18 -12.19 -26.25
C LEU B 27 12.62 -12.97 -25.06
N ILE B 28 13.50 -13.51 -24.23
CA ILE B 28 13.11 -14.27 -23.06
C ILE B 28 12.41 -13.36 -22.04
N MET B 29 12.94 -12.17 -21.78
CA MET B 29 12.30 -11.24 -20.84
C MET B 29 10.86 -11.02 -21.31
N LYS B 30 10.69 -10.97 -22.64
CA LYS B 30 9.39 -10.75 -23.28
C LYS B 30 8.60 -12.05 -23.52
N GLU B 31 9.28 -13.09 -23.97
CA GLU B 31 8.58 -14.34 -24.19
C GLU B 31 8.17 -14.90 -22.82
N ARG B 32 8.46 -14.13 -21.77
CA ARG B 32 8.13 -14.54 -20.41
C ARG B 32 7.29 -13.54 -19.64
N ARG B 33 6.67 -12.59 -20.33
CA ARG B 33 5.84 -11.63 -19.64
C ARG B 33 6.58 -11.00 -18.47
N PHE B 34 7.87 -10.74 -18.64
CA PHE B 34 8.68 -10.14 -17.57
C PHE B 34 8.99 -8.65 -17.79
N THR B 35 8.40 -7.79 -16.97
CA THR B 35 8.63 -6.34 -17.05
C THR B 35 9.96 -6.13 -16.37
N ALA B 36 10.58 -5.02 -16.71
CA ALA B 36 11.85 -4.69 -16.09
C ALA B 36 11.53 -4.35 -14.63
N SER B 37 10.26 -4.47 -14.25
CA SER B 37 9.81 -4.18 -12.88
C SER B 37 9.90 -5.39 -11.93
N TYR B 38 10.16 -6.57 -12.49
CA TYR B 38 10.25 -7.79 -11.70
C TYR B 38 11.14 -7.74 -10.43
N THR B 39 10.51 -7.86 -9.27
CA THR B 39 11.21 -7.86 -7.99
C THR B 39 10.94 -9.17 -7.28
N PHE B 40 11.33 -9.32 -6.02
CA PHE B 40 11.06 -10.61 -5.38
C PHE B 40 11.51 -10.59 -3.92
N ALA B 41 11.00 -11.53 -3.13
CA ALA B 41 11.37 -11.60 -1.73
C ALA B 41 10.84 -12.88 -1.11
N LYS B 42 11.65 -13.53 -0.28
CA LYS B 42 11.24 -14.79 0.32
C LYS B 42 11.67 -14.98 1.76
N PHE B 43 10.77 -15.28 2.69
CA PHE B 43 11.24 -15.49 4.06
C PHE B 43 12.08 -16.78 4.16
N SER B 44 12.96 -16.87 5.17
CA SER B 44 13.78 -18.08 5.33
C SER B 44 13.64 -18.71 6.69
N THR B 45 14.17 -19.92 6.79
CA THR B 45 14.11 -20.71 8.00
C THR B 45 14.31 -19.96 9.29
N GLY B 46 15.31 -19.08 9.33
CA GLY B 46 15.53 -18.34 10.57
C GLY B 46 14.49 -17.29 10.81
N SER B 47 13.65 -17.05 9.81
CA SER B 47 12.60 -16.04 9.88
C SER B 47 13.09 -14.71 9.35
N MET B 48 14.12 -14.74 8.49
CA MET B 48 14.58 -13.51 7.90
C MET B 48 14.16 -13.53 6.46
N LEU B 49 13.89 -12.35 5.91
CA LEU B 49 13.44 -12.19 4.54
C LEU B 49 14.55 -11.67 3.60
N LEU B 50 14.60 -12.10 2.34
CA LEU B 50 15.65 -11.60 1.49
C LEU B 50 15.15 -10.69 0.36
N THR B 51 15.11 -9.39 0.61
CA THR B 51 14.66 -8.44 -0.42
C THR B 51 15.80 -8.16 -1.41
N LYS B 52 15.51 -7.73 -2.63
CA LYS B 52 16.60 -7.42 -3.54
C LYS B 52 16.77 -5.87 -3.55
N ASP B 53 17.97 -5.37 -3.20
CA ASP B 53 18.28 -3.92 -3.08
C ASP B 53 19.50 -3.31 -3.80
N ILE B 54 20.46 -4.14 -4.21
CA ILE B 54 21.72 -3.70 -4.87
C ILE B 54 22.76 -3.39 -3.78
N VAL B 55 22.37 -3.59 -2.52
CA VAL B 55 23.22 -3.34 -1.37
C VAL B 55 24.03 -4.59 -0.97
N GLY B 56 23.78 -5.71 -1.64
CA GLY B 56 24.50 -6.93 -1.35
C GLY B 56 25.52 -7.24 -2.44
N LYS B 57 26.60 -7.96 -2.10
CA LYS B 57 27.62 -8.27 -3.11
C LYS B 57 26.88 -8.82 -4.32
N SER B 58 25.78 -9.51 -4.04
CA SER B 58 24.99 -10.09 -5.11
C SER B 58 23.55 -9.58 -5.12
N GLY B 59 23.32 -8.42 -4.50
CA GLY B 59 21.99 -7.84 -4.48
C GLY B 59 20.91 -8.57 -3.71
N VAL B 60 21.27 -9.14 -2.56
CA VAL B 60 20.32 -9.87 -1.72
C VAL B 60 20.18 -9.23 -0.33
N SER B 61 19.36 -8.19 -0.23
CA SER B 61 19.14 -7.52 1.04
C SER B 61 18.48 -8.44 2.03
N ILE B 62 19.29 -9.13 2.80
CA ILE B 62 18.81 -10.03 3.82
C ILE B 62 18.28 -9.31 5.10
N LYS B 63 17.34 -8.36 4.96
CA LYS B 63 16.76 -7.61 6.12
C LYS B 63 16.19 -8.60 7.15
N ARG B 64 15.88 -8.19 8.37
CA ARG B 64 15.32 -9.19 9.31
C ARG B 64 13.95 -8.77 9.83
N LEU B 65 13.26 -9.70 10.49
CA LEU B 65 11.92 -9.37 10.94
C LEU B 65 11.82 -8.85 12.37
N PRO B 66 11.28 -7.63 12.48
CA PRO B 66 11.07 -6.87 13.71
C PRO B 66 10.11 -7.49 14.71
N THR B 67 10.62 -7.63 15.92
CA THR B 67 9.85 -8.16 17.05
C THR B 67 9.36 -6.95 17.81
N GLU B 68 8.22 -6.43 17.37
CA GLU B 68 7.57 -5.25 17.96
C GLU B 68 7.19 -5.48 19.41
N LEU B 69 7.82 -6.50 20.00
CA LEU B 69 7.58 -6.89 21.37
C LEU B 69 8.45 -6.06 22.37
N GLN B 70 8.05 -4.84 22.73
CA GLN B 70 8.90 -4.03 23.64
C GLN B 70 8.68 -3.97 25.18
N ARG B 71 9.49 -4.71 25.94
CA ARG B 71 9.39 -4.76 27.40
C ARG B 71 10.70 -5.32 27.95
N LYS B 72 11.63 -4.41 28.19
CA LYS B 72 12.98 -4.71 28.67
C LYS B 72 13.33 -6.02 29.41
N PHE B 73 12.70 -6.30 30.55
CA PHE B 73 13.07 -7.50 31.30
C PHE B 73 13.15 -8.83 30.53
N LEU B 74 12.46 -8.92 29.39
CA LEU B 74 12.47 -10.15 28.59
C LEU B 74 13.84 -10.58 28.11
N PHE B 75 14.78 -9.65 28.15
CA PHE B 75 16.12 -9.94 27.67
C PHE B 75 17.13 -10.35 28.72
N ASP B 76 16.67 -10.64 29.93
CA ASP B 76 17.58 -11.05 30.98
C ASP B 76 17.28 -12.46 31.46
N ASP B 77 18.30 -13.32 31.43
CA ASP B 77 18.15 -14.72 31.85
C ASP B 77 17.29 -14.87 33.09
N VAL B 78 17.67 -14.15 34.13
CA VAL B 78 16.98 -14.20 35.40
C VAL B 78 15.47 -14.34 35.32
N TYR B 79 14.81 -13.45 34.60
CA TYR B 79 13.36 -13.55 34.50
C TYR B 79 12.92 -14.91 33.98
N LEU B 80 13.32 -15.23 32.75
CA LEU B 80 12.96 -16.51 32.17
C LEU B 80 13.35 -17.66 33.10
N ASP B 81 14.58 -17.60 33.59
CA ASP B 81 15.12 -18.62 34.48
C ASP B 81 14.29 -18.74 35.75
N LYS B 82 14.12 -17.63 36.45
CA LYS B 82 13.37 -17.64 37.69
C LYS B 82 11.91 -18.02 37.51
N GLU B 83 11.27 -17.44 36.51
CA GLU B 83 9.87 -17.72 36.25
C GLU B 83 9.63 -19.18 35.88
N ILE B 84 10.70 -19.92 35.60
CA ILE B 84 10.55 -21.32 35.25
C ILE B 84 10.33 -22.18 36.48
N GLU B 85 10.96 -21.82 37.60
CA GLU B 85 10.78 -22.58 38.83
C GLU B 85 9.33 -22.46 39.28
N LYS B 86 8.63 -21.45 38.74
CA LYS B 86 7.23 -21.19 39.05
C LYS B 86 6.33 -22.25 38.43
N VAL B 87 6.94 -23.17 37.69
CA VAL B 87 6.15 -24.20 37.02
C VAL B 87 6.54 -25.65 37.26
N THR B 88 5.60 -26.51 36.85
CA THR B 88 5.68 -27.96 36.92
C THR B 88 5.42 -28.51 35.51
N ILE B 89 6.45 -29.11 34.90
CA ILE B 89 6.30 -29.65 33.56
C ILE B 89 6.11 -31.15 33.55
N GLU B 90 5.38 -31.62 32.54
CA GLU B 90 5.08 -33.03 32.43
C GLU B 90 4.75 -33.40 30.99
N ALA B 91 5.40 -34.44 30.50
CA ALA B 91 5.21 -34.90 29.13
C ALA B 91 3.73 -35.10 28.85
N ARG B 92 3.31 -34.85 27.61
CA ARG B 92 1.90 -35.00 27.28
C ARG B 92 1.40 -36.41 27.18
N LYS B 93 0.09 -36.55 27.10
CA LYS B 93 -0.52 -37.87 27.04
C LYS B 93 -0.25 -38.63 25.74
N SER B 94 0.10 -37.93 24.67
CA SER B 94 0.37 -38.61 23.40
C SER B 94 1.81 -38.58 22.88
N ASN B 95 2.75 -38.16 23.73
CA ASN B 95 4.17 -38.11 23.37
C ASN B 95 5.02 -37.57 24.51
N PRO B 96 6.34 -37.71 24.44
CA PRO B 96 7.23 -37.22 25.50
C PRO B 96 7.37 -35.70 25.58
N TYR B 97 6.79 -34.99 24.62
CA TYR B 97 6.87 -33.52 24.60
C TYR B 97 6.18 -32.85 25.78
N PRO B 98 6.98 -32.22 26.65
CA PRO B 98 6.59 -31.50 27.86
C PRO B 98 5.51 -30.48 27.65
N GLN B 99 4.61 -30.37 28.62
CA GLN B 99 3.55 -29.38 28.59
C GLN B 99 3.27 -29.02 30.04
N ILE B 100 2.89 -27.77 30.30
CA ILE B 100 2.68 -27.32 31.66
C ILE B 100 1.54 -27.96 32.41
N SER B 101 1.91 -28.57 33.55
CA SER B 101 0.98 -29.26 34.44
C SER B 101 0.43 -28.27 35.45
N GLU B 102 1.33 -27.57 36.14
CA GLU B 102 0.96 -26.61 37.17
C GLU B 102 1.82 -25.35 37.11
N SER B 103 1.17 -24.19 37.20
CA SER B 103 1.89 -22.92 37.17
C SER B 103 1.37 -21.91 38.17
N SER B 104 2.13 -21.66 39.22
CA SER B 104 1.73 -20.67 40.21
C SER B 104 2.22 -19.33 39.68
N LEU B 105 1.62 -18.89 38.60
CA LEU B 105 2.01 -17.63 37.99
C LEU B 105 0.99 -16.55 38.22
N LEU B 106 1.44 -15.45 38.82
CA LEU B 106 0.57 -14.32 39.12
C LEU B 106 1.09 -13.03 38.52
N PHE B 107 0.17 -12.12 38.26
CA PHE B 107 0.64 -10.85 37.74
C PHE B 107 1.70 -10.32 38.69
N LYS B 108 1.43 -10.44 40.00
CA LYS B 108 2.34 -9.99 41.04
C LYS B 108 3.80 -10.24 40.67
N ASP B 109 4.11 -11.49 40.33
CA ASP B 109 5.47 -11.89 39.95
C ASP B 109 6.17 -10.81 39.14
N ALA B 110 5.59 -10.46 38.00
CA ALA B 110 6.15 -9.47 37.11
C ALA B 110 6.50 -8.10 37.68
N LEU B 111 5.76 -7.63 38.67
CA LEU B 111 5.99 -6.31 39.25
C LEU B 111 7.45 -5.95 39.55
N ASP B 112 8.17 -6.83 40.22
CA ASP B 112 9.55 -6.58 40.60
C ASP B 112 10.48 -6.10 39.48
N TYR B 113 10.36 -6.72 38.31
CA TYR B 113 11.20 -6.40 37.15
C TYR B 113 10.83 -5.13 36.42
N MET B 114 9.76 -4.47 36.86
CA MET B 114 9.32 -3.23 36.22
C MET B 114 9.61 -2.06 37.16
N GLU B 115 9.31 -0.84 36.70
CA GLU B 115 9.53 0.37 37.48
C GLU B 115 8.22 1.04 37.87
N LYS B 116 8.11 1.38 39.16
CA LYS B 116 6.90 1.99 39.72
C LYS B 116 6.27 3.21 39.04
N THR B 117 6.94 3.83 38.07
CA THR B 117 6.36 5.01 37.43
C THR B 117 5.64 4.72 36.10
N SER B 118 5.99 3.62 35.45
CA SER B 118 5.39 3.28 34.16
C SER B 118 3.94 2.86 34.22
N SER B 119 3.24 3.07 33.12
CA SER B 119 1.83 2.69 33.06
C SER B 119 1.78 1.18 33.20
N ASP B 120 2.82 0.49 32.74
CA ASP B 120 2.85 -0.96 32.85
C ASP B 120 2.68 -1.36 34.30
N TYR B 121 3.57 -0.89 35.15
CA TYR B 121 3.48 -1.23 36.55
C TYR B 121 2.02 -1.07 37.01
N ASN B 122 1.35 -0.03 36.53
CA ASN B 122 -0.05 0.17 36.92
C ASN B 122 -0.90 -0.96 36.37
N LEU B 123 -0.95 -1.06 35.06
CA LEU B 123 -1.71 -2.11 34.39
C LEU B 123 -1.45 -3.41 35.08
N TRP B 124 -0.19 -3.69 35.35
CA TRP B 124 0.14 -4.92 36.01
C TRP B 124 -0.31 -4.89 37.45
N LYS B 125 0.15 -3.90 38.22
CA LYS B 125 -0.27 -3.82 39.61
C LYS B 125 -1.80 -3.94 39.72
N LEU B 126 -2.52 -3.33 38.80
CA LEU B 126 -3.99 -3.37 38.82
C LEU B 126 -4.53 -4.77 38.72
N SER B 127 -4.15 -5.44 37.65
CA SER B 127 -4.56 -6.81 37.40
C SER B 127 -4.23 -7.65 38.61
N SER B 128 -3.01 -7.50 39.06
CA SER B 128 -2.55 -8.26 40.19
C SER B 128 -3.53 -8.12 41.33
N ILE B 129 -4.28 -7.03 41.32
CA ILE B 129 -5.27 -6.78 42.36
C ILE B 129 -6.62 -7.37 42.00
N LEU B 130 -7.07 -7.08 40.80
CA LEU B 130 -8.34 -7.59 40.35
C LEU B 130 -8.38 -9.08 40.16
N PHE B 131 -7.27 -9.70 39.76
CA PHE B 131 -7.32 -11.13 39.54
C PHE B 131 -6.50 -12.01 40.46
N ASP B 132 -5.31 -11.57 40.73
CA ASP B 132 -4.52 -12.36 41.60
C ASP B 132 -5.42 -12.70 42.80
N PRO B 133 -5.37 -13.95 43.27
CA PRO B 133 -6.16 -14.45 44.40
C PRO B 133 -5.81 -13.94 45.82
N VAL B 134 -6.79 -13.32 46.46
CA VAL B 134 -6.67 -12.78 47.82
C VAL B 134 -6.45 -13.96 48.74
N SER B 135 -5.37 -13.94 49.52
CA SER B 135 -5.13 -15.08 50.40
C SER B 135 -5.02 -14.74 51.89
N TYR B 136 -6.12 -14.90 52.63
CA TYR B 136 -6.15 -14.59 54.06
C TYR B 136 -5.26 -15.56 54.85
N PRO B 137 -4.50 -15.05 55.84
CA PRO B 137 -3.56 -15.75 56.71
C PRO B 137 -4.07 -16.86 57.63
N TYR B 138 -4.60 -16.44 58.78
CA TYR B 138 -5.10 -17.36 59.80
C TYR B 138 -6.36 -18.10 59.38
N LYS B 139 -6.32 -19.43 59.48
CA LYS B 139 -7.47 -20.25 59.09
C LYS B 139 -8.59 -20.06 60.11
N THR B 140 -9.80 -19.78 59.62
CA THR B 140 -10.95 -19.63 60.52
C THR B 140 -12.07 -20.57 60.12
N ASP B 141 -12.61 -21.18 61.14
CA ASP B 141 -13.70 -22.13 61.03
C ASP B 141 -14.79 -21.58 60.12
N ASN B 142 -15.37 -20.46 60.55
CA ASN B 142 -16.45 -19.82 59.84
C ASN B 142 -16.08 -19.44 58.39
N ASP B 143 -16.78 -20.05 57.42
CA ASP B 143 -16.59 -19.79 55.98
C ASP B 143 -17.44 -18.65 55.42
N GLN B 144 -18.63 -18.42 55.97
CA GLN B 144 -19.48 -17.33 55.48
C GLN B 144 -18.67 -16.04 55.65
N VAL B 145 -17.81 -16.06 56.67
CA VAL B 145 -16.91 -14.98 57.06
C VAL B 145 -15.71 -14.87 56.11
N LYS B 146 -14.90 -15.91 56.05
CA LYS B 146 -13.75 -15.93 55.18
C LYS B 146 -14.15 -15.41 53.79
N MET B 147 -15.26 -15.91 53.25
CA MET B 147 -15.73 -15.47 51.94
C MET B 147 -16.09 -13.98 51.93
N ALA B 148 -16.46 -13.44 53.08
CA ALA B 148 -16.82 -12.03 53.16
C ALA B 148 -15.57 -11.16 53.33
N LEU B 149 -14.55 -11.70 53.98
CA LEU B 149 -13.30 -10.96 54.19
C LEU B 149 -12.63 -10.74 52.86
N LEU B 150 -12.21 -11.82 52.23
CA LEU B 150 -11.58 -11.75 50.93
C LEU B 150 -12.42 -10.83 50.06
N LYS B 151 -13.74 -10.95 50.17
CA LYS B 151 -14.66 -10.11 49.41
C LYS B 151 -14.23 -8.66 49.61
N LYS B 152 -14.03 -8.28 50.87
CA LYS B 152 -13.63 -6.91 51.23
C LYS B 152 -12.14 -6.63 51.00
N GLU B 153 -11.25 -7.52 51.45
CA GLU B 153 -9.82 -7.29 51.26
C GLU B 153 -9.63 -6.83 49.84
N ARG B 154 -10.23 -7.54 48.90
CA ARG B 154 -10.08 -7.13 47.52
C ARG B 154 -10.67 -5.75 47.33
N HIS B 155 -11.70 -5.42 48.07
CA HIS B 155 -12.33 -4.10 47.90
C HIS B 155 -11.39 -2.96 48.24
N CYS B 156 -10.94 -2.92 49.49
CA CYS B 156 -10.02 -1.87 49.91
C CYS B 156 -8.86 -1.84 48.94
N ARG B 157 -8.14 -2.95 48.88
CA ARG B 157 -6.99 -3.07 48.01
C ARG B 157 -7.15 -2.26 46.73
N LEU B 158 -8.32 -2.37 46.11
CA LEU B 158 -8.53 -1.63 44.89
C LEU B 158 -8.81 -0.14 45.12
N THR B 159 -9.76 0.19 45.98
CA THR B 159 -10.02 1.61 46.18
C THR B 159 -8.72 2.25 46.66
N SER B 160 -8.06 1.60 47.62
CA SER B 160 -6.81 2.10 48.17
C SER B 160 -5.82 2.46 47.08
N TRP B 161 -5.89 1.75 45.96
CA TRP B 161 -5.03 2.00 44.82
C TRP B 161 -5.46 3.29 44.13
N ILE B 162 -6.69 3.30 43.63
CA ILE B 162 -7.20 4.47 42.95
C ILE B 162 -6.98 5.74 43.79
N VAL B 163 -6.95 5.59 45.12
CA VAL B 163 -6.74 6.74 45.98
C VAL B 163 -5.37 7.31 45.66
N SER B 164 -4.42 6.43 45.36
CA SER B 164 -3.07 6.87 45.01
C SER B 164 -2.98 7.41 43.60
N GLN B 165 -3.86 6.93 42.72
CA GLN B 165 -3.88 7.38 41.33
C GLN B 165 -4.56 8.74 41.20
N ILE B 166 -5.42 9.06 42.14
CA ILE B 166 -6.13 10.33 42.09
C ILE B 166 -5.58 11.29 43.14
N GLY B 167 -4.53 10.82 43.83
CA GLY B 167 -3.89 11.63 44.85
C GLY B 167 -3.43 12.96 44.29
N PRO B 168 -2.48 12.96 43.34
CA PRO B 168 -2.06 14.25 42.82
C PRO B 168 -3.26 15.05 42.32
N GLU B 169 -4.06 14.40 41.48
CA GLU B 169 -5.24 15.01 40.86
C GLU B 169 -6.15 15.82 41.79
N ILE B 170 -6.62 15.20 42.86
CA ILE B 170 -7.51 15.87 43.81
C ILE B 170 -6.73 16.76 44.78
N GLU B 171 -5.76 16.17 45.49
CA GLU B 171 -4.94 16.89 46.47
C GLU B 171 -4.66 18.30 45.99
N GLU B 172 -4.09 18.40 44.81
CA GLU B 172 -3.77 19.68 44.22
C GLU B 172 -5.02 20.50 43.92
N LYS B 173 -6.06 19.85 43.41
CA LYS B 173 -7.30 20.56 43.10
C LYS B 173 -7.95 21.15 44.36
N ILE B 174 -7.37 20.83 45.51
CA ILE B 174 -7.86 21.34 46.77
C ILE B 174 -7.20 22.67 47.13
N ARG B 175 -5.94 22.82 46.76
CA ARG B 175 -5.24 24.07 47.04
C ARG B 175 -6.06 25.23 46.47
N ASN B 176 -6.82 24.94 45.42
CA ASN B 176 -7.66 25.94 44.73
C ASN B 176 -8.96 26.36 45.41
N SER B 177 -9.19 26.11 46.68
CA SER B 177 -10.48 26.62 47.11
C SER B 177 -10.55 27.61 48.26
N SER B 178 -11.59 28.44 48.18
CA SER B 178 -11.92 29.46 49.16
C SER B 178 -13.28 29.05 49.71
N ASN B 179 -13.67 27.80 49.42
CA ASN B 179 -14.93 27.21 49.86
C ASN B 179 -14.62 25.96 50.69
N GLU B 180 -14.75 26.04 52.01
CA GLU B 180 -14.41 24.90 52.85
C GLU B 180 -15.35 23.70 52.64
N ILE B 181 -16.62 23.98 52.40
CA ILE B 181 -17.58 22.91 52.21
C ILE B 181 -17.19 22.10 50.98
N GLU B 182 -16.76 22.80 49.93
CA GLU B 182 -16.31 22.14 48.71
C GLU B 182 -15.04 21.36 49.08
N GLN B 183 -14.23 21.93 49.97
CA GLN B 183 -13.02 21.27 50.42
C GLN B 183 -13.36 19.93 51.02
N ILE B 184 -14.42 19.87 51.83
CA ILE B 184 -14.80 18.62 52.46
C ILE B 184 -15.17 17.57 51.42
N PHE B 185 -16.13 17.92 50.57
CA PHE B 185 -16.56 16.99 49.54
C PHE B 185 -15.35 16.39 48.82
N LEU B 186 -14.29 17.18 48.70
CA LEU B 186 -13.09 16.71 48.04
C LEU B 186 -12.36 15.66 48.85
N TYR B 187 -12.25 15.89 50.16
CA TYR B 187 -11.56 14.93 51.00
C TYR B 187 -12.27 13.59 50.96
N LEU B 188 -13.59 13.65 50.77
CA LEU B 188 -14.36 12.43 50.69
C LEU B 188 -13.96 11.68 49.43
N LEU B 189 -13.87 12.44 48.36
CA LEU B 189 -13.47 11.92 47.07
C LEU B 189 -12.17 11.16 47.17
N LEU B 190 -11.42 11.31 48.26
CA LEU B 190 -10.18 10.58 48.38
C LEU B 190 -10.34 9.51 49.43
N ASN B 191 -11.61 9.25 49.75
CA ASN B 191 -11.98 8.25 50.71
C ASN B 191 -11.40 8.64 52.06
N ASP B 192 -11.02 9.91 52.19
CA ASP B 192 -10.46 10.38 53.46
C ASP B 192 -11.56 10.98 54.32
N VAL B 193 -12.16 10.12 55.12
CA VAL B 193 -13.20 10.58 56.02
C VAL B 193 -12.61 11.32 57.20
N VAL B 194 -11.57 10.75 57.79
CA VAL B 194 -10.95 11.37 58.96
C VAL B 194 -10.67 12.86 58.74
N ARG B 195 -9.96 13.20 57.68
CA ARG B 195 -9.65 14.58 57.44
C ARG B 195 -10.89 15.35 56.93
N ALA B 196 -11.76 14.68 56.18
CA ALA B 196 -12.98 15.33 55.67
C ALA B 196 -13.86 15.79 56.85
N SER B 197 -13.85 14.96 57.90
CA SER B 197 -14.61 15.24 59.11
C SER B 197 -13.97 16.40 59.88
N LYS B 198 -12.69 16.26 60.22
CA LYS B 198 -11.96 17.29 60.94
C LYS B 198 -12.32 18.65 60.36
N LEU B 199 -12.16 18.78 59.05
CA LEU B 199 -12.48 20.04 58.39
C LEU B 199 -13.91 20.49 58.70
N ALA B 200 -14.86 19.57 58.60
CA ALA B 200 -16.26 19.89 58.86
C ALA B 200 -16.49 20.57 60.21
N ILE B 201 -15.92 20.00 61.26
CA ILE B 201 -16.09 20.59 62.59
C ILE B 201 -15.38 21.91 62.66
N GLU B 202 -14.13 21.95 62.19
CA GLU B 202 -13.34 23.17 62.25
C GLU B 202 -13.88 24.37 61.48
N SER B 203 -14.87 24.16 60.64
CA SER B 203 -15.42 25.27 59.87
C SER B 203 -16.79 25.69 60.39
N LYS B 204 -17.21 25.08 61.51
CA LYS B 204 -18.50 25.37 62.09
C LYS B 204 -19.59 24.85 61.13
N ASN B 205 -19.36 23.63 60.64
CA ASN B 205 -20.27 22.94 59.72
C ASN B 205 -20.35 21.51 60.22
N GLY B 206 -20.55 21.38 61.52
CA GLY B 206 -20.62 20.09 62.18
C GLY B 206 -21.61 19.03 61.74
N HIS B 207 -22.88 19.38 61.59
CA HIS B 207 -23.89 18.39 61.20
C HIS B 207 -23.34 17.42 60.16
N LEU B 208 -22.48 17.91 59.28
CA LEU B 208 -21.85 17.06 58.26
C LEU B 208 -20.96 16.00 58.87
N SER B 209 -20.12 16.41 59.81
CA SER B 209 -19.23 15.48 60.46
C SER B 209 -20.03 14.28 60.96
N VAL B 210 -21.32 14.50 61.18
CA VAL B 210 -22.19 13.44 61.65
C VAL B 210 -22.52 12.50 60.51
N LEU B 211 -23.08 13.06 59.45
CA LEU B 211 -23.44 12.26 58.29
C LEU B 211 -22.19 11.53 57.82
N ILE B 212 -21.12 12.28 57.60
CA ILE B 212 -19.84 11.71 57.19
C ILE B 212 -19.55 10.49 58.03
N SER B 213 -19.96 10.53 59.29
CA SER B 213 -19.76 9.42 60.20
C SER B 213 -20.50 8.20 59.68
N TYR B 214 -21.76 8.42 59.31
CA TYR B 214 -22.63 7.37 58.80
C TYR B 214 -22.25 6.89 57.41
N LEU B 215 -21.76 7.83 56.60
CA LEU B 215 -21.37 7.58 55.23
C LEU B 215 -20.73 6.21 55.02
N GLY B 216 -19.73 5.88 55.84
CA GLY B 216 -19.06 4.61 55.70
C GLY B 216 -19.93 3.37 55.85
N SER B 217 -21.05 3.49 56.56
CA SER B 217 -21.93 2.35 56.76
C SER B 217 -23.08 2.31 55.79
N ASN B 218 -24.07 1.50 56.11
CA ASN B 218 -25.25 1.38 55.29
C ASN B 218 -26.48 1.38 56.19
N ASP B 219 -26.97 2.58 56.49
CA ASP B 219 -28.14 2.71 57.34
C ASP B 219 -29.24 3.43 56.57
N PRO B 220 -30.34 2.73 56.31
CA PRO B 220 -31.48 3.28 55.57
C PRO B 220 -32.06 4.55 56.22
N ARG B 221 -32.08 4.61 57.55
CA ARG B 221 -32.59 5.79 58.24
C ARG B 221 -32.01 6.98 57.52
N ILE B 222 -30.69 7.08 57.62
CA ILE B 222 -29.91 8.15 57.01
C ILE B 222 -30.25 8.26 55.53
N ARG B 223 -29.92 7.20 54.80
CA ARG B 223 -30.17 7.15 53.37
C ARG B 223 -31.45 7.93 53.05
N ASP B 224 -32.57 7.50 53.61
CA ASP B 224 -33.84 8.16 53.37
C ASP B 224 -33.81 9.61 53.87
N LEU B 225 -33.33 9.81 55.08
CA LEU B 225 -33.26 11.15 55.63
C LEU B 225 -32.62 12.07 54.59
N ALA B 226 -31.60 11.55 53.92
CA ALA B 226 -30.87 12.30 52.89
C ALA B 226 -31.78 12.60 51.72
N GLU B 227 -32.10 11.54 50.98
CA GLU B 227 -32.95 11.66 49.80
C GLU B 227 -34.24 12.43 50.08
N LEU B 228 -34.97 12.03 51.11
CA LEU B 228 -36.21 12.72 51.46
C LEU B 228 -35.97 14.21 51.59
N GLN B 229 -34.79 14.57 52.08
CA GLN B 229 -34.46 15.98 52.21
C GLN B 229 -34.24 16.54 50.82
N LEU B 230 -33.34 15.92 50.08
CA LEU B 230 -33.04 16.34 48.72
C LEU B 230 -34.29 16.79 47.94
N GLN B 231 -35.31 15.93 47.90
CA GLN B 231 -36.55 16.25 47.19
C GLN B 231 -37.12 17.59 47.62
N LYS B 232 -37.12 17.82 48.93
CA LYS B 232 -37.62 19.06 49.48
C LYS B 232 -36.80 20.24 48.99
N TRP B 233 -35.48 20.09 48.93
CA TRP B 233 -34.57 21.15 48.51
C TRP B 233 -34.76 21.69 47.09
N SER B 234 -35.65 21.07 46.31
CA SER B 234 -35.90 21.54 44.94
C SER B 234 -37.11 22.48 44.85
N THR B 235 -37.77 22.69 45.99
CA THR B 235 -38.94 23.57 46.08
C THR B 235 -38.58 24.94 46.68
N GLY B 236 -38.51 25.96 45.82
CA GLY B 236 -38.19 27.32 46.23
C GLY B 236 -36.87 27.53 46.97
N GLY B 237 -36.86 27.11 48.23
CA GLY B 237 -35.68 27.24 49.06
C GLY B 237 -34.49 26.49 48.51
N CYS B 238 -33.66 27.21 47.75
CA CYS B 238 -32.44 26.67 47.15
C CYS B 238 -31.34 27.63 47.56
N SER B 239 -31.25 27.86 48.86
CA SER B 239 -30.29 28.78 49.44
C SER B 239 -28.95 28.15 49.83
N ILE B 240 -28.70 26.92 49.39
CA ILE B 240 -27.45 26.28 49.79
C ILE B 240 -26.46 25.79 48.71
N ASP B 241 -25.20 25.72 49.12
CA ASP B 241 -24.01 25.30 48.38
C ASP B 241 -24.21 24.06 47.56
N LYS B 242 -23.59 24.04 46.39
CA LYS B 242 -23.67 22.89 45.51
C LYS B 242 -22.92 21.81 46.24
N ASN B 243 -22.08 22.24 47.15
CA ASN B 243 -21.27 21.31 47.92
C ASN B 243 -22.06 20.64 49.04
N ILE B 244 -22.88 21.39 49.76
CA ILE B 244 -23.63 20.74 50.83
C ILE B 244 -24.55 19.75 50.15
N SER B 245 -25.07 20.11 48.98
CA SER B 245 -25.95 19.19 48.27
C SER B 245 -25.16 17.96 47.83
N LYS B 246 -24.15 18.15 46.99
CA LYS B 246 -23.32 17.05 46.50
C LYS B 246 -23.01 16.03 47.61
N ILE B 247 -22.80 16.54 48.81
CA ILE B 247 -22.49 15.69 49.94
C ILE B 247 -23.67 14.84 50.40
N TYR B 248 -24.83 15.46 50.57
CA TYR B 248 -25.99 14.68 50.97
C TYR B 248 -26.20 13.61 49.90
N LYS B 249 -25.93 13.99 48.66
CA LYS B 249 -26.07 13.08 47.55
C LYS B 249 -25.23 11.83 47.82
N LEU B 250 -24.05 12.03 48.40
CA LEU B 250 -23.18 10.89 48.70
C LEU B 250 -23.79 9.98 49.75
N LEU B 251 -24.87 10.44 50.39
CA LEU B 251 -25.52 9.62 51.41
C LEU B 251 -26.67 8.85 50.81
N SER B 252 -27.39 9.50 49.90
CA SER B 252 -28.55 8.91 49.24
C SER B 252 -28.36 7.44 48.83
N GLY B 253 -27.17 7.10 48.36
CA GLY B 253 -26.92 5.74 47.91
C GLY B 253 -26.35 5.81 46.51
N SER B 254 -27.20 5.81 45.50
CA SER B 254 -26.72 5.93 44.13
C SER B 254 -26.64 7.45 43.91
N PRO B 255 -25.42 7.97 43.71
CA PRO B 255 -25.15 9.40 43.49
C PRO B 255 -25.17 9.82 42.04
N PHE B 256 -24.85 8.90 41.16
CA PHE B 256 -24.82 9.26 39.77
C PHE B 256 -26.18 9.16 39.08
N GLU B 257 -26.99 8.20 39.52
CA GLU B 257 -28.33 8.02 38.96
C GLU B 257 -29.32 8.65 39.91
N GLY B 258 -29.00 9.84 40.41
CA GLY B 258 -29.86 10.48 41.38
C GLY B 258 -30.80 11.60 40.97
N LEU B 259 -31.49 12.10 41.98
CA LEU B 259 -32.45 13.19 41.86
C LEU B 259 -31.69 14.52 41.81
N PHE B 260 -30.39 14.44 42.08
CA PHE B 260 -29.54 15.63 42.08
C PHE B 260 -28.16 15.20 41.58
N SER B 261 -28.17 14.16 40.76
CA SER B 261 -27.00 13.52 40.16
C SER B 261 -25.66 14.23 40.19
N LEU B 262 -24.61 13.43 40.13
CA LEU B 262 -23.24 13.91 40.12
C LEU B 262 -22.64 13.67 38.75
N LYS B 263 -23.47 13.19 37.83
CA LYS B 263 -23.03 12.90 36.47
C LYS B 263 -22.35 14.12 35.86
N GLU B 264 -22.60 15.27 36.47
CA GLU B 264 -22.01 16.52 36.01
C GLU B 264 -20.50 16.59 36.17
N LEU B 265 -19.96 15.83 37.11
CA LEU B 265 -18.53 15.84 37.38
C LEU B 265 -17.60 15.37 36.27
N GLU B 266 -18.17 14.76 35.24
CA GLU B 266 -17.38 14.28 34.14
C GLU B 266 -16.53 15.37 33.51
N SER B 267 -16.80 16.61 33.86
CA SER B 267 -16.08 17.75 33.31
C SER B 267 -14.58 17.84 33.64
N GLU B 268 -14.24 17.90 34.92
CA GLU B 268 -12.84 18.01 35.31
C GLU B 268 -12.33 16.86 36.13
N PHE B 269 -13.23 15.98 36.56
CA PHE B 269 -12.70 14.83 37.29
C PHE B 269 -12.33 13.65 36.38
N SER B 270 -11.32 12.91 36.81
CA SER B 270 -10.85 11.76 36.06
C SER B 270 -11.98 10.79 36.11
N TRP B 271 -12.29 10.14 34.98
CA TRP B 271 -13.39 9.19 35.03
C TRP B 271 -13.10 8.27 36.20
N LEU B 272 -11.80 8.04 36.46
CA LEU B 272 -11.36 7.17 37.57
C LEU B 272 -11.68 7.79 38.94
N CYS B 273 -11.78 9.10 38.97
CA CYS B 273 -12.09 9.76 40.22
C CYS B 273 -13.51 9.38 40.59
N LEU B 274 -14.36 9.45 39.56
CA LEU B 274 -15.78 9.13 39.65
C LEU B 274 -15.96 7.68 40.04
N LEU B 275 -15.37 6.80 39.24
CA LEU B 275 -15.45 5.37 39.54
C LEU B 275 -15.21 5.14 41.02
N ASN B 276 -14.14 5.70 41.55
CA ASN B 276 -13.85 5.47 42.95
C ASN B 276 -15.07 5.78 43.79
N LEU B 277 -15.88 6.71 43.33
CA LEU B 277 -17.08 7.07 44.06
C LEU B 277 -18.04 5.91 44.09
N THR B 278 -18.43 5.46 42.90
CA THR B 278 -19.39 4.37 42.80
C THR B 278 -18.91 3.14 43.55
N LEU B 279 -17.62 3.00 43.74
CA LEU B 279 -17.13 1.84 44.46
C LEU B 279 -17.10 2.08 45.98
N CYS B 280 -17.16 3.34 46.40
CA CYS B 280 -17.12 3.64 47.83
C CYS B 280 -18.46 4.01 48.41
N TYR B 281 -19.19 4.90 47.75
CA TYR B 281 -20.47 5.32 48.25
C TYR B 281 -21.58 4.81 47.38
N GLY B 282 -21.23 4.27 46.23
CA GLY B 282 -22.25 3.79 45.32
C GLY B 282 -22.73 2.37 45.42
N GLN B 283 -22.92 1.92 46.66
CA GLN B 283 -23.41 0.59 46.99
C GLN B 283 -24.93 0.58 46.84
N ILE B 284 -25.46 -0.18 45.89
CA ILE B 284 -26.91 -0.22 45.70
C ILE B 284 -27.52 -1.33 46.56
N ASP B 285 -26.84 -2.47 46.64
CA ASP B 285 -27.28 -3.61 47.47
C ASP B 285 -26.05 -4.53 47.58
N GLU B 286 -26.06 -5.41 48.57
CA GLU B 286 -24.93 -6.30 48.77
C GLU B 286 -24.81 -7.46 47.78
N TYR B 287 -23.88 -7.31 46.83
CA TYR B 287 -23.60 -8.35 45.83
C TYR B 287 -22.25 -8.12 45.16
N SER B 288 -21.94 -8.94 44.17
CA SER B 288 -20.64 -8.91 43.47
C SER B 288 -19.95 -7.60 43.09
N LEU B 289 -18.69 -7.49 43.52
CA LEU B 289 -17.85 -6.34 43.15
C LEU B 289 -17.75 -6.26 41.63
N GLU B 290 -17.35 -7.38 41.04
CA GLU B 290 -17.22 -7.45 39.61
C GLU B 290 -18.45 -6.77 38.98
N SER B 291 -19.64 -7.20 39.40
CA SER B 291 -20.87 -6.65 38.85
C SER B 291 -21.00 -5.18 39.20
N LEU B 292 -20.47 -4.81 40.36
CA LEU B 292 -20.52 -3.43 40.81
C LEU B 292 -19.77 -2.54 39.84
N VAL B 293 -18.48 -2.83 39.70
CA VAL B 293 -17.64 -2.11 38.78
C VAL B 293 -18.43 -1.93 37.50
N GLN B 294 -18.96 -3.04 37.01
CA GLN B 294 -19.75 -3.05 35.79
C GLN B 294 -20.85 -2.02 35.75
N SER B 295 -21.42 -1.70 36.91
CA SER B 295 -22.51 -0.73 36.99
C SER B 295 -22.06 0.66 36.60
N HIS B 296 -20.84 1.00 37.01
CA HIS B 296 -20.28 2.29 36.70
C HIS B 296 -20.13 2.43 35.19
N LEU B 297 -19.48 1.44 34.58
CA LEU B 297 -19.24 1.45 33.14
C LEU B 297 -20.46 1.77 32.33
N ASP B 298 -21.63 1.38 32.84
CA ASP B 298 -22.87 1.62 32.15
C ASP B 298 -23.21 3.10 32.01
N LYS B 299 -23.11 3.86 33.09
CA LYS B 299 -23.44 5.28 33.01
C LYS B 299 -22.36 6.09 32.31
N PHE B 300 -21.09 5.65 32.40
CA PHE B 300 -19.98 6.39 31.79
C PHE B 300 -19.15 5.63 30.77
N SER B 301 -18.74 6.28 29.69
CA SER B 301 -17.88 5.59 28.73
C SER B 301 -16.42 5.83 29.14
N LEU B 302 -15.54 4.85 28.92
CA LEU B 302 -14.12 5.00 29.30
C LEU B 302 -13.16 5.35 28.18
N PRO B 303 -12.08 6.11 28.50
CA PRO B 303 -11.08 6.52 27.50
C PRO B 303 -10.81 5.42 26.48
N TYR B 304 -10.94 5.78 25.21
CA TYR B 304 -10.79 4.84 24.13
C TYR B 304 -9.64 3.84 24.14
N ASP B 305 -8.42 4.32 23.94
CA ASP B 305 -7.31 3.40 23.88
C ASP B 305 -6.62 3.21 25.22
N ASP B 306 -7.39 3.16 26.29
CA ASP B 306 -6.78 3.03 27.60
C ASP B 306 -6.70 1.61 28.16
N PRO B 307 -5.47 1.12 28.40
CA PRO B 307 -5.24 -0.22 28.93
C PRO B 307 -5.80 -0.47 30.34
N ILE B 308 -5.66 0.49 31.25
CA ILE B 308 -6.19 0.27 32.59
C ILE B 308 -7.69 0.21 32.45
N GLY B 309 -8.22 0.95 31.48
CA GLY B 309 -9.67 0.95 31.24
C GLY B 309 -10.13 -0.45 30.86
N VAL B 310 -9.70 -0.90 29.69
CA VAL B 310 -10.01 -2.23 29.19
C VAL B 310 -9.95 -3.28 30.30
N ILE B 311 -8.82 -3.37 30.98
CA ILE B 311 -8.68 -4.34 32.04
C ILE B 311 -9.86 -4.36 33.00
N PHE B 312 -10.50 -3.22 33.21
CA PHE B 312 -11.64 -3.20 34.10
C PHE B 312 -12.80 -3.95 33.43
N GLN B 313 -13.13 -3.58 32.19
CA GLN B 313 -14.23 -4.26 31.50
C GLN B 313 -14.07 -5.76 31.58
N LEU B 314 -12.84 -6.22 31.46
CA LEU B 314 -12.58 -7.63 31.55
C LEU B 314 -12.94 -8.12 32.94
N TYR B 315 -12.54 -7.40 33.95
CA TYR B 315 -12.87 -7.84 35.29
C TYR B 315 -14.40 -7.76 35.48
N ALA B 316 -14.96 -6.65 35.04
CA ALA B 316 -16.38 -6.39 35.18
C ALA B 316 -17.25 -7.45 34.54
N ALA B 317 -16.97 -7.79 33.29
CA ALA B 317 -17.79 -8.79 32.59
C ALA B 317 -17.48 -10.24 32.99
N ASN B 318 -17.74 -10.54 34.26
CA ASN B 318 -17.53 -11.85 34.86
C ASN B 318 -17.47 -13.12 33.98
N GLU B 319 -18.62 -13.76 33.79
CA GLU B 319 -18.71 -14.99 33.01
C GLU B 319 -18.45 -14.84 31.53
N ASN B 320 -18.69 -13.61 31.05
CA ASN B 320 -18.50 -13.34 29.62
C ASN B 320 -17.06 -13.00 29.26
N THR B 321 -16.20 -13.09 30.27
CA THR B 321 -14.78 -12.83 30.17
C THR B 321 -14.17 -13.09 28.77
N GLU B 322 -14.04 -14.35 28.40
CA GLU B 322 -13.45 -14.70 27.12
C GLU B 322 -14.17 -14.08 25.92
N LYS B 323 -15.47 -13.92 26.05
CA LYS B 323 -16.28 -13.39 24.98
C LYS B 323 -15.96 -11.92 24.78
N LEU B 324 -15.83 -11.19 25.87
CA LEU B 324 -15.52 -9.77 25.80
C LEU B 324 -14.13 -9.63 25.24
N TYR B 325 -13.18 -10.36 25.83
CA TYR B 325 -11.81 -10.34 25.37
C TYR B 325 -11.82 -10.43 23.86
N LYS B 326 -12.33 -11.53 23.33
CA LYS B 326 -12.39 -11.66 21.89
C LYS B 326 -12.97 -10.38 21.29
N GLU B 327 -14.10 -9.96 21.82
CA GLU B 327 -14.77 -8.77 21.31
C GLU B 327 -13.86 -7.57 21.31
N VAL B 328 -13.14 -7.40 22.41
CA VAL B 328 -12.23 -6.27 22.62
C VAL B 328 -11.00 -6.23 21.74
N ARG B 329 -10.27 -7.34 21.72
CA ARG B 329 -9.07 -7.40 20.93
C ARG B 329 -9.36 -7.13 19.47
N GLN B 330 -10.60 -7.36 19.05
CA GLN B 330 -10.94 -7.13 17.66
C GLN B 330 -11.02 -5.65 17.29
N ARG B 331 -10.99 -4.78 18.30
CA ARG B 331 -11.08 -3.34 18.03
C ARG B 331 -9.91 -2.51 18.52
N THR B 332 -9.07 -3.08 19.39
CA THR B 332 -7.99 -2.29 19.94
C THR B 332 -6.61 -2.90 20.10
N ASN B 333 -5.62 -2.09 19.74
CA ASN B 333 -4.22 -2.48 19.83
C ASN B 333 -3.64 -1.96 21.12
N ALA B 334 -4.46 -2.01 22.17
CA ALA B 334 -4.04 -1.54 23.49
C ALA B 334 -3.56 -2.61 24.43
N LEU B 335 -3.61 -3.87 24.03
CA LEU B 335 -3.08 -4.86 24.94
C LEU B 335 -1.91 -5.61 24.35
N ASP B 336 -0.80 -5.44 25.05
CA ASP B 336 0.47 -6.02 24.69
C ASP B 336 0.44 -7.54 24.58
N VAL B 337 0.66 -8.06 23.37
CA VAL B 337 0.70 -9.52 23.16
C VAL B 337 1.09 -10.32 24.40
N GLN B 338 2.27 -10.03 24.93
CA GLN B 338 2.78 -10.70 26.11
C GLN B 338 1.79 -10.60 27.25
N PHE B 339 1.10 -9.46 27.35
CA PHE B 339 0.14 -9.30 28.42
C PHE B 339 -0.99 -10.28 28.20
N CYS B 340 -1.71 -10.06 27.09
CA CYS B 340 -2.82 -10.92 26.71
C CYS B 340 -2.45 -12.32 27.15
N TRP B 341 -1.33 -12.82 26.66
CA TRP B 341 -0.93 -14.16 27.03
C TRP B 341 -0.82 -14.36 28.53
N TYR B 342 -0.05 -13.54 29.21
CA TYR B 342 0.10 -13.72 30.63
C TYR B 342 -1.25 -13.69 31.31
N LEU B 343 -2.19 -12.95 30.74
CA LEU B 343 -3.54 -12.85 31.32
C LEU B 343 -4.23 -14.18 31.27
N ILE B 344 -4.51 -14.59 30.05
CA ILE B 344 -5.16 -15.86 29.81
C ILE B 344 -4.54 -16.92 30.70
N GLN B 345 -3.22 -16.99 30.71
CA GLN B 345 -2.50 -17.98 31.49
C GLN B 345 -2.65 -17.87 32.99
N THR B 346 -2.54 -16.67 33.53
CA THR B 346 -2.68 -16.56 34.99
C THR B 346 -4.11 -16.81 35.36
N LEU B 347 -5.02 -16.40 34.49
CA LEU B 347 -6.44 -16.63 34.75
C LEU B 347 -6.81 -18.10 34.61
N ARG B 348 -6.21 -18.78 33.63
CA ARG B 348 -6.52 -20.18 33.38
C ARG B 348 -6.02 -21.11 34.48
N PHE B 349 -4.83 -20.87 35.02
CA PHE B 349 -4.30 -21.74 36.07
C PHE B 349 -4.64 -21.33 37.49
N ASN B 350 -5.69 -20.54 37.66
CA ASN B 350 -6.09 -20.13 39.00
C ASN B 350 -7.61 -20.25 39.15
N GLY B 351 -8.25 -20.70 38.08
CA GLY B 351 -9.70 -20.86 38.10
C GLY B 351 -10.39 -19.53 37.99
N THR B 352 -9.62 -18.46 38.13
CA THR B 352 -10.14 -17.12 38.06
C THR B 352 -11.17 -16.89 36.95
N ARG B 353 -10.91 -17.41 35.76
CA ARG B 353 -11.87 -17.20 34.72
C ARG B 353 -12.04 -18.26 33.70
N VAL B 354 -12.94 -17.95 32.76
CA VAL B 354 -13.32 -18.90 31.74
C VAL B 354 -12.62 -18.75 30.40
N PHE B 355 -11.57 -19.54 30.16
CA PHE B 355 -10.85 -19.43 28.89
C PHE B 355 -10.69 -20.66 28.00
N SER B 356 -11.20 -20.52 26.78
CA SER B 356 -11.18 -21.56 25.74
C SER B 356 -9.85 -22.01 25.19
N LYS B 357 -9.62 -23.33 25.17
CA LYS B 357 -8.37 -23.87 24.64
C LYS B 357 -8.01 -23.23 23.30
N GLU B 358 -8.97 -23.19 22.37
CA GLU B 358 -8.71 -22.61 21.07
C GLU B 358 -8.18 -21.19 21.16
N THR B 359 -8.79 -20.38 22.02
CA THR B 359 -8.35 -19.00 22.17
C THR B 359 -7.01 -18.88 22.90
N SER B 360 -6.77 -19.75 23.88
CA SER B 360 -5.50 -19.71 24.62
C SER B 360 -4.35 -19.99 23.67
N ASP B 361 -4.29 -21.21 23.15
CA ASP B 361 -3.22 -21.55 22.22
C ASP B 361 -3.14 -20.48 21.13
N GLU B 362 -4.31 -19.99 20.70
CA GLU B 362 -4.37 -18.95 19.68
C GLU B 362 -3.46 -17.78 20.01
N ALA B 363 -3.42 -17.44 21.30
CA ALA B 363 -2.59 -16.34 21.74
C ALA B 363 -1.25 -16.81 22.28
N THR B 364 -1.06 -18.11 22.44
CA THR B 364 0.23 -18.59 22.91
C THR B 364 1.15 -18.54 21.71
N PHE B 365 0.65 -18.92 20.55
CA PHE B 365 1.48 -18.87 19.35
C PHE B 365 1.96 -17.46 19.23
N ALA B 366 0.99 -16.54 19.18
CA ALA B 366 1.27 -15.13 19.04
C ALA B 366 2.56 -14.73 19.75
N PHE B 367 2.57 -14.88 21.07
CA PHE B 367 3.72 -14.54 21.92
C PHE B 367 4.96 -15.34 21.57
N ALA B 368 4.87 -16.66 21.66
CA ALA B 368 5.99 -17.55 21.36
C ALA B 368 6.62 -17.25 20.01
N ALA B 369 5.93 -16.47 19.20
CA ALA B 369 6.43 -16.09 17.88
C ALA B 369 7.33 -14.87 17.98
N GLN B 370 6.85 -13.86 18.68
CA GLN B 370 7.61 -12.65 18.88
C GLN B 370 8.92 -13.05 19.52
N LEU B 371 8.83 -13.97 20.47
CA LEU B 371 10.02 -14.45 21.12
C LEU B 371 10.95 -15.15 20.15
N GLU B 372 10.43 -15.58 19.00
CA GLU B 372 11.27 -16.27 18.05
C GLU B 372 11.98 -15.28 17.18
N PHE B 373 11.24 -14.24 16.87
CA PHE B 373 11.64 -13.11 16.02
C PHE B 373 12.78 -12.39 16.63
N ALA B 374 12.75 -12.45 17.95
CA ALA B 374 13.68 -11.82 18.85
C ALA B 374 14.96 -12.60 19.01
N GLN B 375 14.90 -13.90 18.72
CA GLN B 375 16.03 -14.79 18.89
C GLN B 375 16.14 -15.23 20.33
N LEU B 376 14.96 -15.22 20.99
CA LEU B 376 14.85 -15.67 22.35
C LEU B 376 14.22 -17.09 22.32
N HIS B 377 14.95 -18.06 21.88
CA HIS B 377 14.51 -19.44 21.76
C HIS B 377 14.03 -20.08 23.08
N GLY B 378 14.73 -19.85 24.21
CA GLY B 378 14.33 -20.40 25.51
C GLY B 378 13.03 -19.80 26.03
N HIS B 379 12.87 -18.49 25.90
CA HIS B 379 11.64 -17.88 26.28
C HIS B 379 10.58 -18.34 25.32
N SER B 380 10.85 -18.28 24.03
CA SER B 380 9.92 -18.70 22.99
C SER B 380 9.50 -20.14 23.22
N LEU B 381 10.46 -21.04 23.33
CA LEU B 381 10.19 -22.46 23.57
C LEU B 381 9.33 -22.66 24.84
N PHE B 382 9.79 -22.12 25.93
CA PHE B 382 9.06 -22.25 27.18
C PHE B 382 7.59 -21.91 27.05
N VAL B 383 7.29 -20.71 26.52
CA VAL B 383 5.90 -20.30 26.37
C VAL B 383 5.16 -21.25 25.46
N SER B 384 5.92 -22.03 24.71
CA SER B 384 5.28 -22.98 23.84
C SER B 384 4.64 -24.11 24.63
N CYS B 385 5.17 -24.41 25.81
CA CYS B 385 4.63 -25.49 26.61
C CYS B 385 3.15 -25.36 27.03
N PHE B 386 2.64 -24.13 27.03
CA PHE B 386 1.24 -23.92 27.40
C PHE B 386 0.35 -24.24 26.24
N LEU B 387 0.90 -25.04 25.34
CA LEU B 387 0.16 -25.48 24.17
C LEU B 387 -0.69 -26.66 24.63
N ASN B 388 -1.97 -26.63 24.29
CA ASN B 388 -2.88 -27.71 24.65
C ASN B 388 -2.74 -28.78 23.59
N ASP B 389 -2.87 -28.35 22.34
CA ASP B 389 -2.79 -29.22 21.18
C ASP B 389 -1.48 -30.04 21.12
N ASP B 390 -1.46 -31.26 21.68
CA ASP B 390 -0.24 -32.06 21.65
C ASP B 390 0.45 -32.17 20.29
N LYS B 391 -0.33 -32.17 19.21
CA LYS B 391 0.27 -32.28 17.89
C LYS B 391 1.09 -31.03 17.65
N ALA B 392 0.44 -29.87 17.81
CA ALA B 392 1.08 -28.58 17.60
C ALA B 392 2.31 -28.40 18.48
N ALA B 393 2.17 -28.70 19.76
CA ALA B 393 3.30 -28.58 20.67
C ALA B 393 4.48 -29.29 20.03
N GLU B 394 4.37 -30.61 19.93
CA GLU B 394 5.41 -31.44 19.33
C GLU B 394 5.88 -30.76 18.07
N ASP B 395 4.92 -30.46 17.20
CA ASP B 395 5.19 -29.82 15.92
C ASP B 395 6.14 -28.63 16.04
N THR B 396 5.84 -27.70 16.94
CA THR B 396 6.70 -26.55 17.10
C THR B 396 8.03 -26.93 17.69
N ILE B 397 7.98 -27.41 18.93
CA ILE B 397 9.17 -27.83 19.62
C ILE B 397 10.18 -28.54 18.72
N LYS B 398 9.76 -29.59 18.04
CA LYS B 398 10.67 -30.31 17.17
C LYS B 398 11.34 -29.30 16.24
N ARG B 399 10.52 -28.43 15.63
CA ARG B 399 11.04 -27.42 14.70
C ARG B 399 12.01 -26.45 15.34
N LEU B 400 11.54 -25.73 16.34
CA LEU B 400 12.34 -24.75 17.05
C LEU B 400 13.69 -25.34 17.42
N VAL B 401 13.68 -26.43 18.17
CA VAL B 401 14.94 -27.06 18.57
C VAL B 401 15.81 -27.52 17.40
N MET B 402 15.24 -28.26 16.46
CA MET B 402 16.02 -28.75 15.32
C MET B 402 16.84 -27.67 14.64
N ARG B 403 16.36 -26.43 14.66
CA ARG B 403 17.06 -25.33 14.01
C ARG B 403 18.02 -24.52 14.88
N GLU B 404 17.67 -24.32 16.15
CA GLU B 404 18.51 -23.51 17.03
C GLU B 404 19.15 -24.24 18.18
N ILE B 405 19.68 -25.43 17.94
CA ILE B 405 20.28 -26.17 19.03
C ILE B 405 21.50 -25.49 19.61
N THR B 406 22.45 -25.15 18.73
CA THR B 406 23.68 -24.51 19.19
C THR B 406 23.35 -23.37 20.12
N LEU B 407 22.37 -22.58 19.72
CA LEU B 407 21.95 -21.44 20.49
C LEU B 407 21.37 -21.82 21.86
N LEU B 408 20.73 -22.98 21.93
CA LEU B 408 20.13 -23.44 23.17
C LEU B 408 21.08 -24.28 24.00
N ARG B 409 22.36 -24.26 23.66
CA ARG B 409 23.33 -25.07 24.40
C ARG B 409 24.23 -24.38 25.44
N ALA B 410 25.48 -24.84 25.50
CA ALA B 410 26.55 -24.39 26.40
C ALA B 410 26.43 -23.20 27.40
N SER B 411 25.99 -21.99 26.99
CA SER B 411 25.95 -20.87 27.96
C SER B 411 24.55 -20.22 28.16
N THR B 412 23.48 -20.75 27.62
CA THR B 412 22.29 -19.93 27.78
C THR B 412 21.84 -19.95 29.24
N ASN B 413 22.49 -20.85 30.00
CA ASN B 413 22.39 -21.13 31.43
C ASN B 413 22.80 -22.59 31.62
N ASP B 414 23.17 -23.18 30.49
CA ASP B 414 23.64 -24.55 30.39
C ASP B 414 22.70 -25.73 30.46
N HIS B 415 21.41 -25.52 30.63
CA HIS B 415 20.57 -26.71 30.56
C HIS B 415 19.13 -26.50 30.12
N ILE B 416 18.69 -25.29 29.81
CA ILE B 416 17.26 -25.01 29.54
C ILE B 416 16.39 -26.16 29.10
N LEU B 417 16.92 -26.96 28.17
CA LEU B 417 16.22 -28.10 27.61
C LEU B 417 15.87 -29.22 28.60
N ASN B 418 16.78 -29.50 29.53
CA ASN B 418 16.52 -30.55 30.52
C ASN B 418 15.52 -29.98 31.49
N ARG B 419 15.60 -28.67 31.65
CA ARG B 419 14.70 -27.96 32.54
C ARG B 419 13.28 -28.00 32.01
N LEU B 420 13.14 -27.98 30.69
CA LEU B 420 11.81 -28.02 30.11
C LEU B 420 11.38 -29.45 29.79
N LYS B 421 12.04 -30.43 30.40
CA LYS B 421 11.70 -31.83 30.15
C LYS B 421 11.63 -32.17 28.66
N ILE B 422 12.44 -31.52 27.84
CA ILE B 422 12.47 -31.79 26.41
C ILE B 422 13.03 -33.19 26.18
N PRO B 423 12.58 -33.89 25.12
CA PRO B 423 13.02 -35.25 24.77
C PRO B 423 14.51 -35.57 24.62
N SER B 424 15.04 -36.46 25.47
CA SER B 424 16.43 -36.87 25.38
C SER B 424 16.81 -37.13 23.92
N GLN B 425 15.96 -37.88 23.23
CA GLN B 425 16.24 -38.21 21.83
C GLN B 425 16.31 -36.97 20.94
N LEU B 426 15.27 -36.14 20.92
CA LEU B 426 15.23 -34.92 20.09
C LEU B 426 16.52 -34.11 20.17
N ILE B 427 17.01 -33.95 21.38
CA ILE B 427 18.24 -33.22 21.60
C ILE B 427 19.34 -33.91 20.82
N PHE B 428 19.63 -35.15 21.20
CA PHE B 428 20.67 -35.92 20.53
C PHE B 428 20.49 -35.91 19.01
N ASN B 429 19.26 -36.13 18.57
CA ASN B 429 18.98 -36.15 17.13
C ASN B 429 19.35 -34.83 16.44
N ALA B 430 18.67 -33.74 16.81
CA ALA B 430 18.92 -32.45 16.18
C ALA B 430 20.35 -31.98 16.36
N GLN B 431 20.93 -32.35 17.49
CA GLN B 431 22.31 -32.00 17.80
C GLN B 431 23.17 -32.67 16.75
N ALA B 432 23.12 -33.98 16.77
CA ALA B 432 23.89 -34.77 15.82
C ALA B 432 23.74 -34.18 14.42
N LEU B 433 22.51 -33.86 14.04
CA LEU B 433 22.31 -33.32 12.70
C LEU B 433 23.16 -32.08 12.37
N LYS B 434 23.30 -31.15 13.30
CA LYS B 434 24.09 -29.99 12.95
C LYS B 434 25.57 -30.28 12.97
N ASP B 435 26.05 -30.94 14.01
CA ASP B 435 27.47 -31.28 14.07
C ASP B 435 27.81 -31.85 12.69
N ARG B 436 26.89 -32.68 12.21
CA ARG B 436 26.96 -33.37 10.92
C ARG B 436 27.00 -32.32 9.79
N TYR B 437 26.14 -31.32 9.89
CA TYR B 437 26.05 -30.25 8.91
C TYR B 437 27.36 -29.48 8.90
N GLU B 438 27.76 -28.98 10.07
CA GLU B 438 29.00 -28.23 10.18
C GLU B 438 30.14 -29.12 9.69
N GLY B 439 30.01 -30.42 9.93
CA GLY B 439 31.03 -31.37 9.51
C GLY B 439 31.58 -31.17 8.10
N ASN B 440 30.71 -31.01 7.10
CA ASN B 440 31.18 -30.84 5.73
C ASN B 440 31.64 -29.42 5.45
N TYR B 441 30.87 -28.46 5.94
CA TYR B 441 31.18 -27.05 5.76
C TYR B 441 32.67 -26.75 6.03
N LEU B 442 33.23 -27.36 7.08
CA LEU B 442 34.63 -27.15 7.51
C LEU B 442 35.80 -27.65 6.63
N ASP C 20 10.84 63.34 129.02
CA ASP C 20 10.44 62.98 130.41
C ASP C 20 8.91 62.78 130.49
N GLU C 21 8.20 63.29 129.49
CA GLU C 21 6.74 63.16 129.42
C GLU C 21 6.42 61.96 128.53
N ILE C 22 7.48 61.24 128.18
CA ILE C 22 7.39 60.05 127.35
C ILE C 22 7.13 58.78 128.18
N ASP C 23 7.13 58.90 129.51
CA ASP C 23 6.88 57.72 130.37
C ASP C 23 5.40 57.46 130.58
N ASN C 24 4.53 58.38 130.17
CA ASN C 24 3.12 58.11 130.30
C ASN C 24 2.68 57.64 128.93
N ALA C 25 3.67 57.57 128.06
CA ALA C 25 3.48 57.09 126.71
C ALA C 25 3.98 55.64 126.81
N LYS C 26 4.50 55.30 127.98
CA LYS C 26 5.02 53.96 128.26
C LYS C 26 4.29 53.37 129.49
N LEU C 27 3.92 54.21 130.47
CA LEU C 27 3.21 53.78 131.68
C LEU C 27 1.79 53.44 131.27
N ILE C 28 1.29 54.27 130.36
CA ILE C 28 -0.05 54.10 129.82
C ILE C 28 -0.06 52.71 129.14
N MET C 29 0.77 52.55 128.12
CA MET C 29 0.93 51.32 127.34
C MET C 29 1.34 50.14 128.20
N LYS C 30 1.95 50.44 129.35
CA LYS C 30 2.40 49.39 130.25
C LYS C 30 1.16 48.80 130.90
N GLU C 31 0.23 49.68 131.28
CA GLU C 31 -1.01 49.24 131.91
C GLU C 31 -1.88 48.43 130.95
N ARG C 32 -1.86 48.83 129.69
CA ARG C 32 -2.67 48.16 128.69
C ARG C 32 -2.09 46.87 128.12
N ARG C 33 -0.79 46.65 128.34
CA ARG C 33 -0.12 45.46 127.81
C ARG C 33 0.16 45.64 126.30
N PHE C 34 0.29 46.89 125.87
CA PHE C 34 0.52 47.16 124.46
C PHE C 34 1.99 47.26 124.01
N THR C 35 2.51 46.12 123.54
CA THR C 35 3.88 46.00 123.01
C THR C 35 4.05 47.06 121.93
N ALA C 36 5.29 47.41 121.61
CA ALA C 36 5.51 48.40 120.56
C ALA C 36 5.42 47.74 119.18
N SER C 37 5.22 46.42 119.19
CA SER C 37 5.14 45.66 117.95
C SER C 37 3.73 45.21 117.47
N TYR C 38 2.67 45.84 117.97
CA TYR C 38 1.32 45.46 117.55
C TYR C 38 0.89 46.37 116.40
N THR C 39 -0.07 45.89 115.62
CA THR C 39 -0.62 46.62 114.48
C THR C 39 -2.08 46.22 114.33
N PHE C 40 -2.76 46.77 113.34
CA PHE C 40 -4.17 46.48 113.12
C PHE C 40 -4.51 46.33 111.64
N ALA C 41 -5.55 45.55 111.39
CA ALA C 41 -6.02 45.31 110.04
C ALA C 41 -7.52 45.15 110.07
N LYS C 42 -8.21 46.16 109.57
CA LYS C 42 -9.65 46.12 109.54
C LYS C 42 -10.16 46.37 108.14
N PHE C 43 -11.17 45.60 107.77
CA PHE C 43 -11.78 45.73 106.45
C PHE C 43 -12.69 46.95 106.41
N SER C 44 -13.06 47.39 105.21
CA SER C 44 -13.95 48.55 105.09
C SER C 44 -15.29 48.14 104.49
N THR C 45 -16.18 49.11 104.34
CA THR C 45 -17.50 48.88 103.77
C THR C 45 -17.41 48.16 102.42
N GLY C 46 -16.59 48.69 101.50
CA GLY C 46 -16.43 48.09 100.18
C GLY C 46 -15.35 47.03 100.04
N SER C 47 -15.09 46.31 101.13
CA SER C 47 -14.08 45.25 101.21
C SER C 47 -12.65 45.65 100.89
N MET C 48 -12.22 46.72 101.55
CA MET C 48 -10.87 47.23 101.43
C MET C 48 -10.26 46.77 102.74
N LEU C 49 -8.95 46.94 102.89
CA LEU C 49 -8.29 46.55 104.13
C LEU C 49 -7.42 47.69 104.61
N LEU C 50 -7.19 47.74 105.93
CA LEU C 50 -6.41 48.81 106.54
C LEU C 50 -5.28 48.39 107.51
N THR C 51 -4.10 48.98 107.33
CA THR C 51 -2.98 48.65 108.20
C THR C 51 -2.12 49.85 108.47
N LYS C 52 -1.46 49.86 109.62
CA LYS C 52 -0.60 50.98 109.97
C LYS C 52 0.53 51.05 108.96
N ASP C 53 0.89 52.26 108.54
CA ASP C 53 1.98 52.45 107.58
C ASP C 53 2.39 53.92 107.49
N ILE C 54 3.67 54.19 107.77
CA ILE C 54 4.20 55.56 107.76
C ILE C 54 5.01 55.84 106.49
N SER C 58 0.63 58.50 104.73
CA SER C 58 0.48 59.57 105.71
C SER C 58 -0.80 59.43 106.56
N GLY C 59 -1.08 58.19 106.95
CA GLY C 59 -2.25 57.89 107.75
C GLY C 59 -2.22 56.40 107.92
N VAL C 60 -3.01 55.71 107.10
CA VAL C 60 -3.05 54.26 107.18
C VAL C 60 -3.01 53.69 105.77
N SER C 61 -2.91 52.36 105.69
CA SER C 61 -2.85 51.67 104.41
C SER C 61 -4.21 51.18 103.93
N ILE C 62 -4.68 51.75 102.82
CA ILE C 62 -5.95 51.34 102.23
C ILE C 62 -5.61 50.56 100.97
N LYS C 63 -5.53 49.25 101.08
CA LYS C 63 -5.21 48.47 99.91
C LYS C 63 -6.46 47.68 99.56
N ARG C 64 -6.69 47.50 98.26
CA ARG C 64 -7.82 46.77 97.70
C ARG C 64 -7.54 45.27 97.72
N LEU C 65 -8.32 44.53 98.48
CA LEU C 65 -8.19 43.07 98.62
C LEU C 65 -7.85 42.38 97.27
N PRO C 66 -7.11 41.25 97.31
CA PRO C 66 -6.79 40.57 96.04
C PRO C 66 -7.92 39.59 95.68
N THR C 67 -8.31 39.57 94.40
CA THR C 67 -9.39 38.71 93.91
C THR C 67 -8.96 37.40 93.30
N GLU C 68 -9.39 36.29 93.91
CA GLU C 68 -9.03 34.98 93.39
C GLU C 68 -9.96 34.61 92.24
N LEU C 69 -10.42 35.64 91.54
CA LEU C 69 -11.30 35.42 90.40
C LEU C 69 -10.71 36.15 89.21
N GLN C 70 -9.75 35.52 88.53
CA GLN C 70 -9.08 36.13 87.38
C GLN C 70 -9.57 35.58 86.06
N ARG C 71 -10.18 36.44 85.27
CA ARG C 71 -10.69 36.06 83.96
C ARG C 71 -11.14 37.31 83.23
N LYS C 72 -10.20 37.93 82.52
CA LYS C 72 -10.39 39.17 81.79
C LYS C 72 -11.77 39.67 81.33
N PHE C 73 -12.48 38.91 80.51
CA PHE C 73 -13.77 39.39 80.02
C PHE C 73 -14.77 39.97 81.03
N LEU C 74 -14.63 39.58 82.29
CA LEU C 74 -15.55 40.05 83.34
C LEU C 74 -15.56 41.56 83.53
N PHE C 75 -14.55 42.21 83.01
CA PHE C 75 -14.43 43.65 83.16
C PHE C 75 -14.94 44.48 82.01
N ASP C 76 -15.66 43.87 81.09
CA ASP C 76 -16.21 44.60 79.97
C ASP C 76 -17.73 44.57 79.95
N ASP C 77 -18.35 45.75 79.92
CA ASP C 77 -19.80 45.87 79.91
C ASP C 77 -20.47 44.83 79.02
N VAL C 78 -20.03 44.79 77.77
CA VAL C 78 -20.59 43.89 76.79
C VAL C 78 -20.97 42.52 77.32
N TYR C 79 -20.03 41.82 77.94
CA TYR C 79 -20.35 40.50 78.45
C TYR C 79 -21.54 40.53 79.39
N LEU C 80 -21.40 41.24 80.50
CA LEU C 80 -22.50 41.33 81.46
C LEU C 80 -23.78 41.78 80.77
N ASP C 81 -23.65 42.84 79.98
CA ASP C 81 -24.79 43.41 79.25
C ASP C 81 -25.43 42.39 78.32
N LYS C 82 -24.63 41.81 77.43
CA LYS C 82 -25.15 40.84 76.48
C LYS C 82 -25.71 39.59 77.14
N GLU C 83 -24.97 39.06 78.10
CA GLU C 83 -25.40 37.85 78.79
C GLU C 83 -26.70 38.06 79.57
N ILE C 84 -27.13 39.31 79.72
CA ILE C 84 -28.36 39.59 80.44
C ILE C 84 -29.58 39.34 79.56
N GLU C 85 -29.46 39.61 78.26
CA GLU C 85 -30.57 39.37 77.35
C GLU C 85 -30.86 37.87 77.30
N LYS C 86 -29.87 37.09 77.73
CA LYS C 86 -29.97 35.63 77.76
C LYS C 86 -30.93 35.17 78.84
N VAL C 87 -31.47 36.12 79.60
CA VAL C 87 -32.36 35.77 80.68
C VAL C 87 -33.74 36.44 80.72
N THR C 88 -34.58 35.85 81.56
CA THR C 88 -35.95 36.27 81.84
C THR C 88 -36.07 36.45 83.35
N ILE C 89 -36.29 37.70 83.79
CA ILE C 89 -36.42 37.98 85.21
C ILE C 89 -37.85 38.17 85.64
N GLU C 90 -38.11 37.81 86.89
CA GLU C 90 -39.45 37.89 87.42
C GLU C 90 -39.43 37.97 88.94
N ALA C 91 -40.14 38.95 89.49
CA ALA C 91 -40.19 39.17 90.93
C ALA C 91 -40.56 37.88 91.63
N ARG C 92 -40.02 37.67 92.83
CA ARG C 92 -40.32 36.45 93.56
C ARG C 92 -41.71 36.35 94.13
N LYS C 93 -42.05 35.16 94.60
CA LYS C 93 -43.36 34.92 95.16
C LYS C 93 -43.64 35.63 96.48
N SER C 94 -42.60 36.02 97.21
CA SER C 94 -42.80 36.70 98.48
C SER C 94 -42.36 38.16 98.56
N ASN C 95 -42.06 38.78 97.42
CA ASN C 95 -41.65 40.19 97.37
C ASN C 95 -41.34 40.61 95.93
N PRO C 96 -41.22 41.92 95.68
CA PRO C 96 -40.91 42.40 94.33
C PRO C 96 -39.49 42.15 93.84
N TYR C 97 -38.64 41.62 94.72
CA TYR C 97 -37.25 41.35 94.35
C TYR C 97 -37.09 40.28 93.28
N PRO C 98 -36.62 40.70 92.09
CA PRO C 98 -36.38 39.90 90.90
C PRO C 98 -35.54 38.67 91.13
N GLN C 99 -35.90 37.59 90.44
CA GLN C 99 -35.15 36.35 90.51
C GLN C 99 -35.30 35.70 89.14
N ILE C 100 -34.28 34.96 88.70
CA ILE C 100 -34.31 34.38 87.38
C ILE C 100 -35.33 33.30 87.15
N SER C 101 -36.16 33.55 86.15
CA SER C 101 -37.25 32.67 85.74
C SER C 101 -36.73 31.68 84.70
N GLU C 102 -36.13 32.22 83.64
CA GLU C 102 -35.60 31.42 82.54
C GLU C 102 -34.25 31.93 82.05
N SER C 103 -33.31 31.01 81.85
CA SER C 103 -31.98 31.39 81.39
C SER C 103 -31.42 30.44 80.35
N SER C 104 -31.35 30.88 79.09
CA SER C 104 -30.80 30.05 78.04
C SER C 104 -29.31 30.29 78.06
N LEU C 105 -28.67 29.84 79.14
CA LEU C 105 -27.25 30.03 79.28
C LEU C 105 -26.47 28.74 79.08
N LEU C 106 -25.55 28.78 78.12
CA LEU C 106 -24.73 27.62 77.81
C LEU C 106 -23.22 27.94 77.89
N PHE C 107 -22.33 26.95 77.96
CA PHE C 107 -20.89 27.13 78.07
C PHE C 107 -20.40 27.80 76.78
N LYS C 108 -20.90 27.33 75.65
CA LYS C 108 -20.54 27.85 74.33
C LYS C 108 -20.34 29.37 74.37
N ASP C 109 -21.35 30.08 74.86
CA ASP C 109 -21.31 31.54 74.95
C ASP C 109 -19.92 32.04 75.33
N ALA C 110 -19.44 31.61 76.48
CA ALA C 110 -18.14 32.03 77.00
C ALA C 110 -16.92 31.87 76.10
N LEU C 111 -16.92 30.84 75.25
CA LEU C 111 -15.77 30.57 74.38
C LEU C 111 -15.16 31.77 73.66
N ASP C 112 -16.02 32.58 73.02
CA ASP C 112 -15.55 33.74 72.26
C ASP C 112 -14.59 34.69 73.00
N TYR C 113 -14.89 34.97 74.26
CA TYR C 113 -14.11 35.90 75.07
C TYR C 113 -12.81 35.32 75.61
N MET C 114 -12.55 34.04 75.33
CA MET C 114 -11.33 33.39 75.79
C MET C 114 -10.40 33.16 74.60
N GLU C 115 -9.22 32.61 74.88
CA GLU C 115 -8.23 32.32 73.83
C GLU C 115 -8.00 30.83 73.66
N LYS C 116 -8.05 30.37 72.41
CA LYS C 116 -7.90 28.96 72.07
C LYS C 116 -6.73 28.14 72.63
N THR C 117 -5.75 28.79 73.25
CA THR C 117 -4.61 28.03 73.78
C THR C 117 -4.70 27.68 75.27
N SER C 118 -5.48 28.46 76.01
CA SER C 118 -5.61 28.24 77.45
C SER C 118 -6.36 26.99 77.85
N SER C 119 -6.05 26.47 79.02
CA SER C 119 -6.70 25.28 79.51
C SER C 119 -8.17 25.63 79.70
N ASP C 120 -8.46 26.90 80.00
CA ASP C 120 -9.84 27.31 80.18
C ASP C 120 -10.64 26.98 78.93
N TYR C 121 -10.19 27.53 77.80
CA TYR C 121 -10.90 27.27 76.57
C TYR C 121 -11.21 25.78 76.46
N ASN C 122 -10.28 24.93 76.88
CA ASN C 122 -10.50 23.48 76.83
C ASN C 122 -11.62 23.11 77.79
N LEU C 123 -11.38 23.35 79.08
CA LEU C 123 -12.37 23.07 80.10
C LEU C 123 -13.71 23.55 79.64
N TRP C 124 -13.74 24.77 79.12
CA TRP C 124 -15.00 25.30 78.66
C TRP C 124 -15.44 24.59 77.40
N LYS C 125 -14.61 24.60 76.36
CA LYS C 125 -14.99 23.92 75.13
C LYS C 125 -15.50 22.49 75.43
N LEU C 126 -14.84 21.81 76.38
CA LEU C 126 -15.23 20.44 76.73
C LEU C 126 -16.64 20.35 77.24
N SER C 127 -16.91 21.11 78.30
CA SER C 127 -18.22 21.15 78.90
C SER C 127 -19.24 21.48 77.84
N SER C 128 -18.94 22.50 77.08
CA SER C 128 -19.84 22.93 76.04
C SER C 128 -20.22 21.76 75.18
N ILE C 129 -19.38 20.72 75.17
CA ILE C 129 -19.64 19.54 74.38
C ILE C 129 -20.42 18.51 75.19
N LEU C 130 -19.94 18.23 76.38
CA LEU C 130 -20.59 17.27 77.23
C LEU C 130 -21.97 17.69 77.71
N PHE C 131 -22.17 18.99 77.92
CA PHE C 131 -23.47 19.40 78.42
C PHE C 131 -24.34 20.25 77.52
N ASP C 132 -23.77 21.26 76.88
CA ASP C 132 -24.60 22.12 76.05
C ASP C 132 -25.50 21.31 75.13
N PRO C 133 -26.72 21.82 74.87
CA PRO C 133 -27.68 21.15 74.01
C PRO C 133 -27.10 20.94 72.64
N VAL C 134 -27.78 20.10 71.88
CA VAL C 134 -27.35 19.80 70.52
C VAL C 134 -28.32 20.44 69.56
N SER C 135 -27.78 21.27 68.67
CA SER C 135 -28.59 21.97 67.69
C SER C 135 -28.72 21.19 66.40
N TYR C 136 -29.93 20.84 66.03
CA TYR C 136 -30.07 20.16 64.75
C TYR C 136 -30.56 21.19 63.75
N PRO C 137 -29.89 21.26 62.59
CA PRO C 137 -30.11 22.15 61.43
C PRO C 137 -31.40 22.11 60.63
N TYR C 138 -31.90 20.91 60.31
CA TYR C 138 -33.09 20.82 59.50
C TYR C 138 -34.28 20.23 60.23
N LYS C 139 -35.46 20.48 59.69
CA LYS C 139 -36.68 20.02 60.32
C LYS C 139 -36.93 18.53 60.18
N THR C 140 -35.89 17.73 60.45
CA THR C 140 -35.97 16.27 60.38
C THR C 140 -37.35 15.74 60.70
N ASP C 141 -37.80 14.77 59.90
CA ASP C 141 -39.13 14.16 60.02
C ASP C 141 -39.37 13.17 61.14
N ASN C 142 -38.46 12.22 61.29
CA ASN C 142 -38.62 11.20 62.30
C ASN C 142 -37.90 11.44 63.60
N ASP C 143 -38.58 11.11 64.70
CA ASP C 143 -38.06 11.28 66.04
C ASP C 143 -36.98 10.26 66.47
N GLN C 144 -37.12 8.99 66.09
CA GLN C 144 -36.13 7.97 66.49
C GLN C 144 -34.76 8.28 65.91
N VAL C 145 -34.79 8.95 64.77
CA VAL C 145 -33.63 9.41 64.03
C VAL C 145 -32.98 10.63 64.70
N LYS C 146 -33.72 11.73 64.78
CA LYS C 146 -33.22 12.93 65.41
C LYS C 146 -32.53 12.57 66.72
N MET C 147 -33.19 11.76 67.56
CA MET C 147 -32.60 11.34 68.83
C MET C 147 -31.30 10.56 68.65
N ALA C 148 -31.16 9.90 67.52
CA ALA C 148 -29.95 9.11 67.25
C ALA C 148 -28.85 9.99 66.70
N LEU C 149 -29.22 11.04 65.97
CA LEU C 149 -28.23 11.96 65.40
C LEU C 149 -27.53 12.69 66.51
N LEU C 150 -28.30 13.51 67.22
CA LEU C 150 -27.76 14.26 68.35
C LEU C 150 -26.93 13.29 69.19
N LYS C 151 -27.43 12.07 69.36
CA LYS C 151 -26.71 11.04 70.12
C LYS C 151 -25.29 10.98 69.58
N LYS C 152 -25.16 10.89 68.25
CA LYS C 152 -23.87 10.80 67.60
C LYS C 152 -23.15 12.15 67.48
N GLU C 153 -23.84 13.20 67.03
CA GLU C 153 -23.19 14.50 66.90
C GLU C 153 -22.38 14.73 68.15
N ARG C 154 -22.99 14.50 69.29
CA ARG C 154 -22.27 14.70 70.51
C ARG C 154 -21.08 13.76 70.58
N HIS C 155 -21.22 12.57 70.01
CA HIS C 155 -20.14 11.61 70.06
C HIS C 155 -18.88 12.10 69.34
N CYS C 156 -19.01 12.34 68.04
CA CYS C 156 -17.87 12.82 67.27
C CYS C 156 -17.31 14.03 67.97
N ARG C 157 -18.14 15.07 68.10
CA ARG C 157 -17.73 16.31 68.74
C ARG C 157 -16.73 16.08 69.85
N LEU C 158 -17.00 15.10 70.70
CA LEU C 158 -16.09 14.83 71.78
C LEU C 158 -14.83 14.08 71.36
N THR C 159 -14.98 12.96 70.65
CA THR C 159 -13.76 12.26 70.26
C THR C 159 -12.92 13.22 69.42
N SER C 160 -13.57 13.91 68.48
CA SER C 160 -12.88 14.86 67.63
C SER C 160 -12.04 15.84 68.43
N TRP C 161 -12.47 16.12 69.65
CA TRP C 161 -11.74 17.03 70.53
C TRP C 161 -10.50 16.32 71.05
N ILE C 162 -10.70 15.22 71.77
CA ILE C 162 -9.59 14.45 72.31
C ILE C 162 -8.54 14.17 71.23
N VAL C 163 -8.97 14.07 69.98
CA VAL C 163 -8.03 13.80 68.90
C VAL C 163 -7.05 14.95 68.85
N SER C 164 -7.54 16.16 69.12
CA SER C 164 -6.68 17.34 69.10
C SER C 164 -5.84 17.45 70.36
N GLN C 165 -6.33 16.88 71.46
CA GLN C 165 -5.59 16.92 72.71
C GLN C 165 -4.48 15.88 72.74
N ILE C 166 -4.63 14.83 71.94
CA ILE C 166 -3.63 13.79 71.90
C ILE C 166 -2.82 13.88 70.60
N GLY C 167 -3.12 14.92 69.83
CA GLY C 167 -2.43 15.13 68.57
C GLY C 167 -0.93 15.24 68.79
N PRO C 168 -0.46 16.25 69.52
CA PRO C 168 0.98 16.32 69.71
C PRO C 168 1.52 15.01 70.29
N GLU C 169 0.89 14.56 71.37
CA GLU C 169 1.28 13.35 72.09
C GLU C 169 1.58 12.11 71.22
N ILE C 170 0.62 11.73 70.38
CA ILE C 170 0.78 10.56 69.53
C ILE C 170 1.61 10.89 68.29
N GLU C 171 1.16 11.88 67.52
CA GLU C 171 1.84 12.31 66.29
C GLU C 171 3.34 12.20 66.43
N GLU C 172 3.85 12.87 67.46
CA GLU C 172 5.27 12.87 67.72
C GLU C 172 5.77 11.47 68.11
N LYS C 173 4.99 10.75 68.92
CA LYS C 173 5.39 9.40 69.35
C LYS C 173 5.48 8.44 68.14
N ILE C 174 5.08 8.94 66.98
CA ILE C 174 5.13 8.15 65.77
C ILE C 174 6.47 8.32 65.06
N ARG C 175 7.05 9.52 65.15
CA ARG C 175 8.34 9.75 64.51
C ARG C 175 9.34 8.70 65.02
N ASN C 176 9.10 8.20 66.23
CA ASN C 176 9.96 7.21 66.89
C ASN C 176 9.83 5.77 66.41
N SER C 177 9.11 5.68 65.29
CA SER C 177 8.73 4.51 64.52
C SER C 177 9.76 3.49 64.11
N SER C 178 9.75 2.33 64.75
CA SER C 178 10.67 1.30 64.33
C SER C 178 9.87 0.16 63.68
N ASN C 179 8.77 -0.22 64.33
CA ASN C 179 7.90 -1.31 63.87
C ASN C 179 6.64 -0.79 63.20
N GLU C 180 6.67 -0.60 61.88
CA GLU C 180 5.50 -0.09 61.17
C GLU C 180 4.17 -0.59 61.78
N ILE C 181 4.16 -1.83 62.24
CA ILE C 181 2.97 -2.39 62.82
C ILE C 181 2.56 -1.58 64.04
N GLU C 182 3.56 -1.21 64.84
CA GLU C 182 3.32 -0.38 66.03
C GLU C 182 2.82 0.96 65.52
N GLN C 183 3.37 1.41 64.39
CA GLN C 183 2.96 2.68 63.80
C GLN C 183 1.46 2.65 63.51
N ILE C 184 0.98 1.53 62.98
CA ILE C 184 -0.44 1.43 62.67
C ILE C 184 -1.29 1.55 63.91
N PHE C 185 -1.03 0.69 64.89
CA PHE C 185 -1.78 0.73 66.13
C PHE C 185 -1.89 2.16 66.66
N LEU C 186 -0.85 2.94 66.41
CA LEU C 186 -0.84 4.32 66.85
C LEU C 186 -1.82 5.17 66.08
N TYR C 187 -1.86 5.00 64.77
CA TYR C 187 -2.78 5.80 63.97
C TYR C 187 -4.21 5.51 64.38
N LEU C 188 -4.45 4.29 64.83
CA LEU C 188 -5.79 3.93 65.28
C LEU C 188 -6.10 4.73 66.52
N LEU C 189 -5.13 4.78 67.41
CA LEU C 189 -5.25 5.52 68.65
C LEU C 189 -5.66 6.96 68.40
N LEU C 190 -5.56 7.43 67.17
CA LEU C 190 -5.97 8.80 66.89
C LEU C 190 -7.25 8.78 66.09
N ASN C 191 -7.94 7.64 66.06
CA ASN C 191 -9.20 7.54 65.32
C ASN C 191 -9.02 7.84 63.81
N ASP C 192 -7.76 7.93 63.36
CA ASP C 192 -7.41 8.23 61.96
C ASP C 192 -7.18 6.94 61.14
N VAL C 193 -8.29 6.23 60.92
CA VAL C 193 -8.37 4.98 60.19
C VAL C 193 -7.79 5.09 58.81
N VAL C 194 -8.15 6.17 58.11
CA VAL C 194 -7.65 6.35 56.75
C VAL C 194 -6.14 6.15 56.63
N ARG C 195 -5.38 6.88 57.45
CA ARG C 195 -3.94 6.73 57.38
C ARG C 195 -3.48 5.41 58.00
N ALA C 196 -4.18 4.93 59.03
CA ALA C 196 -3.81 3.66 59.67
C ALA C 196 -3.92 2.52 58.66
N SER C 197 -4.91 2.63 57.79
CA SER C 197 -5.15 1.64 56.75
C SER C 197 -4.07 1.73 55.66
N LYS C 198 -3.92 2.93 55.09
CA LYS C 198 -2.91 3.15 54.05
C LYS C 198 -1.62 2.45 54.47
N LEU C 199 -1.14 2.76 55.67
CA LEU C 199 0.08 2.15 56.17
C LEU C 199 0.02 0.62 56.11
N ALA C 200 -1.09 0.06 56.56
CA ALA C 200 -1.27 -1.39 56.56
C ALA C 200 -1.01 -2.04 55.21
N ILE C 201 -1.62 -1.49 54.17
CA ILE C 201 -1.42 -2.03 52.84
C ILE C 201 0.00 -1.82 52.37
N GLU C 202 0.50 -0.60 52.56
CA GLU C 202 1.85 -0.28 52.11
C GLU C 202 2.99 -1.05 52.78
N SER C 203 2.70 -1.78 53.83
CA SER C 203 3.75 -2.54 54.50
C SER C 203 3.61 -4.03 54.22
N LYS C 204 2.68 -4.39 53.36
CA LYS C 204 2.44 -5.79 53.03
C LYS C 204 1.85 -6.47 54.27
N ASN C 205 0.91 -5.77 54.90
CA ASN C 205 0.21 -6.26 56.09
C ASN C 205 -1.26 -5.95 55.88
N GLY C 206 -1.74 -6.29 54.70
CA GLY C 206 -3.11 -6.04 54.29
C GLY C 206 -4.29 -6.53 55.10
N HIS C 207 -4.29 -7.81 55.48
CA HIS C 207 -5.41 -8.36 56.24
C HIS C 207 -5.93 -7.37 57.28
N LEU C 208 -5.01 -6.58 57.85
CA LEU C 208 -5.38 -5.58 58.85
C LEU C 208 -6.25 -4.48 58.23
N SER C 209 -5.83 -3.98 57.08
CA SER C 209 -6.60 -2.94 56.41
C SER C 209 -8.05 -3.38 56.31
N VAL C 210 -8.28 -4.69 56.35
CA VAL C 210 -9.62 -5.21 56.27
C VAL C 210 -10.33 -5.04 57.59
N LEU C 211 -9.73 -5.58 58.64
CA LEU C 211 -10.30 -5.47 59.97
C LEU C 211 -10.52 -4.00 60.27
N ILE C 212 -9.45 -3.22 60.13
CA ILE C 212 -9.52 -1.78 60.34
C ILE C 212 -10.77 -1.22 59.67
N SER C 213 -11.13 -1.82 58.55
CA SER C 213 -12.32 -1.40 57.81
C SER C 213 -13.55 -1.62 58.67
N TYR C 214 -13.62 -2.80 59.26
CA TYR C 214 -14.73 -3.19 60.12
C TYR C 214 -14.74 -2.46 61.46
N LEU C 215 -13.54 -2.20 61.96
CA LEU C 215 -13.35 -1.52 63.25
C LEU C 215 -14.39 -0.45 63.53
N GLY C 216 -14.59 0.45 62.59
CA GLY C 216 -15.56 1.53 62.79
C GLY C 216 -16.99 1.11 63.05
N SER C 217 -17.37 -0.08 62.60
CA SER C 217 -18.73 -0.56 62.78
C SER C 217 -18.87 -1.46 63.97
N ASN C 218 -19.99 -2.18 64.01
CA ASN C 218 -20.26 -3.11 65.08
C ASN C 218 -20.82 -4.39 64.49
N ASP C 219 -19.92 -5.29 64.09
CA ASP C 219 -20.33 -6.55 63.52
C ASP C 219 -19.81 -7.70 64.38
N PRO C 220 -20.72 -8.45 64.99
CA PRO C 220 -20.37 -9.59 65.85
C PRO C 220 -19.50 -10.64 65.15
N ARG C 221 -19.76 -10.88 63.86
CA ARG C 221 -18.98 -11.86 63.11
C ARG C 221 -17.53 -11.59 63.48
N ILE C 222 -17.08 -10.41 63.08
CA ILE C 222 -15.73 -9.94 63.31
C ILE C 222 -15.38 -10.07 64.78
N ARG C 223 -16.09 -9.30 65.60
CA ARG C 223 -15.89 -9.30 67.03
C ARG C 223 -15.46 -10.69 67.49
N ASP C 224 -16.32 -11.68 67.26
CA ASP C 224 -16.01 -13.05 67.66
C ASP C 224 -14.78 -13.59 66.94
N LEU C 225 -14.73 -13.38 65.63
CA LEU C 225 -13.58 -13.84 64.87
C LEU C 225 -12.31 -13.40 65.57
N ALA C 226 -12.33 -12.16 66.07
CA ALA C 226 -11.19 -11.58 66.77
C ALA C 226 -10.92 -12.34 68.06
N GLU C 227 -11.82 -12.17 69.02
CA GLU C 227 -11.70 -12.82 70.32
C GLU C 227 -11.41 -14.32 70.19
N LEU C 228 -12.23 -15.03 69.42
CA LEU C 228 -12.03 -16.47 69.26
C LEU C 228 -10.61 -16.76 68.81
N GLN C 229 -10.03 -15.84 68.03
CA GLN C 229 -8.66 -16.02 67.60
C GLN C 229 -7.76 -15.79 68.79
N LEU C 230 -7.91 -14.63 69.41
CA LEU C 230 -7.12 -14.28 70.59
C LEU C 230 -6.89 -15.47 71.53
N GLN C 231 -7.97 -16.14 71.93
CA GLN C 231 -7.88 -17.29 72.84
C GLN C 231 -6.90 -18.32 72.33
N LYS C 232 -6.98 -18.60 71.03
CA LYS C 232 -6.10 -19.57 70.39
C LYS C 232 -4.65 -19.12 70.48
N TRP C 233 -4.41 -17.83 70.27
CA TRP C 233 -3.05 -17.27 70.30
C TRP C 233 -2.28 -17.41 71.62
N SER C 234 -2.93 -17.90 72.67
CA SER C 234 -2.26 -18.08 73.96
C SER C 234 -1.71 -19.51 74.15
N THR C 235 -1.97 -20.37 73.17
CA THR C 235 -1.51 -21.75 73.19
C THR C 235 -0.28 -21.97 72.30
N GLY C 236 0.88 -22.05 72.96
CA GLY C 236 2.14 -22.22 72.24
C GLY C 236 2.69 -20.96 71.58
N GLY C 237 2.34 -20.77 70.32
CA GLY C 237 2.80 -19.61 69.57
C GLY C 237 2.39 -18.26 70.12
N CYS C 238 3.16 -17.25 69.76
CA CYS C 238 2.88 -15.89 70.21
C CYS C 238 2.93 -14.90 69.04
N SER C 239 1.85 -14.12 68.88
CA SER C 239 1.71 -13.11 67.83
C SER C 239 3.04 -12.53 67.41
N ILE C 240 3.30 -12.52 66.10
CA ILE C 240 4.57 -11.96 65.64
C ILE C 240 4.74 -10.55 66.25
N ASP C 241 3.65 -9.92 66.72
CA ASP C 241 3.76 -8.56 67.23
C ASP C 241 2.76 -8.22 68.29
N LYS C 242 3.20 -7.45 69.27
CA LYS C 242 2.33 -7.02 70.34
C LYS C 242 1.34 -6.08 69.68
N ASN C 243 1.76 -5.58 68.52
CA ASN C 243 0.93 -4.66 67.79
C ASN C 243 -0.19 -5.36 67.03
N ILE C 244 0.10 -6.48 66.39
CA ILE C 244 -0.97 -7.16 65.66
C ILE C 244 -1.98 -7.60 66.70
N SER C 245 -1.50 -8.00 67.87
CA SER C 245 -2.41 -8.42 68.92
C SER C 245 -3.24 -7.23 69.39
N LYS C 246 -2.57 -6.20 69.92
CA LYS C 246 -3.25 -4.99 70.41
C LYS C 246 -4.39 -4.56 69.47
N ILE C 247 -4.15 -4.73 68.17
CA ILE C 247 -5.14 -4.35 67.18
C ILE C 247 -6.35 -5.25 67.17
N TYR C 248 -6.15 -6.56 67.15
CA TYR C 248 -7.29 -7.46 67.18
C TYR C 248 -8.07 -7.15 68.45
N LYS C 249 -7.34 -6.81 69.51
CA LYS C 249 -7.95 -6.47 70.78
C LYS C 249 -8.95 -5.34 70.55
N LEU C 250 -8.58 -4.39 69.70
CA LEU C 250 -9.48 -3.28 69.43
C LEU C 250 -10.76 -3.73 68.73
N LEU C 251 -10.78 -4.98 68.29
CA LEU C 251 -11.97 -5.50 67.61
C LEU C 251 -12.85 -6.24 68.59
N SER C 252 -12.22 -6.96 69.50
CA SER C 252 -12.92 -7.75 70.50
C SER C 252 -14.13 -7.04 71.13
N GLY C 253 -14.01 -5.74 71.37
CA GLY C 253 -15.10 -4.99 71.99
C GLY C 253 -14.53 -4.26 73.18
N SER C 254 -14.51 -4.89 74.35
CA SER C 254 -13.92 -4.27 75.53
C SER C 254 -12.44 -4.64 75.44
N PRO C 255 -11.57 -3.63 75.25
CA PRO C 255 -10.12 -3.78 75.13
C PRO C 255 -9.37 -3.70 76.43
N PHE C 256 -9.94 -2.96 77.38
CA PHE C 256 -9.24 -2.83 78.63
C PHE C 256 -9.53 -3.95 79.61
N GLU C 257 -10.75 -4.48 79.57
CA GLU C 257 -11.15 -5.58 80.45
C GLU C 257 -11.07 -6.87 79.64
N GLY C 258 -9.99 -7.02 78.87
CA GLY C 258 -9.88 -8.19 78.02
C GLY C 258 -8.99 -9.35 78.41
N LEU C 259 -8.96 -10.33 77.51
CA LEU C 259 -8.19 -11.55 77.65
C LEU C 259 -6.73 -11.25 77.28
N PHE C 260 -6.51 -10.06 76.74
CA PHE C 260 -5.17 -9.63 76.33
C PHE C 260 -5.07 -8.12 76.56
N SER C 261 -5.85 -7.68 77.54
CA SER C 261 -5.96 -6.29 77.96
C SER C 261 -4.95 -5.27 77.50
N LEU C 262 -5.39 -4.01 77.47
CA LEU C 262 -4.57 -2.88 77.07
C LEU C 262 -4.29 -2.03 78.28
N LYS C 263 -4.74 -2.49 79.44
CA LYS C 263 -4.55 -1.78 80.69
C LYS C 263 -3.08 -1.43 80.89
N GLU C 264 -2.23 -2.11 80.14
CA GLU C 264 -0.79 -1.90 80.22
C GLU C 264 -0.35 -0.53 79.71
N LEU C 265 -1.15 0.06 78.83
CA LEU C 265 -0.82 1.36 78.23
C LEU C 265 -0.72 2.54 79.18
N GLU C 266 -1.20 2.37 80.41
CA GLU C 266 -1.15 3.45 81.37
C GLU C 266 0.24 4.00 81.58
N SER C 267 1.24 3.28 81.06
CA SER C 267 2.63 3.69 81.21
C SER C 267 3.04 5.01 80.55
N GLU C 268 2.87 5.11 79.23
CA GLU C 268 3.28 6.32 78.51
C GLU C 268 2.13 7.02 77.82
N PHE C 269 1.01 6.33 77.79
CA PHE C 269 -0.18 6.84 77.17
C PHE C 269 -1.00 7.63 78.17
N SER C 270 -1.38 8.83 77.78
CA SER C 270 -2.19 9.69 78.62
C SER C 270 -3.47 8.97 78.99
N TRP C 271 -4.01 9.29 80.17
CA TRP C 271 -5.26 8.70 80.65
C TRP C 271 -6.35 8.83 79.61
N LEU C 272 -6.41 10.05 79.09
CA LEU C 272 -7.35 10.54 78.09
C LEU C 272 -7.17 9.86 76.72
N CYS C 273 -5.96 9.37 76.48
CA CYS C 273 -5.71 8.72 75.22
C CYS C 273 -6.50 7.43 75.22
N LEU C 274 -6.44 6.75 76.38
CA LEU C 274 -7.13 5.50 76.63
C LEU C 274 -8.62 5.70 76.54
N LEU C 275 -9.12 6.64 77.33
CA LEU C 275 -10.54 6.93 77.31
C LEU C 275 -11.03 7.02 75.88
N ASN C 276 -10.34 7.79 75.05
CA ASN C 276 -10.80 7.92 73.68
C ASN C 276 -11.00 6.56 73.06
N LEU C 277 -10.23 5.58 73.51
CA LEU C 277 -10.38 4.23 72.98
C LEU C 277 -11.72 3.67 73.36
N THR C 278 -11.98 3.60 74.66
CA THR C 278 -13.23 3.05 75.13
C THR C 278 -14.43 3.73 74.52
N LEU C 279 -14.26 4.97 74.10
CA LEU C 279 -15.38 5.68 73.50
C LEU C 279 -15.50 5.42 72.00
N CYS C 280 -14.43 4.94 71.39
CA CYS C 280 -14.44 4.67 69.95
C CYS C 280 -14.57 3.21 69.60
N TYR C 281 -13.78 2.35 70.22
CA TYR C 281 -13.82 0.94 69.92
C TYR C 281 -14.41 0.17 71.07
N GLY C 282 -14.57 0.83 72.20
CA GLY C 282 -15.07 0.14 73.36
C GLY C 282 -16.57 0.08 73.63
N GLN C 283 -17.40 -0.22 72.64
CA GLN C 283 -18.83 -0.35 72.92
C GLN C 283 -19.17 -1.22 74.16
N ILE C 284 -19.42 -0.57 75.31
CA ILE C 284 -19.75 -1.27 76.55
C ILE C 284 -21.26 -1.42 76.77
N ASP C 285 -21.67 -2.65 77.09
CA ASP C 285 -23.05 -3.07 77.37
C ASP C 285 -24.24 -2.27 76.76
N GLU C 286 -24.75 -1.25 77.46
CA GLU C 286 -25.88 -0.43 76.95
C GLU C 286 -25.36 0.89 76.31
N TYR C 287 -26.08 1.39 75.30
CA TYR C 287 -25.65 2.56 74.51
C TYR C 287 -25.58 4.01 75.01
N SER C 288 -25.76 4.23 76.30
CA SER C 288 -25.70 5.58 76.87
C SER C 288 -24.27 6.09 76.92
N LEU C 289 -23.95 7.19 76.23
CA LEU C 289 -22.58 7.70 76.28
C LEU C 289 -22.16 7.97 77.71
N GLU C 290 -22.99 8.74 78.40
CA GLU C 290 -22.73 9.06 79.78
C GLU C 290 -22.30 7.77 80.50
N SER C 291 -23.11 6.73 80.37
CA SER C 291 -22.80 5.46 81.03
C SER C 291 -21.53 4.85 80.48
N LEU C 292 -21.26 5.12 79.21
CA LEU C 292 -20.07 4.60 78.54
C LEU C 292 -18.84 5.17 79.21
N VAL C 293 -18.74 6.49 79.17
CA VAL C 293 -17.64 7.20 79.80
C VAL C 293 -17.42 6.56 81.15
N GLN C 294 -18.51 6.42 81.90
CA GLN C 294 -18.49 5.84 83.23
C GLN C 294 -17.80 4.49 83.30
N SER C 295 -17.90 3.72 82.22
CA SER C 295 -17.29 2.38 82.18
C SER C 295 -15.78 2.45 82.26
N HIS C 296 -15.22 3.44 81.59
CA HIS C 296 -13.78 3.64 81.58
C HIS C 296 -13.31 3.93 83.00
N LEU C 297 -13.94 4.92 83.64
CA LEU C 297 -13.58 5.32 84.99
C LEU C 297 -13.43 4.15 85.94
N ASP C 298 -14.21 3.12 85.71
CA ASP C 298 -14.17 1.95 86.57
C ASP C 298 -12.86 1.20 86.53
N LYS C 299 -12.33 0.94 85.34
CA LYS C 299 -11.06 0.22 85.25
C LYS C 299 -9.86 1.09 85.60
N PHE C 300 -9.96 2.41 85.37
CA PHE C 300 -8.83 3.32 85.65
C PHE C 300 -9.14 4.45 86.62
N SER C 301 -8.29 4.68 87.60
CA SER C 301 -8.62 5.76 88.54
C SER C 301 -7.84 7.04 88.27
N LEU C 302 -8.45 7.93 87.49
CA LEU C 302 -7.87 9.22 87.13
C LEU C 302 -7.39 10.08 88.31
N PRO C 303 -6.36 10.93 88.07
CA PRO C 303 -5.80 11.81 89.09
C PRO C 303 -6.85 12.81 89.55
N TYR C 304 -6.71 13.29 90.78
CA TYR C 304 -7.69 14.24 91.29
C TYR C 304 -7.27 15.68 91.31
N ASP C 305 -6.40 16.09 90.39
CA ASP C 305 -5.98 17.48 90.38
C ASP C 305 -6.22 18.14 89.02
N ASP C 306 -6.50 17.31 88.02
CA ASP C 306 -6.83 17.73 86.65
C ASP C 306 -8.29 18.14 86.45
N PRO C 307 -8.50 19.41 86.06
CA PRO C 307 -9.85 19.94 85.82
C PRO C 307 -10.63 19.27 84.67
N ILE C 308 -9.97 18.97 83.55
CA ILE C 308 -10.69 18.33 82.46
C ILE C 308 -11.08 16.95 82.97
N GLY C 309 -10.24 16.38 83.82
CA GLY C 309 -10.52 15.07 84.38
C GLY C 309 -11.82 15.11 85.18
N VAL C 310 -11.79 15.83 86.29
CA VAL C 310 -12.96 16.01 87.14
C VAL C 310 -14.24 16.20 86.33
N ILE C 311 -14.23 17.19 85.45
CA ILE C 311 -15.41 17.45 84.65
C ILE C 311 -16.00 16.19 84.03
N PHE C 312 -15.16 15.22 83.69
CA PHE C 312 -15.67 14.00 83.12
C PHE C 312 -16.45 13.23 84.19
N GLN C 313 -15.84 13.00 85.35
CA GLN C 313 -16.53 12.28 86.42
C GLN C 313 -17.90 12.87 86.66
N LEU C 314 -18.00 14.18 86.59
CA LEU C 314 -19.26 14.83 86.78
C LEU C 314 -20.21 14.41 85.68
N TYR C 315 -19.74 14.43 84.45
CA TYR C 315 -20.62 14.03 83.36
C TYR C 315 -20.97 12.55 83.52
N ALA C 316 -19.94 11.75 83.80
CA ALA C 316 -20.09 10.32 83.94
C ALA C 316 -21.10 9.92 85.00
N ALA C 317 -20.99 10.47 86.19
CA ALA C 317 -21.91 10.10 87.27
C ALA C 317 -23.29 10.77 87.16
N ASN C 318 -24.00 10.42 86.11
CA ASN C 318 -25.34 10.92 85.79
C ASN C 318 -26.24 11.48 86.90
N GLU C 319 -27.06 10.62 87.51
CA GLU C 319 -28.00 11.02 88.56
C GLU C 319 -27.36 11.47 89.86
N ASN C 320 -26.19 10.92 90.23
CA ASN C 320 -25.46 11.32 91.44
C ASN C 320 -24.74 12.64 91.29
N THR C 321 -24.97 13.27 90.15
CA THR C 321 -24.42 14.56 89.79
C THR C 321 -24.07 15.47 90.98
N GLU C 322 -25.08 16.03 91.63
CA GLU C 322 -24.86 16.93 92.74
C GLU C 322 -24.05 16.33 93.88
N LYS C 323 -24.21 15.03 94.07
CA LYS C 323 -23.53 14.32 95.14
C LYS C 323 -22.03 14.26 94.84
N LEU C 324 -21.70 13.97 93.59
CA LEU C 324 -20.30 13.88 93.18
C LEU C 324 -19.70 15.26 93.29
N TYR C 325 -20.39 16.23 92.69
CA TYR C 325 -19.95 17.61 92.72
C TYR C 325 -19.53 17.93 94.15
N LYS C 326 -20.47 17.85 95.07
CA LYS C 326 -20.13 18.12 96.46
C LYS C 326 -18.87 17.34 96.83
N GLU C 327 -18.88 16.05 96.53
CA GLU C 327 -17.76 15.19 96.87
C GLU C 327 -16.45 15.72 96.29
N VAL C 328 -16.52 16.14 95.03
CA VAL C 328 -15.36 16.64 94.29
C VAL C 328 -14.79 17.98 94.74
N ARG C 329 -15.67 18.96 94.89
CA ARG C 329 -15.21 20.26 95.28
C ARG C 329 -14.55 20.19 96.64
N GLN C 330 -14.86 19.18 97.42
CA GLN C 330 -14.27 19.08 98.75
C GLN C 330 -12.80 18.66 98.70
N ARG C 331 -12.31 18.25 97.53
CA ARG C 331 -10.91 17.83 97.41
C ARG C 331 -10.08 18.59 96.40
N THR C 332 -10.72 19.37 95.54
CA THR C 332 -9.95 20.07 94.52
C THR C 332 -10.30 21.50 94.17
N ASN C 333 -9.23 22.29 94.01
CA ASN C 333 -9.33 23.69 93.65
C ASN C 333 -9.14 23.83 92.16
N ALA C 334 -9.41 22.76 91.42
CA ALA C 334 -9.26 22.81 90.00
C ALA C 334 -10.49 23.51 89.48
N LEU C 335 -11.62 23.29 90.14
CA LEU C 335 -12.85 23.92 89.69
C LEU C 335 -13.08 25.38 90.13
N ASP C 336 -12.67 26.28 89.25
CA ASP C 336 -12.80 27.71 89.42
C ASP C 336 -14.19 28.14 89.90
N VAL C 337 -14.26 28.71 91.10
CA VAL C 337 -15.53 29.20 91.65
C VAL C 337 -16.56 29.58 90.58
N GLN C 338 -16.18 30.53 89.73
CA GLN C 338 -17.03 30.99 88.66
C GLN C 338 -17.50 29.84 87.80
N PHE C 339 -16.64 28.85 87.60
CA PHE C 339 -17.04 27.72 86.79
C PHE C 339 -18.13 26.96 87.52
N CYS C 340 -17.77 26.41 88.68
CA CYS C 340 -18.71 25.69 89.51
C CYS C 340 -20.05 26.37 89.34
N TRP C 341 -20.10 27.64 89.65
CA TRP C 341 -21.35 28.34 89.54
C TRP C 341 -21.98 28.24 88.16
N TYR C 342 -21.24 28.63 87.13
CA TYR C 342 -21.80 28.58 85.80
C TYR C 342 -22.29 27.19 85.48
N LEU C 343 -21.66 26.17 86.06
CA LEU C 343 -22.04 24.78 85.82
C LEU C 343 -23.41 24.53 86.36
N ILE C 344 -23.49 24.58 87.68
CA ILE C 344 -24.74 24.39 88.37
C ILE C 344 -25.86 25.11 87.65
N GLN C 345 -25.61 26.38 87.34
CA GLN C 345 -26.60 27.21 86.67
C GLN C 345 -26.97 26.78 85.27
N THR C 346 -26.01 26.45 84.43
CA THR C 346 -26.38 26.05 83.08
C THR C 346 -27.04 24.71 83.13
N LEU C 347 -26.62 23.88 84.08
CA LEU C 347 -27.23 22.56 84.22
C LEU C 347 -28.64 22.65 84.81
N ARG C 348 -28.83 23.58 85.75
CA ARG C 348 -30.13 23.74 86.39
C ARG C 348 -31.21 24.29 85.46
N PHE C 349 -30.87 25.26 84.61
CA PHE C 349 -31.87 25.83 83.72
C PHE C 349 -31.99 25.15 82.36
N ASN C 350 -31.55 23.90 82.26
CA ASN C 350 -31.66 23.18 81.00
C ASN C 350 -32.17 21.76 81.26
N GLY C 351 -32.41 21.46 82.53
CA GLY C 351 -32.90 20.15 82.90
C GLY C 351 -31.79 19.12 82.86
N THR C 352 -30.67 19.52 82.28
CA THR C 352 -29.52 18.65 82.15
C THR C 352 -29.21 17.80 83.37
N ARG C 353 -29.25 18.42 84.55
CA ARG C 353 -28.92 17.66 85.75
C ARG C 353 -29.70 18.00 86.99
N VAL C 354 -29.68 17.06 87.94
CA VAL C 354 -30.38 17.17 89.22
C VAL C 354 -29.67 18.02 90.27
N PHE C 355 -30.09 19.29 90.40
CA PHE C 355 -29.46 20.17 91.39
C PHE C 355 -30.31 20.85 92.45
N SER C 356 -29.95 20.56 93.71
CA SER C 356 -30.62 21.08 94.91
C SER C 356 -30.56 22.56 95.18
N LYS C 357 -31.72 23.18 95.43
CA LYS C 357 -31.77 24.60 95.74
C LYS C 357 -30.71 25.00 96.77
N GLU C 358 -30.64 24.26 97.86
CA GLU C 358 -29.67 24.57 98.89
C GLU C 358 -28.25 24.63 98.36
N THR C 359 -27.88 23.66 97.52
CA THR C 359 -26.55 23.63 96.96
C THR C 359 -26.32 24.71 95.91
N SER C 360 -27.35 25.01 95.12
CA SER C 360 -27.22 26.05 94.09
C SER C 360 -26.92 27.39 94.75
N ASP C 361 -27.89 27.91 95.49
CA ASP C 361 -27.70 29.18 96.17
C ASP C 361 -26.37 29.14 96.94
N GLU C 362 -26.07 27.99 97.53
CA GLU C 362 -24.84 27.80 98.28
C GLU C 362 -23.64 28.24 97.47
N ALA C 363 -23.66 27.94 96.17
CA ALA C 363 -22.57 28.31 95.30
C ALA C 363 -22.84 29.62 94.56
N THR C 364 -24.05 30.14 94.64
CA THR C 364 -24.31 31.40 93.97
C THR C 364 -23.71 32.48 94.85
N PHE C 365 -23.85 32.33 96.16
CA PHE C 365 -23.27 33.32 97.06
C PHE C 365 -21.81 33.36 96.74
N ALA C 366 -21.18 32.20 96.82
CA ALA C 366 -19.75 32.06 96.57
C ALA C 366 -19.27 33.02 95.49
N PHE C 367 -19.79 32.84 94.27
CA PHE C 367 -19.43 33.64 93.11
C PHE C 367 -19.79 35.12 93.30
N ALA C 368 -21.05 35.40 93.53
CA ALA C 368 -21.54 36.76 93.72
C ALA C 368 -20.71 37.53 94.76
N ALA C 369 -19.92 36.80 95.52
CA ALA C 369 -19.08 37.39 96.55
C ALA C 369 -17.76 37.86 95.95
N GLN C 370 -17.14 36.96 95.20
CA GLN C 370 -15.89 37.28 94.55
C GLN C 370 -16.14 38.51 93.70
N LEU C 371 -17.27 38.53 93.04
CA LEU C 371 -17.62 39.67 92.22
C LEU C 371 -17.78 40.93 93.05
N GLU C 372 -17.97 40.77 94.36
CA GLU C 372 -18.14 41.94 95.19
C GLU C 372 -16.77 42.50 95.60
N PHE C 373 -15.77 41.65 95.78
CA PHE C 373 -14.46 42.20 96.07
C PHE C 373 -14.07 42.77 94.73
N ALA C 374 -14.40 42.01 93.70
CA ALA C 374 -14.14 42.38 92.33
C ALA C 374 -14.58 43.81 92.08
N GLN C 375 -15.53 44.28 92.89
CA GLN C 375 -16.04 45.63 92.76
C GLN C 375 -16.86 45.78 91.47
N LEU C 376 -17.00 44.68 90.72
CA LEU C 376 -17.80 44.68 89.50
C LEU C 376 -19.17 44.19 89.93
N HIS C 377 -19.82 45.05 90.70
CA HIS C 377 -21.13 44.83 91.29
C HIS C 377 -22.21 44.47 90.31
N GLY C 378 -22.25 45.18 89.17
CA GLY C 378 -23.24 44.86 88.16
C GLY C 378 -23.39 43.36 88.30
N HIS C 379 -22.27 42.67 88.15
CA HIS C 379 -22.27 41.24 88.28
C HIS C 379 -22.75 40.71 89.63
N SER C 380 -22.07 41.05 90.71
CA SER C 380 -22.45 40.55 92.04
C SER C 380 -23.96 40.53 92.22
N LEU C 381 -24.61 41.50 91.58
CA LEU C 381 -26.06 41.64 91.65
C LEU C 381 -26.71 40.58 90.78
N PHE C 382 -26.44 40.69 89.48
CA PHE C 382 -26.97 39.76 88.49
C PHE C 382 -26.86 38.30 88.95
N VAL C 383 -25.73 37.89 89.50
CA VAL C 383 -25.68 36.52 89.93
C VAL C 383 -26.55 36.37 91.16
N SER C 384 -26.55 37.40 91.99
CA SER C 384 -27.32 37.37 93.21
C SER C 384 -28.76 36.88 93.04
N CYS C 385 -29.42 37.33 91.99
CA CYS C 385 -30.79 36.97 91.75
C CYS C 385 -31.05 35.51 91.42
N PHE C 386 -30.01 34.75 91.11
CA PHE C 386 -30.25 33.34 90.82
C PHE C 386 -30.64 32.61 92.11
N LEU C 387 -30.88 33.37 93.16
CA LEU C 387 -31.22 32.78 94.45
C LEU C 387 -32.66 32.26 94.60
N ASN C 388 -32.80 31.20 95.39
CA ASN C 388 -34.11 30.58 95.63
C ASN C 388 -34.67 30.97 96.99
N ASP C 389 -33.79 31.20 97.96
CA ASP C 389 -34.23 31.60 99.29
C ASP C 389 -34.55 33.08 99.25
N ASP C 390 -35.80 33.37 98.98
CA ASP C 390 -36.28 34.74 98.88
C ASP C 390 -35.83 35.70 99.97
N LYS C 391 -35.64 35.20 101.19
CA LYS C 391 -35.21 36.07 102.27
C LYS C 391 -33.81 36.56 101.94
N ALA C 392 -32.92 35.60 101.68
CA ALA C 392 -31.52 35.90 101.36
C ALA C 392 -31.40 36.81 100.16
N ALA C 393 -32.10 36.49 99.09
CA ALA C 393 -32.06 37.33 97.91
C ALA C 393 -32.28 38.78 98.34
N GLU C 394 -33.50 39.04 98.81
CA GLU C 394 -33.89 40.37 99.28
C GLU C 394 -32.77 40.90 100.14
N ASP C 395 -32.41 40.10 101.13
CA ASP C 395 -31.36 40.45 102.08
C ASP C 395 -30.11 41.00 101.41
N THR C 396 -29.57 40.28 100.42
CA THR C 396 -28.39 40.75 99.74
C THR C 396 -28.68 41.97 98.91
N ILE C 397 -29.52 41.79 97.91
CA ILE C 397 -29.89 42.89 97.04
C ILE C 397 -30.08 44.21 97.76
N LYS C 398 -30.93 44.23 98.78
CA LYS C 398 -31.13 45.48 99.53
C LYS C 398 -29.78 46.02 99.94
N ARG C 399 -28.95 45.16 100.50
CA ARG C 399 -27.61 45.56 100.96
C ARG C 399 -26.71 46.09 99.85
N LEU C 400 -26.46 45.23 98.88
CA LEU C 400 -25.61 45.58 97.74
C LEU C 400 -26.02 46.93 97.17
N VAL C 401 -27.27 47.06 96.76
CA VAL C 401 -27.73 48.32 96.19
C VAL C 401 -27.63 49.51 97.15
N MET C 402 -28.13 49.37 98.37
CA MET C 402 -28.08 50.47 99.33
C MET C 402 -26.70 51.11 99.45
N ARG C 403 -25.65 50.32 99.26
CA ARG C 403 -24.28 50.82 99.38
C ARG C 403 -23.62 51.32 98.10
N GLU C 404 -23.90 50.68 96.97
CA GLU C 404 -23.26 51.05 95.72
C GLU C 404 -24.19 51.60 94.66
N ILE C 405 -25.11 52.48 95.04
CA ILE C 405 -26.02 53.01 94.04
C ILE C 405 -25.33 53.85 92.99
N THR C 406 -24.56 54.84 93.45
CA THR C 406 -23.88 55.73 92.52
C THR C 406 -23.17 54.91 91.46
N LEU C 407 -22.51 53.86 91.91
CA LEU C 407 -21.76 53.00 91.01
C LEU C 407 -22.65 52.27 90.01
N LEU C 408 -23.88 51.96 90.42
CA LEU C 408 -24.82 51.26 89.55
C LEU C 408 -25.67 52.20 88.73
N ARG C 409 -25.30 53.47 88.68
CA ARG C 409 -26.10 54.44 87.94
C ARG C 409 -25.60 54.89 86.55
N ALA C 410 -25.82 56.17 86.26
CA ALA C 410 -25.48 56.86 85.01
C ALA C 410 -24.71 56.22 83.81
N SER C 411 -23.56 55.55 84.00
CA SER C 411 -22.80 55.07 82.83
C SER C 411 -22.52 53.63 82.76
N THR C 412 -23.04 52.74 83.64
CA THR C 412 -22.57 51.33 83.67
C THR C 412 -23.03 50.52 82.44
N ASN C 413 -23.99 51.17 81.86
CA ASN C 413 -24.80 50.87 80.73
C ASN C 413 -25.98 51.88 80.81
N ASP C 414 -26.26 52.40 81.98
CA ASP C 414 -27.34 53.37 82.25
C ASP C 414 -28.72 52.75 82.59
N HIS C 415 -28.79 51.46 82.89
CA HIS C 415 -30.09 50.98 83.46
C HIS C 415 -30.05 49.67 84.18
N ILE C 416 -28.89 49.00 84.29
CA ILE C 416 -28.83 47.63 84.87
C ILE C 416 -29.93 47.21 85.81
N LEU C 417 -30.28 48.11 86.73
CA LEU C 417 -31.29 47.88 87.74
C LEU C 417 -32.72 47.65 87.21
N ASN C 418 -33.10 48.37 86.15
CA ASN C 418 -34.43 48.21 85.58
C ASN C 418 -34.40 46.92 84.81
N ARG C 419 -33.22 46.60 84.31
CA ARG C 419 -33.01 45.38 83.56
C ARG C 419 -33.15 44.17 84.46
N LEU C 420 -32.75 44.31 85.72
CA LEU C 420 -32.86 43.20 86.64
C LEU C 420 -34.17 43.24 87.40
N LYS C 421 -35.14 43.95 86.82
CA LYS C 421 -36.46 44.10 87.41
C LYS C 421 -36.24 44.33 88.91
N ILE C 422 -35.36 45.29 89.21
CA ILE C 422 -35.04 45.65 90.58
C ILE C 422 -36.14 46.51 91.18
N PRO C 423 -36.55 46.18 92.43
CA PRO C 423 -37.62 46.96 93.07
C PRO C 423 -37.47 48.50 93.09
N SER C 424 -38.56 49.12 92.67
CA SER C 424 -38.69 50.56 92.50
C SER C 424 -38.37 51.30 93.78
N GLN C 425 -38.95 50.84 94.89
CA GLN C 425 -38.73 51.49 96.18
C GLN C 425 -37.25 51.47 96.60
N LEU C 426 -36.64 50.29 96.67
CA LEU C 426 -35.23 50.14 97.08
C LEU C 426 -34.31 51.15 96.39
N ILE C 427 -34.51 51.31 95.10
CA ILE C 427 -33.73 52.24 94.33
C ILE C 427 -33.92 53.62 94.91
N PHE C 428 -35.16 54.10 94.85
CA PHE C 428 -35.48 55.42 95.38
C PHE C 428 -34.97 55.58 96.80
N ASN C 429 -35.21 54.59 97.65
CA ASN C 429 -34.77 54.66 99.03
C ASN C 429 -33.24 54.83 99.16
N ALA C 430 -32.47 53.85 98.70
CA ALA C 430 -31.01 53.92 98.82
C ALA C 430 -30.42 55.12 98.09
N GLN C 431 -31.07 55.50 97.01
CA GLN C 431 -30.66 56.64 96.21
C GLN C 431 -30.77 57.85 97.11
N ALA C 432 -32.00 58.13 97.51
CA ALA C 432 -32.28 59.24 98.38
C ALA C 432 -31.28 59.28 99.52
N LEU C 433 -31.03 58.13 100.14
CA LEU C 433 -30.08 58.11 101.25
C LEU C 433 -28.70 58.69 100.93
N LYS C 434 -28.14 58.39 99.76
CA LYS C 434 -26.82 58.95 99.51
C LYS C 434 -26.88 60.40 99.15
N ASP C 435 -27.79 60.78 98.26
CA ASP C 435 -27.90 62.19 97.89
C ASP C 435 -27.89 62.96 99.20
N ARG C 436 -28.63 62.40 100.16
CA ARG C 436 -28.80 62.92 101.52
C ARG C 436 -27.44 62.97 102.22
N TYR C 437 -26.68 61.88 102.08
CA TYR C 437 -25.35 61.77 102.69
C TYR C 437 -24.44 62.82 102.08
N GLU C 438 -24.33 62.81 100.76
CA GLU C 438 -23.50 63.78 100.07
C GLU C 438 -23.97 65.18 100.44
N GLY C 439 -25.27 65.31 100.65
CA GLY C 439 -25.84 66.59 101.02
C GLY C 439 -25.10 67.39 102.08
N ASN C 440 -24.72 66.76 103.19
CA ASN C 440 -24.01 67.48 104.25
C ASN C 440 -22.53 67.63 103.95
N TYR C 441 -21.93 66.56 103.45
CA TYR C 441 -20.52 66.56 103.10
C TYR C 441 -20.11 67.82 102.33
N LEU C 442 -20.97 68.17 101.35
CA LEU C 442 -20.78 69.32 100.47
C LEU C 442 -21.49 70.55 101.08
N ASP D 14 2.71 59.67 115.79
CA ASP D 14 3.68 58.53 115.80
C ASP D 14 3.02 57.20 115.42
N MET D 15 2.32 56.57 116.37
CA MET D 15 1.64 55.30 116.12
C MET D 15 0.13 55.38 116.32
N ILE D 16 -0.59 54.99 115.26
CA ILE D 16 -2.05 54.98 115.25
C ILE D 16 -2.50 53.72 115.97
N HIS D 17 -3.78 53.64 116.31
CA HIS D 17 -4.29 52.46 116.96
C HIS D 17 -5.32 51.82 116.02
N ASP D 18 -6.50 52.42 115.94
CA ASP D 18 -7.54 51.91 115.06
C ASP D 18 -7.93 53.00 114.08
N ALA D 19 -8.37 52.60 112.89
CA ALA D 19 -8.81 53.55 111.88
C ALA D 19 -9.84 52.84 111.00
N GLN D 20 -11.04 53.39 110.90
CA GLN D 20 -12.09 52.74 110.12
C GLN D 20 -12.71 53.60 109.03
N MET D 21 -12.84 53.00 107.86
CA MET D 21 -13.41 53.66 106.72
C MET D 21 -14.88 53.95 106.96
N ASP D 22 -15.38 55.01 106.35
CA ASP D 22 -16.78 55.43 106.46
C ASP D 22 -17.66 54.50 105.61
N TYR D 23 -18.97 54.49 105.84
CA TYR D 23 -19.90 53.69 105.03
C TYR D 23 -19.75 54.39 103.68
N TYR D 24 -20.27 53.82 102.60
CA TYR D 24 -20.12 54.49 101.29
C TYR D 24 -18.66 54.80 100.99
N GLY D 25 -17.73 54.16 101.68
CA GLY D 25 -16.31 54.43 101.44
C GLY D 25 -15.86 55.83 101.02
N THR D 26 -16.20 56.87 101.80
CA THR D 26 -15.80 58.23 101.45
C THR D 26 -14.78 58.82 102.41
N ARG D 27 -15.00 58.67 103.71
CA ARG D 27 -14.04 59.20 104.68
C ARG D 27 -13.19 58.09 105.30
N LEU D 28 -12.35 58.45 106.26
CA LEU D 28 -11.51 57.46 106.92
C LEU D 28 -11.05 58.02 108.26
N ALA D 29 -11.83 57.85 109.31
CA ALA D 29 -11.44 58.37 110.61
C ALA D 29 -10.25 57.61 111.20
N THR D 30 -9.46 58.30 111.99
CA THR D 30 -8.29 57.71 112.62
C THR D 30 -8.04 58.30 113.99
N CYS D 31 -7.26 57.58 114.78
CA CYS D 31 -6.92 58.03 116.11
C CYS D 31 -5.63 57.35 116.50
N SER D 32 -4.76 58.09 117.19
CA SER D 32 -3.47 57.55 117.65
C SER D 32 -3.29 57.93 119.11
N SER D 33 -2.23 57.41 119.73
CA SER D 33 -1.95 57.67 121.13
C SER D 33 -1.69 59.13 121.50
N ASP D 34 -1.76 60.04 120.53
CA ASP D 34 -1.51 61.44 120.81
C ASP D 34 -2.82 62.15 121.14
N ARG D 35 -3.86 61.36 121.41
CA ARG D 35 -5.19 61.86 121.76
C ARG D 35 -5.87 62.65 120.60
N SER D 36 -5.52 62.35 119.37
CA SER D 36 -6.09 63.05 118.23
C SER D 36 -6.91 62.18 117.27
N VAL D 37 -8.19 62.55 117.11
CA VAL D 37 -9.12 61.84 116.23
C VAL D 37 -9.22 62.54 114.85
N LYS D 38 -8.35 62.12 113.92
CA LYS D 38 -8.29 62.71 112.57
C LYS D 38 -9.20 62.06 111.51
N ILE D 39 -9.97 62.87 110.80
CA ILE D 39 -10.86 62.36 109.76
C ILE D 39 -10.38 62.73 108.36
N PHE D 40 -9.81 61.75 107.65
CA PHE D 40 -9.27 61.89 106.29
C PHE D 40 -10.17 61.40 105.24
N ASP D 41 -10.27 62.17 104.21
CA ASP D 41 -11.05 61.78 103.10
C ASP D 41 -10.16 61.04 102.04
N VAL D 42 -10.80 60.05 101.35
CA VAL D 42 -10.10 59.22 100.34
C VAL D 42 -10.84 59.18 99.01
N ARG D 43 -10.73 60.23 98.23
CA ARG D 43 -11.39 60.21 96.95
C ARG D 43 -10.35 59.93 95.88
N ASN D 44 -10.44 58.74 95.30
CA ASN D 44 -9.53 58.28 94.25
C ASN D 44 -8.30 57.56 94.77
N GLY D 45 -8.25 57.34 96.07
CA GLY D 45 -7.10 56.65 96.65
C GLY D 45 -6.16 57.61 97.36
N GLY D 46 -6.43 58.90 97.22
CA GLY D 46 -5.58 59.89 97.87
C GLY D 46 -6.10 60.36 99.22
N GLN D 47 -5.26 60.28 100.25
CA GLN D 47 -5.62 60.70 101.59
C GLN D 47 -5.55 62.25 101.74
N ILE D 48 -6.53 62.83 102.43
CA ILE D 48 -6.62 64.29 102.63
C ILE D 48 -7.31 64.65 103.93
N LEU D 49 -6.57 65.05 104.95
CA LEU D 49 -7.20 65.39 106.24
C LEU D 49 -8.39 66.36 106.09
N ILE D 50 -9.25 66.40 107.10
CA ILE D 50 -10.41 67.28 107.08
C ILE D 50 -10.71 67.90 108.45
N ALA D 51 -10.16 67.32 109.50
CA ALA D 51 -10.36 67.87 110.83
C ALA D 51 -9.61 67.02 111.82
N ASP D 52 -9.13 67.65 112.88
CA ASP D 52 -8.40 66.94 113.91
C ASP D 52 -9.17 67.14 115.20
N LEU D 53 -10.18 66.30 115.43
CA LEU D 53 -10.99 66.41 116.63
C LEU D 53 -10.16 65.97 117.84
N ARG D 54 -9.73 66.96 118.63
CA ARG D 54 -8.93 66.73 119.83
C ARG D 54 -9.87 66.85 121.01
N GLY D 55 -9.67 66.04 122.05
CA GLY D 55 -10.55 66.16 123.18
C GLY D 55 -10.43 65.08 124.23
N HIS D 56 -9.47 64.19 124.08
CA HIS D 56 -9.29 63.13 125.05
C HIS D 56 -8.05 63.34 125.89
N GLU D 57 -8.19 63.16 127.20
CA GLU D 57 -7.08 63.32 128.12
C GLU D 57 -6.08 62.16 127.96
N GLY D 58 -6.48 61.11 127.27
CA GLY D 58 -5.60 59.97 127.07
C GLY D 58 -5.69 59.45 125.65
N PRO D 59 -4.76 58.58 125.23
CA PRO D 59 -4.80 58.04 123.86
C PRO D 59 -6.17 57.47 123.48
N VAL D 60 -6.55 57.61 122.20
CA VAL D 60 -7.83 57.07 121.74
C VAL D 60 -7.59 55.63 121.35
N TRP D 61 -8.54 54.77 121.66
CA TRP D 61 -8.39 53.35 121.36
C TRP D 61 -9.01 52.93 120.05
N GLN D 62 -10.31 52.65 120.03
CA GLN D 62 -10.98 52.23 118.80
C GLN D 62 -11.87 53.35 118.35
N VAL D 63 -12.42 53.23 117.15
CA VAL D 63 -13.31 54.25 116.61
C VAL D 63 -14.33 53.68 115.64
N ALA D 64 -15.57 54.18 115.71
CA ALA D 64 -16.61 53.65 114.83
C ALA D 64 -17.58 54.67 114.21
N TRP D 65 -17.89 54.45 112.95
CA TRP D 65 -18.81 55.30 112.19
C TRP D 65 -20.24 54.82 112.31
N ALA D 66 -21.16 55.71 112.66
CA ALA D 66 -22.56 55.34 112.75
C ALA D 66 -23.12 55.21 111.33
N HIS D 67 -24.34 54.66 111.21
CA HIS D 67 -24.97 54.46 109.91
C HIS D 67 -25.52 55.74 109.28
N PRO D 68 -25.08 56.07 108.05
CA PRO D 68 -25.55 57.29 107.36
C PRO D 68 -27.03 57.64 107.51
N MET D 69 -27.82 56.68 107.93
CA MET D 69 -29.24 56.89 108.13
C MET D 69 -29.49 57.91 109.22
N TYR D 70 -28.48 58.18 110.05
CA TYR D 70 -28.59 59.13 111.16
C TYR D 70 -27.69 60.32 110.91
N GLY D 71 -27.51 60.65 109.65
CA GLY D 71 -26.66 61.78 109.32
C GLY D 71 -25.25 61.27 109.27
N ASN D 72 -24.32 62.07 109.77
CA ASN D 72 -22.93 61.68 109.75
C ASN D 72 -22.35 61.75 111.13
N ILE D 73 -22.30 60.58 111.76
CA ILE D 73 -21.78 60.47 113.11
C ILE D 73 -20.59 59.55 113.24
N LEU D 74 -19.75 59.86 114.22
CA LEU D 74 -18.55 59.09 114.47
C LEU D 74 -18.26 59.17 115.95
N ALA D 75 -18.04 58.04 116.58
CA ALA D 75 -17.75 58.02 118.00
C ALA D 75 -16.35 57.45 118.22
N SER D 76 -15.68 57.92 119.27
CA SER D 76 -14.34 57.47 119.61
C SER D 76 -14.27 57.33 121.12
N CYS D 77 -13.71 56.23 121.61
CA CYS D 77 -13.58 56.02 123.04
C CYS D 77 -12.11 56.28 123.34
N SER D 78 -11.73 56.20 124.61
CA SER D 78 -10.34 56.46 124.98
C SER D 78 -9.94 56.00 126.37
N TYR D 79 -8.65 56.17 126.68
CA TYR D 79 -8.09 55.80 127.98
C TYR D 79 -8.48 56.88 128.99
N ASP D 80 -9.12 57.95 128.50
CA ASP D 80 -9.53 59.03 129.38
C ASP D 80 -10.85 58.69 130.09
N ARG D 81 -11.29 57.45 129.94
CA ARG D 81 -12.53 56.99 130.57
C ARG D 81 -13.78 57.65 129.98
N LYS D 82 -13.58 58.53 129.00
CA LYS D 82 -14.70 59.21 128.36
C LYS D 82 -14.85 58.76 126.91
N VAL D 83 -16.07 58.86 126.38
CA VAL D 83 -16.35 58.50 124.99
C VAL D 83 -16.99 59.70 124.33
N ILE D 84 -16.60 59.98 123.09
CA ILE D 84 -17.16 61.12 122.39
C ILE D 84 -17.88 60.79 121.10
N ILE D 85 -18.95 61.52 120.87
CA ILE D 85 -19.75 61.34 119.67
C ILE D 85 -19.75 62.66 118.91
N TRP D 86 -19.15 62.64 117.73
CA TRP D 86 -19.08 63.84 116.92
C TRP D 86 -20.04 63.83 115.73
N ARG D 87 -21.00 64.75 115.76
CA ARG D 87 -21.99 64.89 114.69
C ARG D 87 -21.39 65.74 113.58
N GLU D 88 -22.20 66.10 112.59
CA GLU D 88 -21.73 66.92 111.50
C GLU D 88 -22.90 67.67 110.90
N GLU D 89 -22.79 68.99 110.82
CA GLU D 89 -23.84 69.81 110.26
C GLU D 89 -23.28 70.83 109.28
N ASN D 90 -23.07 70.43 108.02
CA ASN D 90 -22.55 71.34 107.01
C ASN D 90 -21.05 71.57 107.11
N GLY D 91 -20.31 70.61 107.65
CA GLY D 91 -18.87 70.77 107.80
C GLY D 91 -18.61 71.05 109.26
N THR D 92 -19.71 71.27 109.98
CA THR D 92 -19.68 71.56 111.40
C THR D 92 -19.39 70.29 112.20
N TRP D 93 -18.13 69.90 112.28
CA TRP D 93 -17.83 68.70 113.06
C TRP D 93 -17.70 69.04 114.54
N GLU D 94 -18.83 69.18 115.23
CA GLU D 94 -18.82 69.46 116.66
C GLU D 94 -19.31 68.22 117.35
N LYS D 95 -19.05 68.09 118.65
CA LYS D 95 -19.53 66.93 119.38
C LYS D 95 -20.90 67.25 119.94
N SER D 96 -21.91 66.42 119.64
CA SER D 96 -23.27 66.68 120.11
C SER D 96 -23.52 66.04 121.47
N HIS D 97 -22.69 65.09 121.83
CA HIS D 97 -22.83 64.42 123.11
C HIS D 97 -21.54 63.80 123.58
N GLU D 98 -21.40 63.67 124.90
CA GLU D 98 -20.23 63.05 125.52
C GLU D 98 -20.73 62.15 126.63
N HIS D 99 -19.94 61.15 127.00
CA HIS D 99 -20.36 60.23 128.03
C HIS D 99 -19.20 59.59 128.80
N ALA D 100 -19.11 59.93 130.07
CA ALA D 100 -18.06 59.42 130.94
C ALA D 100 -18.66 58.56 132.04
N GLY D 101 -19.44 57.55 131.65
CA GLY D 101 -20.07 56.68 132.62
C GLY D 101 -19.23 55.56 133.23
N HIS D 102 -17.97 55.44 132.80
CA HIS D 102 -17.09 54.38 133.35
C HIS D 102 -15.90 54.98 134.06
N ASP D 103 -15.42 54.26 135.07
CA ASP D 103 -14.30 54.71 135.89
C ASP D 103 -12.92 54.46 135.32
N SER D 104 -12.76 53.40 134.54
CA SER D 104 -11.47 53.09 133.94
C SER D 104 -11.56 53.28 132.43
N SER D 105 -10.40 53.25 131.76
CA SER D 105 -10.34 53.44 130.32
C SER D 105 -11.39 52.64 129.58
N VAL D 106 -11.69 53.07 128.35
CA VAL D 106 -12.68 52.39 127.54
C VAL D 106 -12.09 51.78 126.28
N ASN D 107 -11.68 50.52 126.38
CA ASN D 107 -11.07 49.80 125.28
C ASN D 107 -11.81 49.69 123.95
N SER D 108 -13.13 49.74 123.93
CA SER D 108 -13.79 49.62 122.64
C SER D 108 -15.22 50.10 122.51
N VAL D 109 -15.60 50.36 121.27
CA VAL D 109 -16.92 50.83 120.99
C VAL D 109 -17.39 50.14 119.72
N CYS D 110 -18.69 50.19 119.47
CA CYS D 110 -19.27 49.55 118.31
C CYS D 110 -20.72 50.01 118.22
N TRP D 111 -21.27 50.03 117.01
CA TRP D 111 -22.65 50.44 116.86
C TRP D 111 -23.54 49.24 116.59
N ALA D 112 -24.77 49.29 117.10
CA ALA D 112 -25.70 48.20 116.91
C ALA D 112 -26.22 48.31 115.50
N PRO D 113 -26.52 47.16 114.85
CA PRO D 113 -27.04 47.15 113.48
C PRO D 113 -28.10 48.24 113.33
N HIS D 114 -27.98 49.06 112.30
CA HIS D 114 -28.88 50.18 112.08
C HIS D 114 -30.38 50.02 112.32
N ASP D 115 -30.89 48.79 112.34
CA ASP D 115 -32.33 48.62 112.55
C ASP D 115 -32.77 48.77 113.99
N TYR D 116 -31.95 48.29 114.93
CA TYR D 116 -32.28 48.41 116.36
C TYR D 116 -32.46 49.88 116.72
N GLY D 117 -31.84 50.75 115.95
CA GLY D 117 -31.93 52.17 116.20
C GLY D 117 -30.52 52.72 116.12
N LEU D 118 -30.16 53.61 117.04
CA LEU D 118 -28.81 54.17 117.07
C LEU D 118 -28.22 53.87 118.43
N ILE D 119 -27.89 52.61 118.66
CA ILE D 119 -27.35 52.21 119.95
C ILE D 119 -25.85 52.01 119.87
N LEU D 120 -25.16 52.47 120.91
CA LEU D 120 -23.71 52.34 120.94
C LEU D 120 -23.24 51.55 122.14
N ALA D 121 -22.39 50.57 121.89
CA ALA D 121 -21.90 49.74 122.97
C ALA D 121 -20.46 50.04 123.29
N CYS D 122 -20.17 50.23 124.58
CA CYS D 122 -18.81 50.53 125.03
C CYS D 122 -18.37 49.64 126.18
N GLY D 123 -17.22 49.00 126.03
CA GLY D 123 -16.70 48.16 127.09
C GLY D 123 -15.51 48.86 127.72
N SER D 124 -15.56 49.07 129.04
CA SER D 124 -14.46 49.74 129.73
C SER D 124 -13.43 48.75 130.23
N SER D 125 -12.48 49.26 131.01
CA SER D 125 -11.42 48.46 131.58
C SER D 125 -11.73 48.19 133.04
N ASP D 126 -12.78 48.85 133.56
CA ASP D 126 -13.16 48.63 134.94
C ASP D 126 -13.99 47.35 135.02
N GLY D 127 -14.29 46.79 133.85
CA GLY D 127 -15.08 45.57 133.79
C GLY D 127 -16.56 45.82 133.59
N ALA D 128 -16.90 46.95 132.98
CA ALA D 128 -18.30 47.30 132.73
C ALA D 128 -18.66 47.40 131.24
N ILE D 129 -19.86 47.87 130.95
CA ILE D 129 -20.31 48.00 129.58
C ILE D 129 -21.48 48.94 129.49
N SER D 130 -21.28 50.13 128.92
CA SER D 130 -22.40 51.05 128.78
C SER D 130 -23.05 50.89 127.42
N LEU D 131 -24.30 51.33 127.31
CA LEU D 131 -25.05 51.22 126.06
C LEU D 131 -25.88 52.46 125.82
N LEU D 132 -25.32 53.38 125.05
CA LEU D 132 -26.01 54.63 124.75
C LEU D 132 -27.04 54.46 123.66
N THR D 133 -28.31 54.64 124.03
CA THR D 133 -29.38 54.57 123.05
C THR D 133 -29.66 56.03 122.82
N TYR D 134 -30.21 56.36 121.65
CA TYR D 134 -30.50 57.74 121.33
C TYR D 134 -32.01 57.99 121.40
N THR D 135 -32.39 59.21 121.77
CA THR D 135 -33.81 59.56 121.86
C THR D 135 -34.12 60.66 120.85
N GLY D 136 -35.29 61.29 120.97
CA GLY D 136 -35.65 62.35 120.06
C GLY D 136 -34.60 63.44 119.88
N GLU D 137 -34.20 64.09 120.97
CA GLU D 137 -33.22 65.17 120.89
C GLU D 137 -31.81 64.86 121.38
N GLY D 138 -31.13 65.85 121.94
CA GLY D 138 -29.78 65.62 122.43
C GLY D 138 -29.78 64.86 123.73
N GLN D 139 -30.60 63.81 123.81
CA GLN D 139 -30.71 63.02 125.02
C GLN D 139 -30.24 61.60 124.79
N TRP D 140 -29.60 61.03 125.79
CA TRP D 140 -29.09 59.66 125.70
C TRP D 140 -29.20 58.88 126.99
N GLU D 141 -30.04 57.85 126.99
CA GLU D 141 -30.20 57.01 128.16
C GLU D 141 -29.05 56.03 128.15
N VAL D 142 -28.66 55.54 129.31
CA VAL D 142 -27.50 54.66 129.34
C VAL D 142 -27.65 53.38 130.14
N LYS D 143 -28.36 52.39 129.62
CA LYS D 143 -28.48 51.13 130.36
C LYS D 143 -27.06 50.51 130.48
N LYS D 144 -26.53 50.43 131.71
CA LYS D 144 -25.18 49.91 131.99
C LYS D 144 -25.08 48.51 132.60
N ILE D 145 -23.96 47.83 132.34
CA ILE D 145 -23.69 46.48 132.83
C ILE D 145 -22.42 46.40 133.68
N ASN D 146 -22.57 46.40 135.00
CA ASN D 146 -21.41 46.32 135.88
C ASN D 146 -20.82 44.91 136.01
N ASN D 147 -19.53 44.86 136.30
CA ASN D 147 -18.82 43.59 136.46
C ASN D 147 -19.15 42.56 135.39
N ALA D 148 -19.08 42.99 134.14
CA ALA D 148 -19.36 42.12 133.00
C ALA D 148 -18.22 41.12 132.80
N HIS D 149 -16.99 41.61 132.97
CA HIS D 149 -15.80 40.78 132.85
C HIS D 149 -15.01 41.02 134.14
N THR D 150 -14.17 40.07 134.54
CA THR D 150 -13.47 40.20 135.80
C THR D 150 -12.44 41.31 135.94
N ILE D 151 -11.51 41.41 135.01
CA ILE D 151 -10.46 42.41 135.13
C ILE D 151 -10.59 43.60 134.18
N GLY D 152 -11.65 43.58 133.38
CA GLY D 152 -11.90 44.64 132.43
C GLY D 152 -12.39 44.03 131.13
N CYS D 153 -12.65 44.87 130.15
CA CYS D 153 -13.13 44.42 128.86
C CYS D 153 -12.31 45.05 127.73
N ASN D 154 -12.08 44.29 126.65
CA ASN D 154 -11.30 44.81 125.52
C ASN D 154 -12.08 44.88 124.22
N ALA D 155 -12.91 43.87 123.99
CA ALA D 155 -13.70 43.79 122.76
C ALA D 155 -15.19 43.84 122.98
N VAL D 156 -15.86 44.39 121.97
CA VAL D 156 -17.30 44.53 121.96
C VAL D 156 -17.74 44.48 120.50
N SER D 157 -18.50 43.44 120.14
CA SER D 157 -18.96 43.30 118.75
C SER D 157 -20.46 43.04 118.71
N TRP D 158 -21.16 43.60 117.74
CA TRP D 158 -22.59 43.36 117.66
C TRP D 158 -22.97 42.16 116.83
N ALA D 159 -23.98 41.42 117.29
CA ALA D 159 -24.44 40.26 116.55
C ALA D 159 -25.27 40.84 115.41
N PRO D 160 -25.11 40.30 114.20
CA PRO D 160 -25.84 40.77 113.00
C PRO D 160 -27.35 40.81 113.24
N ALA D 161 -28.10 41.87 112.92
CA ALA D 161 -29.55 42.00 113.08
C ALA D 161 -30.29 40.90 112.32
N VAL D 162 -30.96 40.02 113.05
CA VAL D 162 -31.71 38.91 112.47
C VAL D 162 -33.21 39.05 112.75
N VAL D 163 -34.02 39.05 111.70
CA VAL D 163 -35.49 39.16 111.84
C VAL D 163 -36.10 37.82 112.29
N PRO D 164 -37.02 37.86 113.28
CA PRO D 164 -37.64 36.63 113.78
C PRO D 164 -38.55 35.97 112.74
N PRO D 171 -47.67 38.37 110.31
CA PRO D 171 -49.12 38.56 110.21
C PRO D 171 -49.68 39.62 111.19
N SER D 172 -49.21 40.86 111.03
CA SER D 172 -49.64 42.01 111.86
C SER D 172 -48.83 43.25 111.49
N GLY D 173 -49.27 44.42 111.97
CA GLY D 173 -48.55 45.64 111.68
C GLY D 173 -47.49 45.91 112.74
N GLN D 174 -46.33 45.26 112.61
CA GLN D 174 -45.25 45.40 113.59
C GLN D 174 -43.82 45.25 113.05
N LYS D 175 -42.88 46.01 113.63
CA LYS D 175 -41.47 45.87 113.28
C LYS D 175 -41.06 44.87 114.37
N PRO D 176 -40.65 43.66 113.97
CA PRO D 176 -40.24 42.57 114.88
C PRO D 176 -39.37 42.89 116.10
N ASN D 177 -39.47 42.03 117.11
CA ASN D 177 -38.68 42.17 118.32
C ASN D 177 -37.51 41.24 118.06
N TYR D 178 -36.32 41.81 117.94
CA TYR D 178 -35.14 41.01 117.65
C TYR D 178 -34.52 40.34 118.88
N ILE D 179 -33.71 39.32 118.63
CA ILE D 179 -33.04 38.59 119.70
C ILE D 179 -32.01 39.51 120.38
N LYS D 180 -31.73 40.64 119.77
CA LYS D 180 -30.79 41.64 120.28
C LYS D 180 -29.61 41.13 121.11
N ARG D 181 -28.74 40.35 120.48
CA ARG D 181 -27.56 39.83 121.16
C ARG D 181 -26.30 40.61 120.73
N PHE D 182 -25.23 40.47 121.52
CA PHE D 182 -23.96 41.14 121.23
C PHE D 182 -22.87 40.48 122.08
N ALA D 183 -21.84 39.91 121.46
CA ALA D 183 -20.78 39.26 122.24
C ALA D 183 -19.84 40.26 122.92
N SER D 184 -18.76 39.76 123.53
CA SER D 184 -17.80 40.63 124.20
C SER D 184 -16.69 39.93 125.00
N GLY D 185 -15.44 40.13 124.59
CA GLY D 185 -14.31 39.53 125.27
C GLY D 185 -13.78 40.45 126.35
N GLY D 186 -12.86 39.96 127.17
CA GLY D 186 -12.31 40.77 128.26
C GLY D 186 -11.03 40.22 128.86
N CYS D 187 -10.65 40.77 130.02
CA CYS D 187 -9.41 40.38 130.70
C CYS D 187 -9.49 39.07 131.49
N ASP D 188 -10.68 38.50 131.57
CA ASP D 188 -10.81 37.25 132.30
C ASP D 188 -10.61 36.02 131.41
N ASN D 189 -10.50 36.26 130.09
CA ASN D 189 -10.28 35.22 129.06
C ASN D 189 -11.60 34.71 128.49
N LEU D 190 -12.69 35.13 129.12
CA LEU D 190 -14.01 34.69 128.69
C LEU D 190 -14.63 35.62 127.67
N ILE D 191 -15.25 35.02 126.68
CA ILE D 191 -15.92 35.81 125.66
C ILE D 191 -17.40 35.62 125.94
N LYS D 192 -17.96 36.45 126.82
CA LYS D 192 -19.37 36.32 127.15
C LYS D 192 -20.34 36.89 126.08
N LEU D 193 -21.35 36.11 125.68
CA LEU D 193 -22.38 36.54 124.73
C LEU D 193 -23.44 37.23 125.59
N TRP D 194 -24.34 38.04 125.02
CA TRP D 194 -25.36 38.72 125.86
C TRP D 194 -26.71 38.81 125.16
N LYS D 195 -27.78 38.98 125.94
CA LYS D 195 -29.13 39.01 125.41
C LYS D 195 -30.02 39.86 126.31
N GLU D 196 -31.33 39.76 126.12
CA GLU D 196 -32.32 40.47 126.93
C GLU D 196 -33.72 40.11 126.44
N GLU D 197 -34.75 40.35 127.27
CA GLU D 197 -36.14 40.03 126.89
C GLU D 197 -37.07 41.23 126.99
N GLU D 198 -36.51 42.44 126.91
CA GLU D 198 -37.28 43.69 126.96
C GLU D 198 -37.57 44.22 128.38
N ASP D 199 -36.64 43.96 129.30
CA ASP D 199 -36.79 44.40 130.69
C ASP D 199 -36.13 45.76 130.93
N GLY D 200 -35.20 46.12 130.06
CA GLY D 200 -34.46 47.38 130.17
C GLY D 200 -33.04 47.05 130.61
N GLN D 201 -32.80 45.75 130.76
CA GLN D 201 -31.51 45.20 131.17
C GLN D 201 -31.06 44.04 130.27
N TRP D 202 -29.77 43.75 130.42
CA TRP D 202 -29.00 42.69 129.78
C TRP D 202 -28.50 41.70 130.82
N LYS D 203 -28.33 40.45 130.39
CA LYS D 203 -27.84 39.38 131.26
C LYS D 203 -26.87 38.53 130.45
N GLU D 204 -25.92 37.89 131.12
CA GLU D 204 -24.94 37.09 130.39
C GLU D 204 -25.44 35.72 129.99
N GLU D 205 -26.03 35.65 128.80
CA GLU D 205 -26.55 34.40 128.26
C GLU D 205 -25.55 33.24 128.36
N GLN D 206 -24.25 33.50 128.17
CA GLN D 206 -23.25 32.42 128.28
C GLN D 206 -21.79 32.90 128.35
N LYS D 207 -20.92 32.04 128.87
CA LYS D 207 -19.49 32.35 128.97
C LYS D 207 -18.77 31.45 127.96
N LEU D 208 -17.57 31.84 127.54
CA LEU D 208 -16.79 31.06 126.60
C LEU D 208 -15.34 31.09 127.04
N GLU D 209 -14.90 30.03 127.73
CA GLU D 209 -13.54 29.97 128.23
C GLU D 209 -12.66 29.03 127.45
N ALA D 210 -11.99 29.54 126.44
CA ALA D 210 -11.11 28.68 125.67
C ALA D 210 -9.71 29.28 125.63
N HIS D 211 -9.62 30.56 125.98
CA HIS D 211 -8.36 31.27 125.96
C HIS D 211 -7.60 31.17 127.28
N SER D 212 -6.29 30.97 127.18
CA SER D 212 -5.44 30.86 128.36
C SER D 212 -4.95 32.19 128.95
N ASP D 213 -5.22 33.31 128.27
CA ASP D 213 -4.83 34.64 128.75
C ASP D 213 -5.86 35.66 128.24
N TRP D 214 -5.60 36.93 128.50
CA TRP D 214 -6.47 38.03 128.08
C TRP D 214 -7.05 37.85 126.67
N VAL D 215 -8.36 38.07 126.53
CA VAL D 215 -8.98 37.99 125.21
C VAL D 215 -8.72 39.40 124.68
N ARG D 216 -8.21 39.52 123.47
CA ARG D 216 -7.94 40.84 122.94
C ARG D 216 -9.11 41.46 122.20
N ASP D 217 -9.60 40.78 121.16
CA ASP D 217 -10.70 41.30 120.38
C ASP D 217 -11.67 40.15 120.11
N VAL D 218 -12.94 40.51 119.88
CA VAL D 218 -13.99 39.53 119.61
C VAL D 218 -14.90 40.06 118.51
N ALA D 219 -14.90 39.44 117.35
CA ALA D 219 -15.76 39.97 116.28
C ALA D 219 -16.87 39.06 115.79
N TRP D 220 -18.09 39.56 115.93
CA TRP D 220 -19.31 38.87 115.55
C TRP D 220 -19.52 38.87 114.02
N ALA D 221 -18.94 37.90 113.30
CA ALA D 221 -19.10 37.82 111.84
C ALA D 221 -20.54 38.13 111.38
N PRO D 222 -20.70 38.88 110.28
CA PRO D 222 -22.05 39.23 109.80
C PRO D 222 -22.65 38.04 109.09
N SER D 223 -23.94 37.82 109.31
CA SER D 223 -24.61 36.68 108.70
C SER D 223 -24.95 36.98 107.26
N ILE D 224 -24.39 36.17 106.35
CA ILE D 224 -24.69 36.30 104.94
C ILE D 224 -26.08 35.69 104.80
N GLY D 225 -27.05 36.22 105.55
CA GLY D 225 -28.41 35.71 105.53
C GLY D 225 -28.47 34.33 106.17
N LEU D 226 -27.30 33.67 106.15
CA LEU D 226 -27.09 32.33 106.68
C LEU D 226 -27.29 32.27 108.20
N PRO D 227 -28.03 31.27 108.69
CA PRO D 227 -28.30 31.12 110.13
C PRO D 227 -27.15 30.61 111.02
N THR D 228 -26.10 30.06 110.42
CA THR D 228 -24.97 29.51 111.16
C THR D 228 -24.04 30.57 111.77
N SER D 229 -24.60 31.49 112.55
CA SER D 229 -23.80 32.56 113.15
C SER D 229 -22.45 32.14 113.78
N THR D 230 -21.40 32.90 113.45
CA THR D 230 -20.04 32.67 113.93
C THR D 230 -19.52 33.86 114.73
N ILE D 231 -18.34 33.70 115.32
CA ILE D 231 -17.71 34.75 116.12
C ILE D 231 -16.23 34.42 116.25
N ALA D 232 -15.37 35.42 116.07
CA ALA D 232 -13.93 35.19 116.16
C ALA D 232 -13.29 35.91 117.35
N SER D 233 -12.22 35.32 117.88
CA SER D 233 -11.53 35.90 119.02
C SER D 233 -10.02 35.64 118.97
N CYS D 234 -9.25 36.58 119.52
CA CYS D 234 -7.78 36.45 119.54
C CYS D 234 -7.30 36.95 120.89
N SER D 235 -6.29 36.28 121.46
CA SER D 235 -5.80 36.65 122.79
C SER D 235 -4.28 36.54 123.02
N GLN D 236 -3.83 37.07 124.16
CA GLN D 236 -2.41 37.03 124.51
C GLN D 236 -1.77 35.67 124.22
N ASP D 237 -2.49 34.57 124.42
CA ASP D 237 -1.91 33.26 124.16
C ASP D 237 -1.48 33.10 122.70
N GLY D 238 -2.05 33.92 121.83
CA GLY D 238 -1.70 33.86 120.42
C GLY D 238 -2.46 32.81 119.63
N ARG D 239 -3.72 32.61 119.99
CA ARG D 239 -4.57 31.65 119.29
C ARG D 239 -5.77 32.43 118.76
N VAL D 240 -6.35 31.95 117.67
CA VAL D 240 -7.52 32.61 117.13
C VAL D 240 -8.59 31.53 117.00
N PHE D 241 -9.71 31.74 117.69
CA PHE D 241 -10.80 30.77 117.65
C PHE D 241 -12.01 31.27 116.90
N ILE D 242 -12.66 30.28 116.27
CA ILE D 242 -13.88 30.40 115.48
C ILE D 242 -14.93 29.62 116.26
N TRP D 243 -15.99 30.31 116.68
CA TRP D 243 -17.03 29.67 117.48
C TRP D 243 -18.33 29.38 116.75
N THR D 244 -18.42 28.16 116.23
CA THR D 244 -19.60 27.69 115.52
C THR D 244 -20.68 27.34 116.53
N CYS D 245 -21.92 27.70 116.23
CA CYS D 245 -23.05 27.43 117.11
C CYS D 245 -24.35 27.48 116.31
N ASP D 246 -25.45 27.24 117.02
CA ASP D 246 -26.82 27.24 116.50
C ASP D 246 -27.71 26.97 117.73
N ASP D 247 -28.88 27.62 117.83
CA ASP D 247 -29.80 27.45 118.96
C ASP D 247 -30.32 26.01 118.98
N ALA D 248 -29.48 25.11 119.45
CA ALA D 248 -29.87 23.72 119.57
C ALA D 248 -30.16 23.61 121.05
N SER D 249 -31.41 23.91 121.40
CA SER D 249 -31.86 23.87 122.79
C SER D 249 -31.10 24.90 123.58
N SER D 250 -31.13 26.14 123.12
CA SER D 250 -30.33 27.11 123.80
C SER D 250 -29.02 26.82 123.11
N ASN D 251 -27.89 27.05 123.73
CA ASN D 251 -26.80 26.83 122.84
C ASN D 251 -25.56 26.18 123.38
N THR D 252 -24.81 25.76 122.39
CA THR D 252 -23.51 25.13 122.53
C THR D 252 -22.57 25.82 121.58
N TRP D 253 -21.62 26.51 122.19
CA TRP D 253 -20.57 27.14 121.42
C TRP D 253 -19.31 26.29 121.45
N SER D 254 -19.05 25.61 120.33
CA SER D 254 -17.89 24.74 120.19
C SER D 254 -16.73 25.45 119.49
N PRO D 255 -15.71 25.82 120.27
CA PRO D 255 -14.54 26.51 119.75
C PRO D 255 -13.72 25.59 118.86
N LYS D 256 -13.02 26.18 117.89
CA LYS D 256 -12.17 25.45 116.97
C LYS D 256 -10.94 26.34 116.79
N LEU D 257 -9.74 25.74 116.84
CA LEU D 257 -8.51 26.52 116.71
C LEU D 257 -8.10 26.91 115.29
N LEU D 258 -7.94 28.22 115.09
CA LEU D 258 -7.55 28.74 113.80
C LEU D 258 -6.05 28.53 113.66
N HIS D 259 -5.29 29.07 114.60
CA HIS D 259 -3.84 28.94 114.57
C HIS D 259 -3.24 29.57 115.82
N LYS D 260 -1.99 29.24 116.09
CA LYS D 260 -1.31 29.82 117.23
C LYS D 260 0.06 30.32 116.77
N PHE D 261 0.37 31.55 117.13
CA PHE D 261 1.64 32.16 116.78
C PHE D 261 2.38 32.28 118.09
N ASN D 262 3.70 32.29 118.06
CA ASN D 262 4.44 32.40 119.31
C ASN D 262 4.27 33.78 119.96
N ASP D 263 3.64 34.71 119.24
CA ASP D 263 3.41 36.07 119.77
C ASP D 263 1.92 36.41 119.79
N VAL D 264 1.56 37.36 120.67
CA VAL D 264 0.18 37.84 120.85
C VAL D 264 -0.50 38.28 119.56
N VAL D 265 -1.84 38.18 119.54
CA VAL D 265 -2.63 38.62 118.39
C VAL D 265 -3.43 39.79 118.92
N TRP D 266 -3.35 40.92 118.24
CA TRP D 266 -4.00 42.15 118.68
C TRP D 266 -5.41 42.43 118.19
N HIS D 267 -5.68 42.08 116.95
CA HIS D 267 -7.01 42.35 116.41
C HIS D 267 -7.49 41.29 115.44
N VAL D 268 -8.80 41.25 115.28
CA VAL D 268 -9.41 40.27 114.41
C VAL D 268 -10.64 40.87 113.75
N SER D 269 -10.72 40.79 112.43
CA SER D 269 -11.91 41.30 111.79
C SER D 269 -12.43 40.42 110.66
N TRP D 270 -13.74 40.50 110.47
CA TRP D 270 -14.41 39.70 109.47
C TRP D 270 -14.65 40.42 108.16
N SER D 271 -14.26 39.76 107.07
CA SER D 271 -14.51 40.31 105.76
C SER D 271 -15.98 39.86 105.51
N ILE D 272 -16.76 40.75 104.92
CA ILE D 272 -18.21 40.67 104.76
C ILE D 272 -18.95 39.59 104.04
N THR D 273 -18.40 39.18 102.91
CA THR D 273 -19.00 38.19 102.04
C THR D 273 -18.53 36.78 102.29
N ALA D 274 -17.21 36.63 102.22
CA ALA D 274 -16.61 35.31 102.34
C ALA D 274 -16.47 34.86 103.77
N ASN D 275 -16.40 35.82 104.66
CA ASN D 275 -16.22 35.54 106.06
C ASN D 275 -14.72 35.27 106.21
N ILE D 276 -13.92 36.09 105.54
CA ILE D 276 -12.47 35.99 105.64
C ILE D 276 -11.98 36.70 106.89
N LEU D 277 -11.10 36.02 107.61
CA LEU D 277 -10.64 36.64 108.82
C LEU D 277 -9.33 37.33 108.61
N ALA D 278 -9.29 38.59 109.01
CA ALA D 278 -8.07 39.35 108.93
C ALA D 278 -7.44 39.21 110.29
N VAL D 279 -6.32 38.49 110.37
CA VAL D 279 -5.69 38.29 111.66
C VAL D 279 -4.51 39.22 111.89
N SER D 280 -4.73 40.24 112.72
CA SER D 280 -3.69 41.20 113.02
C SER D 280 -3.00 40.88 114.34
N GLY D 281 -1.71 40.57 114.26
CA GLY D 281 -0.97 40.27 115.47
C GLY D 281 0.22 39.37 115.20
N GLY D 282 1.11 39.30 116.19
CA GLY D 282 2.28 38.46 116.06
C GLY D 282 3.57 39.18 115.73
N ASP D 283 3.88 39.22 114.44
CA ASP D 283 5.11 39.85 113.95
C ASP D 283 4.90 41.11 113.10
N ASN D 284 4.04 42.02 113.57
CA ASN D 284 3.75 43.25 112.83
C ASN D 284 3.10 42.92 111.48
N LYS D 285 2.86 41.63 111.27
CA LYS D 285 2.24 41.12 110.05
C LYS D 285 0.76 40.83 110.25
N VAL D 286 0.03 40.90 109.16
CA VAL D 286 -1.39 40.65 109.21
C VAL D 286 -1.66 39.55 108.21
N THR D 287 -2.52 38.63 108.61
CA THR D 287 -2.87 37.47 107.79
C THR D 287 -4.34 37.36 107.43
N LEU D 288 -4.61 36.67 106.34
CA LEU D 288 -5.98 36.49 105.93
C LEU D 288 -6.31 35.01 105.99
N TRP D 289 -7.53 34.69 106.42
CA TRP D 289 -7.91 33.30 106.47
C TRP D 289 -9.30 33.08 105.95
N LYS D 290 -9.41 31.99 105.22
CA LYS D 290 -10.67 31.65 104.63
C LYS D 290 -10.96 30.20 104.99
N GLU D 291 -12.19 29.94 105.41
CA GLU D 291 -12.62 28.61 105.80
C GLU D 291 -12.82 27.80 104.53
N SER D 292 -12.11 26.68 104.42
CA SER D 292 -12.20 25.84 103.22
C SER D 292 -13.53 25.09 103.05
N VAL D 293 -13.76 24.58 101.83
CA VAL D 293 -14.97 23.83 101.51
C VAL D 293 -15.03 22.61 102.42
N ASP D 294 -13.96 22.44 103.20
CA ASP D 294 -13.82 21.32 104.12
C ASP D 294 -14.16 21.67 105.57
N GLY D 295 -14.19 22.95 105.91
CA GLY D 295 -14.49 23.31 107.28
C GLY D 295 -13.29 23.77 108.09
N GLN D 296 -12.07 23.33 107.79
CA GLN D 296 -10.94 23.83 108.59
C GLN D 296 -10.24 24.93 107.82
N TRP D 297 -9.80 25.96 108.54
CA TRP D 297 -9.17 27.15 107.96
C TRP D 297 -7.75 26.90 107.52
N VAL D 298 -7.25 27.77 106.65
CA VAL D 298 -5.88 27.71 106.16
C VAL D 298 -5.51 29.12 105.74
N CYS D 299 -4.26 29.50 105.97
CA CYS D 299 -3.80 30.84 105.67
C CYS D 299 -3.85 31.24 104.20
N ILE D 300 -4.40 32.41 103.94
CA ILE D 300 -4.50 32.93 102.58
C ILE D 300 -3.57 34.10 102.32
N SER D 301 -3.29 34.89 103.34
CA SER D 301 -2.42 36.08 103.20
C SER D 301 -1.18 35.77 102.39
N ASP D 302 -0.58 34.62 102.68
CA ASP D 302 0.63 34.12 102.03
C ASP D 302 1.19 34.98 100.89
N ASP E 14 4.29 24.65 13.83
CA ASP E 14 4.77 23.24 13.94
C ASP E 14 4.02 22.30 12.99
N MET E 15 2.81 21.88 13.38
CA MET E 15 2.01 20.98 12.55
C MET E 15 0.67 21.59 12.13
N ILE E 16 0.45 21.60 10.81
CA ILE E 16 -0.75 22.13 10.20
C ILE E 16 -1.82 21.06 10.32
N HIS E 17 -3.07 21.43 10.06
CA HIS E 17 -4.14 20.45 10.12
C HIS E 17 -4.73 20.34 8.72
N ASP E 18 -5.50 21.33 8.31
CA ASP E 18 -6.10 21.32 6.99
C ASP E 18 -5.67 22.57 6.25
N ALA E 19 -5.57 22.49 4.92
CA ALA E 19 -5.21 23.64 4.11
C ALA E 19 -5.84 23.45 2.73
N GLN E 20 -6.64 24.41 2.30
CA GLN E 20 -7.32 24.27 1.02
C GLN E 20 -7.08 25.40 0.03
N MET E 21 -6.81 25.00 -1.20
CA MET E 21 -6.57 25.95 -2.26
C MET E 21 -7.83 26.74 -2.57
N ASP E 22 -7.65 27.97 -3.05
CA ASP E 22 -8.75 28.85 -3.41
C ASP E 22 -9.34 28.40 -4.76
N TYR E 23 -10.55 28.85 -5.10
CA TYR E 23 -11.17 28.55 -6.40
C TYR E 23 -10.21 29.27 -7.34
N TYR E 24 -10.28 29.03 -8.65
CA TYR E 24 -9.36 29.73 -9.55
C TYR E 24 -7.90 29.51 -9.13
N GLY E 25 -7.62 28.50 -8.32
CA GLY E 25 -6.26 28.26 -7.86
C GLY E 25 -5.29 29.43 -7.68
N THR E 26 -5.65 30.44 -6.88
CA THR E 26 -4.77 31.58 -6.67
C THR E 26 -4.21 31.65 -5.25
N ARG E 27 -5.05 31.46 -4.25
CA ARG E 27 -4.56 31.51 -2.88
C ARG E 27 -4.46 30.10 -2.27
N LEU E 28 -4.12 30.02 -0.99
CA LEU E 28 -4.00 28.74 -0.32
C LEU E 28 -4.09 28.96 1.17
N ALA E 29 -5.30 28.97 1.73
CA ALA E 29 -5.44 29.18 3.16
C ALA E 29 -4.94 27.98 3.97
N THR E 30 -4.46 28.26 5.18
CA THR E 30 -3.94 27.22 6.05
C THR E 30 -4.22 27.53 7.50
N CYS E 31 -4.14 26.50 8.32
CA CYS E 31 -4.37 26.65 9.75
C CYS E 31 -3.66 25.50 10.44
N SER E 32 -3.06 25.80 11.59
CA SER E 32 -2.36 24.78 12.37
C SER E 32 -2.79 24.92 13.83
N SER E 33 -2.35 23.99 14.66
CA SER E 33 -2.70 23.98 16.08
C SER E 33 -2.23 25.20 16.89
N ASP E 34 -1.59 26.17 16.24
CA ASP E 34 -1.12 27.35 16.95
C ASP E 34 -2.18 28.45 16.89
N ARG E 35 -3.39 28.08 16.50
CA ARG E 35 -4.51 29.00 16.37
C ARG E 35 -4.33 30.08 15.30
N SER E 36 -3.52 29.80 14.28
CA SER E 36 -3.27 30.78 13.23
C SER E 36 -3.75 30.38 11.83
N VAL E 37 -4.62 31.20 11.27
CA VAL E 37 -5.19 30.97 9.93
C VAL E 37 -4.42 31.79 8.86
N LYS E 38 -3.37 31.19 8.29
CA LYS E 38 -2.51 31.84 7.29
C LYS E 38 -2.96 31.68 5.83
N ILE E 39 -3.04 32.80 5.10
CA ILE E 39 -3.43 32.75 3.70
C ILE E 39 -2.25 33.03 2.76
N PHE E 40 -1.73 32.00 2.14
CA PHE E 40 -0.61 32.10 1.23
C PHE E 40 -0.97 32.05 -0.22
N ASP E 41 -0.33 32.91 -0.96
CA ASP E 41 -0.53 33.01 -2.34
C ASP E 41 0.43 32.07 -3.12
N VAL E 42 -0.06 31.43 -4.22
CA VAL E 42 0.79 30.51 -5.02
C VAL E 42 0.79 30.89 -6.52
N ARG E 43 1.54 31.89 -6.90
CA ARG E 43 1.59 32.25 -8.29
C ARG E 43 2.90 31.70 -8.88
N ASN E 44 2.76 30.70 -9.73
CA ASN E 44 3.89 30.04 -10.40
C ASN E 44 4.46 28.88 -9.61
N GLY E 45 3.83 28.51 -8.51
CA GLY E 45 4.31 27.41 -7.71
C GLY E 45 5.03 27.87 -6.46
N GLY E 46 5.24 29.17 -6.35
CA GLY E 46 5.92 29.72 -5.19
C GLY E 46 4.98 30.21 -4.10
N GLN E 47 5.17 29.71 -2.88
CA GLN E 47 4.35 30.10 -1.73
C GLN E 47 4.77 31.49 -1.18
N ILE E 48 3.79 32.33 -0.83
CA ILE E 48 4.03 33.68 -0.32
C ILE E 48 2.94 34.14 0.63
N LEU E 49 3.18 34.13 1.94
CA LEU E 49 2.16 34.55 2.89
C LEU E 49 1.50 35.90 2.54
N ILE E 50 0.31 36.15 3.07
CA ILE E 50 -0.40 37.40 2.80
C ILE E 50 -1.12 37.93 4.03
N ALA E 51 -1.32 37.09 5.03
CA ALA E 51 -1.98 37.55 6.25
C ALA E 51 -2.05 36.39 7.20
N ASP E 52 -1.98 36.69 8.49
CA ASP E 52 -2.05 35.66 9.51
C ASP E 52 -3.24 35.99 10.38
N LEU E 53 -4.43 35.57 9.95
CA LEU E 53 -5.65 35.84 10.70
C LEU E 53 -5.65 35.01 11.98
N ARG E 54 -5.39 35.69 13.10
CA ARG E 54 -5.37 35.05 14.41
C ARG E 54 -6.67 35.40 15.10
N GLY E 55 -7.22 34.47 15.87
CA GLY E 55 -8.47 34.80 16.54
C GLY E 55 -9.17 33.65 17.23
N HIS E 56 -8.54 32.49 17.26
CA HIS E 56 -9.15 31.34 17.91
C HIS E 56 -8.45 31.00 19.21
N GLU E 57 -9.24 30.75 20.24
CA GLU E 57 -8.71 30.40 21.54
C GLU E 57 -8.11 28.97 21.53
N GLY E 58 -8.42 28.22 20.48
CA GLY E 58 -7.90 26.86 20.38
C GLY E 58 -7.47 26.56 18.96
N PRO E 59 -6.74 25.45 18.75
CA PRO E 59 -6.27 25.10 17.40
C PRO E 59 -7.39 25.13 16.35
N VAL E 60 -7.06 25.52 15.12
CA VAL E 60 -8.07 25.54 14.05
C VAL E 60 -8.08 24.16 13.43
N TRP E 61 -9.27 23.68 13.09
CA TRP E 61 -9.39 22.35 12.52
C TRP E 61 -9.42 22.31 11.00
N GLN E 62 -10.57 22.54 10.39
CA GLN E 62 -10.65 22.52 8.93
C GLN E 62 -10.87 23.93 8.46
N VAL E 63 -10.79 24.13 7.15
CA VAL E 63 -10.99 25.47 6.58
C VAL E 63 -11.55 25.41 5.18
N ALA E 64 -12.47 26.32 4.85
CA ALA E 64 -13.07 26.31 3.51
C ALA E 64 -13.31 27.65 2.85
N TRP E 65 -13.04 27.69 1.54
CA TRP E 65 -13.20 28.90 0.75
C TRP E 65 -14.58 28.98 0.13
N ALA E 66 -15.26 30.10 0.30
CA ALA E 66 -16.58 30.26 -0.31
C ALA E 66 -16.42 30.49 -1.82
N HIS E 67 -17.52 30.45 -2.55
CA HIS E 67 -17.49 30.62 -4.01
C HIS E 67 -17.29 32.08 -4.46
N PRO E 68 -16.25 32.34 -5.25
CA PRO E 68 -15.97 33.71 -5.74
C PRO E 68 -17.18 34.57 -6.12
N MET E 69 -18.31 33.92 -6.33
CA MET E 69 -19.52 34.63 -6.68
C MET E 69 -19.97 35.55 -5.57
N TYR E 70 -19.44 35.33 -4.36
CA TYR E 70 -19.80 36.14 -3.19
C TYR E 70 -18.59 36.95 -2.73
N GLY E 71 -17.75 37.31 -3.67
CA GLY E 71 -16.57 38.06 -3.32
C GLY E 71 -15.51 37.09 -2.92
N ASN E 72 -14.75 37.43 -1.89
CA ASN E 72 -13.69 36.56 -1.44
C ASN E 72 -13.85 36.27 0.02
N ILE E 73 -14.42 35.10 0.30
CA ILE E 73 -14.66 34.69 1.66
C ILE E 73 -13.98 33.38 2.03
N LEU E 74 -13.66 33.26 3.30
CA LEU E 74 -13.00 32.07 3.81
C LEU E 74 -13.42 31.90 5.25
N ALA E 75 -13.87 30.70 5.60
CA ALA E 75 -14.30 30.44 6.95
C ALA E 75 -13.39 29.38 7.58
N SER E 76 -13.21 29.46 8.89
CA SER E 76 -12.37 28.50 9.62
C SER E 76 -13.07 28.21 10.93
N CYS E 77 -13.14 26.94 11.30
CA CYS E 77 -13.77 26.56 12.56
C CYS E 77 -12.62 26.23 13.49
N SER E 78 -12.92 25.88 14.73
CA SER E 78 -11.86 25.57 15.69
C SER E 78 -12.32 24.86 16.95
N TYR E 79 -11.34 24.51 17.80
CA TYR E 79 -11.59 23.84 19.07
C TYR E 79 -12.10 24.87 20.07
N ASP E 80 -12.09 26.14 19.66
CA ASP E 80 -12.55 27.21 20.54
C ASP E 80 -14.08 27.32 20.53
N ARG E 81 -14.73 26.35 19.89
CA ARG E 81 -16.19 26.30 19.83
C ARG E 81 -16.77 27.44 18.97
N LYS E 82 -15.89 28.27 18.41
CA LYS E 82 -16.33 29.38 17.57
C LYS E 82 -15.90 29.18 16.13
N VAL E 83 -16.64 29.76 15.19
CA VAL E 83 -16.31 29.66 13.77
C VAL E 83 -16.20 31.08 13.24
N ILE E 84 -15.21 31.32 12.38
CA ILE E 84 -15.02 32.66 11.83
C ILE E 84 -15.10 32.74 10.33
N ILE E 85 -15.68 33.83 9.86
CA ILE E 85 -15.83 34.08 8.45
C ILE E 85 -15.10 35.37 8.13
N TRP E 86 -14.04 35.26 7.33
CA TRP E 86 -13.26 36.42 6.97
C TRP E 86 -13.50 36.89 5.53
N ARG E 87 -14.07 38.08 5.40
CA ARG E 87 -14.35 38.69 4.09
C ARG E 87 -13.08 39.36 3.58
N GLU E 88 -13.19 40.09 2.48
CA GLU E 88 -12.04 40.80 1.94
C GLU E 88 -12.52 41.97 1.12
N GLU E 89 -12.02 43.16 1.44
CA GLU E 89 -12.41 44.37 0.73
C GLU E 89 -11.18 45.21 0.37
N ASN E 90 -10.54 44.88 -0.75
CA ASN E 90 -9.36 45.63 -1.19
C ASN E 90 -8.08 45.28 -0.43
N GLY E 91 -8.00 44.07 0.10
CA GLY E 91 -6.83 43.66 0.86
C GLY E 91 -7.22 43.68 2.32
N THR E 92 -8.41 44.22 2.56
CA THR E 92 -8.98 44.33 3.89
C THR E 92 -9.47 42.97 4.38
N TRP E 93 -8.57 42.14 4.87
CA TRP E 93 -9.03 40.85 5.36
C TRP E 93 -9.53 40.95 6.80
N GLU E 94 -10.76 41.43 6.97
CA GLU E 94 -11.35 41.54 8.31
C GLU E 94 -12.43 40.50 8.38
N LYS E 95 -12.86 40.16 9.59
CA LYS E 95 -13.93 39.19 9.74
C LYS E 95 -15.27 39.95 9.74
N SER E 96 -16.18 39.58 8.84
CA SER E 96 -17.47 40.27 8.77
C SER E 96 -18.51 39.64 9.69
N HIS E 97 -18.25 38.41 10.10
CA HIS E 97 -19.17 37.71 10.99
C HIS E 97 -18.48 36.61 11.78
N GLU E 98 -19.03 36.31 12.96
CA GLU E 98 -18.52 35.25 13.82
C GLU E 98 -19.72 34.48 14.35
N HIS E 99 -19.51 33.23 14.74
CA HIS E 99 -20.61 32.43 15.24
C HIS E 99 -20.19 31.35 16.20
N ALA E 100 -20.63 31.49 17.45
CA ALA E 100 -20.30 30.55 18.50
C ALA E 100 -21.57 29.86 19.01
N GLY E 101 -22.31 29.26 18.08
CA GLY E 101 -23.55 28.59 18.45
C GLY E 101 -23.44 27.19 19.04
N HIS E 102 -22.23 26.64 19.15
CA HIS E 102 -22.04 25.30 19.71
C HIS E 102 -21.23 25.33 20.98
N ASP E 103 -21.51 24.39 21.87
CA ASP E 103 -20.84 24.32 23.16
C ASP E 103 -19.47 23.64 23.16
N SER E 104 -19.28 22.68 22.27
CA SER E 104 -18.00 21.97 22.20
C SER E 104 -17.30 22.34 20.89
N SER E 105 -16.03 21.94 20.77
CA SER E 105 -15.25 22.24 19.58
C SER E 105 -15.99 21.97 18.29
N VAL E 106 -15.55 22.59 17.22
CA VAL E 106 -16.18 22.41 15.94
C VAL E 106 -15.26 21.75 14.91
N ASN E 107 -15.32 20.43 14.85
CA ASN E 107 -14.49 19.65 13.93
C ASN E 107 -14.50 19.96 12.45
N SER E 108 -15.59 20.50 11.89
CA SER E 108 -15.56 20.75 10.46
C SER E 108 -16.56 21.74 9.89
N VAL E 109 -16.21 22.23 8.71
CA VAL E 109 -17.05 23.19 8.05
C VAL E 109 -17.03 22.85 6.57
N CYS E 110 -17.98 23.40 5.83
CA CYS E 110 -18.10 23.15 4.42
C CYS E 110 -19.14 24.12 3.85
N TRP E 111 -19.02 24.44 2.58
CA TRP E 111 -19.98 25.35 1.98
C TRP E 111 -20.94 24.60 1.08
N ALA E 112 -22.17 25.05 1.04
CA ALA E 112 -23.17 24.41 0.20
C ALA E 112 -22.92 24.83 -1.22
N PRO E 113 -23.18 23.95 -2.20
CA PRO E 113 -22.97 24.28 -3.62
C PRO E 113 -23.47 25.68 -3.90
N HIS E 114 -22.65 26.50 -4.54
CA HIS E 114 -22.98 27.89 -4.81
C HIS E 114 -24.40 28.27 -5.26
N ASP E 115 -25.17 27.32 -5.78
CA ASP E 115 -26.52 27.67 -6.22
C ASP E 115 -27.53 27.83 -5.09
N TYR E 116 -27.44 26.99 -4.06
CA TYR E 116 -28.35 27.07 -2.92
C TYR E 116 -28.27 28.46 -2.30
N GLY E 117 -27.14 29.11 -2.50
CA GLY E 117 -26.91 30.44 -1.95
C GLY E 117 -25.55 30.44 -1.29
N LEU E 118 -25.45 31.04 -0.11
CA LEU E 118 -24.17 31.05 0.61
C LEU E 118 -24.41 30.42 1.96
N ILE E 119 -24.59 29.10 1.98
CA ILE E 119 -24.87 28.41 3.22
C ILE E 119 -23.64 27.68 3.72
N LEU E 120 -23.42 27.74 5.02
CA LEU E 120 -22.27 27.09 5.61
C LEU E 120 -22.67 26.06 6.65
N ALA E 121 -22.11 24.87 6.53
CA ALA E 121 -22.44 23.82 7.46
C ALA E 121 -21.31 23.54 8.42
N CYS E 122 -21.63 23.47 9.71
CA CYS E 122 -20.63 23.20 10.73
C CYS E 122 -21.06 22.11 11.69
N GLY E 123 -20.20 21.11 11.86
CA GLY E 123 -20.51 20.03 12.78
C GLY E 123 -19.62 20.17 14.01
N SER E 124 -20.21 20.26 15.19
CA SER E 124 -19.44 20.40 16.42
C SER E 124 -19.10 19.06 17.03
N SER E 125 -18.54 19.10 18.24
CA SER E 125 -18.14 17.91 18.96
C SER E 125 -19.17 17.64 20.04
N ASP E 126 -20.10 18.57 20.22
CA ASP E 126 -21.13 18.37 21.23
C ASP E 126 -22.23 17.49 20.62
N GLY E 127 -22.08 17.20 19.33
CA GLY E 127 -23.06 16.36 18.64
C GLY E 127 -24.12 17.16 17.93
N ALA E 128 -23.80 18.40 17.55
CA ALA E 128 -24.76 19.26 16.84
C ALA E 128 -24.32 19.62 15.42
N ILE E 129 -25.05 20.53 14.79
CA ILE E 129 -24.74 20.95 13.44
C ILE E 129 -25.41 22.28 13.12
N SER E 130 -24.63 23.35 13.01
CA SER E 130 -25.25 24.63 12.68
C SER E 130 -25.19 24.86 11.17
N LEU E 131 -26.06 25.74 10.68
CA LEU E 131 -26.12 26.03 9.26
C LEU E 131 -26.36 27.50 9.03
N LEU E 132 -25.26 28.23 8.82
CA LEU E 132 -25.34 29.67 8.59
C LEU E 132 -25.75 30.01 7.17
N THR E 133 -26.91 30.60 7.03
CA THR E 133 -27.38 31.03 5.71
C THR E 133 -27.08 32.51 5.77
N TYR E 134 -26.90 33.13 4.62
CA TYR E 134 -26.59 34.54 4.57
C TYR E 134 -27.82 35.33 4.08
N THR E 135 -27.98 36.56 4.56
CA THR E 135 -29.10 37.40 4.15
C THR E 135 -28.57 38.63 3.42
N GLY E 136 -29.42 39.62 3.22
CA GLY E 136 -28.99 40.83 2.54
C GLY E 136 -27.73 41.47 3.10
N GLU E 137 -27.73 41.82 4.39
CA GLU E 137 -26.57 42.47 5.00
C GLU E 137 -25.72 41.60 5.92
N GLY E 138 -25.14 42.21 6.94
CA GLY E 138 -24.30 41.46 7.86
C GLY E 138 -25.13 40.62 8.80
N GLN E 139 -26.15 39.95 8.27
CA GLN E 139 -27.04 39.13 9.07
C GLN E 139 -26.94 37.67 8.69
N TRP E 140 -27.04 36.80 9.69
CA TRP E 140 -26.95 35.37 9.46
C TRP E 140 -27.88 34.55 10.34
N GLU E 141 -28.86 33.90 9.73
CA GLU E 141 -29.79 33.07 10.48
C GLU E 141 -29.10 31.74 10.69
N VAL E 142 -29.45 31.03 11.74
CA VAL E 142 -28.76 29.80 12.00
C VAL E 142 -29.62 28.58 12.31
N LYS E 143 -30.24 27.98 11.31
CA LYS E 143 -31.04 26.78 11.58
C LYS E 143 -30.10 25.67 12.11
N LYS E 144 -30.26 25.28 13.39
CA LYS E 144 -29.41 24.28 14.05
C LYS E 144 -30.01 22.88 14.27
N ILE E 145 -29.14 21.87 14.32
CA ILE E 145 -29.54 20.47 14.51
C ILE E 145 -28.90 19.85 15.75
N ASN E 146 -29.65 19.76 16.85
CA ASN E 146 -29.11 19.18 18.07
C ASN E 146 -29.09 17.65 18.06
N ASN E 147 -28.17 17.09 18.84
CA ASN E 147 -28.00 15.65 18.94
C ASN E 147 -28.06 14.92 17.60
N ALA E 148 -27.29 15.42 16.64
CA ALA E 148 -27.22 14.83 15.30
C ALA E 148 -26.45 13.51 15.33
N HIS E 149 -25.37 13.49 16.12
CA HIS E 149 -24.55 12.30 16.29
C HIS E 149 -24.44 12.10 17.80
N THR E 150 -24.20 10.87 18.25
CA THR E 150 -24.17 10.61 19.67
C THR E 150 -23.07 11.24 20.50
N ILE E 151 -21.82 11.08 20.10
CA ILE E 151 -20.72 11.61 20.89
C ILE E 151 -20.04 12.86 20.32
N GLY E 152 -20.55 13.30 19.18
CA GLY E 152 -20.00 14.47 18.51
C GLY E 152 -19.98 14.22 17.02
N CYS E 153 -19.50 15.19 16.27
CA CYS E 153 -19.42 15.08 14.82
C CYS E 153 -18.02 15.47 14.34
N ASN E 154 -17.53 14.79 13.30
CA ASN E 154 -16.20 15.10 12.76
C ASN E 154 -16.21 15.59 11.33
N ALA E 155 -17.08 14.98 10.51
CA ALA E 155 -17.17 15.32 9.11
C ALA E 155 -18.51 15.90 8.69
N VAL E 156 -18.44 16.75 7.69
CA VAL E 156 -19.59 17.41 7.13
C VAL E 156 -19.29 17.66 5.65
N SER E 157 -20.03 17.03 4.75
CA SER E 157 -19.80 17.20 3.32
C SER E 157 -21.11 17.52 2.60
N TRP E 158 -21.08 18.38 1.59
CA TRP E 158 -22.30 18.71 0.89
C TRP E 158 -22.55 17.82 -0.30
N ALA E 159 -23.82 17.46 -0.51
CA ALA E 159 -24.18 16.63 -1.65
C ALA E 159 -24.17 17.60 -2.84
N PRO E 160 -23.62 17.16 -3.97
CA PRO E 160 -23.53 17.97 -5.18
C PRO E 160 -24.86 18.55 -5.60
N ALA E 161 -24.77 19.83 -6.05
CA ALA E 161 -25.97 20.54 -6.47
C ALA E 161 -26.56 19.89 -7.71
N VAL E 162 -27.75 19.31 -7.55
CA VAL E 162 -28.47 18.64 -8.64
C VAL E 162 -29.78 19.36 -8.96
N VAL E 163 -29.96 19.77 -10.22
CA VAL E 163 -31.18 20.46 -10.66
C VAL E 163 -32.35 19.46 -10.83
N PRO E 164 -33.55 19.80 -10.32
CA PRO E 164 -34.70 18.90 -10.44
C PRO E 164 -35.19 18.75 -11.87
N PRO E 171 -40.70 24.82 -17.12
CA PRO E 171 -41.79 25.58 -17.74
C PRO E 171 -42.34 26.72 -16.86
N SER E 172 -41.48 27.67 -16.50
CA SER E 172 -41.83 28.82 -15.66
C SER E 172 -40.59 29.66 -15.35
N GLY E 173 -40.78 30.87 -14.82
CA GLY E 173 -39.64 31.71 -14.48
C GLY E 173 -39.18 31.44 -13.05
N GLN E 174 -38.39 30.39 -12.87
CA GLN E 174 -37.92 30.01 -11.52
C GLN E 174 -36.54 29.33 -11.47
N LYS E 175 -35.79 29.59 -10.39
CA LYS E 175 -34.52 28.91 -10.16
C LYS E 175 -35.02 27.77 -9.27
N PRO E 176 -34.91 26.52 -9.76
CA PRO E 176 -35.36 25.31 -9.05
C PRO E 176 -35.11 25.16 -7.56
N ASN E 177 -35.96 24.36 -6.92
CA ASN E 177 -35.82 24.08 -5.49
C ASN E 177 -35.06 22.77 -5.48
N TYR E 178 -33.84 22.81 -4.97
CA TYR E 178 -33.01 21.62 -4.94
C TYR E 178 -33.30 20.67 -3.78
N ILE E 179 -32.85 19.43 -3.92
CA ILE E 179 -33.05 18.42 -2.88
C ILE E 179 -32.22 18.79 -1.64
N LYS E 180 -31.33 19.76 -1.79
CA LYS E 180 -30.47 20.24 -0.71
C LYS E 180 -30.05 19.25 0.37
N ARG E 181 -29.31 18.22 -0.02
CA ARG E 181 -28.84 17.21 0.92
C ARG E 181 -27.34 17.45 1.26
N PHE E 182 -26.88 16.82 2.34
CA PHE E 182 -25.49 16.93 2.77
C PHE E 182 -25.21 15.84 3.79
N ALA E 183 -24.26 14.94 3.51
CA ALA E 183 -23.97 13.87 4.48
C ALA E 183 -23.20 14.33 5.71
N SER E 184 -22.77 13.40 6.55
CA SER E 184 -22.00 13.76 7.74
C SER E 184 -21.70 12.61 8.72
N GLY E 185 -20.42 12.32 8.91
CA GLY E 185 -20.01 11.25 9.83
C GLY E 185 -19.77 11.81 11.22
N GLY E 186 -19.57 10.93 12.19
CA GLY E 186 -19.36 11.37 13.57
C GLY E 186 -18.78 10.31 14.49
N CYS E 187 -18.81 10.59 15.79
CA CYS E 187 -18.26 9.68 16.80
C CYS E 187 -19.12 8.47 17.14
N ASP E 188 -20.33 8.41 16.59
CA ASP E 188 -21.21 7.30 16.87
C ASP E 188 -21.02 6.16 15.87
N ASN E 189 -20.23 6.41 14.82
CA ASN E 189 -19.92 5.44 13.74
C ASN E 189 -20.90 5.56 12.57
N LEU E 190 -21.95 6.34 12.79
CA LEU E 190 -22.97 6.50 11.77
C LEU E 190 -22.70 7.67 10.85
N ILE E 191 -22.94 7.46 9.57
CA ILE E 191 -22.76 8.51 8.62
C ILE E 191 -24.16 8.92 8.22
N LYS E 192 -24.75 9.85 8.96
CA LYS E 192 -26.10 10.29 8.64
C LYS E 192 -26.21 11.27 7.46
N LEU E 193 -27.11 10.99 6.51
CA LEU E 193 -27.36 11.87 5.35
C LEU E 193 -28.40 12.88 5.85
N TRP E 194 -28.60 14.02 5.18
CA TRP E 194 -29.61 14.99 5.68
C TRP E 194 -30.33 15.68 4.54
N LYS E 195 -31.40 16.40 4.83
CA LYS E 195 -32.17 16.96 3.73
C LYS E 195 -32.95 18.16 4.19
N GLU E 196 -33.05 19.17 3.33
CA GLU E 196 -33.79 20.38 3.70
C GLU E 196 -35.27 20.20 3.43
N GLU E 197 -36.03 19.91 4.49
CA GLU E 197 -37.47 19.69 4.39
C GLU E 197 -38.14 20.91 3.78
N GLU E 198 -39.08 20.68 2.87
CA GLU E 198 -39.78 21.78 2.19
C GLU E 198 -40.20 22.94 3.08
N ASP E 199 -40.46 22.67 4.35
CA ASP E 199 -40.88 23.72 5.28
C ASP E 199 -39.76 24.64 5.73
N GLY E 200 -38.58 24.07 5.95
CA GLY E 200 -37.49 24.90 6.42
C GLY E 200 -36.42 24.24 7.24
N GLN E 201 -36.69 23.11 7.90
CA GLN E 201 -35.59 22.51 8.66
C GLN E 201 -35.12 21.16 8.12
N TRP E 202 -33.91 20.79 8.52
CA TRP E 202 -33.27 19.58 8.06
C TRP E 202 -33.68 18.38 8.91
N LYS E 203 -33.71 17.21 8.28
CA LYS E 203 -34.04 15.97 8.97
C LYS E 203 -33.10 14.88 8.47
N GLU E 204 -32.84 13.87 9.30
CA GLU E 204 -31.93 12.82 8.88
C GLU E 204 -32.53 11.78 7.98
N GLU E 205 -32.46 12.04 6.67
CA GLU E 205 -32.98 11.14 5.67
C GLU E 205 -32.55 9.68 5.88
N GLN E 206 -31.32 9.43 6.34
CA GLN E 206 -30.87 8.05 6.59
C GLN E 206 -29.58 7.93 7.39
N LYS E 207 -29.37 6.76 8.00
CA LYS E 207 -28.16 6.49 8.78
C LYS E 207 -27.35 5.47 7.98
N LEU E 208 -26.04 5.41 8.24
CA LEU E 208 -25.17 4.46 7.56
C LEU E 208 -24.19 3.89 8.58
N GLU E 209 -24.49 2.70 9.08
CA GLU E 209 -23.64 2.09 10.09
C GLU E 209 -22.81 0.94 9.54
N ALA E 210 -21.61 1.25 9.09
CA ALA E 210 -20.76 0.18 8.58
C ALA E 210 -19.42 0.20 9.31
N HIS E 211 -19.14 1.31 9.98
CA HIS E 211 -17.88 1.47 10.68
C HIS E 211 -17.96 1.00 12.11
N SER E 212 -16.89 0.31 12.54
CA SER E 212 -16.80 -0.21 13.90
C SER E 212 -16.30 0.79 14.96
N ASP E 213 -15.86 1.98 14.53
CA ASP E 213 -15.38 3.01 15.46
C ASP E 213 -15.66 4.38 14.84
N TRP E 214 -15.20 5.44 15.50
CA TRP E 214 -15.38 6.81 15.03
C TRP E 214 -15.23 6.99 13.53
N VAL E 215 -16.15 7.70 12.90
CA VAL E 215 -16.04 7.97 11.48
C VAL E 215 -15.15 9.21 11.48
N ARG E 216 -14.10 9.22 10.67
CA ARG E 216 -13.23 10.38 10.66
C ARG E 216 -13.63 11.47 9.69
N ASP E 217 -13.72 11.10 8.41
CA ASP E 217 -14.09 12.07 7.39
C ASP E 217 -15.10 11.40 6.44
N VAL E 218 -15.91 12.23 5.79
CA VAL E 218 -16.93 11.76 4.86
C VAL E 218 -16.97 12.69 3.66
N ALA E 219 -16.59 12.20 2.47
CA ALA E 219 -16.61 13.10 1.32
C ALA E 219 -17.55 12.74 0.20
N TRP E 220 -18.47 13.65 -0.07
CA TRP E 220 -19.48 13.51 -1.11
C TRP E 220 -18.90 13.71 -2.53
N ALA E 221 -18.35 12.67 -3.14
CA ALA E 221 -17.78 12.77 -4.51
C ALA E 221 -18.65 13.64 -5.44
N PRO E 222 -18.02 14.49 -6.28
CA PRO E 222 -18.78 15.35 -7.19
C PRO E 222 -19.28 14.54 -8.36
N SER E 223 -20.51 14.82 -8.78
CA SER E 223 -21.09 14.09 -9.88
C SER E 223 -20.57 14.60 -11.20
N ILE E 224 -19.91 13.72 -11.95
CA ILE E 224 -19.42 14.07 -13.27
C ILE E 224 -20.67 14.04 -14.14
N GLY E 225 -21.67 14.85 -13.76
CA GLY E 225 -22.93 14.90 -14.50
C GLY E 225 -23.69 13.60 -14.32
N LEU E 226 -22.93 12.54 -14.01
CA LEU E 226 -23.42 11.18 -13.81
C LEU E 226 -24.34 11.10 -12.59
N PRO E 227 -25.50 10.41 -12.73
CA PRO E 227 -26.46 10.26 -11.63
C PRO E 227 -26.11 9.28 -10.50
N THR E 228 -25.12 8.43 -10.72
CA THR E 228 -24.72 7.42 -9.72
C THR E 228 -23.95 7.98 -8.53
N SER E 229 -24.52 8.98 -7.86
CA SER E 229 -23.84 9.62 -6.72
C SER E 229 -23.17 8.66 -5.70
N THR E 230 -21.93 8.99 -5.35
CA THR E 230 -21.11 8.21 -4.41
C THR E 230 -20.74 9.04 -3.19
N ILE E 231 -20.10 8.40 -2.21
CA ILE E 231 -19.67 9.05 -0.98
C ILE E 231 -18.62 8.19 -0.32
N ALA E 232 -17.53 8.79 0.14
CA ALA E 232 -16.46 8.03 0.79
C ALA E 232 -16.31 8.34 2.27
N SER E 233 -15.87 7.35 3.04
CA SER E 233 -15.69 7.52 4.48
C SER E 233 -14.52 6.71 5.01
N CYS E 234 -13.88 7.23 6.07
CA CYS E 234 -12.73 6.56 6.68
C CYS E 234 -12.84 6.71 8.18
N SER E 235 -12.50 5.68 8.93
CA SER E 235 -12.64 5.73 10.40
C SER E 235 -11.54 5.01 11.23
N GLN E 236 -11.58 5.23 12.53
CA GLN E 236 -10.61 4.62 13.43
C GLN E 236 -10.34 3.17 13.11
N ASP E 237 -11.35 2.41 12.69
CA ASP E 237 -11.13 1.00 12.39
C ASP E 237 -10.10 0.81 11.27
N GLY E 238 -9.92 1.86 10.48
CA GLY E 238 -8.95 1.78 9.39
C GLY E 238 -9.49 1.16 8.12
N ARG E 239 -10.76 1.44 7.82
CA ARG E 239 -11.38 0.93 6.61
C ARG E 239 -11.88 2.14 5.84
N VAL E 240 -11.96 2.02 4.52
CA VAL E 240 -12.47 3.12 3.72
C VAL E 240 -13.59 2.55 2.88
N PHE E 241 -14.79 3.11 3.05
CA PHE E 241 -15.94 2.64 2.30
C PHE E 241 -16.43 3.63 1.26
N ILE E 242 -17.02 3.04 0.25
CA ILE E 242 -17.59 3.79 -0.83
C ILE E 242 -19.02 3.33 -0.96
N TRP E 243 -19.90 4.18 -0.48
CA TRP E 243 -21.31 3.95 -0.47
C TRP E 243 -21.86 4.39 -1.82
N THR E 244 -22.12 3.40 -2.68
CA THR E 244 -22.65 3.64 -4.00
C THR E 244 -24.16 3.70 -3.87
N CYS E 245 -24.82 4.54 -4.68
CA CYS E 245 -26.27 4.56 -4.55
C CYS E 245 -27.10 4.83 -5.79
N ASP E 246 -28.01 3.90 -6.06
CA ASP E 246 -28.94 4.01 -7.17
C ASP E 246 -30.27 4.35 -6.52
N ASP E 247 -30.49 5.65 -6.32
CA ASP E 247 -31.71 6.09 -5.67
C ASP E 247 -32.90 6.07 -6.61
N ALA E 248 -33.45 4.87 -6.78
CA ALA E 248 -34.62 4.66 -7.61
C ALA E 248 -35.77 5.08 -6.68
N SER E 249 -35.65 6.32 -6.17
CA SER E 249 -36.58 7.00 -5.24
C SER E 249 -36.57 6.49 -3.80
N SER E 250 -35.72 5.51 -3.51
CA SER E 250 -35.60 4.98 -2.15
C SER E 250 -34.12 4.84 -1.78
N ASN E 251 -33.84 5.25 -0.55
CA ASN E 251 -32.51 5.25 0.03
C ASN E 251 -31.94 3.86 0.25
N THR E 252 -31.10 3.47 -0.69
CA THR E 252 -30.47 2.18 -0.65
C THR E 252 -28.98 2.41 -0.91
N TRP E 253 -28.26 2.65 0.18
CA TRP E 253 -26.83 2.90 0.11
C TRP E 253 -26.04 1.65 0.47
N SER E 254 -25.48 1.02 -0.57
CA SER E 254 -24.70 -0.21 -0.42
C SER E 254 -23.21 0.07 -0.34
N PRO E 255 -22.65 -0.03 0.87
CA PRO E 255 -21.23 0.20 1.10
C PRO E 255 -20.39 -0.87 0.45
N LYS E 256 -19.16 -0.50 0.07
CA LYS E 256 -18.22 -1.42 -0.55
C LYS E 256 -16.86 -1.06 0.06
N LEU E 257 -16.08 -2.05 0.45
CA LEU E 257 -14.77 -1.79 1.07
C LEU E 257 -13.63 -1.45 0.13
N LEU E 258 -13.02 -0.30 0.36
CA LEU E 258 -11.90 0.14 -0.44
C LEU E 258 -10.66 -0.59 0.03
N HIS E 259 -10.36 -0.45 1.31
CA HIS E 259 -9.19 -1.12 1.87
C HIS E 259 -9.14 -0.90 3.37
N LYS E 260 -8.34 -1.70 4.05
CA LYS E 260 -8.18 -1.52 5.48
C LYS E 260 -6.70 -1.53 5.80
N PHE E 261 -6.26 -0.55 6.58
CA PHE E 261 -4.88 -0.44 6.98
C PHE E 261 -4.88 -0.73 8.46
N ASN E 262 -3.78 -1.21 9.01
CA ASN E 262 -3.76 -1.50 10.43
C ASN E 262 -3.83 -0.21 11.28
N ASP E 263 -3.72 0.94 10.64
CA ASP E 263 -3.79 2.23 11.35
C ASP E 263 -4.91 3.11 10.81
N VAL E 264 -5.37 4.04 11.67
CA VAL E 264 -6.44 4.98 11.35
C VAL E 264 -6.26 5.76 10.05
N VAL E 265 -7.36 6.17 9.44
CA VAL E 265 -7.32 6.98 8.22
C VAL E 265 -7.91 8.32 8.63
N TRP E 266 -7.17 9.40 8.38
CA TRP E 266 -7.58 10.73 8.80
C TRP E 266 -8.39 11.57 7.86
N HIS E 267 -8.11 11.46 6.57
CA HIS E 267 -8.85 12.25 5.60
C HIS E 267 -9.06 11.55 4.28
N VAL E 268 -10.08 12.02 3.56
CA VAL E 268 -10.42 11.43 2.29
C VAL E 268 -10.93 12.51 1.35
N SER E 269 -10.37 12.58 0.16
CA SER E 269 -10.89 13.56 -0.78
C SER E 269 -11.00 13.04 -2.20
N TRP E 270 -11.96 13.64 -2.91
CA TRP E 270 -12.24 13.24 -4.28
C TRP E 270 -11.58 14.10 -5.33
N SER E 271 -10.91 13.45 -6.26
CA SER E 271 -10.31 14.17 -7.37
C SER E 271 -11.53 14.33 -8.33
N ILE E 272 -11.62 15.50 -8.93
CA ILE E 272 -12.75 15.99 -9.72
C ILE E 272 -13.30 15.33 -10.96
N THR E 273 -12.41 14.84 -11.80
CA THR E 273 -12.77 14.25 -13.06
C THR E 273 -12.90 12.75 -13.02
N ALA E 274 -11.83 12.11 -12.56
CA ALA E 274 -11.79 10.67 -12.53
C ALA E 274 -12.49 10.06 -11.34
N ASN E 275 -12.60 10.85 -10.31
CA ASN E 275 -13.23 10.40 -9.09
C ASN E 275 -12.16 9.56 -8.38
N ILE E 276 -10.93 10.09 -8.41
CA ILE E 276 -9.83 9.43 -7.71
C ILE E 276 -9.82 9.77 -6.24
N LEU E 277 -9.66 8.76 -5.43
CA LEU E 277 -9.71 9.05 -4.03
C LEU E 277 -8.33 9.21 -3.45
N ALA E 278 -8.13 10.33 -2.76
CA ALA E 278 -6.87 10.57 -2.11
C ALA E 278 -7.08 10.07 -0.70
N VAL E 279 -6.41 9.00 -0.33
CA VAL E 279 -6.58 8.46 1.01
C VAL E 279 -5.46 8.85 1.95
N SER E 280 -5.77 9.79 2.84
CA SER E 280 -4.78 10.25 3.81
C SER E 280 -4.96 9.57 5.15
N GLY E 281 -3.96 8.81 5.55
CA GLY E 281 -4.04 8.15 6.84
C GLY E 281 -3.18 6.90 6.90
N GLY E 282 -2.96 6.40 8.11
CA GLY E 282 -2.18 5.20 8.29
C GLY E 282 -0.75 5.40 8.74
N ASP E 283 0.16 5.43 7.77
CA ASP E 283 1.58 5.60 8.04
C ASP E 283 2.19 6.91 7.54
N ASN E 284 1.52 8.04 7.81
CA ASN E 284 2.00 9.35 7.37
C ASN E 284 2.04 9.41 5.84
N LYS E 285 1.57 8.33 5.22
CA LYS E 285 1.52 8.20 3.76
C LYS E 285 0.13 8.48 3.23
N VAL E 286 0.10 8.92 1.99
CA VAL E 286 -1.16 9.21 1.35
C VAL E 286 -1.21 8.40 0.08
N THR E 287 -2.38 7.83 -0.18
CA THR E 287 -2.59 6.97 -1.34
C THR E 287 -3.64 7.46 -2.33
N LEU E 288 -3.52 7.02 -3.56
CA LEU E 288 -4.50 7.41 -4.54
C LEU E 288 -5.23 6.18 -5.02
N TRP E 289 -6.53 6.30 -5.26
CA TRP E 289 -7.28 5.15 -5.74
C TRP E 289 -8.22 5.52 -6.84
N LYS E 290 -8.46 4.53 -7.70
CA LYS E 290 -9.38 4.61 -8.82
C LYS E 290 -10.05 3.24 -8.93
N GLU E 291 -11.37 3.27 -9.13
CA GLU E 291 -12.16 2.06 -9.25
C GLU E 291 -11.91 1.49 -10.64
N SER E 292 -11.44 0.24 -10.71
CA SER E 292 -11.14 -0.40 -12.00
C SER E 292 -12.36 -0.74 -12.86
N VAL E 293 -12.11 -1.02 -14.13
CA VAL E 293 -13.17 -1.38 -15.08
C VAL E 293 -13.84 -2.65 -14.56
N ASP E 294 -13.29 -3.18 -13.49
CA ASP E 294 -13.78 -4.40 -12.87
C ASP E 294 -14.67 -4.16 -11.64
N GLY E 295 -14.62 -2.96 -11.06
CA GLY E 295 -15.43 -2.71 -9.90
C GLY E 295 -14.65 -2.67 -8.59
N GLN E 296 -13.49 -3.31 -8.53
CA GLN E 296 -12.66 -3.25 -7.33
C GLN E 296 -11.82 -1.97 -7.41
N TRP E 297 -11.71 -1.24 -6.30
CA TRP E 297 -10.90 -0.02 -6.26
C TRP E 297 -9.44 -0.39 -6.08
N VAL E 298 -8.57 0.36 -6.76
CA VAL E 298 -7.14 0.15 -6.67
C VAL E 298 -6.36 1.37 -6.29
N CYS E 299 -5.15 1.10 -5.81
CA CYS E 299 -4.23 2.11 -5.39
C CYS E 299 -3.41 2.48 -6.60
N ILE E 300 -3.49 3.73 -7.07
CA ILE E 300 -2.71 4.12 -8.24
C ILE E 300 -1.27 4.46 -7.90
N SER E 301 -1.04 4.92 -6.70
CA SER E 301 0.33 5.26 -6.35
C SER E 301 0.44 5.67 -4.91
N ASP E 302 1.68 5.84 -4.47
CA ASP E 302 2.00 6.23 -3.11
C ASP E 302 2.57 7.66 -3.15
N VAL E 303 1.98 8.59 -2.41
CA VAL E 303 2.47 9.97 -2.40
C VAL E 303 3.65 10.10 -1.45
N ASN E 304 4.43 11.16 -1.66
CA ASN E 304 5.61 11.49 -0.84
C ASN E 304 6.87 10.71 -1.27
N ASP F 20 3.28 24.40 30.45
CA ASP F 20 1.97 25.05 30.79
C ASP F 20 1.07 25.19 29.55
N GLU F 21 1.67 25.06 28.36
CA GLU F 21 0.93 25.17 27.10
C GLU F 21 0.91 23.86 26.31
N ILE F 22 1.78 22.94 26.71
CA ILE F 22 1.89 21.64 26.05
C ILE F 22 0.83 20.63 26.52
N ASP F 23 0.27 20.83 27.71
CA ASP F 23 -0.74 19.92 28.25
C ASP F 23 -2.10 19.96 27.53
N ASN F 24 -2.41 21.07 26.86
CA ASN F 24 -3.66 21.18 26.09
C ASN F 24 -3.42 20.49 24.76
N ALA F 25 -2.26 20.75 24.19
CA ALA F 25 -1.92 20.11 22.93
C ALA F 25 -2.01 18.61 23.21
N LYS F 26 -1.58 18.18 24.39
CA LYS F 26 -1.64 16.78 24.76
C LYS F 26 -3.07 16.36 25.06
N LEU F 27 -3.76 17.17 25.86
CA LEU F 27 -5.15 16.91 26.24
C LEU F 27 -6.05 16.84 25.00
N ILE F 28 -6.02 17.90 24.18
CA ILE F 28 -6.83 17.97 22.98
C ILE F 28 -6.34 16.92 21.96
N MET F 29 -5.03 16.78 21.76
CA MET F 29 -4.51 15.76 20.83
C MET F 29 -5.07 14.41 21.26
N LYS F 30 -5.18 14.22 22.57
CA LYS F 30 -5.69 12.97 23.17
C LYS F 30 -7.21 12.94 23.34
N GLU F 31 -7.79 14.05 23.77
CA GLU F 31 -9.24 14.08 23.92
C GLU F 31 -9.85 14.04 22.52
N ARG F 32 -8.99 13.91 21.50
CA ARG F 32 -9.44 13.86 20.12
C ARG F 32 -8.96 12.65 19.34
N ARG F 33 -8.50 11.63 20.05
CA ARG F 33 -8.06 10.42 19.36
C ARG F 33 -7.07 10.76 18.24
N PHE F 34 -6.20 11.75 18.48
CA PHE F 34 -5.23 12.16 17.46
C PHE F 34 -3.81 11.65 17.75
N THR F 35 -3.31 10.72 16.92
CA THR F 35 -1.96 10.19 17.07
C THR F 35 -1.06 11.23 16.46
N ALA F 36 0.19 11.20 16.85
CA ALA F 36 1.15 12.13 16.30
C ALA F 36 1.35 11.72 14.84
N SER F 37 0.62 10.69 14.41
CA SER F 37 0.71 10.18 13.03
C SER F 37 -0.23 10.90 12.03
N TYR F 38 -1.14 11.70 12.57
CA TYR F 38 -2.11 12.42 11.74
C TYR F 38 -1.54 13.18 10.52
N THR F 39 -1.91 12.71 9.34
CA THR F 39 -1.49 13.34 8.08
C THR F 39 -2.73 13.80 7.31
N PHE F 40 -2.60 14.22 6.07
CA PHE F 40 -3.80 14.66 5.36
C PHE F 40 -3.49 15.06 3.94
N ALA F 41 -4.52 15.11 3.10
CA ALA F 41 -4.32 15.48 1.70
C ALA F 41 -5.65 15.70 1.01
N LYS F 42 -5.76 16.74 0.20
CA LYS F 42 -7.02 17.03 -0.46
C LYS F 42 -6.89 17.52 -1.89
N PHE F 43 -7.55 16.92 -2.86
CA PHE F 43 -7.44 17.45 -4.21
C PHE F 43 -8.11 18.83 -4.33
N SER F 44 -7.69 19.66 -5.30
CA SER F 44 -8.31 20.98 -5.48
C SER F 44 -8.86 21.20 -6.86
N THR F 45 -9.62 22.27 -6.99
CA THR F 45 -10.28 22.65 -8.22
C THR F 45 -9.45 22.46 -9.47
N GLY F 46 -8.20 22.88 -9.45
CA GLY F 46 -7.38 22.72 -10.64
C GLY F 46 -6.99 21.28 -10.89
N SER F 47 -7.26 20.42 -9.92
CA SER F 47 -6.92 19.01 -10.00
C SER F 47 -5.56 18.75 -9.40
N MET F 48 -5.11 19.63 -8.51
CA MET F 48 -3.84 19.40 -7.85
C MET F 48 -4.14 19.01 -6.42
N LEU F 49 -3.29 18.17 -5.85
CA LEU F 49 -3.46 17.68 -4.50
C LEU F 49 -2.50 18.35 -3.50
N LEU F 50 -2.91 18.59 -2.25
CA LEU F 50 -1.98 19.23 -1.33
C LEU F 50 -1.51 18.32 -0.20
N THR F 51 -0.40 17.62 -0.41
CA THR F 51 0.14 16.74 0.64
C THR F 51 0.91 17.56 1.68
N LYS F 52 1.07 17.07 2.90
CA LYS F 52 1.85 17.84 3.87
C LYS F 52 3.26 17.19 3.93
N ASP F 53 4.31 17.99 3.66
CA ASP F 53 5.72 17.52 3.59
C ASP F 53 6.83 18.24 4.40
N ILE F 54 6.59 19.49 4.81
CA ILE F 54 7.55 20.34 5.53
C ILE F 54 8.42 21.09 4.50
N VAL F 55 8.11 20.87 3.22
CA VAL F 55 8.82 21.51 2.12
C VAL F 55 8.17 22.85 1.70
N GLY F 56 7.05 23.18 2.33
CA GLY F 56 6.36 24.44 2.02
C GLY F 56 6.57 25.45 3.14
N LYS F 57 6.52 26.75 2.83
CA LYS F 57 6.72 27.76 3.86
C LYS F 57 5.80 27.38 5.01
N SER F 58 4.67 26.80 4.68
CA SER F 58 3.71 26.40 5.70
C SER F 58 3.43 24.90 5.65
N GLY F 59 4.34 24.13 5.07
CA GLY F 59 4.16 22.67 5.01
C GLY F 59 3.02 22.13 4.18
N VAL F 60 2.78 22.75 3.02
CA VAL F 60 1.71 22.32 2.12
C VAL F 60 2.26 21.90 0.75
N SER F 61 2.74 20.67 0.65
CA SER F 61 3.27 20.17 -0.61
C SER F 61 2.19 20.07 -1.65
N ILE F 62 2.07 21.14 -2.41
CA ILE F 62 1.09 21.20 -3.49
C ILE F 62 1.51 20.39 -4.76
N LYS F 63 1.84 19.10 -4.63
CA LYS F 63 2.24 18.25 -5.78
C LYS F 63 1.15 18.27 -6.86
N ARG F 64 1.41 17.82 -8.09
CA ARG F 64 0.33 17.86 -9.08
C ARG F 64 0.01 16.49 -9.63
N LEU F 65 -1.10 16.37 -10.35
CA LEU F 65 -1.46 15.06 -10.86
C LEU F 65 -1.00 14.73 -12.26
N PRO F 66 -0.21 13.65 -12.36
CA PRO F 66 0.39 13.10 -13.57
C PRO F 66 -0.58 12.60 -14.62
N THR F 67 -0.39 13.13 -15.82
CA THR F 67 -1.15 12.76 -16.99
C THR F 67 -0.34 11.74 -17.73
N GLU F 68 -0.49 10.48 -17.32
CA GLU F 68 0.23 9.34 -17.89
C GLU F 68 -0.09 9.16 -19.37
N LEU F 69 -0.61 10.21 -19.97
CA LEU F 69 -1.00 10.23 -21.35
C LEU F 69 0.20 10.58 -22.28
N GLN F 70 1.08 9.61 -22.53
CA GLN F 70 2.29 9.84 -23.35
C GLN F 70 2.21 9.92 -24.91
N ARG F 71 2.01 11.10 -25.52
CA ARG F 71 2.00 11.11 -26.99
C ARG F 71 2.23 12.53 -27.49
N LYS F 72 3.50 12.87 -27.64
CA LYS F 72 3.95 14.20 -28.04
C LYS F 72 3.06 15.20 -28.81
N PHE F 73 2.57 14.83 -30.00
CA PHE F 73 1.77 15.78 -30.77
C PHE F 73 0.64 16.52 -30.05
N LEU F 74 0.13 15.95 -28.96
CA LEU F 74 -0.97 16.54 -28.21
C LEU F 74 -0.68 17.93 -27.66
N PHE F 75 0.60 18.27 -27.62
CA PHE F 75 1.01 19.55 -27.06
C PHE F 75 1.25 20.66 -28.07
N ASP F 76 0.83 20.44 -29.31
CA ASP F 76 1.01 21.47 -30.32
C ASP F 76 -0.33 21.95 -30.88
N ASP F 77 -0.55 23.26 -30.82
CA ASP F 77 -1.79 23.87 -31.30
C ASP F 77 -2.28 23.25 -32.60
N VAL F 78 -1.40 23.22 -33.59
CA VAL F 78 -1.71 22.70 -34.89
C VAL F 78 -2.61 21.47 -34.90
N TYR F 79 -2.23 20.43 -34.19
CA TYR F 79 -3.05 19.24 -34.18
C TYR F 79 -4.48 19.55 -33.74
N LEU F 80 -4.63 20.01 -32.50
CA LEU F 80 -5.96 20.33 -32.00
C LEU F 80 -6.67 21.28 -32.95
N ASP F 81 -5.97 22.34 -33.36
CA ASP F 81 -6.52 23.34 -34.25
C ASP F 81 -6.96 22.73 -35.57
N LYS F 82 -6.05 22.03 -36.24
CA LYS F 82 -6.36 21.44 -37.53
C LYS F 82 -7.45 20.38 -37.45
N GLU F 83 -7.33 19.50 -36.47
CA GLU F 83 -8.30 18.43 -36.30
C GLU F 83 -9.70 18.96 -35.99
N ILE F 84 -9.81 20.24 -35.68
CA ILE F 84 -11.11 20.82 -35.40
C ILE F 84 -11.89 21.12 -36.68
N GLU F 85 -11.19 21.52 -37.74
CA GLU F 85 -11.85 21.79 -39.00
C GLU F 85 -12.45 20.49 -39.54
N LYS F 86 -11.98 19.37 -39.00
CA LYS F 86 -12.44 18.04 -39.39
C LYS F 86 -13.85 17.78 -38.86
N VAL F 87 -14.38 18.76 -38.12
CA VAL F 87 -15.70 18.59 -37.54
C VAL F 87 -16.75 19.66 -37.81
N THR F 88 -17.99 19.29 -37.49
CA THR F 88 -19.18 20.09 -37.61
C THR F 88 -19.87 20.12 -36.25
N ILE F 89 -19.91 21.28 -35.61
CA ILE F 89 -20.54 21.40 -34.30
C ILE F 89 -21.92 22.00 -34.35
N GLU F 90 -22.75 21.59 -33.40
CA GLU F 90 -24.12 22.05 -33.37
C GLU F 90 -24.70 21.90 -31.97
N ALA F 91 -25.29 22.99 -31.48
CA ALA F 91 -25.88 23.02 -30.14
C ALA F 91 -26.82 21.84 -29.96
N ARG F 92 -26.90 21.30 -28.74
CA ARG F 92 -27.76 20.16 -28.50
C ARG F 92 -29.24 20.46 -28.49
N LYS F 93 -30.04 19.39 -28.48
CA LYS F 93 -31.48 19.55 -28.50
C LYS F 93 -32.07 20.13 -27.24
N SER F 94 -31.37 20.03 -26.12
CA SER F 94 -31.89 20.57 -24.86
C SER F 94 -31.16 21.78 -24.26
N ASN F 95 -30.27 22.40 -25.03
CA ASN F 95 -29.53 23.59 -24.58
C ASN F 95 -28.55 24.06 -25.65
N PRO F 96 -28.01 25.28 -25.50
CA PRO F 96 -27.07 25.82 -26.49
C PRO F 96 -25.68 25.16 -26.50
N TYR F 97 -25.43 24.26 -25.55
CA TYR F 97 -24.13 23.59 -25.47
C TYR F 97 -23.84 22.69 -26.66
N PRO F 98 -22.83 23.07 -27.45
CA PRO F 98 -22.34 22.41 -28.66
C PRO F 98 -22.03 20.95 -28.48
N GLN F 99 -22.34 20.16 -29.50
CA GLN F 99 -22.02 18.74 -29.48
C GLN F 99 -21.75 18.37 -30.94
N ILE F 100 -20.87 17.40 -31.17
CA ILE F 100 -20.50 17.03 -32.53
C ILE F 100 -21.59 16.41 -33.37
N SER F 101 -21.84 17.07 -34.50
CA SER F 101 -22.84 16.66 -35.46
C SER F 101 -22.22 15.71 -36.48
N GLU F 102 -21.12 16.15 -37.08
CA GLU F 102 -20.41 15.37 -38.09
C GLU F 102 -18.91 15.45 -37.93
N SER F 103 -18.23 14.31 -38.02
CA SER F 103 -16.78 14.28 -37.89
C SER F 103 -16.11 13.34 -38.87
N SER F 104 -15.44 13.89 -39.88
CA SER F 104 -14.73 13.08 -40.85
C SER F 104 -13.36 12.80 -40.25
N LEU F 105 -13.37 12.02 -39.17
CA LEU F 105 -12.13 11.69 -38.50
C LEU F 105 -11.70 10.26 -38.75
N LEU F 106 -10.50 10.11 -39.27
CA LEU F 106 -9.95 8.80 -39.58
C LEU F 106 -8.62 8.57 -38.89
N PHE F 107 -8.38 7.28 -38.62
CA PHE F 107 -7.10 6.96 -38.04
C PHE F 107 -6.03 7.63 -38.90
N LYS F 108 -6.20 7.50 -40.23
CA LYS F 108 -5.26 8.07 -41.19
C LYS F 108 -4.72 9.42 -40.74
N ASP F 109 -5.64 10.34 -40.41
CA ASP F 109 -5.27 11.68 -39.97
C ASP F 109 -4.03 11.67 -39.08
N ALA F 110 -4.12 10.95 -37.97
CA ALA F 110 -3.05 10.86 -37.02
C ALA F 110 -1.67 10.44 -37.51
N LEU F 111 -1.60 9.61 -38.54
CA LEU F 111 -0.33 9.12 -39.05
C LEU F 111 0.78 10.16 -39.25
N ASP F 112 0.45 11.27 -39.90
CA ASP F 112 1.43 12.33 -40.17
C ASP F 112 2.25 12.81 -38.98
N TYR F 113 1.60 12.99 -37.85
CA TYR F 113 2.23 13.49 -36.63
C TYR F 113 3.07 12.47 -35.88
N MET F 114 3.09 11.24 -36.37
CA MET F 114 3.86 10.18 -35.72
C MET F 114 5.06 9.84 -36.59
N GLU F 115 5.90 8.91 -36.11
CA GLU F 115 7.08 8.47 -36.84
C GLU F 115 6.99 7.02 -37.30
N LYS F 116 7.29 6.79 -38.57
CA LYS F 116 7.19 5.48 -39.18
C LYS F 116 7.86 4.26 -38.51
N THR F 117 8.66 4.46 -37.48
CA THR F 117 9.31 3.32 -36.83
C THR F 117 8.62 2.81 -35.57
N SER F 118 7.83 3.68 -34.94
CA SER F 118 7.15 3.31 -33.70
C SER F 118 6.02 2.31 -33.87
N SER F 119 5.75 1.55 -32.81
CA SER F 119 4.69 0.58 -32.85
C SER F 119 3.38 1.34 -33.03
N ASP F 120 3.33 2.58 -32.54
CA ASP F 120 2.12 3.38 -32.70
C ASP F 120 1.78 3.50 -34.16
N TYR F 121 2.72 4.03 -34.95
CA TYR F 121 2.46 4.18 -36.36
C TYR F 121 1.86 2.89 -36.90
N ASN F 122 2.34 1.75 -36.44
CA ASN F 122 1.79 0.47 -36.90
C ASN F 122 0.35 0.33 -36.45
N LEU F 123 0.17 0.30 -35.14
CA LEU F 123 -1.17 0.19 -34.56
C LEU F 123 -2.09 1.14 -35.27
N TRP F 124 -1.64 2.37 -35.46
CA TRP F 124 -2.47 3.32 -36.15
C TRP F 124 -2.58 2.97 -37.62
N LYS F 125 -1.46 2.87 -38.31
CA LYS F 125 -1.53 2.51 -39.73
C LYS F 125 -2.44 1.30 -39.94
N LEU F 126 -2.36 0.31 -39.04
CA LEU F 126 -3.17 -0.90 -39.16
C LEU F 126 -4.65 -0.61 -39.14
N SER F 127 -5.09 0.03 -38.06
CA SER F 127 -6.47 0.40 -37.90
C SER F 127 -6.93 1.18 -39.11
N SER F 128 -6.13 2.16 -39.47
CA SER F 128 -6.45 2.98 -40.60
C SER F 128 -6.78 2.12 -41.79
N ILE F 129 -6.27 0.90 -41.79
CA ILE F 129 -6.52 -0.03 -42.88
C ILE F 129 -7.76 -0.86 -42.63
N LEU F 130 -7.83 -1.45 -41.44
CA LEU F 130 -8.96 -2.26 -41.10
C LEU F 130 -10.25 -1.50 -40.96
N PHE F 131 -10.21 -0.25 -40.53
CA PHE F 131 -11.45 0.47 -40.35
C PHE F 131 -11.70 1.65 -41.25
N ASP F 132 -10.66 2.42 -41.56
CA ASP F 132 -10.88 3.53 -42.46
C ASP F 132 -11.44 3.03 -43.76
N PRO F 133 -12.47 3.70 -44.24
CA PRO F 133 -13.19 3.41 -45.49
C PRO F 133 -12.32 3.31 -46.73
N VAL F 134 -12.72 2.39 -47.59
CA VAL F 134 -12.04 2.13 -48.85
C VAL F 134 -12.86 2.85 -49.90
N SER F 135 -12.26 3.17 -51.04
CA SER F 135 -13.02 3.86 -52.08
C SER F 135 -12.45 3.91 -53.51
N TYR F 136 -13.35 3.66 -54.45
CA TYR F 136 -13.07 3.68 -55.88
C TYR F 136 -12.73 5.12 -56.19
N PRO F 137 -11.96 5.34 -57.26
CA PRO F 137 -11.67 6.75 -57.54
C PRO F 137 -12.33 7.17 -58.86
N TYR F 138 -13.30 6.38 -59.30
CA TYR F 138 -14.03 6.66 -60.54
C TYR F 138 -15.45 6.11 -60.37
N LYS F 139 -16.46 6.83 -60.88
CA LYS F 139 -17.86 6.42 -60.68
C LYS F 139 -18.52 5.31 -61.52
N THR F 140 -18.13 4.06 -61.26
CA THR F 140 -18.71 2.90 -61.92
C THR F 140 -19.61 2.31 -60.84
N ASP F 141 -20.83 1.92 -61.22
CA ASP F 141 -21.74 1.45 -60.19
C ASP F 141 -22.32 0.06 -60.21
N ASN F 142 -21.62 -0.92 -60.73
CA ASN F 142 -22.21 -2.24 -60.63
C ASN F 142 -21.95 -2.53 -59.15
N ASP F 143 -22.96 -2.39 -58.31
CA ASP F 143 -22.75 -2.64 -56.89
C ASP F 143 -22.17 -4.01 -56.62
N GLN F 144 -22.41 -4.95 -57.54
CA GLN F 144 -21.83 -6.28 -57.35
C GLN F 144 -20.33 -6.12 -57.56
N VAL F 145 -19.93 -5.13 -58.35
CA VAL F 145 -18.52 -4.91 -58.64
C VAL F 145 -17.87 -4.00 -57.60
N LYS F 146 -18.33 -2.76 -57.52
CA LYS F 146 -17.80 -1.81 -56.55
C LYS F 146 -17.67 -2.50 -55.18
N MET F 147 -18.73 -3.20 -54.75
CA MET F 147 -18.69 -3.89 -53.47
C MET F 147 -17.62 -4.98 -53.43
N ALA F 148 -17.27 -5.53 -54.59
CA ALA F 148 -16.25 -6.58 -54.65
C ALA F 148 -14.86 -5.98 -54.68
N LEU F 149 -14.72 -4.79 -55.27
CA LEU F 149 -13.43 -4.12 -55.34
C LEU F 149 -12.98 -3.73 -53.97
N LEU F 150 -13.74 -2.83 -53.35
CA LEU F 150 -13.43 -2.39 -52.00
C LEU F 150 -13.15 -3.64 -51.16
N LYS F 151 -13.94 -4.69 -51.38
CA LYS F 151 -13.77 -5.95 -50.67
C LYS F 151 -12.29 -6.34 -50.77
N LYS F 152 -11.77 -6.31 -52.00
CA LYS F 152 -10.38 -6.67 -52.28
C LYS F 152 -9.37 -5.57 -51.92
N GLU F 153 -9.64 -4.33 -52.33
CA GLU F 153 -8.71 -3.25 -52.01
C GLU F 153 -8.31 -3.39 -50.57
N ARG F 154 -9.30 -3.57 -49.71
CA ARG F 154 -8.98 -3.72 -48.31
C ARG F 154 -8.13 -4.97 -48.11
N HIS F 155 -8.34 -5.99 -48.92
CA HIS F 155 -7.57 -7.22 -48.76
C HIS F 155 -6.07 -7.00 -48.98
N CYS F 156 -5.72 -6.58 -50.18
CA CYS F 156 -4.32 -6.35 -50.49
C CYS F 156 -3.75 -5.43 -49.43
N ARG F 157 -4.32 -4.23 -49.36
CA ARG F 157 -3.88 -3.24 -48.39
C ARG F 157 -3.36 -3.86 -47.12
N LEU F 158 -4.12 -4.82 -46.58
CA LEU F 158 -3.69 -5.46 -45.37
C LEU F 158 -2.56 -6.46 -45.56
N THR F 159 -2.71 -7.40 -46.48
CA THR F 159 -1.63 -8.36 -46.64
C THR F 159 -0.38 -7.58 -47.00
N SER F 160 -0.51 -6.63 -47.92
CA SER F 160 0.61 -5.82 -48.35
C SER F 160 1.35 -5.21 -47.17
N TRP F 161 0.63 -4.95 -46.09
CA TRP F 161 1.21 -4.40 -44.87
C TRP F 161 2.03 -5.48 -44.17
N ILE F 162 1.36 -6.55 -43.78
CA ILE F 162 2.03 -7.65 -43.10
C ILE F 162 3.29 -8.09 -43.87
N VAL F 163 3.28 -7.92 -45.19
CA VAL F 163 4.43 -8.31 -46.00
C VAL F 163 5.61 -7.46 -45.54
N SER F 164 5.34 -6.21 -45.19
CA SER F 164 6.39 -5.33 -44.74
C SER F 164 6.78 -5.59 -43.28
N GLN F 165 5.85 -6.14 -42.51
CA GLN F 165 6.13 -6.44 -41.11
C GLN F 165 6.92 -7.75 -40.98
N ILE F 166 6.80 -8.61 -41.98
CA ILE F 166 7.50 -9.88 -41.94
C ILE F 166 8.68 -9.86 -42.90
N GLY F 167 8.89 -8.70 -43.52
CA GLY F 167 9.99 -8.54 -44.46
C GLY F 167 11.31 -8.88 -43.81
N PRO F 168 11.74 -8.12 -42.80
CA PRO F 168 13.01 -8.46 -42.20
C PRO F 168 13.02 -9.93 -41.76
N GLU F 169 12.00 -10.31 -41.00
CA GLU F 169 11.85 -11.67 -40.46
C GLU F 169 12.12 -12.83 -41.43
N ILE F 170 11.43 -12.84 -42.57
CA ILE F 170 11.59 -13.89 -43.55
C ILE F 170 12.83 -13.66 -44.42
N GLU F 171 12.89 -12.49 -45.08
CA GLU F 171 14.01 -12.13 -45.95
C GLU F 171 15.32 -12.67 -45.41
N GLU F 172 15.61 -12.29 -44.17
CA GLU F 172 16.83 -12.71 -43.53
C GLU F 172 16.84 -14.23 -43.29
N LYS F 173 15.70 -14.80 -42.89
CA LYS F 173 15.64 -16.24 -42.65
C LYS F 173 15.88 -17.03 -43.94
N ILE F 174 16.01 -16.32 -45.05
CA ILE F 174 16.26 -16.95 -46.33
C ILE F 174 17.76 -17.07 -46.58
N ARG F 175 18.54 -16.10 -46.10
CA ARG F 175 19.97 -16.15 -46.29
C ARG F 175 20.49 -17.49 -45.74
N ASN F 176 19.78 -18.04 -44.76
CA ASN F 176 20.14 -19.30 -44.10
C ASN F 176 19.83 -20.59 -44.86
N SER F 177 19.48 -20.57 -46.12
CA SER F 177 19.17 -21.89 -46.64
C SER F 177 19.94 -22.44 -47.80
N SER F 178 20.40 -23.67 -47.58
CA SER F 178 21.14 -24.40 -48.58
C SER F 178 20.10 -25.01 -49.54
N ASN F 179 18.90 -25.25 -49.00
CA ASN F 179 17.80 -25.85 -49.75
C ASN F 179 16.99 -24.83 -50.52
N GLU F 180 17.01 -24.97 -51.82
CA GLU F 180 16.28 -24.04 -52.68
C GLU F 180 14.76 -24.21 -52.60
N ILE F 181 14.32 -25.46 -52.46
CA ILE F 181 12.89 -25.72 -52.38
C ILE F 181 12.31 -25.03 -51.16
N GLU F 182 13.05 -25.08 -50.05
CA GLU F 182 12.62 -24.41 -48.83
C GLU F 182 12.64 -22.92 -49.12
N GLN F 183 13.62 -22.48 -49.92
CA GLN F 183 13.73 -21.08 -50.27
C GLN F 183 12.45 -20.63 -50.96
N ILE F 184 11.93 -21.46 -51.86
CA ILE F 184 10.71 -21.09 -52.56
C ILE F 184 9.54 -20.92 -51.61
N PHE F 185 9.27 -21.96 -50.83
CA PHE F 185 8.18 -21.89 -49.87
C PHE F 185 8.24 -20.59 -49.08
N LEU F 186 9.45 -20.11 -48.84
CA LEU F 186 9.63 -18.88 -48.09
C LEU F 186 9.18 -17.67 -48.88
N TYR F 187 9.53 -17.62 -50.16
CA TYR F 187 9.14 -16.47 -50.98
C TYR F 187 7.63 -16.40 -51.06
N LEU F 188 6.98 -17.54 -50.98
CA LEU F 188 5.53 -17.57 -51.01
C LEU F 188 5.01 -16.91 -49.75
N LEU F 189 5.62 -17.28 -48.64
CA LEU F 189 5.28 -16.74 -47.35
C LEU F 189 5.32 -15.22 -47.36
N LEU F 190 5.92 -14.62 -48.38
CA LEU F 190 5.95 -13.16 -48.42
C LEU F 190 5.04 -12.69 -49.51
N ASN F 191 4.27 -13.64 -49.99
CA ASN F 191 3.32 -13.37 -51.02
C ASN F 191 4.09 -12.90 -52.23
N ASP F 192 5.34 -13.32 -52.37
CA ASP F 192 6.06 -12.94 -53.57
C ASP F 192 6.11 -14.13 -54.52
N VAL F 193 5.15 -14.17 -55.43
CA VAL F 193 5.04 -15.24 -56.39
C VAL F 193 6.07 -15.09 -57.50
N VAL F 194 6.20 -13.88 -58.02
CA VAL F 194 7.14 -13.65 -59.11
C VAL F 194 8.53 -14.23 -58.82
N ARG F 195 9.11 -13.86 -57.68
CA ARG F 195 10.42 -14.38 -57.37
C ARG F 195 10.36 -15.85 -56.94
N ALA F 196 9.28 -16.26 -56.27
CA ALA F 196 9.13 -17.66 -55.85
C ALA F 196 9.12 -18.57 -57.07
N SER F 197 8.53 -18.08 -58.15
CA SER F 197 8.44 -18.81 -59.41
C SER F 197 9.81 -18.87 -60.08
N LYS F 198 10.40 -17.70 -60.31
CA LYS F 198 11.72 -17.62 -60.94
C LYS F 198 12.62 -18.68 -60.33
N LEU F 199 12.72 -18.68 -59.01
CA LEU F 199 13.55 -19.67 -58.33
C LEU F 199 13.19 -21.09 -58.74
N ALA F 200 11.90 -21.39 -58.76
CA ALA F 200 11.43 -22.72 -59.12
C ALA F 200 11.98 -23.23 -60.46
N ILE F 201 11.89 -22.40 -61.48
CA ILE F 201 12.39 -22.78 -62.78
C ILE F 201 13.89 -22.90 -62.76
N GLU F 202 14.55 -21.91 -62.17
CA GLU F 202 16.00 -21.90 -62.13
C GLU F 202 16.67 -23.03 -61.35
N SER F 203 15.89 -23.80 -60.60
CA SER F 203 16.48 -24.89 -59.84
C SER F 203 16.13 -26.23 -60.46
N LYS F 204 15.48 -26.21 -61.62
CA LYS F 204 15.07 -27.43 -62.30
C LYS F 204 13.97 -28.09 -61.45
N ASN F 205 13.04 -27.27 -60.99
CA ASN F 205 11.90 -27.70 -60.19
C ASN F 205 10.68 -26.97 -60.74
N GLY F 206 10.57 -27.01 -62.06
CA GLY F 206 9.50 -26.34 -62.77
C GLY F 206 8.04 -26.61 -62.46
N HIS F 207 7.64 -27.87 -62.39
CA HIS F 207 6.24 -28.21 -62.13
C HIS F 207 5.64 -27.26 -61.09
N LEU F 208 6.45 -26.84 -60.12
CA LEU F 208 6.00 -25.92 -59.08
C LEU F 208 5.64 -24.56 -59.67
N SER F 209 6.50 -24.03 -60.52
CA SER F 209 6.25 -22.74 -61.13
C SER F 209 4.85 -22.75 -61.73
N VAL F 210 4.36 -23.94 -62.05
CA VAL F 210 3.03 -24.06 -62.63
C VAL F 210 1.98 -23.88 -61.56
N LEU F 211 2.07 -24.71 -60.52
CA LEU F 211 1.11 -24.64 -59.43
C LEU F 211 1.13 -23.22 -58.89
N ILE F 212 2.33 -22.74 -58.55
CA ILE F 212 2.51 -21.38 -58.05
C ILE F 212 1.70 -20.42 -58.92
N SER F 213 1.61 -20.73 -60.21
CA SER F 213 0.85 -19.92 -61.14
C SER F 213 -0.61 -19.91 -60.73
N TYR F 214 -1.12 -21.09 -60.47
CA TYR F 214 -2.51 -21.28 -60.07
C TYR F 214 -2.81 -20.78 -58.67
N LEU F 215 -1.82 -20.91 -57.79
CA LEU F 215 -1.94 -20.51 -56.39
C LEU F 215 -2.75 -19.24 -56.19
N GLY F 216 -2.43 -18.19 -56.94
CA GLY F 216 -3.15 -16.93 -56.80
C GLY F 216 -4.64 -16.98 -57.05
N SER F 217 -5.09 -17.96 -57.84
CA SER F 217 -6.51 -18.06 -58.18
C SER F 217 -7.23 -19.05 -57.29
N ASN F 218 -8.43 -19.43 -57.73
CA ASN F 218 -9.22 -20.39 -57.02
C ASN F 218 -9.81 -21.38 -58.01
N ASP F 219 -9.05 -22.43 -58.31
CA ASP F 219 -9.51 -23.45 -59.23
C ASP F 219 -9.55 -24.80 -58.53
N PRO F 220 -10.75 -25.35 -58.38
CA PRO F 220 -10.96 -26.65 -57.73
C PRO F 220 -10.16 -27.78 -58.37
N ARG F 221 -10.01 -27.76 -59.69
CA ARG F 221 -9.26 -28.81 -60.37
C ARG F 221 -7.99 -29.00 -59.56
N ILE F 222 -7.19 -27.95 -59.55
CA ILE F 222 -5.93 -27.89 -58.85
C ILE F 222 -6.12 -28.31 -57.40
N ARG F 223 -6.89 -27.50 -56.67
CA ARG F 223 -7.19 -27.74 -55.28
C ARG F 223 -7.23 -29.25 -55.03
N ASP F 224 -8.16 -29.93 -55.69
CA ASP F 224 -8.30 -31.37 -55.54
C ASP F 224 -7.05 -32.11 -55.97
N LEU F 225 -6.51 -31.75 -57.13
CA LEU F 225 -5.30 -32.39 -57.62
C LEU F 225 -4.27 -32.41 -56.50
N ALA F 226 -4.21 -31.30 -55.76
CA ALA F 226 -3.27 -31.15 -54.66
C ALA F 226 -3.60 -32.13 -53.54
N GLU F 227 -4.71 -31.86 -52.88
CA GLU F 227 -5.17 -32.69 -51.77
C GLU F 227 -5.18 -34.17 -52.12
N LEU F 228 -5.84 -34.53 -53.23
CA LEU F 228 -5.90 -35.92 -53.64
C LEU F 228 -4.51 -36.52 -53.70
N GLN F 229 -3.53 -35.70 -54.08
CA GLN F 229 -2.16 -36.18 -54.13
C GLN F 229 -1.68 -36.37 -52.70
N LEU F 230 -1.77 -35.32 -51.92
CA LEU F 230 -1.36 -35.35 -50.52
C LEU F 230 -1.73 -36.68 -49.83
N GLN F 231 -2.99 -37.07 -49.90
CA GLN F 231 -3.45 -38.32 -49.29
C GLN F 231 -2.60 -39.51 -49.71
N LYS F 232 -2.31 -39.57 -51.00
CA LYS F 232 -1.50 -40.64 -51.54
C LYS F 232 -0.10 -40.63 -50.95
N TRP F 233 0.48 -39.43 -50.79
CA TRP F 233 1.84 -39.26 -50.25
C TRP F 233 2.08 -39.79 -48.83
N SER F 234 1.01 -40.23 -48.15
CA SER F 234 1.15 -40.76 -46.78
C SER F 234 1.30 -42.28 -46.77
N THR F 235 1.21 -42.90 -47.95
CA THR F 235 1.32 -44.35 -48.09
C THR F 235 2.71 -44.77 -48.62
N GLY F 236 3.56 -45.36 -47.77
CA GLY F 236 4.88 -45.82 -48.21
C GLY F 236 5.67 -45.05 -49.26
N GLY F 237 5.49 -43.73 -49.32
CA GLY F 237 6.20 -42.91 -50.27
C GLY F 237 6.94 -41.80 -49.52
N CYS F 238 8.14 -42.12 -49.05
CA CYS F 238 8.94 -41.15 -48.31
C CYS F 238 10.03 -40.51 -49.19
N SER F 239 11.00 -39.88 -48.55
CA SER F 239 12.11 -39.18 -49.24
C SER F 239 11.57 -37.98 -50.01
N ILE F 240 10.46 -37.43 -49.52
CA ILE F 240 9.83 -36.25 -50.12
C ILE F 240 10.11 -35.02 -49.26
N ASP F 241 10.46 -33.90 -49.90
CA ASP F 241 10.72 -32.73 -49.09
C ASP F 241 9.50 -32.27 -48.33
N LYS F 242 9.73 -31.81 -47.10
CA LYS F 242 8.66 -31.30 -46.28
C LYS F 242 8.22 -30.03 -46.97
N ASN F 243 9.12 -29.51 -47.78
CA ASN F 243 8.85 -28.29 -48.50
C ASN F 243 7.95 -28.51 -49.70
N ILE F 244 8.18 -29.57 -50.48
CA ILE F 244 7.31 -29.77 -51.63
C ILE F 244 5.93 -30.03 -51.09
N SER F 245 5.85 -30.72 -49.96
CA SER F 245 4.56 -31.00 -49.37
C SER F 245 3.92 -29.69 -48.90
N LYS F 246 4.57 -29.00 -47.96
CA LYS F 246 4.05 -27.73 -47.43
C LYS F 246 3.47 -26.84 -48.54
N ILE F 247 4.11 -26.88 -49.70
CA ILE F 247 3.66 -26.08 -50.83
C ILE F 247 2.34 -26.57 -51.42
N TYR F 248 2.24 -27.87 -51.68
CA TYR F 248 0.99 -28.38 -52.22
C TYR F 248 -0.11 -28.03 -51.22
N LYS F 249 0.26 -28.09 -49.93
CA LYS F 249 -0.68 -27.76 -48.87
C LYS F 249 -1.23 -26.37 -49.11
N LEU F 250 -0.38 -25.46 -49.57
CA LEU F 250 -0.82 -24.10 -49.82
C LEU F 250 -1.83 -24.05 -50.96
N LEU F 251 -1.98 -25.15 -51.68
CA LEU F 251 -2.94 -25.18 -52.78
C LEU F 251 -4.27 -25.77 -52.32
N SER F 252 -4.19 -26.77 -51.46
CA SER F 252 -5.37 -27.44 -50.94
C SER F 252 -6.51 -26.51 -50.56
N GLY F 253 -6.19 -25.36 -49.99
CA GLY F 253 -7.23 -24.42 -49.58
C GLY F 253 -6.97 -24.06 -48.13
N SER F 254 -7.52 -24.84 -47.19
CA SER F 254 -7.26 -24.59 -45.78
C SER F 254 -5.97 -25.37 -45.51
N PRO F 255 -4.89 -24.65 -45.17
CA PRO F 255 -3.57 -25.22 -44.88
C PRO F 255 -3.35 -25.55 -43.42
N PHE F 256 -4.01 -24.83 -42.55
CA PHE F 256 -3.81 -25.10 -41.15
C PHE F 256 -4.68 -26.20 -40.60
N GLU F 257 -5.90 -26.33 -41.14
CA GLU F 257 -6.83 -27.38 -40.72
C GLU F 257 -6.76 -28.50 -41.75
N GLY F 258 -5.55 -28.85 -42.17
CA GLY F 258 -5.42 -29.86 -43.19
C GLY F 258 -5.02 -31.29 -42.83
N LEU F 259 -4.90 -32.08 -43.89
CA LEU F 259 -4.53 -33.49 -43.82
C LEU F 259 -3.01 -33.59 -43.65
N PHE F 260 -2.33 -32.46 -43.79
CA PHE F 260 -0.88 -32.39 -43.67
C PHE F 260 -0.53 -31.04 -43.06
N SER F 261 -1.47 -30.52 -42.29
CA SER F 261 -1.41 -29.23 -41.60
C SER F 261 -0.08 -28.51 -41.48
N LEU F 262 -0.18 -27.19 -41.34
CA LEU F 262 0.96 -26.32 -41.19
C LEU F 262 0.98 -25.77 -39.77
N LYS F 263 0.04 -26.24 -38.96
CA LYS F 263 -0.07 -25.81 -37.57
C LYS F 263 1.28 -25.95 -36.86
N GLU F 264 2.16 -26.75 -37.45
CA GLU F 264 3.47 -26.98 -36.89
C GLU F 264 4.38 -25.75 -36.90
N LEU F 265 4.12 -24.82 -37.82
CA LEU F 265 4.92 -23.62 -37.95
C LEU F 265 4.95 -22.66 -36.77
N GLU F 266 4.04 -22.86 -35.83
CA GLU F 266 3.98 -21.99 -34.66
C GLU F 266 5.30 -21.92 -33.93
N SER F 267 6.22 -22.82 -34.27
CA SER F 267 7.52 -22.87 -33.61
C SER F 267 8.43 -21.66 -33.78
N GLU F 268 8.77 -21.33 -35.03
CA GLU F 268 9.67 -20.20 -35.27
C GLU F 268 9.05 -19.08 -36.08
N PHE F 269 7.82 -19.24 -36.56
CA PHE F 269 7.21 -18.16 -37.32
C PHE F 269 6.34 -17.19 -36.49
N SER F 270 6.48 -15.89 -36.75
CA SER F 270 5.65 -14.92 -36.03
C SER F 270 4.23 -15.31 -36.33
N TRP F 271 3.38 -15.32 -35.32
CA TRP F 271 1.97 -15.67 -35.52
C TRP F 271 1.48 -14.92 -36.77
N LEU F 272 1.93 -13.66 -36.88
CA LEU F 272 1.56 -12.80 -38.00
C LEU F 272 2.02 -13.36 -39.35
N CYS F 273 3.07 -14.16 -39.31
CA CYS F 273 3.56 -14.74 -40.54
C CYS F 273 2.51 -15.72 -41.03
N LEU F 274 1.99 -16.49 -40.07
CA LEU F 274 0.96 -17.50 -40.29
C LEU F 274 -0.31 -16.82 -40.78
N LEU F 275 -0.79 -15.87 -40.00
CA LEU F 275 -1.98 -15.15 -40.39
C LEU F 275 -1.91 -14.77 -41.85
N ASN F 276 -0.80 -14.16 -42.27
CA ASN F 276 -0.71 -13.76 -43.66
C ASN F 276 -1.04 -14.93 -44.56
N LEU F 277 -0.74 -16.14 -44.10
CA LEU F 277 -1.04 -17.32 -44.92
C LEU F 277 -2.54 -17.47 -45.07
N THR F 278 -3.23 -17.58 -43.95
CA THR F 278 -4.66 -17.77 -43.99
C THR F 278 -5.36 -16.68 -44.79
N LEU F 279 -4.74 -15.52 -44.89
CA LEU F 279 -5.37 -14.45 -45.64
C LEU F 279 -5.02 -14.51 -47.13
N CYS F 280 -3.97 -15.24 -47.48
CA CYS F 280 -3.55 -15.33 -48.87
C CYS F 280 -3.93 -16.64 -49.54
N TYR F 281 -3.65 -17.75 -48.88
CA TYR F 281 -3.96 -19.05 -49.45
C TYR F 281 -5.07 -19.72 -48.70
N GLY F 282 -5.44 -19.15 -47.56
CA GLY F 282 -6.48 -19.78 -46.77
C GLY F 282 -7.91 -19.35 -46.98
N GLN F 283 -8.22 -18.90 -48.21
CA GLN F 283 -9.57 -18.43 -48.52
C GLN F 283 -10.56 -19.58 -48.54
N ILE F 284 -10.33 -20.51 -47.61
CA ILE F 284 -11.13 -21.73 -47.38
C ILE F 284 -12.54 -21.58 -48.02
N ASP F 285 -13.25 -20.51 -47.65
CA ASP F 285 -14.59 -20.23 -48.20
C ASP F 285 -14.57 -18.80 -48.74
N GLU F 286 -15.45 -18.51 -49.70
CA GLU F 286 -15.50 -17.17 -50.27
C GLU F 286 -16.49 -16.24 -49.57
N TYR F 287 -16.12 -15.76 -48.38
CA TYR F 287 -16.96 -14.86 -47.60
C TYR F 287 -16.31 -13.56 -47.13
N SER F 288 -16.83 -13.02 -46.04
CA SER F 288 -16.33 -11.77 -45.45
C SER F 288 -14.94 -11.93 -44.83
N LEU F 289 -14.16 -10.85 -44.91
CA LEU F 289 -12.78 -10.76 -44.42
C LEU F 289 -12.77 -10.79 -42.90
N GLU F 290 -13.57 -9.91 -42.32
CA GLU F 290 -13.67 -9.84 -40.88
C GLU F 290 -13.78 -11.28 -40.34
N SER F 291 -14.72 -12.04 -40.87
CA SER F 291 -14.92 -13.41 -40.41
C SER F 291 -13.71 -14.28 -40.72
N LEU F 292 -13.03 -13.94 -41.81
CA LEU F 292 -11.84 -14.67 -42.23
C LEU F 292 -10.78 -14.55 -41.16
N VAL F 293 -10.37 -13.31 -40.92
CA VAL F 293 -9.38 -13.02 -39.91
C VAL F 293 -9.73 -13.86 -38.69
N GLN F 294 -10.99 -13.78 -38.29
CA GLN F 294 -11.50 -14.49 -37.14
C GLN F 294 -11.19 -15.98 -37.16
N SER F 295 -11.14 -16.56 -38.36
CA SER F 295 -10.87 -17.99 -38.50
C SER F 295 -9.48 -18.36 -38.02
N HIS F 296 -8.53 -17.48 -38.32
CA HIS F 296 -7.14 -17.69 -37.92
C HIS F 296 -7.08 -17.72 -36.40
N LEU F 297 -7.62 -16.68 -35.76
CA LEU F 297 -7.61 -16.55 -34.31
C LEU F 297 -8.01 -17.82 -33.60
N ASP F 298 -8.91 -18.57 -34.22
CA ASP F 298 -9.40 -19.80 -33.63
C ASP F 298 -8.32 -20.88 -33.47
N LYS F 299 -7.54 -21.12 -34.52
CA LYS F 299 -6.51 -22.14 -34.42
C LYS F 299 -5.30 -21.68 -33.59
N PHE F 300 -5.03 -20.37 -33.59
CA PHE F 300 -3.87 -19.85 -32.87
C PHE F 300 -4.15 -18.81 -31.82
N SER F 301 -3.35 -19.00 -30.77
CA SER F 301 -3.26 -18.20 -29.58
C SER F 301 -2.45 -17.01 -30.04
N LEU F 302 -2.75 -15.87 -29.44
CA LEU F 302 -2.15 -14.58 -29.78
C LEU F 302 -1.05 -14.08 -28.82
N PRO F 303 -0.30 -13.05 -29.22
CA PRO F 303 0.76 -12.54 -28.34
C PRO F 303 0.15 -11.68 -27.22
N TYR F 304 0.52 -12.00 -25.98
CA TYR F 304 0.03 -11.28 -24.80
C TYR F 304 0.55 -9.86 -24.71
N ASP F 305 -0.30 -8.95 -24.24
CA ASP F 305 0.03 -7.53 -24.09
C ASP F 305 0.19 -6.88 -25.47
N ASP F 306 -0.18 -7.57 -26.57
CA ASP F 306 0.11 -6.95 -27.86
C ASP F 306 -1.00 -6.11 -28.46
N PRO F 307 -0.75 -4.81 -28.66
CA PRO F 307 -1.73 -3.90 -29.22
C PRO F 307 -2.16 -4.20 -30.67
N ILE F 308 -1.22 -4.56 -31.54
CA ILE F 308 -1.60 -4.87 -32.91
C ILE F 308 -2.47 -6.11 -32.84
N GLY F 309 -2.18 -6.99 -31.87
CA GLY F 309 -2.96 -8.19 -31.72
C GLY F 309 -4.42 -7.85 -31.41
N VAL F 310 -4.64 -7.28 -30.24
CA VAL F 310 -5.96 -6.84 -29.81
C VAL F 310 -6.75 -6.21 -30.94
N ILE F 311 -6.17 -5.20 -31.57
CA ILE F 311 -6.86 -4.54 -32.65
C ILE F 311 -7.46 -5.49 -33.67
N PHE F 312 -6.81 -6.64 -33.87
CA PHE F 312 -7.34 -7.59 -34.82
C PHE F 312 -8.63 -8.19 -34.24
N GLN F 313 -8.57 -8.69 -33.01
CA GLN F 313 -9.77 -9.27 -32.40
C GLN F 313 -10.95 -8.34 -32.53
N LEU F 314 -10.69 -7.05 -32.37
CA LEU F 314 -11.75 -6.08 -32.49
C LEU F 314 -12.27 -6.10 -33.91
N TYR F 315 -11.39 -6.11 -34.89
CA TYR F 315 -11.85 -6.14 -36.26
C TYR F 315 -12.58 -7.46 -36.53
N ALA F 316 -11.95 -8.54 -36.07
CA ALA F 316 -12.49 -9.87 -36.26
C ALA F 316 -13.89 -10.07 -35.71
N ALA F 317 -14.11 -9.68 -34.46
CA ALA F 317 -15.42 -9.85 -33.85
C ALA F 317 -16.45 -8.81 -34.28
N ASN F 318 -16.78 -8.84 -35.57
CA ASN F 318 -17.73 -7.93 -36.22
C ASN F 318 -18.82 -7.24 -35.39
N GLU F 319 -20.00 -7.88 -35.27
CA GLU F 319 -21.14 -7.31 -34.55
C GLU F 319 -20.95 -7.20 -33.06
N ASN F 320 -20.13 -8.09 -32.55
CA ASN F 320 -19.83 -8.14 -31.12
C ASN F 320 -18.83 -7.09 -30.67
N THR F 321 -18.45 -6.25 -31.63
CA THR F 321 -17.52 -5.16 -31.45
C THR F 321 -17.48 -4.60 -30.00
N GLU F 322 -18.50 -3.87 -29.61
CA GLU F 322 -18.54 -3.26 -28.29
C GLU F 322 -18.38 -4.25 -27.15
N LYS F 323 -18.90 -5.45 -27.35
CA LYS F 323 -18.86 -6.49 -26.35
C LYS F 323 -17.43 -6.96 -26.15
N LEU F 324 -16.71 -7.15 -27.24
CA LEU F 324 -15.33 -7.59 -27.17
C LEU F 324 -14.52 -6.50 -26.52
N TYR F 325 -14.69 -5.28 -27.04
CA TYR F 325 -13.98 -4.13 -26.50
C TYR F 325 -14.10 -4.17 -24.99
N LYS F 326 -15.32 -4.11 -24.48
CA LYS F 326 -15.49 -4.19 -23.04
C LYS F 326 -14.68 -5.36 -22.50
N GLU F 327 -14.87 -6.52 -23.10
CA GLU F 327 -14.18 -7.72 -22.65
C GLU F 327 -12.69 -7.53 -22.60
N VAL F 328 -12.16 -6.92 -23.67
CA VAL F 328 -10.72 -6.68 -23.82
C VAL F 328 -10.09 -5.69 -22.87
N ARG F 329 -10.70 -4.52 -22.79
CA ARG F 329 -10.15 -3.50 -21.93
C ARG F 329 -10.10 -3.98 -20.50
N GLN F 330 -10.93 -4.96 -20.15
CA GLN F 330 -10.92 -5.44 -18.79
C GLN F 330 -9.68 -6.28 -18.45
N ARG F 331 -8.89 -6.63 -19.46
CA ARG F 331 -7.70 -7.43 -19.21
C ARG F 331 -6.39 -6.81 -19.65
N THR F 332 -6.45 -5.75 -20.44
CA THR F 332 -5.21 -5.17 -20.95
C THR F 332 -5.05 -3.66 -21.00
N ASN F 333 -3.87 -3.23 -20.60
CA ASN F 333 -3.51 -1.82 -20.58
C ASN F 333 -2.70 -1.52 -21.85
N ALA F 334 -2.88 -2.33 -22.89
CA ALA F 334 -2.12 -2.14 -24.11
C ALA F 334 -2.73 -1.05 -24.96
N LEU F 335 -4.04 -0.90 -24.86
CA LEU F 335 -4.76 0.14 -25.60
C LEU F 335 -4.91 1.48 -24.84
N ASP F 336 -4.15 2.45 -25.35
CA ASP F 336 -4.00 3.83 -24.92
C ASP F 336 -5.30 4.61 -24.88
N VAL F 337 -5.70 5.05 -23.68
CA VAL F 337 -6.92 5.85 -23.52
C VAL F 337 -7.31 6.65 -24.77
N GLN F 338 -6.40 7.51 -25.22
CA GLN F 338 -6.62 8.34 -26.39
C GLN F 338 -6.98 7.47 -27.58
N PHE F 339 -6.39 6.29 -27.67
CA PHE F 339 -6.69 5.43 -28.81
C PHE F 339 -8.14 4.98 -28.69
N CYS F 340 -8.41 4.23 -27.62
CA CYS F 340 -9.75 3.74 -27.35
C CYS F 340 -10.70 4.81 -27.81
N TRP F 341 -10.56 6.01 -27.27
CA TRP F 341 -11.45 7.08 -27.66
C TRP F 341 -11.48 7.33 -29.17
N TYR F 342 -10.31 7.56 -29.77
CA TYR F 342 -10.30 7.83 -31.18
C TYR F 342 -10.95 6.69 -31.94
N LEU F 343 -10.87 5.48 -31.40
CA LEU F 343 -11.45 4.31 -32.06
C LEU F 343 -12.96 4.44 -32.10
N ILE F 344 -13.53 4.38 -30.91
CA ILE F 344 -14.95 4.50 -30.76
C ILE F 344 -15.47 5.62 -31.65
N GLN F 345 -14.83 6.78 -31.57
CA GLN F 345 -15.23 7.94 -32.35
C GLN F 345 -15.10 7.80 -33.86
N THR F 346 -14.00 7.26 -34.35
CA THR F 346 -13.89 7.14 -35.79
C THR F 346 -14.84 6.07 -36.28
N LEU F 347 -15.04 5.06 -35.44
CA LEU F 347 -15.96 3.99 -35.80
C LEU F 347 -17.42 4.46 -35.73
N ARG F 348 -17.73 5.30 -34.74
CA ARG F 348 -19.10 5.79 -34.58
C ARG F 348 -19.54 6.74 -35.68
N PHE F 349 -18.67 7.63 -36.13
CA PHE F 349 -19.06 8.57 -37.18
C PHE F 349 -18.79 8.11 -38.61
N ASN F 350 -18.68 6.81 -38.81
CA ASN F 350 -18.45 6.29 -40.15
C ASN F 350 -19.35 5.08 -40.39
N GLY F 351 -20.15 4.74 -39.39
CA GLY F 351 -21.05 3.61 -39.50
C GLY F 351 -20.30 2.30 -39.38
N THR F 352 -18.99 2.39 -39.43
CA THR F 352 -18.13 1.22 -39.34
C THR F 352 -18.57 0.19 -38.29
N ARG F 353 -18.89 0.57 -37.05
CA ARG F 353 -19.32 -0.49 -36.13
C ARG F 353 -20.44 -0.14 -35.18
N VAL F 354 -20.68 -1.05 -34.25
CA VAL F 354 -21.76 -0.92 -33.28
C VAL F 354 -21.33 -0.46 -31.89
N PHE F 355 -21.47 0.83 -31.61
CA PHE F 355 -21.09 1.34 -30.29
C PHE F 355 -22.10 2.08 -29.43
N SER F 356 -22.31 1.53 -28.24
CA SER F 356 -23.26 2.05 -27.24
C SER F 356 -22.99 3.40 -26.61
N LYS F 357 -23.98 4.29 -26.62
CA LYS F 357 -23.83 5.61 -26.02
C LYS F 357 -23.17 5.53 -24.65
N GLU F 358 -23.69 4.66 -23.79
CA GLU F 358 -23.13 4.53 -22.45
C GLU F 358 -21.64 4.24 -22.47
N THR F 359 -21.22 3.33 -23.34
CA THR F 359 -19.81 2.99 -23.42
C THR F 359 -18.97 4.10 -24.07
N SER F 360 -19.53 4.78 -25.06
CA SER F 360 -18.80 5.88 -25.71
C SER F 360 -18.49 6.97 -24.70
N ASP F 361 -19.52 7.64 -24.21
CA ASP F 361 -19.31 8.69 -23.23
C ASP F 361 -18.43 8.15 -22.10
N GLU F 362 -18.64 6.90 -21.74
CA GLU F 362 -17.85 6.26 -20.68
C GLU F 362 -16.36 6.45 -20.93
N ALA F 363 -15.96 6.34 -22.19
CA ALA F 363 -14.57 6.50 -22.55
C ALA F 363 -14.24 7.91 -23.01
N THR F 364 -15.25 8.75 -23.21
CA THR F 364 -14.96 10.12 -23.62
C THR F 364 -14.51 10.84 -22.35
N PHE F 365 -15.17 10.56 -21.23
CA PHE F 365 -14.76 11.20 -19.99
C PHE F 365 -13.31 10.85 -19.79
N ALA F 366 -13.04 9.56 -19.79
CA ALA F 366 -11.69 9.05 -19.59
C ALA F 366 -10.63 9.97 -20.19
N PHE F 367 -10.69 10.12 -21.52
CA PHE F 367 -9.74 10.94 -22.28
C PHE F 367 -9.81 12.41 -21.88
N ALA F 368 -10.98 13.02 -22.01
CA ALA F 368 -11.18 14.43 -21.67
C ALA F 368 -10.66 14.76 -20.28
N ALA F 369 -10.40 13.74 -19.48
CA ALA F 369 -9.90 13.90 -18.13
C ALA F 369 -8.39 14.05 -18.14
N GLN F 370 -7.73 13.13 -18.83
CA GLN F 370 -6.29 13.15 -18.95
C GLN F 370 -5.92 14.51 -19.51
N LEU F 371 -6.69 14.95 -20.50
CA LEU F 371 -6.44 16.23 -21.09
C LEU F 371 -6.63 17.35 -20.07
N GLU F 372 -7.32 17.08 -18.98
CA GLU F 372 -7.53 18.13 -18.00
C GLU F 372 -6.35 18.19 -17.02
N PHE F 373 -5.83 17.02 -16.65
CA PHE F 373 -4.65 16.97 -15.78
C PHE F 373 -3.50 17.61 -16.51
N ALA F 374 -3.45 17.44 -17.80
CA ALA F 374 -2.34 18.07 -18.55
C ALA F 374 -2.48 19.57 -18.68
N GLN F 375 -3.66 20.02 -18.28
CA GLN F 375 -4.17 21.38 -18.35
C GLN F 375 -4.66 21.71 -19.78
N LEU F 376 -4.27 20.91 -20.85
CA LEU F 376 -4.72 21.28 -22.21
C LEU F 376 -6.21 21.28 -22.34
N HIS F 377 -6.80 22.31 -21.78
CA HIS F 377 -8.22 22.49 -21.77
C HIS F 377 -8.79 22.54 -23.16
N GLY F 378 -8.12 23.22 -24.07
CA GLY F 378 -8.62 23.27 -25.42
C GLY F 378 -8.99 21.88 -25.90
N HIS F 379 -8.12 20.92 -25.69
CA HIS F 379 -8.41 19.57 -26.14
C HIS F 379 -9.58 18.99 -25.35
N SER F 380 -9.53 19.17 -24.03
CA SER F 380 -10.56 18.67 -23.12
C SER F 380 -11.92 19.14 -23.58
N LEU F 381 -12.09 20.45 -23.62
CA LEU F 381 -13.35 21.00 -24.04
C LEU F 381 -13.75 20.33 -25.36
N PHE F 382 -12.87 20.31 -26.35
CA PHE F 382 -13.27 19.69 -27.60
C PHE F 382 -13.71 18.24 -27.42
N VAL F 383 -12.90 17.39 -26.79
CA VAL F 383 -13.33 16.00 -26.62
C VAL F 383 -14.62 15.95 -25.85
N SER F 384 -14.79 16.92 -24.96
CA SER F 384 -16.00 17.01 -24.15
C SER F 384 -17.25 17.09 -25.01
N CYS F 385 -17.14 17.60 -26.23
CA CYS F 385 -18.31 17.70 -27.10
C CYS F 385 -18.70 16.35 -27.64
N PHE F 386 -17.83 15.38 -27.47
CA PHE F 386 -18.17 14.06 -27.93
C PHE F 386 -19.01 13.35 -26.88
N LEU F 387 -19.76 14.16 -26.15
CA LEU F 387 -20.62 13.65 -25.10
C LEU F 387 -22.05 13.63 -25.63
N ASN F 388 -22.73 12.52 -25.38
CA ASN F 388 -24.11 12.39 -25.79
C ASN F 388 -25.04 12.98 -24.72
N ASP F 389 -24.81 12.64 -23.46
CA ASP F 389 -25.66 13.12 -22.35
C ASP F 389 -25.71 14.66 -22.25
N ASP F 390 -26.60 15.35 -23.01
CA ASP F 390 -26.65 16.81 -22.94
C ASP F 390 -26.48 17.41 -21.55
N LYS F 391 -26.95 16.71 -20.51
CA LYS F 391 -26.81 17.24 -19.17
C LYS F 391 -25.34 17.27 -18.83
N ALA F 392 -24.68 16.13 -18.99
CA ALA F 392 -23.26 16.00 -18.69
C ALA F 392 -22.41 16.98 -19.48
N ALA F 393 -22.66 17.06 -20.78
CA ALA F 393 -21.91 17.98 -21.61
C ALA F 393 -21.95 19.34 -20.92
N GLU F 394 -23.15 19.93 -20.88
CA GLU F 394 -23.36 21.24 -20.26
C GLU F 394 -22.61 21.24 -18.94
N ASP F 395 -22.90 20.23 -18.12
CA ASP F 395 -22.31 20.09 -16.81
C ASP F 395 -20.80 20.30 -16.82
N THR F 396 -20.09 19.58 -17.70
CA THR F 396 -18.65 19.72 -17.76
C THR F 396 -18.25 21.08 -18.29
N ILE F 397 -18.61 21.32 -19.54
CA ILE F 397 -18.30 22.58 -20.17
C ILE F 397 -18.46 23.78 -19.25
N LYS F 398 -19.62 23.94 -18.63
CA LYS F 398 -19.81 25.07 -17.73
C LYS F 398 -18.66 25.08 -16.73
N ARG F 399 -18.38 23.92 -16.14
CA ARG F 399 -17.32 23.81 -15.14
C ARG F 399 -15.94 24.16 -15.69
N LEU F 400 -15.51 23.40 -16.69
CA LEU F 400 -14.21 23.60 -17.30
C LEU F 400 -13.99 25.07 -17.61
N VAL F 401 -14.89 25.66 -18.40
CA VAL F 401 -14.75 27.07 -18.75
C VAL F 401 -14.77 28.03 -17.54
N MET F 402 -15.75 27.90 -16.66
CA MET F 402 -15.84 28.78 -15.50
C MET F 402 -14.53 28.89 -14.72
N ARG F 403 -13.73 27.84 -14.74
CA ARG F 403 -12.47 27.85 -13.99
C ARG F 403 -11.23 28.27 -14.78
N GLU F 404 -11.15 27.92 -16.05
CA GLU F 404 -9.97 28.23 -16.85
C GLU F 404 -10.20 29.19 -18.00
N ILE F 405 -10.95 30.26 -17.76
CA ILE F 405 -11.20 31.20 -18.85
C ILE F 405 -9.95 31.90 -19.31
N THR F 406 -9.23 32.51 -18.38
CA THR F 406 -8.03 33.25 -18.73
C THR F 406 -7.15 32.40 -19.64
N LEU F 407 -7.02 31.14 -19.27
CA LEU F 407 -6.20 30.22 -20.03
C LEU F 407 -6.74 29.97 -21.43
N LEU F 408 -8.06 30.02 -21.58
CA LEU F 408 -8.68 29.78 -22.88
C LEU F 408 -8.85 31.05 -23.68
N ARG F 409 -8.20 32.14 -23.27
CA ARG F 409 -8.34 33.41 -23.98
C ARG F 409 -7.22 33.85 -24.92
N ALA F 410 -6.97 35.16 -24.92
CA ALA F 410 -5.97 35.87 -25.75
C ALA F 410 -4.96 35.19 -26.70
N SER F 411 -4.17 34.16 -26.27
CA SER F 411 -3.18 33.59 -27.20
C SER F 411 -3.34 32.09 -27.50
N THR F 412 -4.35 31.38 -26.97
CA THR F 412 -4.24 29.93 -27.17
C THR F 412 -4.42 29.64 -28.67
N ASN F 413 -4.81 30.69 -29.45
CA ASN F 413 -5.01 30.78 -30.89
C ASN F 413 -6.03 31.92 -31.11
N ASP F 414 -6.42 32.49 -29.98
CA ASP F 414 -7.35 33.59 -29.90
C ASP F 414 -8.84 33.41 -30.08
N HIS F 415 -9.31 32.20 -30.31
CA HIS F 415 -10.78 32.10 -30.35
C HIS F 415 -11.37 30.74 -29.99
N ILE F 416 -10.56 29.74 -29.65
CA ILE F 416 -11.09 28.36 -29.47
C ILE F 416 -12.55 28.20 -29.12
N LEU F 417 -13.02 29.03 -28.20
CA LEU F 417 -14.40 29.01 -27.72
C LEU F 417 -15.47 29.33 -28.77
N ASN F 418 -15.18 30.27 -29.66
CA ASN F 418 -16.14 30.63 -30.70
C ASN F 418 -16.11 29.52 -31.71
N ARG F 419 -14.94 28.91 -31.81
CA ARG F 419 -14.74 27.80 -32.73
C ARG F 419 -15.54 26.59 -32.28
N LEU F 420 -15.69 26.42 -30.98
CA LEU F 420 -16.44 25.28 -30.49
C LEU F 420 -17.91 25.64 -30.26
N LYS F 421 -18.43 26.64 -30.95
CA LYS F 421 -19.85 26.99 -30.81
C LYS F 421 -20.34 26.91 -29.36
N ILE F 422 -19.54 27.45 -28.45
CA ILE F 422 -19.87 27.50 -27.03
C ILE F 422 -20.82 28.66 -26.76
N PRO F 423 -21.62 28.59 -25.68
CA PRO F 423 -22.56 29.68 -25.38
C PRO F 423 -22.05 31.09 -25.10
N SER F 424 -22.52 32.05 -25.92
CA SER F 424 -22.17 33.46 -25.76
C SER F 424 -22.28 33.86 -24.30
N GLN F 425 -23.39 33.49 -23.66
CA GLN F 425 -23.61 33.84 -22.27
C GLN F 425 -22.53 33.25 -21.34
N LEU F 426 -22.35 31.93 -21.36
CA LEU F 426 -21.35 31.25 -20.51
C LEU F 426 -20.00 31.96 -20.49
N ILE F 427 -19.56 32.36 -21.67
CA ILE F 427 -18.30 33.06 -21.80
C ILE F 427 -18.38 34.32 -20.99
N PHE F 428 -19.29 35.21 -21.38
CA PHE F 428 -19.46 36.47 -20.67
C PHE F 428 -19.62 36.26 -19.17
N ASN F 429 -20.45 35.29 -18.79
CA ASN F 429 -20.67 35.02 -17.38
C ASN F 429 -19.37 34.64 -16.64
N ALA F 430 -18.77 33.52 -17.01
CA ALA F 430 -17.55 33.06 -16.34
C ALA F 430 -16.41 34.07 -16.43
N GLN F 431 -16.39 34.80 -17.54
CA GLN F 431 -15.39 35.81 -17.77
C GLN F 431 -15.58 36.86 -16.69
N ALA F 432 -16.74 37.48 -16.74
CA ALA F 432 -17.08 38.50 -15.77
C ALA F 432 -16.72 38.03 -14.37
N LEU F 433 -17.07 36.80 -14.04
CA LEU F 433 -16.76 36.30 -12.70
C LEU F 433 -15.29 36.40 -12.31
N LYS F 434 -14.37 36.08 -13.21
CA LYS F 434 -12.98 36.18 -12.78
C LYS F 434 -12.49 37.60 -12.73
N ASP F 435 -12.78 38.39 -13.75
CA ASP F 435 -12.36 39.78 -13.74
C ASP F 435 -12.74 40.32 -12.36
N ARG F 436 -13.94 39.93 -11.95
CA ARG F 436 -14.55 40.28 -10.68
C ARG F 436 -13.69 39.76 -9.52
N TYR F 437 -13.25 38.51 -9.65
CA TYR F 437 -12.42 37.86 -8.66
C TYR F 437 -11.09 38.60 -8.55
N GLU F 438 -10.41 38.74 -9.68
CA GLU F 438 -9.14 39.45 -9.71
C GLU F 438 -9.35 40.85 -9.18
N GLY F 439 -10.53 41.40 -9.46
CA GLY F 439 -10.86 42.74 -9.00
C GLY F 439 -10.48 43.07 -7.56
N ASN F 440 -10.82 42.20 -6.61
CA ASN F 440 -10.50 42.49 -5.20
C ASN F 440 -9.06 42.15 -4.86
N TYR F 441 -8.60 41.02 -5.37
CA TYR F 441 -7.23 40.57 -5.15
C TYR F 441 -6.22 41.73 -5.32
N LEU F 442 -6.56 42.68 -6.22
CA LEU F 442 -5.73 43.88 -6.51
C LEU F 442 -5.88 45.06 -5.51
N ASP G 20 68.06 -18.84 -125.31
CA ASP G 20 67.62 -18.91 -126.75
C ASP G 20 66.65 -20.08 -126.95
N GLU G 21 66.65 -21.02 -125.99
CA GLU G 21 65.76 -22.18 -126.03
C GLU G 21 64.52 -21.86 -125.19
N ILE G 22 64.46 -20.59 -124.77
CA ILE G 22 63.36 -20.08 -123.97
C ILE G 22 62.20 -19.57 -124.84
N ASP G 23 62.37 -19.56 -126.17
CA ASP G 23 61.29 -19.09 -127.06
C ASP G 23 60.29 -20.19 -127.39
N ASN G 24 60.58 -21.43 -127.03
CA ASN G 24 59.60 -22.47 -127.28
C ASN G 24 58.91 -22.66 -125.96
N ALA G 25 59.33 -21.84 -125.01
CA ALA G 25 58.75 -21.82 -123.67
C ALA G 25 57.79 -20.62 -123.76
N LYS G 26 57.85 -19.94 -124.90
CA LYS G 26 57.00 -18.77 -125.16
C LYS G 26 56.18 -19.00 -126.46
N LEU G 27 56.75 -19.71 -127.44
CA LEU G 27 56.08 -20.01 -128.71
C LEU G 27 55.02 -21.04 -128.42
N ILE G 28 55.39 -21.96 -127.53
CA ILE G 28 54.51 -23.03 -127.09
C ILE G 28 53.29 -22.33 -126.46
N MET G 29 53.54 -21.60 -125.37
CA MET G 29 52.53 -20.86 -124.61
C MET G 29 51.82 -19.82 -125.45
N LYS G 30 52.46 -19.40 -126.53
CA LYS G 30 51.86 -18.41 -127.42
C LYS G 30 50.74 -19.11 -128.18
N GLU G 31 51.00 -20.35 -128.61
CA GLU G 31 50.00 -21.13 -129.35
C GLU G 31 48.82 -21.47 -128.47
N ARG G 32 49.08 -21.74 -127.20
CA ARG G 32 48.03 -22.12 -126.27
C ARG G 32 47.21 -20.98 -125.69
N ARG G 33 47.74 -19.75 -125.81
CA ARG G 33 47.07 -18.57 -125.26
C ARG G 33 47.28 -18.52 -123.72
N PHE G 34 48.38 -19.10 -123.26
CA PHE G 34 48.65 -19.13 -121.84
C PHE G 34 49.50 -17.97 -121.27
N THR G 35 48.79 -16.94 -120.78
CA THR G 35 49.40 -15.76 -120.15
C THR G 35 50.32 -16.24 -119.04
N ALA G 36 51.25 -15.40 -118.62
CA ALA G 36 52.16 -15.80 -117.55
C ALA G 36 51.47 -15.60 -116.19
N SER G 37 50.25 -15.06 -116.23
CA SER G 37 49.49 -14.79 -115.01
C SER G 37 48.34 -15.76 -114.65
N TYR G 38 48.33 -16.97 -115.22
CA TYR G 38 47.27 -17.92 -114.91
C TYR G 38 47.75 -18.84 -113.79
N THR G 39 46.79 -19.42 -113.07
CA THR G 39 47.04 -20.34 -111.98
C THR G 39 45.91 -21.38 -111.95
N PHE G 40 45.97 -22.30 -111.00
CA PHE G 40 44.96 -23.34 -110.89
C PHE G 40 44.56 -23.63 -109.45
N ALA G 41 43.34 -24.11 -109.29
CA ALA G 41 42.83 -24.45 -107.98
C ALA G 41 41.89 -25.62 -108.13
N LYS G 42 42.34 -26.77 -107.67
CA LYS G 42 41.55 -27.97 -107.76
C LYS G 42 41.41 -28.61 -106.39
N PHE G 43 40.19 -29.07 -106.10
CA PHE G 43 39.91 -29.72 -104.84
C PHE G 43 40.45 -31.15 -104.85
N SER G 44 40.56 -31.77 -103.68
CA SER G 44 41.05 -33.14 -103.60
C SER G 44 39.96 -34.08 -103.11
N THR G 45 40.30 -35.36 -103.01
CA THR G 45 39.37 -36.37 -102.54
C THR G 45 38.74 -35.98 -101.20
N GLY G 46 39.57 -35.63 -100.22
CA GLY G 46 39.07 -35.26 -98.91
C GLY G 46 38.75 -33.78 -98.70
N SER G 47 38.34 -33.12 -99.78
CA SER G 47 37.98 -31.69 -99.80
C SER G 47 39.07 -30.72 -99.36
N MET G 48 40.23 -30.91 -99.96
CA MET G 48 41.38 -30.05 -99.74
C MET G 48 41.38 -29.21 -101.01
N LEU G 49 42.24 -28.19 -101.06
CA LEU G 49 42.33 -27.36 -102.26
C LEU G 49 43.78 -27.20 -102.65
N LEU G 50 44.01 -26.96 -103.94
CA LEU G 50 45.37 -26.83 -104.47
C LEU G 50 45.68 -25.61 -105.35
N THR G 51 46.79 -24.94 -105.07
CA THR G 51 47.14 -23.77 -105.86
C THR G 51 48.65 -23.68 -106.04
N LYS G 52 49.07 -23.06 -107.14
CA LYS G 52 50.49 -22.93 -107.41
C LYS G 52 51.09 -22.05 -106.31
N ASP G 53 52.28 -22.43 -105.85
CA ASP G 53 52.97 -21.67 -104.80
C ASP G 53 54.44 -22.11 -104.66
N ILE G 54 55.36 -21.16 -104.84
CA ILE G 54 56.80 -21.44 -104.76
C ILE G 54 57.40 -20.98 -103.43
N SER G 58 57.20 -26.19 -101.96
CA SER G 58 58.08 -26.84 -102.94
C SER G 58 57.33 -27.79 -103.87
N GLY G 59 56.16 -27.35 -104.31
CA GLY G 59 55.32 -28.13 -105.20
C GLY G 59 54.08 -27.30 -105.40
N VAL G 60 53.04 -27.64 -104.66
CA VAL G 60 51.79 -26.90 -104.77
C VAL G 60 51.26 -26.64 -103.36
N SER G 61 50.19 -25.84 -103.29
CA SER G 61 49.56 -25.48 -102.02
C SER G 61 48.40 -26.39 -101.65
N ILE G 62 48.57 -27.16 -100.58
CA ILE G 62 47.52 -28.04 -100.09
C ILE G 62 46.97 -27.43 -98.82
N LYS G 63 45.91 -26.63 -98.96
CA LYS G 63 45.36 -26.01 -97.78
C LYS G 63 44.00 -26.66 -97.53
N ARG G 64 43.67 -26.83 -96.26
CA ARG G 64 42.42 -27.43 -95.80
C ARG G 64 41.30 -26.39 -95.82
N LEU G 65 40.29 -26.61 -96.65
CA LEU G 65 39.14 -25.71 -96.79
C LEU G 65 38.66 -25.12 -95.44
N PRO G 66 38.12 -23.89 -95.44
CA PRO G 66 37.64 -23.33 -94.17
C PRO G 66 36.19 -23.77 -93.91
N THR G 67 35.90 -24.17 -92.67
CA THR G 67 34.56 -24.65 -92.28
C THR G 67 33.64 -23.61 -91.66
N GLU G 68 32.52 -23.34 -92.32
CA GLU G 68 31.56 -22.38 -91.79
C GLU G 68 30.70 -23.02 -90.73
N LEU G 69 31.28 -24.00 -90.05
CA LEU G 69 30.58 -24.68 -88.98
C LEU G 69 31.42 -24.65 -87.73
N GLN G 70 31.21 -23.60 -86.94
CA GLN G 70 31.96 -23.48 -85.71
C GLN G 70 31.13 -23.56 -84.47
N ARG G 71 31.08 -24.76 -83.97
CA ARG G 71 30.39 -25.06 -82.72
C ARG G 71 31.17 -26.14 -81.99
N LYS G 72 32.13 -25.70 -81.18
CA LYS G 72 33.04 -26.56 -80.43
C LYS G 72 32.72 -28.01 -80.07
N PHE G 73 31.64 -28.28 -79.36
CA PHE G 73 31.35 -29.66 -78.95
C PHE G 73 31.39 -30.75 -80.03
N LEU G 74 31.23 -30.36 -81.29
CA LEU G 74 31.23 -31.32 -82.40
C LEU G 74 32.52 -32.10 -82.54
N PHE G 75 33.57 -31.61 -81.91
CA PHE G 75 34.87 -32.25 -82.00
C PHE G 75 35.23 -33.19 -80.87
N ASP G 76 34.26 -33.52 -80.04
CA ASP G 76 34.52 -34.45 -78.94
C ASP G 76 33.70 -35.73 -79.06
N ASP G 77 34.40 -36.87 -79.04
CA ASP G 77 33.74 -38.17 -79.15
C ASP G 77 32.45 -38.25 -78.36
N VAL G 78 32.54 -37.92 -77.08
CA VAL G 78 31.41 -37.99 -76.18
C VAL G 78 30.09 -37.56 -76.79
N TYR G 79 30.03 -36.37 -77.36
CA TYR G 79 28.77 -35.92 -77.93
C TYR G 79 28.24 -36.90 -78.97
N LEU G 80 29.02 -37.09 -80.04
CA LEU G 80 28.59 -38.01 -81.09
C LEU G 80 28.27 -39.38 -80.50
N ASP G 81 29.17 -39.87 -79.66
CA ASP G 81 29.03 -41.17 -79.02
C ASP G 81 27.73 -41.24 -78.19
N LYS G 82 27.59 -40.31 -77.25
CA LYS G 82 26.43 -40.30 -76.38
C LYS G 82 25.13 -40.09 -77.14
N GLU G 83 25.12 -39.13 -78.05
CA GLU G 83 23.92 -38.82 -78.81
C GLU G 83 23.49 -39.99 -79.69
N ILE G 84 24.35 -40.99 -79.83
CA ILE G 84 24.01 -42.16 -80.65
C ILE G 84 23.09 -43.11 -79.89
N GLU G 85 23.30 -43.23 -78.58
CA GLU G 85 22.44 -44.10 -77.78
C GLU G 85 21.02 -43.56 -77.80
N LYS G 86 20.88 -42.29 -78.17
CA LYS G 86 19.59 -41.61 -78.26
C LYS G 86 18.78 -42.13 -79.44
N VAL G 87 19.37 -43.05 -80.20
CA VAL G 87 18.70 -43.56 -81.37
C VAL G 87 18.57 -45.08 -81.51
N THR G 88 17.69 -45.44 -82.45
CA THR G 88 17.35 -46.80 -82.83
C THR G 88 17.56 -46.93 -84.34
N ILE G 89 18.54 -47.72 -84.74
CA ILE G 89 18.83 -47.90 -86.17
C ILE G 89 18.28 -49.20 -86.71
N GLU G 90 17.92 -49.16 -87.99
CA GLU G 90 17.35 -50.32 -88.64
C GLU G 90 17.54 -50.25 -90.15
N ALA G 91 18.05 -51.34 -90.71
CA ALA G 91 18.31 -51.42 -92.15
C ALA G 91 17.08 -51.02 -92.93
N ARG G 92 17.27 -50.39 -94.09
CA ARG G 92 16.12 -49.95 -94.87
C ARG G 92 15.37 -51.05 -95.57
N LYS G 93 14.21 -50.69 -96.11
CA LYS G 93 13.37 -51.65 -96.79
C LYS G 93 13.93 -52.19 -98.10
N SER G 94 14.85 -51.45 -98.72
CA SER G 94 15.42 -51.92 -99.99
C SER G 94 16.92 -52.30 -99.97
N ASN G 95 17.50 -52.43 -98.79
CA ASN G 95 18.91 -52.82 -98.64
C ASN G 95 19.33 -52.85 -97.18
N PRO G 96 20.49 -53.45 -96.88
CA PRO G 96 20.96 -53.53 -95.49
C PRO G 96 21.44 -52.21 -94.89
N TYR G 97 21.50 -51.15 -95.69
CA TYR G 97 21.96 -49.85 -95.22
C TYR G 97 21.04 -49.21 -94.17
N PRO G 98 21.56 -49.11 -92.95
CA PRO G 98 20.90 -48.55 -91.76
C PRO G 98 20.30 -47.19 -91.95
N GLN G 99 19.15 -46.97 -91.35
CA GLN G 99 18.49 -45.68 -91.38
C GLN G 99 17.75 -45.54 -90.06
N ILE G 100 17.62 -44.31 -89.56
CA ILE G 100 17.01 -44.10 -88.26
C ILE G 100 15.53 -44.43 -88.16
N SER G 101 15.26 -45.33 -87.23
CA SER G 101 13.91 -45.82 -86.95
C SER G 101 13.26 -44.92 -85.90
N GLU G 102 13.95 -44.74 -84.78
CA GLU G 102 13.45 -43.94 -83.67
C GLU G 102 14.54 -43.08 -83.04
N SER G 103 14.25 -41.81 -82.80
CA SER G 103 15.22 -40.91 -82.19
C SER G 103 14.62 -39.99 -81.15
N SER G 104 14.92 -40.25 -79.88
CA SER G 104 14.42 -39.39 -78.81
C SER G 104 15.40 -38.25 -78.69
N LEU G 105 15.43 -37.42 -79.71
CA LEU G 105 16.34 -36.29 -79.72
C LEU G 105 15.63 -34.98 -79.50
N LEU G 106 16.06 -34.26 -78.47
CA LEU G 106 15.47 -32.98 -78.12
C LEU G 106 16.52 -31.86 -78.07
N PHE G 107 16.09 -30.59 -78.13
CA PHE G 107 16.99 -29.45 -78.12
C PHE G 107 17.71 -29.43 -76.78
N LYS G 108 16.95 -29.67 -75.71
CA LYS G 108 17.48 -29.68 -74.34
C LYS G 108 18.86 -30.30 -74.29
N ASP G 109 18.99 -31.51 -74.83
CA ASP G 109 20.26 -32.24 -74.84
C ASP G 109 21.45 -31.30 -75.07
N ALA G 110 21.43 -30.62 -76.21
CA ALA G 110 22.49 -29.72 -76.59
C ALA G 110 22.91 -28.62 -75.60
N LEU G 111 21.97 -28.12 -74.81
CA LEU G 111 22.25 -27.04 -73.87
C LEU G 111 23.53 -27.18 -73.04
N ASP G 112 23.72 -28.34 -72.43
CA ASP G 112 24.89 -28.59 -71.58
C ASP G 112 26.25 -28.24 -72.18
N TYR G 113 26.44 -28.59 -73.45
CA TYR G 113 27.70 -28.37 -74.15
C TYR G 113 27.94 -26.93 -74.61
N MET G 114 26.96 -26.07 -74.38
CA MET G 114 27.07 -24.66 -74.77
C MET G 114 27.26 -23.80 -73.53
N GLU G 115 27.41 -22.49 -73.73
CA GLU G 115 27.60 -21.55 -72.63
C GLU G 115 26.42 -20.58 -72.52
N LYS G 116 25.91 -20.44 -71.30
CA LYS G 116 24.76 -19.59 -71.02
C LYS G 116 24.72 -18.14 -71.51
N THR G 117 25.83 -17.61 -72.03
CA THR G 117 25.82 -16.23 -72.50
C THR G 117 25.61 -16.06 -74.00
N SER G 118 25.92 -17.10 -74.76
CA SER G 118 25.79 -17.03 -76.22
C SER G 118 24.37 -17.00 -76.74
N SER G 119 24.19 -16.41 -77.92
CA SER G 119 22.88 -16.34 -78.52
C SER G 119 22.43 -17.75 -78.80
N ASP G 120 23.39 -18.65 -79.06
CA ASP G 120 23.04 -20.04 -79.32
C ASP G 120 22.25 -20.60 -78.16
N TYR G 121 22.84 -20.56 -76.98
CA TYR G 121 22.15 -21.07 -75.82
C TYR G 121 20.71 -20.55 -75.81
N ASN G 122 20.51 -19.30 -76.21
CA ASN G 122 19.16 -18.74 -76.24
C ASN G 122 18.34 -19.46 -77.30
N LEU G 123 18.77 -19.34 -78.55
CA LEU G 123 18.12 -19.99 -79.67
C LEU G 123 17.80 -21.40 -79.30
N TRP G 124 18.77 -22.09 -78.72
CA TRP G 124 18.53 -23.45 -78.33
C TRP G 124 17.59 -23.50 -77.15
N LYS G 125 17.94 -22.85 -76.04
CA LYS G 125 17.05 -22.86 -74.89
C LYS G 125 15.60 -22.54 -75.30
N LEU G 126 15.44 -21.59 -76.21
CA LEU G 126 14.11 -21.19 -76.68
C LEU G 126 13.35 -22.33 -77.31
N SER G 127 13.94 -22.90 -78.33
CA SER G 127 13.35 -24.03 -79.04
C SER G 127 13.01 -25.10 -78.06
N SER G 128 13.98 -25.42 -77.22
CA SER G 128 13.78 -26.44 -76.24
C SER G 128 12.52 -26.19 -75.47
N ILE G 129 12.08 -24.94 -75.45
CA ILE G 129 10.86 -24.58 -74.74
C ILE G 129 9.65 -24.67 -75.66
N LEU G 130 9.76 -24.06 -76.82
CA LEU G 130 8.68 -24.08 -77.77
C LEU G 130 8.37 -25.45 -78.34
N PHE G 131 9.38 -26.31 -78.50
CA PHE G 131 9.10 -27.60 -79.08
C PHE G 131 9.29 -28.83 -78.22
N ASP G 132 10.39 -28.93 -77.46
CA ASP G 132 10.61 -30.13 -76.62
C ASP G 132 9.39 -30.43 -75.76
N PRO G 133 9.11 -31.72 -75.50
CA PRO G 133 7.97 -32.18 -74.70
C PRO G 133 8.10 -32.02 -73.18
N VAL G 134 7.03 -31.50 -72.58
CA VAL G 134 6.92 -31.22 -71.14
C VAL G 134 6.51 -32.49 -70.41
N SER G 135 6.85 -32.64 -69.13
CA SER G 135 6.44 -33.85 -68.42
C SER G 135 5.94 -33.64 -67.00
N TYR G 136 4.66 -33.92 -66.76
CA TYR G 136 4.17 -33.77 -65.42
C TYR G 136 4.61 -35.02 -64.70
N PRO G 137 5.32 -34.83 -63.59
CA PRO G 137 5.91 -35.80 -62.67
C PRO G 137 5.02 -36.71 -61.80
N TYR G 138 3.71 -36.52 -61.77
CA TYR G 138 2.89 -37.39 -60.93
C TYR G 138 1.74 -38.04 -61.67
N LYS G 139 1.29 -39.19 -61.17
CA LYS G 139 0.19 -39.94 -61.81
C LYS G 139 -1.21 -39.42 -61.54
N THR G 140 -1.58 -38.31 -62.19
CA THR G 140 -2.93 -37.77 -62.02
C THR G 140 -3.77 -38.42 -63.11
N ASP G 141 -4.93 -38.92 -62.69
CA ASP G 141 -5.86 -39.60 -63.59
C ASP G 141 -6.56 -38.65 -64.51
N ASN G 142 -7.12 -37.59 -63.95
CA ASN G 142 -7.84 -36.66 -64.79
C ASN G 142 -6.95 -36.09 -65.88
N ASP G 143 -7.22 -36.55 -67.09
CA ASP G 143 -6.51 -36.17 -68.30
C ASP G 143 -6.86 -34.75 -68.79
N GLN G 144 -7.97 -34.18 -68.30
CA GLN G 144 -8.36 -32.83 -68.71
C GLN G 144 -7.40 -31.92 -67.96
N VAL G 145 -6.90 -32.43 -66.84
CA VAL G 145 -5.97 -31.71 -65.98
C VAL G 145 -4.55 -31.76 -66.52
N LYS G 146 -3.99 -32.97 -66.58
CA LYS G 146 -2.64 -33.14 -67.09
C LYS G 146 -2.47 -32.34 -68.38
N MET G 147 -3.42 -32.45 -69.30
CA MET G 147 -3.35 -31.70 -70.56
C MET G 147 -3.37 -30.19 -70.33
N ALA G 148 -3.97 -29.75 -69.23
CA ALA G 148 -4.05 -28.33 -68.94
C ALA G 148 -2.78 -27.84 -68.25
N LEU G 149 -2.14 -28.72 -67.48
CA LEU G 149 -0.91 -28.37 -66.78
C LEU G 149 0.18 -28.14 -67.79
N LEU G 150 0.55 -29.19 -68.49
CA LEU G 150 1.57 -29.08 -69.53
C LEU G 150 1.26 -27.84 -70.37
N LYS G 151 -0.03 -27.64 -70.66
CA LYS G 151 -0.46 -26.48 -71.43
C LYS G 151 0.16 -25.24 -70.80
N LYS G 152 0.02 -25.11 -69.48
CA LYS G 152 0.55 -23.98 -68.74
C LYS G 152 2.06 -24.07 -68.47
N GLU G 153 2.56 -25.22 -68.01
CA GLU G 153 3.99 -25.34 -67.75
C GLU G 153 4.72 -24.74 -68.92
N ARG G 154 4.32 -25.11 -70.12
CA ARG G 154 4.99 -24.56 -71.27
C ARG G 154 4.78 -23.06 -71.32
N HIS G 155 3.65 -22.57 -70.83
CA HIS G 155 3.39 -21.14 -70.86
C HIS G 155 4.39 -20.35 -70.02
N CYS G 156 4.42 -20.62 -68.72
CA CYS G 156 5.33 -19.91 -67.85
C CYS G 156 6.72 -20.05 -68.44
N ARG G 157 7.19 -21.28 -68.54
CA ARG G 157 8.50 -21.56 -69.07
C ARG G 157 8.92 -20.55 -70.11
N LEU G 158 8.03 -20.26 -71.04
CA LEU G 158 8.37 -19.31 -72.07
C LEU G 158 8.34 -17.86 -71.61
N THR G 159 7.25 -17.42 -70.99
CA THR G 159 7.23 -16.03 -70.55
C THR G 159 8.41 -15.83 -69.60
N SER G 160 8.59 -16.77 -68.68
CA SER G 160 9.68 -16.70 -67.71
C SER G 160 11.01 -16.46 -68.38
N TRP G 161 11.15 -16.94 -69.60
CA TRP G 161 12.37 -16.76 -70.38
C TRP G 161 12.45 -15.31 -70.85
N ILE G 162 11.48 -14.90 -71.64
CA ILE G 162 11.44 -13.54 -72.16
C ILE G 162 11.64 -12.52 -71.04
N VAL G 163 11.22 -12.87 -69.82
CA VAL G 163 11.38 -11.96 -68.69
C VAL G 163 12.86 -11.73 -68.49
N SER G 164 13.66 -12.76 -68.71
CA SER G 164 15.10 -12.64 -68.56
C SER G 164 15.75 -11.95 -69.75
N GLN G 165 15.11 -12.04 -70.92
CA GLN G 165 15.64 -11.39 -72.12
C GLN G 165 15.32 -9.89 -72.12
N ILE G 166 14.28 -9.51 -71.40
CA ILE G 166 13.90 -8.11 -71.36
C ILE G 166 14.28 -7.50 -70.01
N GLY G 167 14.93 -8.32 -69.19
CA GLY G 167 15.36 -7.87 -67.88
C GLY G 167 16.24 -6.64 -67.97
N PRO G 168 17.41 -6.75 -68.61
CA PRO G 168 18.23 -5.55 -68.69
C PRO G 168 17.44 -4.39 -69.31
N GLU G 169 16.85 -4.66 -70.46
CA GLU G 169 16.07 -3.69 -71.23
C GLU G 169 15.09 -2.81 -70.43
N ILE G 170 14.19 -3.45 -69.69
CA ILE G 170 13.20 -2.73 -68.89
C ILE G 170 13.78 -2.24 -67.57
N GLU G 171 14.33 -3.16 -66.78
CA GLU G 171 14.93 -2.83 -65.48
C GLU G 171 15.64 -1.48 -65.53
N GLU G 172 16.56 -1.36 -66.46
CA GLU G 172 17.31 -0.14 -66.63
C GLU G 172 16.40 1.01 -67.07
N LYS G 173 15.47 0.75 -67.97
CA LYS G 173 14.57 1.79 -68.46
C LYS G 173 13.68 2.34 -67.32
N ILE G 174 13.80 1.72 -66.15
CA ILE G 174 13.03 2.12 -65.00
C ILE G 174 13.79 3.16 -64.19
N ARG G 175 15.12 3.04 -64.16
CA ARG G 175 15.92 4.00 -63.41
C ARG G 175 15.59 5.41 -63.92
N ASN G 176 15.16 5.50 -65.18
CA ASN G 176 14.81 6.77 -65.83
C ASN G 176 13.47 7.40 -65.45
N SER G 177 12.97 6.94 -64.31
CA SER G 177 11.70 7.34 -63.69
C SER G 177 11.55 8.80 -63.24
N SER G 178 10.51 9.46 -63.73
CA SER G 178 10.21 10.84 -63.35
C SER G 178 8.71 10.83 -63.10
N ASN G 179 8.16 9.61 -63.13
CA ASN G 179 6.75 9.35 -62.91
C ASN G 179 6.58 7.91 -62.46
N GLU G 180 6.35 7.75 -61.17
CA GLU G 180 6.16 6.47 -60.52
C GLU G 180 5.11 5.61 -61.21
N ILE G 181 4.05 6.24 -61.71
CA ILE G 181 2.99 5.49 -62.36
C ILE G 181 3.55 4.78 -63.58
N GLU G 182 4.42 5.47 -64.31
CA GLU G 182 5.07 4.88 -65.49
C GLU G 182 5.96 3.75 -64.97
N GLN G 183 6.56 3.98 -63.80
CA GLN G 183 7.42 2.97 -63.20
C GLN G 183 6.62 1.68 -62.99
N ILE G 184 5.39 1.81 -62.51
CA ILE G 184 4.57 0.63 -62.28
C ILE G 184 4.31 -0.13 -63.56
N PHE G 185 3.75 0.56 -64.54
CA PHE G 185 3.47 -0.08 -65.83
C PHE G 185 4.68 -0.87 -66.31
N LEU G 186 5.87 -0.39 -65.99
CA LEU G 186 7.09 -1.06 -66.38
C LEU G 186 7.29 -2.36 -65.65
N TYR G 187 7.05 -2.35 -64.34
CA TYR G 187 7.23 -3.56 -63.56
C TYR G 187 6.29 -4.65 -64.06
N LEU G 188 5.15 -4.22 -64.57
CA LEU G 188 4.18 -5.17 -65.08
C LEU G 188 4.77 -5.81 -66.32
N LEU G 189 5.35 -4.97 -67.16
CA LEU G 189 6.00 -5.40 -68.37
C LEU G 189 7.01 -6.49 -68.11
N LEU G 190 7.41 -6.68 -66.86
CA LEU G 190 8.37 -7.73 -66.56
C LEU G 190 7.67 -8.86 -65.84
N ASN G 191 6.34 -8.88 -65.92
CA ASN G 191 5.56 -9.93 -65.29
C ASN G 191 5.93 -9.91 -63.79
N ASP G 192 6.21 -8.70 -63.30
CA ASP G 192 6.59 -8.52 -61.89
C ASP G 192 5.46 -7.78 -61.16
N VAL G 193 4.39 -8.53 -60.87
CA VAL G 193 3.23 -7.98 -60.20
C VAL G 193 3.55 -7.59 -58.78
N VAL G 194 4.25 -8.48 -58.07
CA VAL G 194 4.58 -8.19 -56.68
C VAL G 194 5.17 -6.81 -56.47
N ARG G 195 6.23 -6.50 -57.22
CA ARG G 195 6.84 -5.20 -57.07
C ARG G 195 5.98 -4.09 -57.71
N ALA G 196 5.28 -4.42 -58.80
CA ALA G 196 4.42 -3.42 -59.45
C ALA G 196 3.33 -2.95 -58.50
N SER G 197 2.86 -3.89 -57.68
CA SER G 197 1.82 -3.63 -56.69
C SER G 197 2.39 -2.79 -55.54
N LYS G 198 3.46 -3.28 -54.92
CA LYS G 198 4.10 -2.57 -53.82
C LYS G 198 4.20 -1.10 -54.18
N LEU G 199 4.78 -0.81 -55.34
CA LEU G 199 4.91 0.57 -55.77
C LEU G 199 3.56 1.30 -55.77
N ALA G 200 2.53 0.66 -56.31
CA ALA G 200 1.20 1.26 -56.37
C ALA G 200 0.70 1.76 -55.02
N ILE G 201 0.80 0.92 -54.01
CA ILE G 201 0.35 1.32 -52.68
C ILE G 201 1.23 2.42 -52.13
N GLU G 202 2.55 2.22 -52.24
CA GLU G 202 3.49 3.20 -51.71
C GLU G 202 3.46 4.59 -52.32
N SER G 203 2.74 4.75 -53.43
CA SER G 203 2.68 6.08 -54.05
C SER G 203 1.31 6.72 -53.84
N LYS G 204 0.47 6.07 -53.04
CA LYS G 204 -0.87 6.57 -52.77
C LYS G 204 -1.68 6.46 -54.07
N ASN G 205 -1.53 5.31 -54.73
CA ASN G 205 -2.23 5.01 -55.99
C ASN G 205 -2.73 3.58 -55.85
N GLY G 206 -3.34 3.31 -54.71
CA GLY G 206 -3.84 1.99 -54.38
C GLY G 206 -4.83 1.27 -55.28
N HIS G 207 -5.91 1.94 -55.69
CA HIS G 207 -6.91 1.29 -56.54
C HIS G 207 -6.26 0.37 -57.57
N LEU G 208 -5.08 0.77 -58.06
CA LEU G 208 -4.34 -0.03 -59.04
C LEU G 208 -3.89 -1.36 -58.44
N SER G 209 -3.32 -1.30 -57.25
CA SER G 209 -2.87 -2.51 -56.60
C SER G 209 -3.99 -3.54 -56.61
N VAL G 210 -5.22 -3.05 -56.69
CA VAL G 210 -6.37 -3.94 -56.72
C VAL G 210 -6.50 -4.59 -58.07
N LEU G 211 -6.58 -3.76 -59.10
CA LEU G 211 -6.72 -4.27 -60.46
C LEU G 211 -5.55 -5.20 -60.71
N ILE G 212 -4.34 -4.70 -60.48
CA ILE G 212 -3.12 -5.48 -60.65
C ILE G 212 -3.33 -6.86 -60.04
N SER G 213 -4.10 -6.91 -58.96
CA SER G 213 -4.39 -8.17 -58.28
C SER G 213 -5.15 -9.07 -59.23
N TYR G 214 -6.17 -8.50 -59.86
CA TYR G 214 -7.02 -9.23 -60.79
C TYR G 214 -6.33 -9.57 -62.11
N LEU G 215 -5.46 -8.66 -62.53
CA LEU G 215 -4.71 -8.80 -63.77
C LEU G 215 -4.29 -10.23 -64.09
N GLY G 216 -3.68 -10.91 -63.12
CA GLY G 216 -3.24 -12.28 -63.34
C GLY G 216 -4.32 -13.28 -63.70
N SER G 217 -5.57 -13.00 -63.31
CA SER G 217 -6.66 -13.91 -63.59
C SER G 217 -7.44 -13.53 -64.83
N ASN G 218 -8.62 -14.13 -64.96
CA ASN G 218 -9.49 -13.84 -66.08
C ASN G 218 -10.91 -13.67 -65.55
N ASP G 219 -11.24 -12.46 -65.14
CA ASP G 219 -12.57 -12.17 -64.64
C ASP G 219 -13.22 -11.10 -65.50
N PRO G 220 -14.31 -11.48 -66.20
CA PRO G 220 -15.05 -10.57 -67.07
C PRO G 220 -15.55 -9.31 -66.36
N ARG G 221 -15.96 -9.45 -65.10
CA ARG G 221 -16.45 -8.30 -64.33
C ARG G 221 -15.46 -7.18 -64.60
N ILE G 222 -14.24 -7.41 -64.13
CA ILE G 222 -13.13 -6.49 -64.27
C ILE G 222 -12.97 -6.08 -65.72
N ARG G 223 -12.63 -7.06 -66.55
CA ARG G 223 -12.44 -6.84 -67.96
C ARG G 223 -13.38 -5.74 -68.45
N ASP G 224 -14.68 -5.97 -68.31
CA ASP G 224 -15.67 -4.98 -68.73
C ASP G 224 -15.54 -3.68 -67.96
N LEU G 225 -15.41 -3.79 -66.64
CA LEU G 225 -15.27 -2.60 -65.82
C LEU G 225 -14.19 -1.71 -66.43
N ALA G 226 -13.12 -2.35 -66.90
CA ALA G 226 -11.99 -1.66 -67.51
C ALA G 226 -12.42 -0.98 -68.80
N GLU G 227 -12.69 -1.81 -69.80
CA GLU G 227 -13.10 -1.32 -71.11
C GLU G 227 -14.24 -0.31 -71.03
N LEU G 228 -15.31 -0.67 -70.34
CA LEU G 228 -16.45 0.23 -70.21
C LEU G 228 -16.00 1.59 -69.69
N GLN G 229 -14.98 1.59 -68.84
CA GLN G 229 -14.45 2.83 -68.33
C GLN G 229 -13.71 3.53 -69.45
N LEU G 230 -12.76 2.82 -70.05
CA LEU G 230 -11.98 3.36 -71.15
C LEU G 230 -12.83 4.20 -72.12
N GLN G 231 -13.94 3.63 -72.61
CA GLN G 231 -14.81 4.33 -73.56
C GLN G 231 -15.23 5.69 -73.01
N LYS G 232 -15.59 5.72 -71.74
CA LYS G 232 -16.00 6.95 -71.09
C LYS G 232 -14.87 7.96 -71.07
N TRP G 233 -13.65 7.50 -70.81
CA TRP G 233 -12.47 8.37 -70.74
C TRP G 233 -12.12 9.15 -72.01
N SER G 234 -12.81 8.89 -73.11
CA SER G 234 -12.54 9.59 -74.36
C SER G 234 -13.47 10.80 -74.57
N THR G 235 -14.39 10.99 -73.63
CA THR G 235 -15.35 12.10 -73.68
C THR G 235 -14.96 13.24 -72.72
N GLY G 236 -14.51 14.36 -73.30
CA GLY G 236 -14.13 15.54 -72.53
C GLY G 236 -13.01 15.47 -71.51
N GLY G 237 -12.90 14.33 -70.82
CA GLY G 237 -11.87 14.13 -69.80
C GLY G 237 -10.65 13.34 -70.25
N CYS G 238 -9.73 14.06 -70.86
CA CYS G 238 -8.47 13.50 -71.35
C CYS G 238 -7.37 14.06 -70.45
N SER G 239 -7.53 13.92 -69.14
CA SER G 239 -6.56 14.47 -68.20
C SER G 239 -5.94 13.47 -67.24
N ILE G 240 -5.72 12.23 -67.68
CA ILE G 240 -5.15 11.21 -66.79
C ILE G 240 -3.77 10.73 -67.27
N ASP G 241 -2.98 10.11 -66.37
CA ASP G 241 -1.70 9.56 -66.81
C ASP G 241 -1.85 8.56 -67.95
N LYS G 242 -0.89 8.59 -68.86
CA LYS G 242 -0.88 7.68 -69.98
C LYS G 242 -0.63 6.33 -69.35
N ASN G 243 -0.07 6.37 -68.16
CA ASN G 243 0.27 5.16 -67.46
C ASN G 243 -0.94 4.52 -66.80
N ILE G 244 -1.82 5.31 -66.17
CA ILE G 244 -2.97 4.70 -65.56
C ILE G 244 -3.80 4.10 -66.67
N SER G 245 -3.83 4.76 -67.82
CA SER G 245 -4.58 4.24 -68.95
C SER G 245 -3.93 2.94 -69.43
N LYS G 246 -2.68 3.02 -69.88
CA LYS G 246 -1.95 1.84 -70.38
C LYS G 246 -2.22 0.61 -69.51
N ILE G 247 -2.32 0.83 -68.20
CA ILE G 247 -2.56 -0.25 -67.27
C ILE G 247 -3.95 -0.85 -67.39
N TYR G 248 -4.97 0.00 -67.40
CA TYR G 248 -6.32 -0.52 -67.54
C TYR G 248 -6.37 -1.30 -68.85
N LYS G 249 -5.64 -0.79 -69.84
CA LYS G 249 -5.57 -1.44 -71.14
C LYS G 249 -5.12 -2.87 -70.95
N LEU G 250 -4.16 -3.09 -70.04
CA LEU G 250 -3.67 -4.43 -69.79
C LEU G 250 -4.75 -5.33 -69.21
N LEU G 251 -5.88 -4.74 -68.80
CA LEU G 251 -6.96 -5.52 -68.24
C LEU G 251 -7.98 -5.87 -69.31
N SER G 252 -8.22 -4.92 -70.19
CA SER G 252 -9.18 -5.09 -71.26
C SER G 252 -9.15 -6.45 -71.95
N GLY G 253 -7.95 -6.99 -72.14
CA GLY G 253 -7.82 -8.28 -72.81
C GLY G 253 -6.81 -8.11 -73.93
N SER G 254 -7.28 -7.72 -75.12
CA SER G 254 -6.37 -7.48 -76.22
C SER G 254 -5.94 -6.03 -76.04
N PRO G 255 -4.65 -5.78 -75.76
CA PRO G 255 -4.06 -4.47 -75.54
C PRO G 255 -3.53 -3.81 -76.79
N PHE G 256 -3.12 -4.62 -77.74
CA PHE G 256 -2.57 -4.03 -78.94
C PHE G 256 -3.62 -3.67 -79.97
N GLU G 257 -4.69 -4.45 -80.03
CA GLU G 257 -5.79 -4.20 -80.98
C GLU G 257 -6.90 -3.51 -80.20
N GLY G 258 -6.54 -2.55 -79.37
CA GLY G 258 -7.55 -1.90 -78.55
C GLY G 258 -8.08 -0.52 -78.92
N LEU G 259 -8.96 -0.04 -78.05
CA LEU G 259 -9.62 1.25 -78.17
C LEU G 259 -8.65 2.33 -77.68
N PHE G 260 -7.55 1.89 -77.08
CA PHE G 260 -6.54 2.80 -76.57
C PHE G 260 -5.17 2.14 -76.75
N SER G 261 -5.11 1.29 -77.77
CA SER G 261 -3.94 0.51 -78.15
C SER G 261 -2.58 0.84 -77.58
N LEU G 262 -1.73 -0.18 -77.54
CA LEU G 262 -0.37 -0.05 -77.05
C LEU G 262 0.59 -0.20 -78.20
N LYS G 263 0.03 -0.29 -79.42
CA LYS G 263 0.83 -0.43 -80.63
C LYS G 263 1.88 0.66 -80.70
N GLU G 264 1.67 1.71 -79.92
CA GLU G 264 2.58 2.84 -79.88
C GLU G 264 3.96 2.51 -79.30
N LEU G 265 4.01 1.48 -78.46
CA LEU G 265 5.24 1.09 -77.80
C LEU G 265 6.38 0.60 -78.69
N GLU G 266 6.08 0.34 -79.96
CA GLU G 266 7.08 -0.13 -80.89
C GLU G 266 8.28 0.80 -80.97
N SER G 267 8.13 2.00 -80.41
CA SER G 267 9.20 3.00 -80.44
C SER G 267 10.49 2.65 -79.71
N GLU G 268 10.41 2.41 -78.40
CA GLU G 268 11.60 2.10 -77.62
C GLU G 268 11.59 0.72 -76.99
N PHE G 269 10.45 0.05 -77.06
CA PHE G 269 10.34 -1.29 -76.52
C PHE G 269 10.57 -2.34 -77.59
N SER G 270 11.34 -3.35 -77.25
CA SER G 270 11.65 -4.42 -78.18
C SER G 270 10.40 -5.02 -78.81
N TRP G 271 10.60 -5.83 -79.84
CA TRP G 271 9.53 -6.51 -80.53
C TRP G 271 9.11 -7.61 -79.57
N LEU G 272 10.10 -8.08 -78.83
CA LEU G 272 9.98 -9.15 -77.84
C LEU G 272 9.36 -8.64 -76.54
N CYS G 273 9.51 -7.36 -76.27
CA CYS G 273 8.96 -6.80 -75.06
C CYS G 273 7.45 -6.86 -75.20
N LEU G 274 7.00 -6.47 -76.40
CA LEU G 274 5.60 -6.43 -76.78
C LEU G 274 5.02 -7.84 -76.74
N LEU G 275 5.66 -8.74 -77.49
CA LEU G 275 5.20 -10.11 -77.51
C LEU G 275 4.91 -10.58 -76.10
N ASN G 276 5.84 -10.37 -75.18
CA ASN G 276 5.60 -10.83 -73.82
C ASN G 276 4.26 -10.33 -73.33
N LEU G 277 3.85 -9.17 -73.81
CA LEU G 277 2.56 -8.62 -73.41
C LEU G 277 1.43 -9.51 -73.89
N THR G 278 1.38 -9.70 -75.20
CA THR G 278 0.31 -10.51 -75.78
C THR G 278 0.26 -11.89 -75.17
N LEU G 279 1.37 -12.37 -74.64
CA LEU G 279 1.36 -13.70 -74.04
C LEU G 279 0.95 -13.66 -72.58
N CYS G 280 1.00 -12.49 -71.95
CA CYS G 280 0.64 -12.37 -70.54
C CYS G 280 -0.73 -11.76 -70.31
N TYR G 281 -1.01 -10.64 -70.97
CA TYR G 281 -2.28 -9.97 -70.79
C TYR G 281 -3.13 -10.09 -72.02
N GLY G 282 -2.53 -10.56 -73.11
CA GLY G 282 -3.28 -10.65 -74.34
C GLY G 282 -4.02 -11.93 -74.67
N GLN G 283 -4.57 -12.65 -73.69
CA GLN G 283 -5.23 -13.89 -74.11
C GLN G 283 -6.75 -13.76 -74.25
N ILE G 284 -7.19 -13.79 -75.51
CA ILE G 284 -8.63 -13.73 -75.85
C ILE G 284 -9.11 -15.18 -75.71
N ASP G 285 -9.45 -15.56 -74.47
CA ASP G 285 -9.89 -16.91 -74.09
C ASP G 285 -8.72 -17.86 -73.93
N GLU G 286 -8.93 -19.15 -74.24
CA GLU G 286 -7.85 -20.12 -74.09
C GLU G 286 -7.46 -20.82 -75.38
N TYR G 287 -7.33 -20.06 -76.46
CA TYR G 287 -6.94 -20.68 -77.71
C TYR G 287 -5.51 -21.22 -77.56
N SER G 288 -5.15 -22.16 -78.43
CA SER G 288 -3.80 -22.75 -78.40
C SER G 288 -2.73 -21.68 -78.41
N LEU G 289 -1.72 -21.89 -77.59
CA LEU G 289 -0.61 -20.95 -77.47
C LEU G 289 -0.02 -20.65 -78.83
N GLU G 290 0.32 -21.72 -79.54
CA GLU G 290 0.86 -21.59 -80.86
C GLU G 290 0.05 -20.53 -81.62
N SER G 291 -1.26 -20.70 -81.64
CA SER G 291 -2.13 -19.77 -82.35
C SER G 291 -2.08 -18.38 -81.72
N LEU G 292 -1.86 -18.37 -80.41
CA LEU G 292 -1.79 -17.11 -79.67
C LEU G 292 -0.61 -16.29 -80.17
N VAL G 293 0.58 -16.87 -80.03
CA VAL G 293 1.80 -16.26 -80.51
C VAL G 293 1.49 -15.67 -81.86
N GLN G 294 0.92 -16.51 -82.72
CA GLN G 294 0.58 -16.12 -84.07
C GLN G 294 -0.24 -14.84 -84.16
N SER G 295 -1.07 -14.59 -83.15
CA SER G 295 -1.92 -13.40 -83.14
C SER G 295 -1.10 -12.13 -83.07
N HIS G 296 -0.03 -12.18 -82.28
CA HIS G 296 0.85 -11.04 -82.10
C HIS G 296 1.48 -10.70 -83.44
N LEU G 297 2.08 -11.70 -84.08
CA LEU G 297 2.75 -11.53 -85.37
C LEU G 297 1.93 -10.75 -86.38
N ASP G 298 0.62 -10.92 -86.29
CA ASP G 298 -0.27 -10.26 -87.21
C ASP G 298 -0.27 -8.74 -87.09
N LYS G 299 -0.36 -8.22 -85.87
CA LYS G 299 -0.36 -6.78 -85.70
C LYS G 299 1.04 -6.16 -85.87
N PHE G 300 2.09 -6.92 -85.56
CA PHE G 300 3.45 -6.40 -85.66
C PHE G 300 4.40 -7.17 -86.58
N SER G 301 5.22 -6.43 -87.34
CA SER G 301 6.20 -7.07 -88.22
C SER G 301 7.57 -7.17 -87.54
N LEU G 302 8.25 -8.29 -87.74
CA LEU G 302 9.54 -8.53 -87.09
C LEU G 302 10.76 -8.53 -88.03
N PRO G 303 11.96 -8.23 -87.48
CA PRO G 303 13.21 -8.19 -88.24
C PRO G 303 13.69 -9.60 -88.56
N TYR G 304 13.51 -10.02 -89.82
CA TYR G 304 13.93 -11.38 -90.17
C TYR G 304 15.44 -11.62 -90.03
N ASP G 305 16.19 -10.60 -89.60
CA ASP G 305 17.63 -10.76 -89.41
C ASP G 305 17.83 -11.47 -88.08
N ASP G 306 16.76 -11.54 -87.28
CA ASP G 306 16.83 -12.12 -85.95
C ASP G 306 16.43 -13.60 -85.85
N PRO G 307 17.37 -14.45 -85.42
CA PRO G 307 17.11 -15.89 -85.28
C PRO G 307 16.05 -16.27 -84.23
N ILE G 308 16.06 -15.62 -83.07
CA ILE G 308 15.06 -15.95 -82.08
C ILE G 308 13.71 -15.54 -82.65
N GLY G 309 13.72 -14.49 -83.46
CA GLY G 309 12.50 -14.02 -84.09
C GLY G 309 11.92 -15.10 -84.99
N VAL G 310 12.64 -15.39 -86.07
CA VAL G 310 12.25 -16.43 -87.01
C VAL G 310 11.70 -17.66 -86.32
N ILE G 311 12.48 -18.22 -85.40
CA ILE G 311 12.03 -19.40 -84.69
C ILE G 311 10.61 -19.29 -84.16
N PHE G 312 10.19 -18.08 -83.80
CA PHE G 312 8.84 -17.92 -83.31
C PHE G 312 7.86 -18.13 -84.48
N GLN G 313 8.07 -17.42 -85.58
CA GLN G 313 7.17 -17.58 -86.72
C GLN G 313 6.99 -19.04 -87.07
N LEU G 314 8.07 -19.81 -86.96
CA LEU G 314 7.98 -21.22 -87.24
C LEU G 314 7.05 -21.87 -86.23
N TYR G 315 7.21 -21.55 -84.97
CA TYR G 315 6.34 -22.15 -83.98
C TYR G 315 4.90 -21.67 -84.21
N ALA G 316 4.77 -20.36 -84.43
CA ALA G 316 3.48 -19.74 -84.64
C ALA G 316 2.69 -20.33 -85.80
N ALA G 317 3.31 -20.47 -86.96
CA ALA G 317 2.62 -21.00 -88.12
C ALA G 317 2.47 -22.52 -88.10
N ASN G 318 1.72 -23.01 -87.13
CA ASN G 318 1.43 -24.42 -86.91
C ASN G 318 1.54 -25.43 -88.08
N GLU G 319 0.43 -25.64 -88.77
CA GLU G 319 0.36 -26.60 -89.89
C GLU G 319 1.17 -26.21 -91.12
N ASN G 320 1.30 -24.93 -91.43
CA ASN G 320 2.09 -24.45 -92.59
C ASN G 320 3.60 -24.53 -92.35
N THR G 321 3.94 -25.11 -91.21
CA THR G 321 5.31 -25.31 -90.77
C THR G 321 6.34 -25.44 -91.92
N GLU G 322 6.32 -26.57 -92.60
CA GLU G 322 7.26 -26.81 -93.67
C GLU G 322 7.23 -25.77 -94.78
N LYS G 323 6.06 -25.22 -95.02
CA LYS G 323 5.87 -24.24 -96.07
C LYS G 323 6.57 -22.94 -95.68
N LEU G 324 6.42 -22.55 -94.42
CA LEU G 324 7.04 -21.32 -93.95
C LEU G 324 8.54 -21.52 -93.97
N TYR G 325 8.98 -22.63 -93.39
CA TYR G 325 10.40 -22.97 -93.35
C TYR G 325 10.96 -22.73 -94.73
N LYS G 326 10.45 -23.45 -95.72
CA LYS G 326 10.94 -23.25 -97.07
C LYS G 326 10.94 -21.76 -97.38
N GLU G 327 9.81 -21.12 -97.14
CA GLU G 327 9.69 -19.70 -97.43
C GLU G 327 10.78 -18.88 -96.76
N VAL G 328 11.03 -19.20 -95.49
CA VAL G 328 12.01 -18.49 -94.67
C VAL G 328 13.46 -18.68 -95.06
N ARG G 329 13.87 -19.93 -95.21
CA ARG G 329 15.24 -20.21 -95.55
C ARG G 329 15.61 -19.56 -96.87
N GLN G 330 14.61 -19.28 -97.70
CA GLN G 330 14.91 -18.66 -98.98
C GLN G 330 15.31 -17.19 -98.86
N ARG G 331 15.14 -16.61 -97.68
CA ARG G 331 15.49 -15.20 -97.50
C ARG G 331 16.53 -14.91 -96.42
N THR G 332 16.81 -15.89 -95.57
CA THR G 332 17.73 -15.64 -94.48
C THR G 332 18.78 -16.68 -94.11
N ASN G 333 19.98 -16.19 -93.86
CA ASN G 333 21.11 -17.02 -93.47
C ASN G 333 21.25 -16.97 -91.96
N ALA G 334 20.17 -16.70 -91.24
CA ALA G 334 20.27 -16.60 -89.79
C ALA G 334 20.08 -17.96 -89.14
N LEU G 335 19.68 -18.94 -89.93
CA LEU G 335 19.49 -20.24 -89.36
C LEU G 335 20.63 -21.16 -89.68
N ASP G 336 21.44 -21.43 -88.67
CA ASP G 336 22.60 -22.29 -88.81
C ASP G 336 22.27 -23.67 -89.38
N VAL G 337 22.80 -23.97 -90.57
CA VAL G 337 22.58 -25.27 -91.21
C VAL G 337 22.31 -26.41 -90.20
N GLN G 338 23.26 -26.61 -89.30
CA GLN G 338 23.13 -27.65 -88.29
C GLN G 338 21.85 -27.48 -87.50
N PHE G 339 21.45 -26.25 -87.26
CA PHE G 339 20.22 -26.02 -86.52
C PHE G 339 19.06 -26.52 -87.35
N CYS G 340 18.86 -25.86 -88.49
CA CYS G 340 17.80 -26.23 -89.42
C CYS G 340 17.66 -27.73 -89.34
N TRP G 341 18.75 -28.44 -89.62
CA TRP G 341 18.68 -29.88 -89.58
C TRP G 341 18.18 -30.42 -88.25
N TYR G 342 18.83 -30.05 -87.15
CA TYR G 342 18.40 -30.58 -85.88
C TYR G 342 16.93 -30.27 -85.64
N LEU G 343 16.45 -29.17 -86.20
CA LEU G 343 15.04 -28.78 -86.03
C LEU G 343 14.15 -29.78 -86.69
N ILE G 344 14.25 -29.81 -88.00
CA ILE G 344 13.47 -30.72 -88.79
C ILE G 344 13.45 -32.10 -88.14
N GLN G 345 14.64 -32.57 -87.77
CA GLN G 345 14.78 -33.87 -87.16
C GLN G 345 14.13 -34.05 -85.80
N THR G 346 14.29 -33.09 -84.90
CA THR G 346 13.68 -33.26 -83.59
C THR G 346 12.19 -33.12 -83.75
N LEU G 347 11.77 -32.28 -84.68
CA LEU G 347 10.35 -32.10 -84.90
C LEU G 347 9.73 -33.31 -85.60
N ARG G 348 10.47 -33.92 -86.52
CA ARG G 348 9.97 -35.06 -87.26
C ARG G 348 9.82 -36.32 -86.40
N PHE G 349 10.76 -36.58 -85.50
CA PHE G 349 10.66 -37.78 -84.66
C PHE G 349 9.94 -37.60 -83.35
N ASN G 350 9.09 -36.57 -83.25
CA ASN G 350 8.35 -36.35 -82.03
C ASN G 350 6.89 -36.01 -82.36
N GLY G 351 6.59 -36.00 -83.65
CA GLY G 351 5.24 -35.71 -84.09
C GLY G 351 4.94 -34.23 -84.00
N THR G 352 5.84 -33.52 -83.32
CA THR G 352 5.69 -32.09 -83.12
C THR G 352 5.20 -31.32 -84.37
N ARG G 353 5.80 -31.59 -85.55
CA ARG G 353 5.41 -30.95 -86.83
C ARG G 353 5.57 -31.79 -88.15
N VAL G 354 4.74 -31.43 -89.15
CA VAL G 354 4.58 -31.97 -90.50
C VAL G 354 5.76 -31.71 -91.45
N PHE G 355 6.64 -32.70 -91.60
CA PHE G 355 7.79 -32.52 -92.48
C PHE G 355 8.04 -33.49 -93.63
N SER G 356 8.08 -32.91 -94.83
CA SER G 356 8.27 -33.63 -96.10
C SER G 356 9.60 -34.33 -96.34
N LYS G 357 9.55 -35.60 -96.71
CA LYS G 357 10.76 -36.35 -97.00
C LYS G 357 11.73 -35.56 -97.87
N GLU G 358 11.23 -35.00 -98.97
CA GLU G 358 12.07 -34.24 -99.86
C GLU G 358 12.81 -33.11 -99.14
N THR G 359 12.09 -32.39 -98.29
CA THR G 359 12.70 -31.28 -97.56
C THR G 359 13.65 -31.76 -96.47
N SER G 360 13.33 -32.86 -95.81
CA SER G 360 14.19 -33.40 -94.76
C SER G 360 15.54 -33.77 -95.34
N ASP G 361 15.55 -34.79 -96.19
CA ASP G 361 16.80 -35.21 -96.82
C ASP G 361 17.50 -33.99 -97.41
N GLU G 362 16.72 -33.08 -97.98
CA GLU G 362 17.26 -31.86 -98.58
C GLU G 362 18.19 -31.15 -97.61
N ALA G 363 17.80 -31.14 -96.33
CA ALA G 363 18.60 -30.49 -95.31
C ALA G 363 19.52 -31.46 -94.59
N THR G 364 19.36 -32.76 -94.81
CA THR G 364 20.24 -33.70 -94.15
C THR G 364 21.55 -33.66 -94.94
N PHE G 365 21.46 -33.58 -96.26
CA PHE G 365 22.68 -33.50 -97.05
C PHE G 365 23.44 -32.31 -96.54
N ALA G 366 22.76 -31.17 -96.58
CA ALA G 366 23.35 -29.91 -96.15
C ALA G 366 24.33 -30.11 -94.98
N PHE G 367 23.81 -30.57 -93.86
CA PHE G 367 24.58 -30.80 -92.64
C PHE G 367 25.68 -31.85 -92.83
N ALA G 368 25.29 -33.05 -93.23
CA ALA G 368 26.23 -34.15 -93.45
C ALA G 368 27.39 -33.74 -94.35
N ALA G 369 27.24 -32.61 -95.03
CA ALA G 369 28.26 -32.09 -95.93
C ALA G 369 29.29 -31.28 -95.16
N GLN G 370 28.78 -30.36 -94.35
CA GLN G 370 29.63 -29.52 -93.54
C GLN G 370 30.49 -30.45 -92.71
N LEU G 371 29.86 -31.50 -92.20
CA LEU G 371 30.59 -32.46 -91.40
C LEU G 371 31.66 -33.17 -92.22
N GLU G 372 31.53 -33.11 -93.55
CA GLU G 372 32.52 -33.79 -94.37
C GLU G 372 33.72 -32.88 -94.59
N PHE G 373 33.51 -31.57 -94.65
CA PHE G 373 34.63 -30.63 -94.81
C PHE G 373 35.32 -30.56 -93.47
N ALA G 374 34.52 -30.65 -92.43
CA ALA G 374 35.06 -30.58 -91.07
C ALA G 374 35.86 -31.82 -90.77
N GLN G 375 35.83 -32.78 -91.69
CA GLN G 375 36.58 -34.01 -91.52
C GLN G 375 36.18 -34.90 -90.34
N LEU G 376 35.05 -34.61 -89.70
CA LEU G 376 34.63 -35.51 -88.63
C LEU G 376 33.51 -36.31 -89.24
N HIS G 377 33.91 -37.44 -89.82
CA HIS G 377 32.97 -38.31 -90.52
C HIS G 377 32.04 -39.09 -89.62
N GLY G 378 32.40 -39.23 -88.35
CA GLY G 378 31.52 -39.93 -87.45
C GLY G 378 30.17 -39.32 -87.76
N HIS G 379 30.04 -38.07 -87.35
CA HIS G 379 28.82 -37.31 -87.57
C HIS G 379 28.35 -37.38 -89.02
N SER G 380 29.26 -37.11 -89.95
CA SER G 380 28.90 -37.09 -91.35
C SER G 380 28.11 -38.30 -91.74
N LEU G 381 28.47 -39.45 -91.17
CA LEU G 381 27.77 -40.69 -91.51
C LEU G 381 26.46 -40.85 -90.71
N PHE G 382 26.54 -40.70 -89.40
CA PHE G 382 25.36 -40.79 -88.52
C PHE G 382 24.21 -39.98 -89.10
N VAL G 383 24.50 -38.80 -89.62
CA VAL G 383 23.41 -38.03 -90.19
C VAL G 383 23.03 -38.55 -91.56
N SER G 384 23.98 -39.15 -92.27
CA SER G 384 23.61 -39.64 -93.58
C SER G 384 22.44 -40.58 -93.38
N CYS G 385 22.47 -41.28 -92.26
CA CYS G 385 21.43 -42.23 -91.89
C CYS G 385 20.00 -41.68 -91.91
N PHE G 386 19.80 -40.49 -91.35
CA PHE G 386 18.48 -39.91 -91.32
C PHE G 386 17.86 -39.73 -92.70
N LEU G 387 18.30 -40.49 -93.69
CA LEU G 387 17.74 -40.33 -95.02
C LEU G 387 16.52 -41.14 -95.40
N ASN G 388 15.74 -40.62 -96.35
CA ASN G 388 14.54 -41.30 -96.81
C ASN G 388 14.76 -42.03 -98.13
N ASP G 389 15.36 -41.35 -99.11
CA ASP G 389 15.60 -41.96 -100.42
C ASP G 389 16.75 -42.96 -100.40
N ASP G 390 16.40 -44.17 -99.99
CA ASP G 390 17.31 -45.30 -99.86
C ASP G 390 18.44 -45.38 -100.88
N LYS G 391 18.20 -44.89 -102.10
CA LYS G 391 19.24 -44.94 -103.11
C LYS G 391 20.36 -44.01 -102.66
N ALA G 392 19.98 -42.76 -102.38
CA ALA G 392 20.94 -41.75 -101.94
C ALA G 392 21.71 -42.17 -100.70
N ALA G 393 20.98 -42.65 -99.70
CA ALA G 393 21.64 -43.10 -98.48
C ALA G 393 22.78 -44.02 -98.88
N GLU G 394 22.41 -45.19 -99.43
CA GLU G 394 23.37 -46.19 -99.86
C GLU G 394 24.47 -45.47 -100.63
N ASP G 395 24.04 -44.69 -101.62
CA ASP G 395 24.96 -43.95 -102.47
C ASP G 395 26.03 -43.20 -101.68
N THR G 396 25.61 -42.41 -100.69
CA THR G 396 26.58 -41.68 -99.90
C THR G 396 27.41 -42.60 -99.05
N ILE G 397 26.76 -43.26 -98.12
CA ILE G 397 27.43 -44.20 -97.24
C ILE G 397 28.51 -45.02 -97.92
N LYS G 398 28.17 -45.70 -99.00
CA LYS G 398 29.17 -46.50 -99.70
C LYS G 398 30.37 -45.61 -100.00
N ARG G 399 30.10 -44.42 -100.53
CA ARG G 399 31.18 -43.48 -100.87
C ARG G 399 32.00 -43.04 -99.68
N LEU G 400 31.34 -42.41 -98.72
CA LEU G 400 31.99 -41.92 -97.53
C LEU G 400 32.90 -43.00 -96.92
N VAL G 401 32.32 -44.15 -96.61
CA VAL G 401 33.12 -45.22 -96.03
C VAL G 401 34.26 -45.73 -96.93
N MET G 402 33.97 -46.02 -98.19
CA MET G 402 35.01 -46.51 -99.09
C MET G 402 36.26 -45.66 -99.10
N ARG G 403 36.12 -44.36 -98.85
CA ARG G 403 37.27 -43.46 -98.85
C ARG G 403 37.94 -43.21 -97.50
N GLU G 404 37.17 -43.16 -96.43
CA GLU G 404 37.73 -42.86 -95.11
C GLU G 404 37.64 -43.99 -94.10
N ILE G 405 37.93 -45.21 -94.52
CA ILE G 405 37.84 -46.31 -93.57
C ILE G 405 38.85 -46.21 -92.45
N THR G 406 40.12 -46.05 -92.80
CA THR G 406 41.16 -45.97 -91.80
C THR G 406 40.76 -44.99 -90.72
N LEU G 407 40.24 -43.85 -91.16
CA LEU G 407 39.84 -42.81 -90.23
C LEU G 407 38.68 -43.23 -89.34
N LEU G 408 37.81 -44.10 -89.85
CA LEU G 408 36.65 -44.56 -89.09
C LEU G 408 36.97 -45.82 -88.30
N ARG G 409 38.24 -46.18 -88.17
CA ARG G 409 38.59 -47.40 -87.45
C ARG G 409 39.13 -47.26 -86.01
N ALA G 410 40.09 -48.12 -85.70
CA ALA G 410 40.76 -48.26 -84.39
C ALA G 410 40.53 -47.32 -83.16
N SER G 411 40.57 -45.99 -83.29
CA SER G 411 40.46 -45.14 -82.08
C SER G 411 39.39 -44.14 -82.05
N THR G 412 38.53 -43.99 -83.05
CA THR G 412 37.55 -42.90 -83.02
C THR G 412 36.57 -43.08 -81.91
N ASN G 413 36.68 -44.27 -81.37
CA ASN G 413 35.93 -44.82 -80.27
C ASN G 413 36.02 -46.35 -80.40
N ASP G 414 36.36 -46.77 -81.62
CA ASP G 414 36.60 -48.18 -81.96
C ASP G 414 35.45 -48.98 -82.50
N HIS G 415 34.30 -48.35 -82.79
CA HIS G 415 33.27 -49.21 -83.44
C HIS G 415 32.20 -48.42 -84.18
N ILE G 416 32.24 -47.08 -84.23
CA ILE G 416 31.15 -46.30 -84.86
C ILE G 416 30.29 -46.98 -85.90
N LEU G 417 30.94 -47.70 -86.80
CA LEU G 417 30.30 -48.41 -87.88
C LEU G 417 29.32 -49.52 -87.47
N ASN G 418 29.66 -50.27 -86.43
CA ASN G 418 28.79 -51.34 -85.96
C ASN G 418 27.65 -50.67 -85.24
N ARG G 419 27.96 -49.52 -84.66
CA ARG G 419 26.97 -48.74 -83.94
C ARG G 419 25.92 -48.19 -84.91
N LEU G 420 26.35 -47.87 -86.13
CA LEU G 420 25.40 -47.33 -87.09
C LEU G 420 24.84 -48.43 -87.95
N LYS G 421 25.10 -49.65 -87.49
CA LYS G 421 24.69 -50.86 -88.18
C LYS G 421 25.06 -50.74 -89.65
N ILE G 422 26.34 -50.85 -89.97
CA ILE G 422 26.70 -50.75 -91.36
C ILE G 422 26.82 -52.10 -92.05
N PRO G 423 26.36 -52.21 -93.32
CA PRO G 423 26.46 -53.50 -94.01
C PRO G 423 27.80 -54.17 -93.88
N SER G 424 27.72 -55.41 -93.45
CA SER G 424 28.88 -56.27 -93.25
C SER G 424 29.75 -56.28 -94.48
N GLN G 425 29.14 -56.47 -95.65
CA GLN G 425 29.89 -56.53 -96.89
C GLN G 425 30.65 -55.23 -97.18
N LEU G 426 29.95 -54.09 -97.22
CA LEU G 426 30.57 -52.78 -97.49
C LEU G 426 31.85 -52.56 -96.73
N ILE G 427 31.81 -52.89 -95.44
CA ILE G 427 32.96 -52.75 -94.59
C ILE G 427 34.08 -53.59 -95.15
N PHE G 428 33.87 -54.90 -95.20
CA PHE G 428 34.87 -55.81 -95.72
C PHE G 428 35.36 -55.37 -97.10
N ASN G 429 34.44 -55.00 -97.97
CA ASN G 429 34.80 -54.56 -99.30
C ASN G 429 35.75 -53.34 -99.30
N ALA G 430 35.26 -52.21 -98.80
CA ALA G 430 36.07 -50.98 -98.78
C ALA G 430 37.35 -51.13 -97.98
N GLN G 431 37.27 -51.96 -96.95
CA GLN G 431 38.42 -52.23 -96.09
C GLN G 431 39.46 -52.90 -96.98
N ALA G 432 39.11 -54.07 -97.48
CA ALA G 432 39.98 -54.83 -98.34
C ALA G 432 40.58 -53.91 -99.38
N LEU G 433 39.76 -53.06 -100.01
CA LEU G 433 40.30 -52.17 -101.02
C LEU G 433 41.47 -51.31 -100.57
N LYS G 434 41.42 -50.74 -99.37
CA LYS G 434 42.55 -49.91 -98.98
C LYS G 434 43.76 -50.74 -98.60
N ASP G 435 43.56 -51.76 -97.79
CA ASP G 435 44.70 -52.60 -97.40
C ASP G 435 45.44 -52.91 -98.69
N ARG G 436 44.65 -53.19 -99.72
CA ARG G 436 45.10 -53.51 -101.07
C ARG G 436 45.88 -52.32 -101.65
N TYR G 437 45.32 -51.13 -101.47
CA TYR G 437 45.93 -49.89 -101.96
C TYR G 437 47.26 -49.68 -101.25
N GLU G 438 47.23 -49.68 -99.92
CA GLU G 438 48.44 -49.50 -99.15
C GLU G 438 49.42 -50.59 -99.53
N GLY G 439 48.89 -51.76 -99.84
CA GLY G 439 49.72 -52.89 -100.24
C GLY G 439 50.85 -52.58 -101.21
N ASN G 440 50.58 -51.87 -102.29
CA ASN G 440 51.62 -51.55 -103.27
C ASN G 440 52.48 -50.39 -102.84
N TYR G 441 51.84 -49.35 -102.30
CA TYR G 441 52.53 -48.17 -101.83
C TYR G 441 53.76 -48.51 -101.00
N LEU G 442 53.62 -49.41 -100.03
CA LEU G 442 54.76 -49.77 -99.21
C LEU G 442 55.35 -51.02 -99.86
N ASP H 14 60.08 -24.49 -112.83
CA ASP H 14 59.63 -23.06 -112.80
C ASP H 14 58.13 -22.95 -112.51
N MET H 15 57.30 -23.15 -113.53
CA MET H 15 55.84 -23.06 -113.36
C MET H 15 55.12 -24.38 -113.67
N ILE H 16 54.35 -24.82 -112.69
CA ILE H 16 53.56 -26.04 -112.78
C ILE H 16 52.31 -25.72 -113.58
N HIS H 17 51.58 -26.75 -114.01
CA HIS H 17 50.35 -26.52 -114.73
C HIS H 17 49.21 -27.09 -113.88
N ASP H 18 49.09 -28.41 -113.87
CA ASP H 18 48.04 -29.06 -113.10
C ASP H 18 48.70 -30.02 -112.12
N ALA H 19 48.06 -30.24 -110.98
CA ALA H 19 48.56 -31.18 -109.98
C ALA H 19 47.36 -31.71 -109.20
N GLN H 20 47.18 -33.03 -109.19
CA GLN H 20 46.03 -33.60 -108.51
C GLN H 20 46.36 -34.62 -107.44
N MET H 21 45.70 -34.48 -106.30
CA MET H 21 45.89 -35.37 -105.19
C MET H 21 45.38 -36.76 -105.54
N ASP H 22 45.97 -37.78 -104.94
CA ASP H 22 45.59 -39.18 -105.13
C ASP H 22 44.28 -39.47 -104.38
N TYR H 23 43.60 -40.56 -104.72
CA TYR H 23 42.38 -40.97 -104.00
C TYR H 23 42.96 -41.29 -102.62
N TYR H 24 42.13 -41.47 -101.60
CA TYR H 24 42.69 -41.77 -100.28
C TYR H 24 43.72 -40.71 -99.85
N GLY H 25 43.71 -39.54 -100.48
CA GLY H 25 44.67 -38.51 -100.14
C GLY H 25 46.07 -38.90 -99.65
N THR H 26 46.82 -39.69 -100.42
CA THR H 26 48.16 -40.10 -100.00
C THR H 26 49.26 -39.50 -100.87
N ARG H 27 49.10 -39.54 -102.18
CA ARG H 27 50.12 -38.97 -103.05
C ARG H 27 49.67 -37.62 -103.64
N LEU H 28 50.47 -37.05 -104.53
CA LEU H 28 50.14 -35.78 -105.15
C LEU H 28 50.92 -35.63 -106.44
N ALA H 29 50.42 -36.14 -107.54
CA ALA H 29 51.17 -36.02 -108.79
C ALA H 29 51.18 -34.58 -109.31
N THR H 30 52.25 -34.25 -110.02
CA THR H 30 52.41 -32.91 -110.57
C THR H 30 53.12 -32.94 -111.90
N CYS H 31 52.97 -31.86 -112.64
CA CYS H 31 53.61 -31.74 -113.94
C CYS H 31 53.75 -30.27 -114.25
N SER H 32 54.88 -29.89 -114.84
CA SER H 32 55.14 -28.51 -115.23
C SER H 32 55.64 -28.48 -116.66
N SER H 33 55.80 -27.27 -117.20
CA SER H 33 56.26 -27.10 -118.57
C SER H 33 57.66 -27.63 -118.87
N ASP H 34 58.32 -28.23 -117.89
CA ASP H 34 59.67 -28.76 -118.11
C ASP H 34 59.59 -30.23 -118.52
N ARG H 35 58.39 -30.67 -118.89
CA ARG H 35 58.14 -32.04 -119.32
C ARG H 35 58.37 -33.09 -118.21
N SER H 36 58.22 -32.69 -116.95
CA SER H 36 58.45 -33.61 -115.84
C SER H 36 57.22 -33.89 -114.99
N VAL H 37 56.84 -35.17 -114.91
CA VAL H 37 55.69 -35.63 -114.12
C VAL H 37 56.14 -36.14 -112.74
N LYS H 38 56.18 -35.24 -111.74
CA LYS H 38 56.62 -35.57 -110.38
C LYS H 38 55.53 -36.04 -109.42
N ILE H 39 55.77 -37.17 -108.75
CA ILE H 39 54.80 -37.71 -107.80
C ILE H 39 55.26 -37.53 -106.35
N PHE H 40 54.69 -36.57 -105.66
CA PHE H 40 55.02 -36.32 -104.26
C PHE H 40 54.04 -36.99 -103.35
N ASP H 41 54.59 -37.19 -102.15
CA ASP H 41 54.00 -37.86 -100.99
C ASP H 41 53.50 -36.88 -99.92
N VAL H 42 52.23 -36.85 -99.48
CA VAL H 42 51.91 -35.89 -98.43
C VAL H 42 51.44 -36.53 -97.17
N ARG H 43 52.33 -37.05 -96.35
CA ARG H 43 51.88 -37.66 -95.12
C ARG H 43 52.13 -36.68 -93.99
N ASN H 44 51.03 -36.14 -93.44
CA ASN H 44 51.06 -35.19 -92.33
C ASN H 44 51.14 -33.74 -92.78
N GLY H 45 51.06 -33.51 -94.08
CA GLY H 45 51.13 -32.15 -94.59
C GLY H 45 52.47 -31.83 -95.20
N GLY H 46 53.42 -32.75 -95.05
CA GLY H 46 54.74 -32.52 -95.60
C GLY H 46 54.95 -33.15 -96.97
N GLN H 47 55.39 -32.34 -97.93
CA GLN H 47 55.65 -32.80 -99.30
C GLN H 47 57.00 -33.56 -99.39
N ILE H 48 57.02 -34.66 -100.13
CA ILE H 48 58.21 -35.50 -100.30
C ILE H 48 58.23 -36.23 -101.65
N LEU H 49 59.02 -35.75 -102.60
CA LEU H 49 59.07 -36.40 -103.92
C LEU H 49 59.26 -37.92 -103.84
N ILE H 50 58.89 -38.62 -104.92
CA ILE H 50 59.02 -40.08 -104.95
C ILE H 50 59.47 -40.59 -106.33
N ALA H 51 59.34 -39.75 -107.35
CA ALA H 51 59.79 -40.16 -108.68
C ALA H 51 59.53 -39.02 -109.62
N ASP H 52 60.38 -38.90 -110.63
CA ASP H 52 60.23 -37.85 -111.62
C ASP H 52 60.08 -38.53 -112.96
N LEU H 53 58.86 -38.93 -113.29
CA LEU H 53 58.59 -39.61 -114.54
C LEU H 53 58.74 -38.61 -115.69
N ARG H 54 59.85 -38.74 -116.42
CA ARG H 54 60.14 -37.88 -117.56
C ARG H 54 59.83 -38.69 -118.81
N GLY H 55 59.32 -38.03 -119.85
CA GLY H 55 59.02 -38.78 -121.05
C GLY H 55 58.24 -38.05 -122.11
N HIS H 56 58.00 -36.77 -121.91
CA HIS H 56 57.24 -36.00 -122.89
C HIS H 56 58.14 -35.02 -123.63
N GLU H 57 57.98 -34.98 -124.94
CA GLU H 57 58.77 -34.08 -125.77
C GLU H 57 58.32 -32.63 -125.58
N GLY H 58 57.16 -32.45 -124.95
CA GLY H 58 56.66 -31.11 -124.71
C GLY H 58 56.07 -30.98 -123.31
N PRO H 59 55.80 -29.75 -122.85
CA PRO H 59 55.23 -29.56 -121.50
C PRO H 59 54.01 -30.43 -121.24
N VAL H 60 53.85 -30.90 -120.00
CA VAL H 60 52.69 -31.72 -119.64
C VAL H 60 51.57 -30.76 -119.27
N TRP H 61 50.35 -31.10 -119.68
CA TRP H 61 49.22 -30.24 -119.41
C TRP H 61 48.44 -30.60 -118.15
N GLN H 62 47.52 -31.55 -118.25
CA GLN H 62 46.74 -31.95 -117.08
C GLN H 62 47.18 -33.33 -116.67
N VAL H 63 46.71 -33.78 -115.51
CA VAL H 63 47.08 -35.10 -115.03
C VAL H 63 45.99 -35.70 -114.16
N ALA H 64 45.76 -37.02 -114.29
CA ALA H 64 44.71 -37.67 -113.51
C ALA H 64 45.01 -39.05 -112.96
N TRP H 65 44.58 -39.27 -111.72
CA TRP H 65 44.78 -40.53 -111.01
C TRP H 65 43.61 -41.48 -111.26
N ALA H 66 43.91 -42.71 -111.65
CA ALA H 66 42.85 -43.70 -111.85
C ALA H 66 42.34 -44.17 -110.49
N HIS H 67 41.24 -44.92 -110.47
CA HIS H 67 40.65 -45.41 -109.23
C HIS H 67 41.40 -46.59 -108.60
N PRO H 68 41.85 -46.46 -107.35
CA PRO H 68 42.58 -47.53 -106.67
C PRO H 68 42.11 -48.96 -106.92
N MET H 69 40.89 -49.10 -107.41
CA MET H 69 40.34 -50.40 -107.72
C MET H 69 41.13 -51.10 -108.81
N TYR H 70 41.95 -50.34 -109.54
CA TYR H 70 42.77 -50.89 -110.63
C TYR H 70 44.23 -50.79 -110.29
N GLY H 71 44.53 -50.86 -109.00
CA GLY H 71 45.90 -50.76 -108.58
C GLY H 71 46.22 -49.30 -108.44
N ASN H 72 47.43 -48.92 -108.85
CA ASN H 72 47.82 -47.53 -108.73
C ASN H 72 48.27 -47.02 -110.07
N ILE H 73 47.36 -46.32 -110.71
CA ILE H 73 47.63 -45.76 -112.03
C ILE H 73 47.49 -44.25 -112.08
N LEU H 74 48.26 -43.65 -112.99
CA LEU H 74 48.26 -42.21 -113.16
C LEU H 74 48.58 -41.94 -114.62
N ALA H 75 47.77 -41.12 -115.26
CA ALA H 75 48.00 -40.79 -116.65
C ALA H 75 48.27 -39.30 -116.77
N SER H 76 49.09 -38.92 -117.76
CA SER H 76 49.43 -37.52 -118.02
C SER H 76 49.45 -37.33 -119.51
N CYS H 77 48.85 -36.24 -119.98
CA CYS H 77 48.84 -35.95 -121.41
C CYS H 77 49.85 -34.84 -121.59
N SER H 78 50.06 -34.41 -122.83
CA SER H 78 51.04 -33.35 -123.08
C SER H 78 50.96 -32.69 -124.45
N TYR H 79 51.80 -31.68 -124.65
CA TYR H 79 51.87 -30.95 -125.91
C TYR H 79 52.63 -31.80 -126.92
N ASP H 80 53.17 -32.93 -126.46
CA ASP H 80 53.93 -33.81 -127.33
C ASP H 80 52.99 -34.71 -128.15
N ARG H 81 51.69 -34.43 -128.07
CA ARG H 81 50.68 -35.20 -128.81
C ARG H 81 50.55 -36.64 -128.30
N LYS H 82 51.33 -36.99 -127.28
CA LYS H 82 51.28 -38.34 -126.71
C LYS H 82 50.73 -38.29 -125.29
N VAL H 83 50.13 -39.40 -124.86
CA VAL H 83 49.59 -39.50 -123.50
C VAL H 83 50.23 -40.73 -122.86
N ILE H 84 50.58 -40.62 -121.58
CA ILE H 84 51.21 -41.73 -120.90
C ILE H 84 50.46 -42.22 -119.68
N ILE H 85 50.49 -43.52 -119.50
CA ILE H 85 49.85 -44.17 -118.37
C ILE H 85 50.92 -44.90 -117.58
N TRP H 86 51.14 -44.46 -116.36
CA TRP H 86 52.15 -45.07 -115.51
C TRP H 86 51.56 -45.94 -114.41
N ARG H 87 51.82 -47.23 -114.48
CA ARG H 87 51.35 -48.20 -113.50
C ARG H 87 52.32 -48.20 -112.31
N GLU H 88 52.13 -49.14 -111.39
CA GLU H 88 53.02 -49.22 -110.24
C GLU H 88 52.99 -50.64 -109.71
N GLU H 89 54.16 -51.26 -109.59
CA GLU H 89 54.26 -52.62 -109.09
C GLU H 89 55.36 -52.74 -108.03
N ASN H 90 55.05 -52.41 -106.78
CA ASN H 90 56.03 -52.50 -105.70
C ASN H 90 57.03 -51.35 -105.68
N GLY H 91 56.64 -50.19 -106.19
CA GLY H 91 57.54 -49.05 -106.23
C GLY H 91 58.01 -48.90 -107.65
N THR H 92 57.67 -49.90 -108.46
CA THR H 92 58.01 -49.96 -109.86
C THR H 92 57.15 -49.01 -110.66
N TRP H 93 57.48 -47.73 -110.66
CA TRP H 93 56.68 -46.80 -111.44
C TRP H 93 57.13 -46.79 -112.90
N GLU H 94 56.70 -47.79 -113.67
CA GLU H 94 57.03 -47.86 -115.09
C GLU H 94 55.75 -47.57 -115.86
N LYS H 95 55.87 -47.23 -117.12
CA LYS H 95 54.68 -46.96 -117.91
C LYS H 95 54.26 -48.28 -118.58
N SER H 96 53.01 -48.70 -118.37
CA SER H 96 52.54 -49.96 -118.94
C SER H 96 51.95 -49.77 -120.33
N HIS H 97 51.60 -48.53 -120.65
CA HIS H 97 51.04 -48.24 -121.97
C HIS H 97 51.24 -46.78 -122.35
N GLU H 98 51.28 -46.54 -123.66
CA GLU H 98 51.42 -45.19 -124.20
C GLU H 98 50.46 -45.08 -125.37
N HIS H 99 50.05 -43.85 -125.70
CA HIS H 99 49.12 -43.66 -126.79
C HIS H 99 49.24 -42.30 -127.48
N ALA H 100 49.65 -42.34 -128.74
CA ALA H 100 49.84 -41.14 -129.53
C ALA H 100 48.86 -41.14 -130.70
N GLY H 101 47.57 -41.29 -130.40
CA GLY H 101 46.56 -41.31 -131.43
C GLY H 101 46.11 -39.97 -132.01
N HIS H 102 46.63 -38.85 -131.49
CA HIS H 102 46.25 -37.53 -131.99
C HIS H 102 47.42 -36.80 -132.60
N ASP H 103 47.13 -35.95 -133.58
CA ASP H 103 48.16 -35.22 -134.30
C ASP H 103 48.64 -33.94 -133.63
N SER H 104 47.77 -33.27 -132.88
CA SER H 104 48.16 -32.05 -132.19
C SER H 104 48.19 -32.31 -130.68
N SER H 105 48.73 -31.35 -129.93
CA SER H 105 48.83 -31.47 -128.48
C SER H 105 47.55 -31.96 -127.84
N VAL H 106 47.67 -32.51 -126.64
CA VAL H 106 46.52 -33.02 -125.93
C VAL H 106 46.24 -32.27 -124.64
N ASN H 107 45.40 -31.24 -124.74
CA ASN H 107 45.03 -30.40 -123.61
C ASN H 107 44.48 -31.04 -122.34
N SER H 108 43.81 -32.18 -122.43
CA SER H 108 43.27 -32.74 -121.19
C SER H 108 42.92 -34.21 -121.17
N VAL H 109 42.86 -34.73 -119.96
CA VAL H 109 42.54 -36.12 -119.76
C VAL H 109 41.63 -36.20 -118.55
N CYS H 110 40.97 -37.35 -118.41
CA CYS H 110 40.05 -37.56 -117.30
C CYS H 110 39.67 -39.03 -117.31
N TRP H 111 39.31 -39.56 -116.15
CA TRP H 111 38.91 -40.96 -116.09
C TRP H 111 37.41 -41.08 -115.92
N ALA H 112 36.84 -42.11 -116.53
CA ALA H 112 35.41 -42.34 -116.43
C ALA H 112 35.14 -42.91 -115.06
N PRO H 113 33.98 -42.58 -114.47
CA PRO H 113 33.60 -43.08 -113.15
C PRO H 113 33.95 -44.57 -113.05
N HIS H 114 34.64 -44.95 -111.99
CA HIS H 114 35.10 -46.32 -111.82
C HIS H 114 34.19 -47.49 -112.16
N ASP H 115 32.88 -47.28 -112.26
CA ASP H 115 31.98 -48.38 -112.57
C ASP H 115 31.98 -48.76 -114.05
N TYR H 116 32.06 -47.77 -114.95
CA TYR H 116 32.07 -48.03 -116.38
C TYR H 116 33.24 -48.96 -116.72
N GLY H 117 34.26 -48.93 -115.88
CA GLY H 117 35.44 -49.75 -116.09
C GLY H 117 36.64 -48.85 -115.90
N LEU H 118 37.64 -48.98 -116.77
CA LEU H 118 38.83 -48.13 -116.67
C LEU H 118 38.97 -47.41 -117.98
N ILE H 119 38.10 -46.44 -118.22
CA ILE H 119 38.12 -45.71 -119.48
C ILE H 119 38.74 -44.35 -119.31
N LEU H 120 39.56 -43.95 -120.26
CA LEU H 120 40.22 -42.66 -120.19
C LEU H 120 39.88 -41.77 -121.37
N ALA H 121 39.48 -40.54 -121.08
CA ALA H 121 39.11 -39.64 -122.14
C ALA H 121 40.16 -38.56 -122.34
N CYS H 122 40.54 -38.35 -123.61
CA CYS H 122 41.55 -37.35 -123.94
C CYS H 122 41.09 -36.44 -125.08
N GLY H 123 41.16 -35.14 -124.85
CA GLY H 123 40.78 -34.20 -125.89
C GLY H 123 42.05 -33.53 -126.42
N SER H 124 42.29 -33.62 -127.73
CA SER H 124 43.48 -33.01 -128.30
C SER H 124 43.23 -31.58 -128.75
N SER H 125 44.21 -31.02 -129.45
CA SER H 125 44.12 -29.66 -129.95
C SER H 125 43.83 -29.72 -131.44
N ASP H 126 43.86 -30.93 -132.01
CA ASP H 126 43.56 -31.05 -133.43
C ASP H 126 42.04 -31.08 -133.61
N GLY H 127 41.33 -31.09 -132.48
CA GLY H 127 39.88 -31.10 -132.51
C GLY H 127 39.29 -32.50 -132.41
N ALA H 128 40.04 -33.42 -131.81
CA ALA H 128 39.57 -34.80 -131.67
C ALA H 128 39.38 -35.23 -130.20
N ILE H 129 39.10 -36.51 -129.99
CA ILE H 129 38.90 -37.03 -128.65
C ILE H 129 39.07 -38.53 -128.63
N SER H 130 40.15 -39.02 -128.01
CA SER H 130 40.33 -40.47 -127.94
C SER H 130 39.75 -41.00 -126.63
N LEU H 131 39.45 -42.30 -126.60
CA LEU H 131 38.88 -42.93 -125.43
C LEU H 131 39.49 -44.30 -125.22
N LEU H 132 40.51 -44.36 -124.38
CA LEU H 132 41.18 -45.62 -124.10
C LEU H 132 40.42 -46.46 -123.10
N THR H 133 39.93 -47.61 -123.55
CA THR H 133 39.23 -48.52 -122.67
C THR H 133 40.32 -49.56 -122.41
N TYR H 134 40.23 -50.25 -121.29
CA TYR H 134 41.23 -51.25 -120.95
C TYR H 134 40.65 -52.66 -121.13
N THR H 135 41.50 -53.61 -121.50
CA THR H 135 41.05 -54.98 -121.69
C THR H 135 41.75 -55.88 -120.68
N GLY H 136 41.67 -57.20 -120.87
CA GLY H 136 42.32 -58.11 -119.95
C GLY H 136 43.79 -57.82 -119.67
N GLU H 137 44.62 -57.77 -120.71
CA GLU H 137 46.05 -57.52 -120.53
C GLU H 137 46.55 -56.14 -120.92
N GLY H 138 47.80 -56.07 -121.39
CA GLY H 138 48.35 -54.78 -121.77
C GLY H 138 47.79 -54.30 -123.09
N GLN H 139 46.48 -54.44 -123.26
CA GLN H 139 45.81 -54.05 -124.50
C GLN H 139 44.84 -52.91 -124.27
N TRP H 140 44.76 -52.00 -125.24
CA TRP H 140 43.87 -50.86 -125.14
C TRP H 140 43.23 -50.47 -126.47
N GLU H 141 41.92 -50.63 -126.55
CA GLU H 141 41.20 -50.25 -127.76
C GLU H 141 40.97 -48.77 -127.68
N VAL H 142 40.85 -48.11 -128.83
CA VAL H 142 40.71 -46.67 -128.78
C VAL H 142 39.60 -46.07 -129.62
N LYS H 143 38.36 -46.17 -129.19
CA LYS H 143 37.27 -45.57 -129.97
C LYS H 143 37.50 -44.03 -130.00
N LYS H 144 37.80 -43.48 -131.19
CA LYS H 144 38.09 -42.05 -131.38
C LYS H 144 37.00 -41.18 -132.01
N ILE H 145 37.01 -39.89 -131.69
CA ILE H 145 36.02 -38.91 -132.20
C ILE H 145 36.68 -37.76 -132.94
N ASN H 146 36.69 -37.81 -134.28
CA ASN H 146 37.29 -36.75 -135.06
C ASN H 146 36.42 -35.50 -135.18
N ASN H 147 37.08 -34.36 -135.39
CA ASN H 147 36.40 -33.08 -135.52
C ASN H 147 35.28 -32.86 -134.50
N ALA H 148 35.60 -33.10 -133.23
CA ALA H 148 34.64 -32.93 -132.15
C ALA H 148 34.40 -31.44 -131.88
N HIS H 149 35.46 -30.65 -131.94
CA HIS H 149 35.39 -29.21 -131.76
C HIS H 149 36.09 -28.61 -132.98
N THR H 150 35.75 -27.37 -133.33
CA THR H 150 36.31 -26.78 -134.54
C THR H 150 37.81 -26.51 -134.57
N ILE H 151 38.33 -25.81 -133.56
CA ILE H 151 39.74 -25.46 -133.57
C ILE H 151 40.62 -26.25 -132.61
N GLY H 152 39.98 -27.17 -131.89
CA GLY H 152 40.69 -27.99 -130.94
C GLY H 152 39.83 -28.15 -129.70
N CYS H 153 40.35 -28.88 -128.71
CA CYS H 153 39.62 -29.10 -127.48
C CYS H 153 40.51 -28.80 -126.27
N ASN H 154 39.94 -28.26 -125.21
CA ASN H 154 40.72 -27.93 -124.01
C ASN H 154 40.28 -28.70 -122.77
N ALA H 155 38.96 -28.86 -122.62
CA ALA H 155 38.42 -29.55 -121.46
C ALA H 155 37.68 -30.83 -121.79
N VAL H 156 37.72 -31.74 -120.83
CA VAL H 156 37.08 -33.02 -120.92
C VAL H 156 36.71 -33.44 -119.50
N SER H 157 35.40 -33.56 -119.23
CA SER H 157 34.95 -33.93 -117.88
C SER H 157 33.92 -35.07 -117.96
N TRP H 158 33.97 -36.00 -117.03
CA TRP H 158 33.01 -37.10 -117.07
C TRP H 158 31.74 -36.81 -116.31
N ALA H 159 30.61 -37.25 -116.85
CA ALA H 159 29.34 -37.07 -116.18
C ALA H 159 29.32 -38.15 -115.10
N PRO H 160 28.87 -37.77 -113.89
CA PRO H 160 28.80 -38.70 -112.75
C PRO H 160 28.07 -39.97 -113.10
N ALA H 161 28.71 -41.09 -112.87
CA ALA H 161 28.07 -42.36 -113.14
C ALA H 161 26.70 -42.45 -112.46
N VAL H 162 25.66 -42.50 -113.26
CA VAL H 162 24.27 -42.58 -112.77
C VAL H 162 23.62 -43.91 -113.16
N VAL H 163 23.12 -44.66 -112.18
CA VAL H 163 22.46 -45.95 -112.42
C VAL H 163 21.03 -45.74 -112.97
N PRO H 164 20.64 -46.48 -114.01
CA PRO H 164 19.30 -46.33 -114.60
C PRO H 164 18.20 -46.81 -113.65
N PRO H 171 15.27 -55.91 -111.83
CA PRO H 171 14.66 -57.25 -111.85
C PRO H 171 15.33 -58.24 -112.83
N SER H 172 16.61 -58.51 -112.60
CA SER H 172 17.41 -59.43 -113.43
C SER H 172 18.87 -59.43 -112.96
N GLY H 173 19.67 -60.39 -113.45
CA GLY H 173 21.06 -60.44 -113.07
C GLY H 173 21.91 -59.64 -114.04
N GLN H 174 21.96 -58.32 -113.83
CA GLN H 174 22.71 -57.43 -114.73
C GLN H 174 23.31 -56.17 -114.08
N LYS H 175 24.47 -55.74 -114.57
CA LYS H 175 25.08 -54.49 -114.12
C LYS H 175 24.53 -53.56 -115.21
N PRO H 176 23.68 -52.59 -114.82
CA PRO H 176 23.04 -51.63 -115.72
C PRO H 176 23.84 -51.00 -116.86
N ASN H 177 23.13 -50.58 -117.89
CA ASN H 177 23.74 -49.92 -119.04
C ASN H 177 23.55 -48.45 -118.73
N TYR H 178 24.65 -47.76 -118.49
CA TYR H 178 24.59 -46.35 -118.14
C TYR H 178 24.42 -45.41 -119.33
N ILE H 179 23.96 -44.19 -119.06
CA ILE H 179 23.76 -43.18 -120.09
C ILE H 179 25.12 -42.77 -120.67
N LYS H 180 26.20 -43.17 -119.99
CA LYS H 180 27.58 -42.87 -120.41
C LYS H 180 27.82 -41.56 -121.17
N ARG H 181 27.58 -40.45 -120.49
CA ARG H 181 27.79 -39.13 -121.10
C ARG H 181 29.10 -38.50 -120.56
N PHE H 182 29.59 -37.48 -121.26
CA PHE H 182 30.80 -36.76 -120.86
C PHE H 182 30.87 -35.46 -121.65
N ALA H 183 30.91 -34.32 -120.96
CA ALA H 183 30.96 -33.04 -121.68
C ALA H 183 32.35 -32.73 -122.26
N SER H 184 32.52 -31.52 -122.80
CA SER H 184 33.81 -31.14 -123.36
C SER H 184 33.85 -29.79 -124.10
N GLY H 185 34.65 -28.87 -123.59
CA GLY H 185 34.79 -27.55 -124.21
C GLY H 185 35.91 -27.54 -125.22
N GLY H 186 36.03 -26.46 -125.98
CA GLY H 186 37.07 -26.38 -127.00
C GLY H 186 37.32 -24.97 -127.53
N CYS H 187 38.07 -24.87 -128.63
CA CYS H 187 38.43 -23.59 -129.23
C CYS H 187 37.34 -22.93 -130.06
N ASP H 188 36.22 -23.62 -130.25
CA ASP H 188 35.14 -23.05 -131.02
C ASP H 188 34.16 -22.26 -130.15
N ASN H 189 34.33 -22.35 -128.82
CA ASN H 189 33.49 -21.67 -127.80
C ASN H 189 32.33 -22.55 -127.35
N LEU H 190 32.15 -23.66 -128.05
CA LEU H 190 31.06 -24.57 -127.72
C LEU H 190 31.45 -25.64 -126.73
N ILE H 191 30.55 -25.90 -125.80
CA ILE H 191 30.81 -26.93 -124.83
C ILE H 191 29.88 -28.07 -125.22
N LYS H 192 30.35 -28.94 -126.11
CA LYS H 192 29.52 -30.05 -126.54
C LYS H 192 29.42 -31.22 -125.54
N LEU H 193 28.20 -31.69 -125.25
CA LEU H 193 27.97 -32.83 -124.36
C LEU H 193 28.05 -34.05 -125.28
N TRP H 194 28.22 -35.27 -124.76
CA TRP H 194 28.30 -36.45 -125.65
C TRP H 194 27.64 -37.68 -125.05
N LYS H 195 27.37 -38.68 -125.90
CA LYS H 195 26.71 -39.91 -125.49
C LYS H 195 27.05 -41.08 -126.41
N GLU H 196 26.96 -42.30 -125.89
CA GLU H 196 27.24 -43.47 -126.71
C GLU H 196 26.03 -44.40 -126.73
N GLU H 197 26.10 -45.43 -127.57
CA GLU H 197 25.03 -46.43 -127.68
C GLU H 197 25.69 -47.80 -127.74
N GLU H 198 24.88 -48.85 -127.82
CA GLU H 198 25.41 -50.20 -127.82
C GLU H 198 26.76 -50.52 -128.45
N ASP H 199 27.01 -50.05 -129.66
CA ASP H 199 28.27 -50.35 -130.32
C ASP H 199 29.48 -49.58 -129.82
N GLY H 200 29.30 -48.75 -128.80
CA GLY H 200 30.43 -47.99 -128.28
C GLY H 200 30.80 -46.79 -129.13
N GLN H 201 29.94 -46.38 -130.06
CA GLN H 201 30.22 -45.21 -130.89
C GLN H 201 29.52 -43.97 -130.27
N TRP H 202 30.26 -42.86 -130.17
CA TRP H 202 29.75 -41.65 -129.54
C TRP H 202 29.24 -40.66 -130.58
N LYS H 203 28.24 -39.88 -130.18
CA LYS H 203 27.66 -38.85 -131.05
C LYS H 203 27.41 -37.61 -130.20
N GLU H 204 27.42 -36.44 -130.83
CA GLU H 204 27.20 -35.22 -130.05
C GLU H 204 25.75 -34.92 -129.75
N GLU H 205 25.29 -35.43 -128.61
CA GLU H 205 23.93 -35.22 -128.17
C GLU H 205 23.49 -33.75 -128.23
N GLN H 206 24.38 -32.80 -127.93
CA GLN H 206 24.02 -31.38 -128.01
C GLN H 206 25.19 -30.40 -127.96
N LYS H 207 24.97 -29.18 -128.44
CA LYS H 207 25.99 -28.14 -128.43
C LYS H 207 25.54 -27.10 -127.40
N LEU H 208 26.48 -26.31 -126.89
CA LEU H 208 26.16 -25.26 -125.92
C LEU H 208 27.00 -24.04 -126.26
N GLU H 209 26.38 -23.08 -126.95
CA GLU H 209 27.10 -21.87 -127.35
C GLU H 209 26.71 -20.66 -126.54
N ALA H 210 27.43 -20.41 -125.46
CA ALA H 210 27.11 -19.24 -124.67
C ALA H 210 28.36 -18.38 -124.51
N HIS H 211 29.51 -18.98 -124.80
CA HIS H 211 30.78 -18.28 -124.66
C HIS H 211 31.18 -17.54 -125.92
N SER H 212 31.70 -16.33 -125.75
CA SER H 212 32.16 -15.50 -126.85
C SER H 212 33.58 -15.78 -127.36
N ASP H 213 34.32 -16.63 -126.65
CA ASP H 213 35.69 -17.00 -127.06
C ASP H 213 35.98 -18.43 -126.58
N TRP H 214 37.21 -18.88 -126.76
CA TRP H 214 37.64 -20.22 -126.36
C TRP H 214 37.08 -20.68 -125.02
N VAL H 215 36.56 -21.90 -124.97
CA VAL H 215 36.07 -22.44 -123.71
C VAL H 215 37.36 -22.99 -123.10
N ARG H 216 37.64 -22.67 -121.85
CA ARG H 216 38.85 -23.18 -121.24
C ARG H 216 38.72 -24.52 -120.57
N ASP H 217 37.81 -24.61 -119.60
CA ASP H 217 37.60 -25.85 -118.88
C ASP H 217 36.09 -26.08 -118.73
N VAL H 218 35.71 -27.34 -118.58
CA VAL H 218 34.31 -27.72 -118.43
C VAL H 218 34.20 -28.82 -117.37
N ALA H 219 33.58 -28.54 -116.23
CA ALA H 219 33.50 -29.58 -115.22
C ALA H 219 32.11 -30.05 -114.85
N TRP H 220 31.90 -31.34 -115.06
CA TRP H 220 30.63 -32.01 -114.79
C TRP H 220 30.41 -32.26 -113.28
N ALA H 221 29.85 -31.28 -112.56
CA ALA H 221 29.60 -31.43 -111.11
C ALA H 221 29.06 -32.83 -110.75
N PRO H 222 29.53 -33.43 -109.63
CA PRO H 222 29.06 -34.75 -109.24
C PRO H 222 27.68 -34.66 -108.63
N SER H 223 26.83 -35.62 -108.95
CA SER H 223 25.48 -35.61 -108.43
C SER H 223 25.44 -36.11 -107.00
N ILE H 224 24.99 -35.25 -106.10
CA ILE H 224 24.85 -35.62 -104.72
C ILE H 224 23.59 -36.48 -104.70
N GLY H 225 23.58 -37.55 -105.49
CA GLY H 225 22.41 -38.42 -105.60
C GLY H 225 21.27 -37.70 -106.29
N LEU H 226 21.32 -36.37 -106.20
CA LEU H 226 20.34 -35.45 -106.77
C LEU H 226 20.31 -35.54 -108.30
N PRO H 227 19.09 -35.60 -108.89
CA PRO H 227 18.93 -35.69 -110.35
C PRO H 227 19.17 -34.42 -111.17
N THR H 228 19.22 -33.25 -110.52
CA THR H 228 19.41 -31.96 -111.19
C THR H 228 20.84 -31.73 -111.70
N SER H 229 21.38 -32.67 -112.47
CA SER H 229 22.75 -32.54 -112.97
C SER H 229 23.16 -31.15 -113.51
N THR H 230 24.34 -30.69 -113.07
CA THR H 230 24.89 -29.39 -113.46
C THR H 230 26.23 -29.56 -114.19
N ILE H 231 26.76 -28.45 -114.69
CA ILE H 231 28.04 -28.44 -115.40
C ILE H 231 28.56 -27.02 -115.43
N ALA H 232 29.85 -26.83 -115.15
CA ALA H 232 30.43 -25.49 -115.14
C ALA H 232 31.45 -25.28 -116.26
N SER H 233 31.57 -24.04 -116.73
CA SER H 233 32.51 -23.72 -117.79
C SER H 233 33.08 -22.31 -117.64
N CYS H 234 34.32 -22.13 -118.10
CA CYS H 234 34.99 -20.84 -118.03
C CYS H 234 35.76 -20.64 -119.31
N SER H 235 35.78 -19.41 -119.83
CA SER H 235 36.46 -19.14 -121.10
C SER H 235 37.19 -17.78 -121.23
N GLN H 236 37.94 -17.64 -122.31
CA GLN H 236 38.69 -16.41 -122.55
C GLN H 236 37.87 -15.15 -122.28
N ASP H 237 36.57 -15.17 -122.56
CA ASP H 237 35.75 -13.99 -122.32
C ASP H 237 35.75 -13.59 -120.84
N GLY H 238 36.07 -14.54 -119.98
CA GLY H 238 36.10 -14.28 -118.56
C GLY H 238 34.76 -14.39 -117.87
N ARG H 239 33.94 -15.34 -118.32
CA ARG H 239 32.64 -15.57 -117.72
C ARG H 239 32.61 -17.01 -117.25
N VAL H 240 31.83 -17.30 -116.23
CA VAL H 240 31.71 -18.66 -115.75
C VAL H 240 30.24 -19.00 -115.75
N PHE H 241 29.86 -20.02 -116.50
CA PHE H 241 28.46 -20.42 -116.58
C PHE H 241 28.19 -21.75 -115.91
N ILE H 242 26.99 -21.90 -115.37
CA ILE H 242 26.59 -23.15 -114.73
C ILE H 242 25.43 -23.63 -115.59
N TRP H 243 25.48 -24.86 -116.05
CA TRP H 243 24.40 -25.38 -116.90
C TRP H 243 23.52 -26.44 -116.20
N THR H 244 22.22 -26.15 -116.08
CA THR H 244 21.28 -27.04 -115.41
C THR H 244 20.45 -27.91 -116.36
N CYS H 245 19.61 -28.77 -115.78
CA CYS H 245 18.73 -29.67 -116.53
C CYS H 245 17.30 -29.15 -116.60
N ASP H 246 16.91 -28.65 -117.77
CA ASP H 246 15.58 -28.09 -118.02
C ASP H 246 14.44 -29.11 -118.01
N ASP H 247 13.21 -28.60 -118.17
CA ASP H 247 11.98 -29.42 -118.21
C ASP H 247 11.11 -29.25 -119.48
N ALA H 248 11.59 -28.46 -120.45
CA ALA H 248 10.88 -28.24 -121.72
C ALA H 248 11.35 -29.37 -122.65
N SER H 249 12.09 -30.29 -122.01
CA SER H 249 12.71 -31.51 -122.53
C SER H 249 13.97 -31.65 -121.65
N SER H 250 14.10 -32.75 -120.92
CA SER H 250 15.25 -32.92 -120.02
C SER H 250 16.60 -32.75 -120.74
N ASN H 251 16.58 -32.74 -122.08
CA ASN H 251 17.79 -32.57 -122.90
C ASN H 251 18.21 -31.11 -123.11
N THR H 252 17.49 -30.17 -122.50
CA THR H 252 17.80 -28.74 -122.62
C THR H 252 18.70 -28.24 -121.48
N TRP H 253 19.72 -27.48 -121.88
CA TRP H 253 20.73 -26.93 -120.98
C TRP H 253 20.64 -25.41 -120.95
N SER H 254 20.11 -24.89 -119.84
CA SER H 254 19.95 -23.46 -119.64
C SER H 254 21.09 -22.86 -118.84
N PRO H 255 21.99 -22.14 -119.51
CA PRO H 255 23.14 -21.51 -118.88
C PRO H 255 22.70 -20.38 -117.97
N LYS H 256 23.50 -20.14 -116.93
CA LYS H 256 23.24 -19.07 -115.97
C LYS H 256 24.61 -18.47 -115.67
N LEU H 257 24.71 -17.15 -115.64
CA LEU H 257 26.00 -16.49 -115.38
C LEU H 257 26.44 -16.41 -113.93
N LEU H 258 27.62 -16.95 -113.68
CA LEU H 258 28.19 -16.93 -112.33
C LEU H 258 28.77 -15.55 -112.09
N HIS H 259 29.68 -15.14 -112.96
CA HIS H 259 30.29 -13.83 -112.81
C HIS H 259 31.23 -13.57 -113.98
N LYS H 260 31.61 -12.31 -114.16
CA LYS H 260 32.53 -11.97 -115.23
C LYS H 260 33.61 -11.08 -114.65
N PHE H 261 34.86 -11.42 -114.95
CA PHE H 261 36.00 -10.65 -114.47
C PHE H 261 36.56 -10.03 -115.72
N ASN H 262 37.25 -8.90 -115.59
CA ASN H 262 37.81 -8.26 -116.77
C ASN H 262 38.95 -9.08 -117.39
N ASP H 263 39.39 -10.13 -116.69
CA ASP H 263 40.46 -11.00 -117.18
C ASP H 263 40.01 -12.46 -117.31
N VAL H 264 40.69 -13.20 -118.18
CA VAL H 264 40.42 -14.62 -118.45
C VAL H 264 40.35 -15.49 -117.20
N VAL H 265 39.60 -16.59 -117.28
CA VAL H 265 39.48 -17.55 -116.19
C VAL H 265 40.12 -18.81 -116.74
N TRP H 266 41.08 -19.35 -116.01
CA TRP H 266 41.84 -20.52 -116.47
C TRP H 266 41.35 -21.89 -116.07
N HIS H 267 40.81 -22.02 -114.87
CA HIS H 267 40.33 -23.30 -114.42
C HIS H 267 39.12 -23.23 -113.52
N VAL H 268 38.39 -24.33 -113.47
CA VAL H 268 37.19 -24.41 -112.69
C VAL H 268 37.04 -25.80 -112.10
N SER H 269 36.83 -25.88 -110.79
CA SER H 269 36.62 -27.20 -110.23
C SER H 269 35.52 -27.25 -109.18
N TRP H 270 34.91 -28.43 -109.09
CA TRP H 270 33.82 -28.64 -108.17
C TRP H 270 34.22 -29.27 -106.85
N SER H 271 33.78 -28.65 -105.77
CA SER H 271 34.03 -29.22 -104.46
C SER H 271 32.88 -30.26 -104.35
N ILE H 272 33.22 -31.42 -103.78
CA ILE H 272 32.39 -32.63 -103.74
C ILE H 272 31.04 -32.74 -103.11
N THR H 273 30.90 -32.11 -101.96
CA THR H 273 29.66 -32.17 -101.18
C THR H 273 28.73 -31.03 -101.43
N ALA H 274 29.25 -29.82 -101.26
CA ALA H 274 28.43 -28.62 -101.40
C ALA H 274 28.21 -28.20 -102.81
N ASN H 275 29.14 -28.60 -103.66
CA ASN H 275 29.09 -28.23 -105.05
C ASN H 275 29.63 -26.80 -105.10
N ILE H 276 30.70 -26.58 -104.35
CA ILE H 276 31.35 -25.27 -104.34
C ILE H 276 32.29 -25.14 -105.51
N LEU H 277 32.20 -24.02 -106.19
CA LEU H 277 33.06 -23.88 -107.33
C LEU H 277 34.30 -23.12 -107.00
N ALA H 278 35.43 -23.70 -107.35
CA ALA H 278 36.71 -23.05 -107.14
C ALA H 278 36.99 -22.37 -108.47
N VAL H 279 36.95 -21.05 -108.48
CA VAL H 279 37.19 -20.33 -109.74
C VAL H 279 38.60 -19.79 -109.83
N SER H 280 39.42 -20.46 -110.64
CA SER H 280 40.80 -20.04 -110.82
C SER H 280 40.96 -19.22 -112.10
N GLY H 281 41.35 -17.95 -111.93
CA GLY H 281 41.55 -17.11 -113.08
C GLY H 281 41.37 -15.65 -112.77
N GLY H 282 41.82 -14.79 -113.68
CA GLY H 282 41.68 -13.37 -113.49
C GLY H 282 42.93 -12.65 -113.04
N ASP H 283 43.04 -12.46 -111.73
CA ASP H 283 44.16 -11.75 -111.12
C ASP H 283 45.08 -12.62 -110.25
N ASN H 284 45.47 -13.80 -110.75
CA ASN H 284 46.32 -14.71 -109.99
C ASN H 284 45.61 -15.16 -108.71
N LYS H 285 44.36 -14.72 -108.57
CA LYS H 285 43.52 -15.05 -107.42
C LYS H 285 42.55 -16.17 -107.74
N VAL H 286 42.16 -16.88 -106.71
CA VAL H 286 41.22 -17.96 -106.87
C VAL H 286 40.08 -17.69 -105.94
N THR H 287 38.87 -17.94 -106.43
CA THR H 287 37.64 -17.69 -105.69
C THR H 287 36.78 -18.90 -105.43
N LEU H 288 35.98 -18.83 -104.39
CA LEU H 288 35.10 -19.93 -104.10
C LEU H 288 33.67 -19.46 -104.25
N TRP H 289 32.80 -20.33 -104.76
CA TRP H 289 31.41 -19.95 -104.90
C TRP H 289 30.47 -21.05 -104.52
N LYS H 290 29.32 -20.66 -103.99
CA LYS H 290 28.28 -21.58 -103.57
C LYS H 290 26.98 -20.84 -103.91
N GLU H 291 25.94 -21.58 -104.30
CA GLU H 291 24.65 -20.94 -104.60
C GLU H 291 23.63 -21.36 -103.56
N SER H 292 22.91 -20.40 -103.01
CA SER H 292 21.91 -20.69 -102.00
C SER H 292 20.63 -21.15 -102.68
N VAL H 293 19.69 -21.65 -101.88
CA VAL H 293 18.42 -22.10 -102.43
C VAL H 293 17.76 -20.86 -103.01
N ASP H 294 18.43 -19.72 -102.82
CA ASP H 294 17.99 -18.42 -103.33
C ASP H 294 17.99 -18.49 -104.87
N GLY H 295 18.95 -19.23 -105.42
CA GLY H 295 19.04 -19.36 -106.86
C GLY H 295 20.09 -18.48 -107.51
N GLN H 296 21.08 -18.03 -106.76
CA GLN H 296 22.11 -17.19 -107.34
C GLN H 296 23.43 -17.50 -106.68
N TRP H 297 24.52 -17.54 -107.44
CA TRP H 297 25.81 -17.73 -106.79
C TRP H 297 26.36 -16.40 -106.27
N VAL H 298 27.30 -16.49 -105.34
CA VAL H 298 27.97 -15.32 -104.79
C VAL H 298 29.33 -15.81 -104.28
N CYS H 299 30.35 -14.98 -104.43
CA CYS H 299 31.69 -15.35 -104.03
C CYS H 299 31.90 -15.63 -102.55
N ILE H 300 32.55 -16.74 -102.27
CA ILE H 300 32.82 -17.13 -100.90
C ILE H 300 34.29 -17.02 -100.53
N SER H 301 35.19 -17.21 -101.50
CA SER H 301 36.63 -17.15 -101.26
C SER H 301 37.01 -15.97 -100.41
N ASP H 302 36.40 -14.82 -100.71
CA ASP H 302 36.62 -13.54 -100.03
C ASP H 302 37.56 -13.57 -98.82
#